data_2RSX
#
_entry.id   2RSX
#
_entity_poly.entity_id   1
_entity_poly.type   'polypeptide(L)'
_entity_poly.pdbx_seq_one_letter_code
;GKNTSGDLSQKQALQLALSAREHFWNTMSGHNPKVKKAVCPSGTFEYQNLQYVYMCSDLGTKAKAVNYLTPIFTKTAIEK
GFKDYHFTVSKGKLAVPIGDGDNLLNWKKSTAKLISKKGSTITYEFTVPTLDGSPSAKRKVTFVKENKKWKVNQFDAVI
;
_entity_poly.pdbx_strand_id   A
#
# COMPACT_ATOMS: atom_id res chain seq x y z
N GLY A 1 7.29 2.04 -30.05
CA GLY A 1 7.07 3.45 -29.65
C GLY A 1 8.37 4.22 -29.55
N LYS A 2 8.31 5.56 -29.72
CA LYS A 2 9.48 6.46 -29.75
C LYS A 2 9.14 7.90 -29.28
N ASN A 3 8.22 8.03 -28.34
CA ASN A 3 7.69 9.31 -27.82
C ASN A 3 7.12 9.16 -26.40
N THR A 4 7.29 10.19 -25.57
CA THR A 4 6.92 10.24 -24.14
C THR A 4 6.38 11.64 -23.81
N SER A 5 5.39 11.72 -22.94
CA SER A 5 4.73 12.97 -22.52
C SER A 5 4.08 12.82 -21.14
N GLY A 6 3.75 13.94 -20.48
CA GLY A 6 3.29 14.00 -19.09
C GLY A 6 4.48 14.11 -18.12
N ASP A 7 4.59 13.17 -17.19
CA ASP A 7 5.61 13.16 -16.14
C ASP A 7 5.81 11.74 -15.54
N LEU A 8 4.71 11.04 -15.23
CA LEU A 8 4.72 9.61 -14.87
C LEU A 8 4.72 8.75 -16.15
N SER A 9 5.54 7.70 -16.18
CA SER A 9 5.69 6.75 -17.30
C SER A 9 5.59 5.28 -16.82
N GLN A 10 5.57 4.31 -17.75
CA GLN A 10 5.29 2.89 -17.49
C GLN A 10 6.20 2.28 -16.42
N LYS A 11 7.51 2.55 -16.47
CA LYS A 11 8.49 2.10 -15.47
C LYS A 11 8.15 2.64 -14.08
N GLN A 12 7.97 3.95 -13.97
CA GLN A 12 7.63 4.64 -12.72
C GLN A 12 6.33 4.06 -12.13
N ALA A 13 5.25 3.94 -12.91
CA ALA A 13 3.99 3.34 -12.46
C ALA A 13 4.18 1.91 -11.93
N LEU A 14 4.91 1.06 -12.66
CA LEU A 14 5.24 -0.31 -12.27
C LEU A 14 6.01 -0.36 -10.94
N GLN A 15 7.00 0.51 -10.73
CA GLN A 15 7.76 0.51 -9.47
C GLN A 15 6.94 1.06 -8.30
N LEU A 16 6.15 2.11 -8.56
CA LEU A 16 5.20 2.65 -7.60
C LEU A 16 4.20 1.57 -7.15
N ALA A 17 3.76 0.73 -8.09
CA ALA A 17 2.85 -0.38 -7.83
C ALA A 17 3.50 -1.46 -6.95
N LEU A 18 4.72 -1.90 -7.29
CA LEU A 18 5.49 -2.85 -6.48
C LEU A 18 5.76 -2.33 -5.07
N SER A 19 6.13 -1.05 -4.94
CA SER A 19 6.38 -0.43 -3.64
C SER A 19 5.09 -0.32 -2.81
N ALA A 20 3.95 -0.03 -3.43
CA ALA A 20 2.65 -0.01 -2.75
C ALA A 20 2.21 -1.40 -2.26
N ARG A 21 2.46 -2.46 -3.04
CA ARG A 21 2.23 -3.84 -2.60
C ARG A 21 3.13 -4.22 -1.41
N GLU A 22 4.41 -3.84 -1.46
CA GLU A 22 5.37 -4.03 -0.38
C GLU A 22 4.93 -3.30 0.91
N HIS A 23 4.53 -2.02 0.81
CA HIS A 23 4.10 -1.24 1.97
C HIS A 23 2.78 -1.78 2.59
N PHE A 24 1.79 -2.14 1.77
CA PHE A 24 0.51 -2.68 2.21
C PHE A 24 0.67 -4.00 2.97
N TRP A 25 1.35 -4.99 2.37
CA TRP A 25 1.55 -6.30 2.98
C TRP A 25 2.38 -6.23 4.27
N ASN A 26 3.39 -5.36 4.33
CA ASN A 26 4.16 -5.13 5.58
C ASN A 26 3.34 -4.44 6.68
N THR A 27 2.40 -3.54 6.31
CA THR A 27 1.50 -2.91 7.28
C THR A 27 0.50 -3.93 7.84
N MET A 28 -0.11 -4.76 6.98
CA MET A 28 -0.97 -5.88 7.37
C MET A 28 -0.25 -6.94 8.23
N SER A 29 1.08 -7.02 8.11
CA SER A 29 1.94 -7.91 8.90
C SER A 29 2.29 -7.38 10.30
N GLY A 30 1.82 -6.18 10.67
CA GLY A 30 1.94 -5.58 12.01
C GLY A 30 3.23 -4.79 12.26
N HIS A 31 4.16 -4.79 11.30
CA HIS A 31 5.50 -4.21 11.41
C HIS A 31 6.17 -4.04 10.03
N ASN A 32 6.86 -2.92 9.83
CA ASN A 32 7.68 -2.65 8.64
C ASN A 32 9.13 -3.18 8.81
N PRO A 33 9.49 -4.32 8.17
CA PRO A 33 10.81 -4.95 8.30
C PRO A 33 11.97 -4.08 7.79
N LYS A 34 11.67 -2.96 7.13
CA LYS A 34 12.64 -1.91 6.77
C LYS A 34 13.33 -1.29 8.01
N VAL A 35 12.68 -1.38 9.17
CA VAL A 35 13.19 -1.01 10.50
C VAL A 35 13.52 -2.29 11.27
N LYS A 36 14.78 -2.38 11.75
CA LYS A 36 15.27 -3.49 12.59
C LYS A 36 15.36 -3.16 14.09
N LYS A 37 15.22 -1.87 14.45
CA LYS A 37 15.35 -1.34 15.83
C LYS A 37 14.01 -0.92 16.47
N ALA A 38 12.89 -1.35 15.89
CA ALA A 38 11.54 -1.08 16.40
C ALA A 38 11.28 -1.88 17.69
N VAL A 39 10.63 -1.24 18.67
CA VAL A 39 10.16 -1.87 19.91
C VAL A 39 8.78 -2.47 19.62
N CYS A 40 8.68 -3.80 19.71
CA CYS A 40 7.44 -4.54 19.48
C CYS A 40 6.79 -4.95 20.82
N PRO A 41 5.62 -4.40 21.19
CA PRO A 41 4.99 -4.66 22.49
C PRO A 41 4.39 -6.07 22.60
N SER A 42 4.05 -6.72 21.47
CA SER A 42 3.67 -8.14 21.34
C SER A 42 2.34 -8.53 22.02
N GLY A 43 1.62 -7.58 22.61
CA GLY A 43 0.33 -7.78 23.29
C GLY A 43 -0.86 -7.81 22.30
N THR A 44 -1.99 -8.32 22.78
CA THR A 44 -3.27 -8.42 22.05
C THR A 44 -4.46 -8.09 22.94
N PHE A 45 -5.60 -7.82 22.30
CA PHE A 45 -6.89 -7.52 22.94
C PHE A 45 -8.07 -7.88 22.02
N GLU A 46 -9.31 -7.61 22.45
CA GLU A 46 -10.53 -7.93 21.72
C GLU A 46 -11.39 -6.67 21.51
N TYR A 47 -11.84 -6.46 20.27
CA TYR A 47 -12.63 -5.30 19.83
C TYR A 47 -13.45 -5.64 18.58
N GLN A 48 -14.74 -5.26 18.55
CA GLN A 48 -15.68 -5.56 17.45
C GLN A 48 -15.77 -7.08 17.14
N ASN A 49 -15.59 -7.92 18.17
CA ASN A 49 -15.59 -9.40 18.11
C ASN A 49 -14.37 -10.00 17.36
N LEU A 50 -13.31 -9.22 17.14
CA LEU A 50 -12.04 -9.63 16.54
C LEU A 50 -10.91 -9.55 17.56
N GLN A 51 -9.86 -10.35 17.39
CA GLN A 51 -8.62 -10.18 18.15
C GLN A 51 -7.74 -9.18 17.41
N TYR A 52 -7.23 -8.17 18.12
CA TYR A 52 -6.35 -7.12 17.62
C TYR A 52 -4.91 -7.30 18.10
N VAL A 53 -3.94 -6.93 17.26
CA VAL A 53 -2.50 -6.92 17.56
C VAL A 53 -1.96 -5.50 17.52
N TYR A 54 -1.15 -5.12 18.52
CA TYR A 54 -0.46 -3.82 18.57
C TYR A 54 0.71 -3.75 17.56
N MET A 55 0.91 -2.58 16.95
CA MET A 55 2.02 -2.33 16.00
C MET A 55 3.34 -2.02 16.73
N CYS A 56 4.49 -2.32 16.11
CA CYS A 56 5.80 -1.94 16.65
C CYS A 56 6.06 -0.43 16.51
N SER A 57 7.01 0.11 17.27
CA SER A 57 7.21 1.56 17.49
C SER A 57 7.36 2.50 16.27
N ASP A 58 7.76 2.04 15.07
CA ASP A 58 7.80 2.87 13.86
C ASP A 58 6.43 2.98 13.14
N LEU A 59 5.48 2.14 13.54
CA LEU A 59 4.04 2.17 13.19
C LEU A 59 3.19 2.30 14.48
N GLY A 60 3.80 2.73 15.60
CA GLY A 60 3.23 2.64 16.96
C GLY A 60 2.01 3.52 17.24
N THR A 61 1.76 4.52 16.40
CA THR A 61 0.61 5.43 16.44
C THR A 61 0.09 5.62 15.03
N LYS A 62 -1.15 6.12 14.91
CA LYS A 62 -1.72 6.46 13.60
C LYS A 62 -0.79 7.39 12.82
N ALA A 63 -0.24 8.43 13.46
CA ALA A 63 0.76 9.32 12.86
C ALA A 63 1.98 8.55 12.33
N LYS A 64 2.66 7.74 13.15
CA LYS A 64 3.74 6.85 12.72
C LYS A 64 3.42 6.05 11.44
N ALA A 65 2.26 5.38 11.39
CA ALA A 65 1.87 4.56 10.24
C ALA A 65 1.49 5.40 9.01
N VAL A 66 0.79 6.52 9.19
CA VAL A 66 0.50 7.46 8.10
C VAL A 66 1.80 8.01 7.52
N ASN A 67 2.77 8.35 8.37
CA ASN A 67 4.10 8.84 7.98
C ASN A 67 4.90 7.83 7.13
N TYR A 68 4.79 6.53 7.43
CA TYR A 68 5.40 5.44 6.65
C TYR A 68 4.74 5.26 5.27
N LEU A 69 3.42 5.48 5.17
CA LEU A 69 2.63 5.30 3.94
C LEU A 69 2.57 6.54 3.05
N THR A 70 2.72 7.74 3.62
CA THR A 70 2.68 9.06 2.97
C THR A 70 3.51 9.16 1.69
N PRO A 71 4.75 8.65 1.62
CA PRO A 71 5.57 8.63 0.40
C PRO A 71 4.94 7.91 -0.80
N ILE A 72 4.05 6.95 -0.55
CA ILE A 72 3.46 6.06 -1.57
C ILE A 72 1.97 6.35 -1.82
N PHE A 73 1.23 6.75 -0.79
CA PHE A 73 -0.23 6.86 -0.80
C PHE A 73 -0.66 8.29 -0.41
N THR A 74 -1.72 8.80 -1.05
CA THR A 74 -2.33 10.09 -0.69
C THR A 74 -2.95 10.00 0.70
N LYS A 75 -3.09 11.12 1.41
CA LYS A 75 -3.65 11.11 2.77
C LYS A 75 -5.01 10.40 2.82
N THR A 76 -5.91 10.74 1.87
CA THR A 76 -7.25 10.14 1.75
C THR A 76 -7.20 8.64 1.46
N ALA A 77 -6.24 8.17 0.67
CA ALA A 77 -6.04 6.73 0.44
C ALA A 77 -5.64 5.99 1.73
N ILE A 78 -4.77 6.60 2.55
CA ILE A 78 -4.35 6.04 3.85
C ILE A 78 -5.53 6.03 4.83
N GLU A 79 -6.27 7.13 4.97
CA GLU A 79 -7.44 7.19 5.87
C GLU A 79 -8.51 6.17 5.46
N LYS A 80 -8.79 6.04 4.17
CA LYS A 80 -9.72 5.04 3.64
C LYS A 80 -9.26 3.61 3.93
N GLY A 81 -7.98 3.29 3.72
CA GLY A 81 -7.41 1.96 3.99
C GLY A 81 -7.20 1.67 5.48
N PHE A 82 -7.25 2.67 6.36
CA PHE A 82 -7.34 2.47 7.81
C PHE A 82 -8.77 2.06 8.17
N LYS A 83 -9.77 2.82 7.74
CA LYS A 83 -11.19 2.54 8.04
C LYS A 83 -11.67 1.19 7.44
N ASP A 84 -11.31 0.89 6.19
CA ASP A 84 -11.77 -0.31 5.47
C ASP A 84 -11.25 -1.64 6.06
N TYR A 85 -10.12 -1.58 6.78
CA TYR A 85 -9.49 -2.71 7.47
C TYR A 85 -9.59 -2.60 9.00
N HIS A 86 -10.34 -1.62 9.50
CA HIS A 86 -10.74 -1.45 10.91
C HIS A 86 -9.57 -1.10 11.86
N PHE A 87 -8.53 -0.46 11.33
CA PHE A 87 -7.37 0.06 12.08
C PHE A 87 -7.84 1.00 13.20
N THR A 88 -7.24 0.87 14.39
CA THR A 88 -7.68 1.57 15.62
C THR A 88 -6.51 1.90 16.54
N VAL A 89 -6.80 2.56 17.65
CA VAL A 89 -5.87 2.87 18.74
C VAL A 89 -6.48 2.38 20.06
N SER A 90 -5.67 1.70 20.86
CA SER A 90 -6.02 1.29 22.23
C SER A 90 -4.81 1.55 23.15
N LYS A 91 -5.03 2.20 24.29
CA LYS A 91 -3.97 2.53 25.26
C LYS A 91 -2.83 3.38 24.63
N GLY A 92 -3.17 4.19 23.63
CA GLY A 92 -2.27 5.06 22.86
C GLY A 92 -1.50 4.37 21.72
N LYS A 93 -1.62 3.05 21.57
CA LYS A 93 -0.93 2.23 20.57
C LYS A 93 -1.85 1.87 19.39
N LEU A 94 -1.34 2.00 18.15
CA LEU A 94 -2.04 1.54 16.94
C LEU A 94 -2.22 0.02 17.03
N ALA A 95 -3.36 -0.48 16.58
CA ALA A 95 -3.63 -1.91 16.46
C ALA A 95 -4.44 -2.26 15.20
N VAL A 96 -4.23 -3.48 14.70
CA VAL A 96 -4.88 -4.06 13.52
C VAL A 96 -5.45 -5.44 13.86
N PRO A 97 -6.57 -5.87 13.22
CA PRO A 97 -7.17 -7.17 13.51
C PRO A 97 -6.31 -8.32 12.97
N ILE A 98 -6.29 -9.44 13.68
CA ILE A 98 -5.60 -10.68 13.25
C ILE A 98 -6.27 -11.27 11.99
N GLY A 99 -5.43 -11.64 11.02
CA GLY A 99 -5.80 -12.28 9.76
C GLY A 99 -4.57 -12.70 8.96
N ASP A 100 -4.78 -13.05 7.68
CA ASP A 100 -3.74 -13.49 6.74
C ASP A 100 -4.20 -13.32 5.28
N GLY A 101 -3.22 -13.13 4.38
CA GLY A 101 -3.44 -12.96 2.95
C GLY A 101 -2.17 -13.06 2.12
N ASP A 102 -2.33 -13.50 0.87
CA ASP A 102 -1.27 -13.68 -0.13
C ASP A 102 -1.91 -13.92 -1.52
N ASN A 103 -1.40 -13.24 -2.55
CA ASN A 103 -1.90 -13.36 -3.92
C ASN A 103 -0.90 -14.12 -4.82
N LEU A 104 -1.43 -14.99 -5.69
CA LEU A 104 -0.69 -15.68 -6.76
C LEU A 104 -0.20 -14.75 -7.89
N LEU A 105 -0.52 -13.45 -7.82
CA LEU A 105 -0.15 -12.43 -8.78
C LEU A 105 1.35 -12.13 -8.71
N ASN A 106 2.05 -12.38 -9.83
CA ASN A 106 3.49 -12.14 -9.98
C ASN A 106 3.73 -10.73 -10.57
N TRP A 107 3.66 -9.72 -9.71
CA TRP A 107 3.75 -8.30 -10.10
C TRP A 107 5.15 -7.93 -10.59
N LYS A 108 6.18 -8.64 -10.13
CA LYS A 108 7.57 -8.53 -10.59
C LYS A 108 7.75 -8.87 -12.08
N LYS A 109 6.78 -9.58 -12.68
CA LYS A 109 6.74 -9.94 -14.12
C LYS A 109 5.59 -9.24 -14.88
N SER A 110 4.79 -8.42 -14.20
CA SER A 110 3.72 -7.62 -14.81
C SER A 110 4.24 -6.47 -15.69
N THR A 111 3.36 -5.93 -16.55
CA THR A 111 3.66 -4.82 -17.47
C THR A 111 2.53 -3.79 -17.46
N ALA A 112 2.91 -2.52 -17.57
CA ALA A 112 1.99 -1.38 -17.51
C ALA A 112 1.56 -0.84 -18.90
N LYS A 113 0.34 -0.31 -18.96
CA LYS A 113 -0.36 0.23 -20.13
C LYS A 113 -1.09 1.54 -19.72
N LEU A 114 -0.82 2.66 -20.39
CA LEU A 114 -1.46 3.94 -20.07
C LEU A 114 -2.96 3.93 -20.43
N ILE A 115 -3.82 4.38 -19.51
CA ILE A 115 -5.27 4.49 -19.68
C ILE A 115 -5.75 5.94 -19.74
N SER A 116 -5.17 6.82 -18.93
CA SER A 116 -5.59 8.23 -18.83
C SER A 116 -4.47 9.10 -18.26
N LYS A 117 -4.34 10.34 -18.72
CA LYS A 117 -3.28 11.26 -18.35
C LYS A 117 -3.83 12.70 -18.36
N LYS A 118 -4.21 13.18 -17.18
CA LYS A 118 -4.98 14.42 -16.99
C LYS A 118 -4.42 15.26 -15.82
N GLY A 119 -3.49 16.16 -16.12
CA GLY A 119 -2.90 17.10 -15.15
C GLY A 119 -2.19 16.37 -14.02
N SER A 120 -2.64 16.58 -12.79
CA SER A 120 -2.07 15.98 -11.57
C SER A 120 -2.54 14.52 -11.30
N THR A 121 -3.29 13.88 -12.21
CA THR A 121 -3.80 12.49 -12.10
C THR A 121 -3.49 11.70 -13.36
N ILE A 122 -3.01 10.47 -13.21
CA ILE A 122 -2.65 9.55 -14.31
C ILE A 122 -3.09 8.12 -13.94
N THR A 123 -3.62 7.35 -14.90
CA THR A 123 -4.06 5.96 -14.69
C THR A 123 -3.34 5.00 -15.64
N TYR A 124 -2.89 3.88 -15.07
CA TYR A 124 -2.33 2.74 -15.79
C TYR A 124 -3.12 1.44 -15.50
N GLU A 125 -3.17 0.57 -16.49
CA GLU A 125 -3.62 -0.82 -16.41
C GLU A 125 -2.39 -1.72 -16.37
N PHE A 126 -2.50 -2.84 -15.65
CA PHE A 126 -1.44 -3.80 -15.39
C PHE A 126 -1.89 -5.20 -15.79
N THR A 127 -1.11 -5.86 -16.65
CA THR A 127 -1.28 -7.28 -16.98
C THR A 127 -0.36 -8.07 -16.06
N VAL A 128 -0.94 -8.85 -15.16
CA VAL A 128 -0.21 -9.52 -14.08
C VAL A 128 -0.27 -11.05 -14.26
N PRO A 129 0.83 -11.70 -14.69
CA PRO A 129 0.90 -13.16 -14.80
C PRO A 129 0.82 -13.82 -13.41
N THR A 130 0.49 -15.11 -13.38
CA THR A 130 0.28 -15.86 -12.13
C THR A 130 1.38 -16.88 -11.87
N LEU A 131 1.65 -17.13 -10.58
CA LEU A 131 2.52 -18.21 -10.10
C LEU A 131 1.84 -19.60 -10.17
N ASP A 132 0.54 -19.63 -10.46
CA ASP A 132 -0.26 -20.84 -10.70
C ASP A 132 -0.12 -21.36 -12.15
N GLY A 133 0.29 -20.50 -13.09
CA GLY A 133 0.36 -20.79 -14.52
C GLY A 133 -0.96 -20.53 -15.27
N SER A 134 -1.95 -19.94 -14.61
CA SER A 134 -3.18 -19.43 -15.22
C SER A 134 -2.94 -18.12 -16.02
N PRO A 135 -3.83 -17.79 -17.00
CA PRO A 135 -3.74 -16.56 -17.79
C PRO A 135 -3.66 -15.29 -16.94
N SER A 136 -2.94 -14.29 -17.45
CA SER A 136 -2.66 -13.03 -16.74
C SER A 136 -3.91 -12.21 -16.38
N ALA A 137 -3.98 -11.75 -15.13
CA ALA A 137 -5.05 -10.91 -14.60
C ALA A 137 -4.84 -9.44 -14.97
N LYS A 138 -5.93 -8.72 -15.28
CA LYS A 138 -5.93 -7.26 -15.50
C LYS A 138 -6.35 -6.50 -14.24
N ARG A 139 -5.61 -5.43 -13.91
CA ARG A 139 -5.80 -4.52 -12.77
C ARG A 139 -5.60 -3.07 -13.21
N LYS A 140 -6.25 -2.10 -12.58
CA LYS A 140 -6.11 -0.66 -12.88
C LYS A 140 -5.72 0.15 -11.64
N VAL A 141 -4.76 1.08 -11.81
CA VAL A 141 -4.10 1.83 -10.73
C VAL A 141 -3.97 3.30 -11.14
N THR A 142 -4.53 4.20 -10.31
CA THR A 142 -4.50 5.65 -10.52
C THR A 142 -3.55 6.30 -9.52
N PHE A 143 -2.68 7.14 -10.04
CA PHE A 143 -1.65 7.90 -9.33
C PHE A 143 -2.02 9.39 -9.37
N VAL A 144 -1.81 10.09 -8.25
CA VAL A 144 -2.13 11.49 -8.05
C VAL A 144 -0.91 12.18 -7.42
N LYS A 145 -0.42 13.27 -8.01
CA LYS A 145 0.66 14.06 -7.43
C LYS A 145 0.09 15.02 -6.36
N GLU A 146 0.37 14.73 -5.08
CA GLU A 146 -0.25 15.45 -3.95
C GLU A 146 0.42 16.79 -3.61
N ASN A 147 1.68 16.97 -4.03
CA ASN A 147 2.47 18.20 -3.85
C ASN A 147 3.63 18.26 -4.85
N LYS A 148 4.62 17.36 -4.66
CA LYS A 148 5.83 17.24 -5.49
C LYS A 148 6.18 15.75 -5.80
N LYS A 149 5.30 14.82 -5.39
CA LYS A 149 5.50 13.36 -5.47
C LYS A 149 4.22 12.64 -5.92
N TRP A 150 4.32 11.75 -6.90
CA TRP A 150 3.24 10.89 -7.39
C TRP A 150 2.95 9.74 -6.42
N LYS A 151 1.68 9.65 -5.97
CA LYS A 151 1.21 8.69 -4.97
C LYS A 151 -0.03 7.93 -5.45
N VAL A 152 -0.25 6.71 -4.98
CA VAL A 152 -1.41 5.87 -5.30
C VAL A 152 -2.66 6.37 -4.54
N ASN A 153 -3.77 6.50 -5.26
CA ASN A 153 -5.04 7.03 -4.72
C ASN A 153 -5.88 5.99 -3.94
N GLN A 154 -5.33 4.78 -3.71
CA GLN A 154 -6.02 3.66 -3.06
C GLN A 154 -4.97 2.74 -2.39
N PHE A 155 -5.22 2.33 -1.13
CA PHE A 155 -4.26 1.57 -0.32
C PHE A 155 -4.05 0.13 -0.80
N ASP A 156 -5.13 -0.56 -1.16
CA ASP A 156 -5.16 -1.94 -1.65
C ASP A 156 -5.13 -2.05 -3.18
N ALA A 157 -4.70 -0.99 -3.87
CA ALA A 157 -4.69 -0.90 -5.34
C ALA A 157 -3.84 -2.00 -6.00
N VAL A 158 -2.83 -2.48 -5.29
CA VAL A 158 -1.81 -3.43 -5.74
C VAL A 158 -1.44 -4.32 -4.56
N ILE A 159 -1.51 -5.63 -4.78
CA ILE A 159 -1.29 -6.66 -3.78
C ILE A 159 -0.90 -8.00 -4.41
N GLY A 1 10.48 7.27 -33.12
CA GLY A 1 10.35 8.31 -32.07
C GLY A 1 9.32 7.93 -31.02
N LYS A 2 9.48 8.43 -29.79
CA LYS A 2 8.58 8.16 -28.66
C LYS A 2 7.19 8.82 -28.85
N ASN A 3 6.11 8.11 -28.50
CA ASN A 3 4.73 8.56 -28.75
C ASN A 3 4.28 9.73 -27.85
N THR A 4 4.68 9.73 -26.57
CA THR A 4 4.32 10.72 -25.53
C THR A 4 5.15 10.49 -24.26
N SER A 5 5.02 11.39 -23.30
CA SER A 5 5.68 11.34 -21.99
C SER A 5 4.75 11.88 -20.88
N GLY A 6 4.37 13.17 -20.94
CA GLY A 6 3.60 13.85 -19.88
C GLY A 6 4.48 14.15 -18.67
N ASP A 7 4.63 13.16 -17.78
CA ASP A 7 5.49 13.19 -16.60
C ASP A 7 5.71 11.79 -16.00
N LEU A 8 4.63 11.03 -15.73
CA LEU A 8 4.66 9.64 -15.26
C LEU A 8 4.57 8.69 -16.46
N SER A 9 5.51 7.74 -16.55
CA SER A 9 5.61 6.73 -17.61
C SER A 9 5.53 5.29 -17.07
N GLN A 10 5.51 4.29 -17.95
CA GLN A 10 5.23 2.88 -17.64
C GLN A 10 6.17 2.30 -16.58
N LYS A 11 7.47 2.61 -16.63
CA LYS A 11 8.45 2.11 -15.66
C LYS A 11 8.21 2.68 -14.24
N GLN A 12 7.98 3.98 -14.16
CA GLN A 12 7.67 4.69 -12.91
C GLN A 12 6.41 4.12 -12.28
N ALA A 13 5.31 4.04 -13.04
CA ALA A 13 4.05 3.43 -12.61
C ALA A 13 4.25 2.00 -12.07
N LEU A 14 4.97 1.15 -12.82
CA LEU A 14 5.35 -0.19 -12.42
C LEU A 14 6.08 -0.23 -11.07
N GLN A 15 7.06 0.64 -10.86
CA GLN A 15 7.84 0.65 -9.61
C GLN A 15 7.02 1.20 -8.44
N LEU A 16 6.24 2.25 -8.68
CA LEU A 16 5.28 2.80 -7.71
C LEU A 16 4.30 1.70 -7.25
N ALA A 17 3.83 0.86 -8.17
CA ALA A 17 2.94 -0.26 -7.88
C ALA A 17 3.62 -1.33 -6.99
N LEU A 18 4.83 -1.76 -7.35
CA LEU A 18 5.61 -2.72 -6.55
C LEU A 18 5.90 -2.18 -5.13
N SER A 19 6.28 -0.91 -5.04
CA SER A 19 6.51 -0.25 -3.75
C SER A 19 5.23 -0.17 -2.91
N ALA A 20 4.08 0.11 -3.53
CA ALA A 20 2.80 0.17 -2.85
C ALA A 20 2.37 -1.20 -2.29
N ARG A 21 2.60 -2.28 -3.04
CA ARG A 21 2.35 -3.66 -2.57
C ARG A 21 3.26 -4.03 -1.39
N GLU A 22 4.54 -3.64 -1.45
CA GLU A 22 5.49 -3.81 -0.35
C GLU A 22 5.01 -3.06 0.92
N HIS A 23 4.60 -1.80 0.78
CA HIS A 23 4.13 -0.99 1.92
C HIS A 23 2.83 -1.53 2.56
N PHE A 24 1.85 -1.95 1.74
CA PHE A 24 0.58 -2.50 2.20
C PHE A 24 0.78 -3.80 2.99
N TRP A 25 1.48 -4.78 2.42
CA TRP A 25 1.69 -6.09 3.06
C TRP A 25 2.53 -5.98 4.35
N ASN A 26 3.51 -5.07 4.42
CA ASN A 26 4.28 -4.81 5.64
C ASN A 26 3.44 -4.10 6.73
N THR A 27 2.47 -3.27 6.34
CA THR A 27 1.52 -2.63 7.29
C THR A 27 0.55 -3.66 7.87
N MET A 28 0.01 -4.54 7.03
CA MET A 28 -0.81 -5.70 7.46
C MET A 28 -0.03 -6.69 8.35
N SER A 29 1.30 -6.77 8.18
CA SER A 29 2.23 -7.53 9.02
C SER A 29 2.59 -6.82 10.34
N GLY A 30 2.17 -5.57 10.52
CA GLY A 30 2.31 -4.80 11.77
C GLY A 30 3.68 -4.15 11.99
N HIS A 31 4.53 -4.14 10.96
CA HIS A 31 5.96 -3.78 11.06
C HIS A 31 6.64 -3.56 9.68
N ASN A 32 7.42 -2.48 9.52
CA ASN A 32 8.29 -2.26 8.36
C ASN A 32 9.63 -3.01 8.53
N PRO A 33 9.93 -4.04 7.72
CA PRO A 33 11.13 -4.87 7.82
C PRO A 33 12.44 -4.10 7.56
N LYS A 34 12.39 -2.89 7.02
CA LYS A 34 13.57 -1.99 6.94
C LYS A 34 14.06 -1.53 8.32
N VAL A 35 13.20 -1.58 9.34
CA VAL A 35 13.53 -1.32 10.75
C VAL A 35 13.89 -2.64 11.44
N LYS A 36 15.01 -2.66 12.17
CA LYS A 36 15.51 -3.84 12.91
C LYS A 36 15.47 -3.68 14.44
N LYS A 37 15.02 -2.52 14.95
CA LYS A 37 15.03 -2.15 16.38
C LYS A 37 13.68 -1.66 16.92
N ALA A 38 12.59 -1.93 16.19
CA ALA A 38 11.21 -1.69 16.64
C ALA A 38 10.74 -2.84 17.57
N VAL A 39 9.79 -2.54 18.45
CA VAL A 39 9.23 -3.49 19.43
C VAL A 39 7.70 -3.54 19.27
N CYS A 40 7.18 -4.73 18.98
CA CYS A 40 5.75 -5.06 19.00
C CYS A 40 5.36 -5.54 20.41
N PRO A 41 4.38 -4.90 21.09
CA PRO A 41 3.84 -5.39 22.36
C PRO A 41 3.31 -6.82 22.24
N SER A 42 3.58 -7.66 23.24
CA SER A 42 3.25 -9.10 23.23
C SER A 42 1.80 -9.43 23.62
N GLY A 43 1.01 -8.41 23.98
CA GLY A 43 -0.40 -8.51 24.33
C GLY A 43 -1.35 -8.37 23.12
N THR A 44 -2.60 -8.79 23.31
CA THR A 44 -3.71 -8.68 22.35
C THR A 44 -5.00 -8.30 23.08
N PHE A 45 -6.00 -7.85 22.32
CA PHE A 45 -7.33 -7.51 22.84
C PHE A 45 -8.45 -7.85 21.86
N GLU A 46 -9.71 -7.63 22.26
CA GLU A 46 -10.90 -7.94 21.46
C GLU A 46 -11.75 -6.67 21.26
N TYR A 47 -12.12 -6.43 20.00
CA TYR A 47 -12.83 -5.22 19.55
C TYR A 47 -13.55 -5.48 18.21
N GLN A 48 -14.80 -5.00 18.05
CA GLN A 48 -15.62 -5.23 16.85
C GLN A 48 -15.76 -6.74 16.49
N ASN A 49 -15.71 -7.63 17.49
CA ASN A 49 -15.77 -9.10 17.38
C ASN A 49 -14.52 -9.74 16.72
N LEU A 50 -13.39 -9.00 16.65
CA LEU A 50 -12.09 -9.47 16.12
C LEU A 50 -11.03 -9.43 17.23
N GLN A 51 -9.97 -10.23 17.09
CA GLN A 51 -8.78 -10.13 17.93
C GLN A 51 -7.80 -9.14 17.27
N TYR A 52 -7.32 -8.17 18.03
CA TYR A 52 -6.40 -7.12 17.60
C TYR A 52 -4.98 -7.33 18.13
N VAL A 53 -3.98 -6.90 17.36
CA VAL A 53 -2.56 -6.93 17.72
C VAL A 53 -1.98 -5.53 17.61
N TYR A 54 -1.17 -5.12 18.59
CA TYR A 54 -0.48 -3.84 18.58
C TYR A 54 0.67 -3.80 17.55
N MET A 55 0.84 -2.67 16.86
CA MET A 55 1.93 -2.49 15.89
C MET A 55 3.31 -2.41 16.57
N CYS A 56 4.37 -2.70 15.83
CA CYS A 56 5.74 -2.43 16.27
C CYS A 56 5.96 -0.91 16.33
N SER A 57 6.88 -0.46 17.19
CA SER A 57 7.06 0.97 17.54
C SER A 57 7.42 1.91 16.37
N ASP A 58 7.81 1.41 15.20
CA ASP A 58 7.96 2.15 13.94
C ASP A 58 6.63 2.59 13.30
N LEU A 59 5.53 1.90 13.66
CA LEU A 59 4.13 2.17 13.28
C LEU A 59 3.26 2.28 14.56
N GLY A 60 3.88 2.57 15.71
CA GLY A 60 3.27 2.44 17.05
C GLY A 60 2.09 3.37 17.36
N THR A 61 1.84 4.40 16.54
CA THR A 61 0.73 5.35 16.65
C THR A 61 0.29 5.72 15.23
N LYS A 62 -0.96 6.14 15.05
CA LYS A 62 -1.54 6.44 13.73
C LYS A 62 -0.66 7.39 12.91
N ALA A 63 -0.14 8.47 13.51
CA ALA A 63 0.81 9.38 12.86
C ALA A 63 2.03 8.64 12.29
N LYS A 64 2.73 7.82 13.09
CA LYS A 64 3.87 7.01 12.64
C LYS A 64 3.55 6.12 11.43
N ALA A 65 2.35 5.51 11.40
CA ALA A 65 1.91 4.67 10.29
C ALA A 65 1.50 5.48 9.05
N VAL A 66 0.81 6.61 9.22
CA VAL A 66 0.49 7.53 8.11
C VAL A 66 1.79 8.06 7.48
N ASN A 67 2.75 8.46 8.30
CA ASN A 67 4.06 8.99 7.89
C ASN A 67 4.88 7.98 7.05
N TYR A 68 4.79 6.69 7.37
CA TYR A 68 5.40 5.60 6.59
C TYR A 68 4.74 5.40 5.22
N LEU A 69 3.43 5.62 5.12
CA LEU A 69 2.63 5.40 3.91
C LEU A 69 2.57 6.62 2.97
N THR A 70 2.66 7.83 3.52
CA THR A 70 2.61 9.14 2.84
C THR A 70 3.47 9.23 1.57
N PRO A 71 4.73 8.73 1.53
CA PRO A 71 5.57 8.71 0.34
C PRO A 71 4.98 7.96 -0.87
N ILE A 72 4.08 7.00 -0.65
CA ILE A 72 3.46 6.15 -1.70
C ILE A 72 1.98 6.49 -1.90
N PHE A 73 1.24 6.78 -0.84
CA PHE A 73 -0.22 6.90 -0.83
C PHE A 73 -0.65 8.33 -0.46
N THR A 74 -1.72 8.83 -1.08
CA THR A 74 -2.33 10.12 -0.70
C THR A 74 -2.90 10.03 0.71
N LYS A 75 -3.03 11.16 1.42
CA LYS A 75 -3.67 11.19 2.75
C LYS A 75 -5.00 10.45 2.73
N THR A 76 -5.88 10.77 1.76
CA THR A 76 -7.20 10.15 1.58
C THR A 76 -7.11 8.64 1.38
N ALA A 77 -6.17 8.15 0.57
CA ALA A 77 -5.98 6.71 0.37
C ALA A 77 -5.59 6.00 1.67
N ILE A 78 -4.80 6.66 2.52
CA ILE A 78 -4.37 6.13 3.83
C ILE A 78 -5.54 6.12 4.81
N GLU A 79 -6.26 7.24 4.94
CA GLU A 79 -7.40 7.32 5.87
C GLU A 79 -8.50 6.32 5.49
N LYS A 80 -8.78 6.16 4.19
CA LYS A 80 -9.70 5.15 3.67
C LYS A 80 -9.21 3.72 3.97
N GLY A 81 -7.94 3.40 3.74
CA GLY A 81 -7.36 2.08 4.01
C GLY A 81 -7.14 1.78 5.49
N PHE A 82 -7.22 2.78 6.37
CA PHE A 82 -7.28 2.57 7.81
C PHE A 82 -8.72 2.15 8.19
N LYS A 83 -9.72 2.92 7.76
CA LYS A 83 -11.14 2.61 8.05
C LYS A 83 -11.61 1.28 7.45
N ASP A 84 -11.26 0.99 6.19
CA ASP A 84 -11.70 -0.20 5.45
C ASP A 84 -11.16 -1.53 6.02
N TYR A 85 -10.04 -1.46 6.75
CA TYR A 85 -9.39 -2.59 7.43
C TYR A 85 -9.50 -2.51 8.96
N HIS A 86 -10.30 -1.57 9.48
CA HIS A 86 -10.72 -1.44 10.88
C HIS A 86 -9.55 -1.08 11.84
N PHE A 87 -8.50 -0.41 11.32
CA PHE A 87 -7.35 0.07 12.08
C PHE A 87 -7.80 0.98 13.25
N THR A 88 -7.22 0.79 14.43
CA THR A 88 -7.66 1.43 15.68
C THR A 88 -6.49 1.78 16.61
N VAL A 89 -6.81 2.39 17.74
CA VAL A 89 -5.88 2.80 18.81
C VAL A 89 -6.45 2.36 20.15
N SER A 90 -5.59 1.81 21.02
CA SER A 90 -5.93 1.43 22.40
C SER A 90 -4.73 1.73 23.32
N LYS A 91 -4.96 2.47 24.41
CA LYS A 91 -3.93 2.96 25.36
C LYS A 91 -2.84 3.84 24.66
N GLY A 92 -3.19 4.47 23.53
CA GLY A 92 -2.30 5.29 22.70
C GLY A 92 -1.49 4.52 21.65
N LYS A 93 -1.61 3.18 21.61
CA LYS A 93 -0.91 2.29 20.69
C LYS A 93 -1.81 1.91 19.50
N LEU A 94 -1.29 1.98 18.26
CA LEU A 94 -1.98 1.52 17.05
C LEU A 94 -2.14 0.00 17.11
N ALA A 95 -3.28 -0.52 16.66
CA ALA A 95 -3.53 -1.95 16.53
C ALA A 95 -4.33 -2.30 15.27
N VAL A 96 -4.09 -3.52 14.77
CA VAL A 96 -4.70 -4.08 13.55
C VAL A 96 -5.27 -5.48 13.85
N PRO A 97 -6.36 -5.91 13.18
CA PRO A 97 -7.00 -7.19 13.45
C PRO A 97 -6.16 -8.35 12.90
N ILE A 98 -6.16 -9.49 13.61
CA ILE A 98 -5.55 -10.74 13.16
C ILE A 98 -6.23 -11.25 11.88
N GLY A 99 -5.42 -11.58 10.88
CA GLY A 99 -5.83 -12.16 9.60
C GLY A 99 -4.65 -12.77 8.84
N ASP A 100 -4.89 -13.10 7.57
CA ASP A 100 -3.91 -13.70 6.65
C ASP A 100 -4.29 -13.42 5.19
N GLY A 101 -3.30 -13.11 4.36
CA GLY A 101 -3.46 -12.80 2.93
C GLY A 101 -2.17 -12.97 2.13
N ASP A 102 -2.33 -13.42 0.88
CA ASP A 102 -1.28 -13.67 -0.11
C ASP A 102 -1.92 -13.90 -1.48
N ASN A 103 -1.37 -13.27 -2.53
CA ASN A 103 -1.87 -13.38 -3.91
C ASN A 103 -0.89 -14.14 -4.81
N LEU A 104 -1.43 -14.99 -5.69
CA LEU A 104 -0.70 -15.68 -6.77
C LEU A 104 -0.21 -14.74 -7.89
N LEU A 105 -0.49 -13.43 -7.80
CA LEU A 105 -0.12 -12.40 -8.75
C LEU A 105 1.39 -12.12 -8.69
N ASN A 106 2.09 -12.36 -9.81
CA ASN A 106 3.52 -12.11 -9.97
C ASN A 106 3.77 -10.71 -10.53
N TRP A 107 3.71 -9.70 -9.66
CA TRP A 107 3.80 -8.29 -10.05
C TRP A 107 5.19 -7.90 -10.56
N LYS A 108 6.23 -8.61 -10.10
CA LYS A 108 7.62 -8.47 -10.58
C LYS A 108 7.78 -8.82 -12.08
N LYS A 109 6.81 -9.53 -12.67
CA LYS A 109 6.75 -9.88 -14.10
C LYS A 109 5.61 -9.18 -14.85
N SER A 110 4.81 -8.36 -14.16
CA SER A 110 3.73 -7.57 -14.74
C SER A 110 4.23 -6.41 -15.62
N THR A 111 3.31 -5.83 -16.42
CA THR A 111 3.57 -4.67 -17.29
C THR A 111 2.44 -3.65 -17.19
N ALA A 112 2.80 -2.37 -17.24
CA ALA A 112 1.87 -1.24 -17.17
C ALA A 112 1.50 -0.71 -18.58
N LYS A 113 0.26 -0.25 -18.75
CA LYS A 113 -0.35 0.20 -20.01
C LYS A 113 -1.25 1.42 -19.74
N LEU A 114 -0.98 2.56 -20.38
CA LEU A 114 -1.63 3.84 -20.07
C LEU A 114 -3.13 3.85 -20.43
N ILE A 115 -3.96 4.35 -19.52
CA ILE A 115 -5.44 4.41 -19.66
C ILE A 115 -5.95 5.86 -19.73
N SER A 116 -5.38 6.76 -18.93
CA SER A 116 -5.82 8.15 -18.84
C SER A 116 -4.69 9.03 -18.30
N LYS A 117 -4.57 10.27 -18.80
CA LYS A 117 -3.50 11.21 -18.44
C LYS A 117 -4.08 12.64 -18.46
N LYS A 118 -4.46 13.12 -17.28
CA LYS A 118 -5.24 14.35 -17.09
C LYS A 118 -4.70 15.21 -15.93
N GLY A 119 -3.79 16.14 -16.25
CA GLY A 119 -3.23 17.11 -15.30
C GLY A 119 -2.48 16.39 -14.17
N SER A 120 -2.94 16.59 -12.94
CA SER A 120 -2.34 16.00 -11.73
C SER A 120 -2.76 14.55 -11.43
N THR A 121 -3.50 13.88 -12.34
CA THR A 121 -3.99 12.48 -12.21
C THR A 121 -3.67 11.68 -13.47
N ILE A 122 -3.18 10.45 -13.30
CA ILE A 122 -2.84 9.52 -14.40
C ILE A 122 -3.25 8.09 -14.00
N THR A 123 -3.82 7.32 -14.94
CA THR A 123 -4.25 5.92 -14.72
C THR A 123 -3.54 4.97 -15.67
N TYR A 124 -3.13 3.83 -15.13
CA TYR A 124 -2.57 2.68 -15.82
C TYR A 124 -3.33 1.38 -15.53
N GLU A 125 -3.32 0.47 -16.50
CA GLU A 125 -3.75 -0.93 -16.38
C GLU A 125 -2.50 -1.78 -16.25
N PHE A 126 -2.57 -2.79 -15.39
CA PHE A 126 -1.51 -3.73 -15.09
C PHE A 126 -1.93 -5.13 -15.56
N THR A 127 -1.12 -5.75 -16.42
CA THR A 127 -1.30 -7.15 -16.84
C THR A 127 -0.37 -7.99 -15.98
N VAL A 128 -0.95 -8.77 -15.07
CA VAL A 128 -0.20 -9.48 -14.01
C VAL A 128 -0.25 -11.00 -14.23
N PRO A 129 0.85 -11.64 -14.67
CA PRO A 129 0.94 -13.10 -14.80
C PRO A 129 0.84 -13.77 -13.42
N THR A 130 0.49 -15.06 -13.40
CA THR A 130 0.24 -15.82 -12.16
C THR A 130 1.31 -16.87 -11.90
N LEU A 131 1.54 -17.16 -10.62
CA LEU A 131 2.40 -18.26 -10.13
C LEU A 131 1.72 -19.63 -10.19
N ASP A 132 0.42 -19.68 -10.51
CA ASP A 132 -0.38 -20.91 -10.65
C ASP A 132 -0.49 -21.40 -12.12
N GLY A 133 -0.02 -20.59 -13.09
CA GLY A 133 -0.01 -20.92 -14.52
C GLY A 133 -1.26 -20.51 -15.28
N SER A 134 -2.17 -19.77 -14.64
CA SER A 134 -3.35 -19.17 -15.26
C SER A 134 -3.00 -17.93 -16.12
N PRO A 135 -3.83 -17.58 -17.13
CA PRO A 135 -3.67 -16.36 -17.94
C PRO A 135 -3.58 -15.08 -17.10
N SER A 136 -2.81 -14.11 -17.58
CA SER A 136 -2.50 -12.87 -16.86
C SER A 136 -3.74 -12.01 -16.52
N ALA A 137 -3.86 -11.61 -15.26
CA ALA A 137 -4.97 -10.85 -14.71
C ALA A 137 -4.81 -9.34 -14.95
N LYS A 138 -5.90 -8.67 -15.34
CA LYS A 138 -5.97 -7.20 -15.39
C LYS A 138 -6.31 -6.58 -14.03
N ARG A 139 -5.63 -5.47 -13.72
CA ARG A 139 -5.80 -4.58 -12.56
C ARG A 139 -5.69 -3.13 -13.06
N LYS A 140 -6.28 -2.15 -12.37
CA LYS A 140 -6.18 -0.72 -12.72
C LYS A 140 -5.68 0.11 -11.52
N VAL A 141 -4.76 1.05 -11.77
CA VAL A 141 -4.03 1.82 -10.75
C VAL A 141 -3.94 3.29 -11.16
N THR A 142 -4.46 4.19 -10.32
CA THR A 142 -4.45 5.65 -10.55
C THR A 142 -3.50 6.32 -9.57
N PHE A 143 -2.65 7.17 -10.12
CA PHE A 143 -1.63 7.97 -9.45
C PHE A 143 -2.05 9.44 -9.48
N VAL A 144 -1.89 10.14 -8.37
CA VAL A 144 -2.23 11.57 -8.19
C VAL A 144 -1.03 12.28 -7.58
N LYS A 145 -0.57 13.37 -8.21
CA LYS A 145 0.50 14.19 -7.67
C LYS A 145 -0.03 15.14 -6.57
N GLU A 146 0.25 14.82 -5.31
CA GLU A 146 -0.34 15.49 -4.14
C GLU A 146 0.51 16.67 -3.65
N ASN A 147 1.82 16.45 -3.51
CA ASN A 147 2.78 17.38 -2.90
C ASN A 147 4.16 17.22 -3.56
N LYS A 148 4.26 17.63 -4.83
CA LYS A 148 5.45 17.52 -5.71
C LYS A 148 5.87 16.06 -6.01
N LYS A 149 5.02 15.08 -5.67
CA LYS A 149 5.28 13.63 -5.74
C LYS A 149 4.00 12.87 -6.14
N TRP A 150 4.12 11.96 -7.11
CA TRP A 150 3.06 11.06 -7.57
C TRP A 150 2.82 9.91 -6.57
N LYS A 151 1.58 9.81 -6.08
CA LYS A 151 1.15 8.84 -5.07
C LYS A 151 -0.10 8.06 -5.54
N VAL A 152 -0.27 6.83 -5.07
CA VAL A 152 -1.42 5.96 -5.38
C VAL A 152 -2.66 6.45 -4.62
N ASN A 153 -3.78 6.57 -5.34
CA ASN A 153 -5.06 7.09 -4.80
C ASN A 153 -5.89 6.05 -4.02
N GLN A 154 -5.35 4.84 -3.81
CA GLN A 154 -6.03 3.71 -3.17
C GLN A 154 -5.00 2.78 -2.50
N PHE A 155 -5.26 2.39 -1.24
CA PHE A 155 -4.32 1.62 -0.42
C PHE A 155 -4.10 0.18 -0.91
N ASP A 156 -5.18 -0.51 -1.28
CA ASP A 156 -5.19 -1.88 -1.78
C ASP A 156 -5.14 -1.98 -3.32
N ALA A 157 -4.71 -0.90 -4.00
CA ALA A 157 -4.65 -0.83 -5.46
C ALA A 157 -3.77 -1.93 -6.08
N VAL A 158 -2.75 -2.36 -5.34
CA VAL A 158 -1.73 -3.33 -5.74
C VAL A 158 -1.37 -4.19 -4.55
N ILE A 159 -1.43 -5.50 -4.74
CA ILE A 159 -1.20 -6.52 -3.72
C ILE A 159 -0.79 -7.87 -4.31
N GLY A 1 9.69 6.01 -27.08
CA GLY A 1 9.41 7.06 -26.07
C GLY A 1 10.47 7.11 -24.98
N LYS A 2 10.41 8.13 -24.12
CA LYS A 2 11.35 8.37 -23.00
C LYS A 2 10.62 8.89 -21.75
N ASN A 3 11.22 8.69 -20.56
CA ASN A 3 10.69 9.16 -19.28
C ASN A 3 10.95 10.66 -19.08
N THR A 4 10.03 11.35 -18.38
CA THR A 4 10.06 12.80 -18.13
C THR A 4 9.57 13.08 -16.71
N SER A 5 10.38 13.78 -15.91
CA SER A 5 10.17 13.94 -14.46
C SER A 5 8.94 14.80 -14.07
N GLY A 6 8.30 15.48 -15.03
CA GLY A 6 7.07 16.25 -14.82
C GLY A 6 5.80 15.41 -14.77
N ASP A 7 5.85 14.16 -15.22
CA ASP A 7 4.71 13.23 -15.33
C ASP A 7 5.14 11.76 -15.10
N LEU A 8 4.27 10.80 -15.42
CA LEU A 8 4.41 9.40 -15.03
C LEU A 8 4.36 8.46 -16.25
N SER A 9 5.37 7.59 -16.33
CA SER A 9 5.61 6.59 -17.40
C SER A 9 5.45 5.13 -16.89
N GLN A 10 5.50 4.15 -17.80
CA GLN A 10 5.29 2.72 -17.49
C GLN A 10 6.26 2.20 -16.41
N LYS A 11 7.55 2.56 -16.49
CA LYS A 11 8.56 2.14 -15.51
C LYS A 11 8.27 2.68 -14.10
N GLN A 12 7.94 3.97 -14.02
CA GLN A 12 7.54 4.66 -12.78
C GLN A 12 6.32 3.98 -12.18
N ALA A 13 5.23 3.82 -12.94
CA ALA A 13 3.99 3.20 -12.46
C ALA A 13 4.23 1.79 -11.93
N LEU A 14 4.96 0.95 -12.67
CA LEU A 14 5.36 -0.39 -12.28
C LEU A 14 6.10 -0.40 -10.94
N GLN A 15 7.08 0.48 -10.74
CA GLN A 15 7.86 0.51 -9.50
C GLN A 15 7.05 1.06 -8.33
N LEU A 16 6.26 2.12 -8.57
CA LEU A 16 5.31 2.68 -7.61
C LEU A 16 4.33 1.59 -7.14
N ALA A 17 3.86 0.73 -8.04
CA ALA A 17 2.96 -0.38 -7.74
C ALA A 17 3.64 -1.42 -6.82
N LEU A 18 4.86 -1.86 -7.14
CA LEU A 18 5.62 -2.81 -6.32
C LEU A 18 5.94 -2.25 -4.93
N SER A 19 6.31 -0.96 -4.85
CA SER A 19 6.55 -0.30 -3.56
C SER A 19 5.24 -0.15 -2.75
N ALA A 20 4.10 0.11 -3.40
CA ALA A 20 2.80 0.11 -2.74
C ALA A 20 2.39 -1.28 -2.25
N ARG A 21 2.72 -2.35 -3.00
CA ARG A 21 2.59 -3.75 -2.55
C ARG A 21 3.38 -3.96 -1.25
N GLU A 22 4.63 -3.51 -1.25
CA GLU A 22 5.56 -3.65 -0.13
C GLU A 22 5.08 -2.87 1.10
N HIS A 23 4.68 -1.60 0.95
CA HIS A 23 4.20 -0.77 2.06
C HIS A 23 2.87 -1.28 2.65
N PHE A 24 1.92 -1.72 1.82
CA PHE A 24 0.65 -2.29 2.26
C PHE A 24 0.85 -3.59 3.04
N TRP A 25 1.59 -4.57 2.48
CA TRP A 25 1.78 -5.87 3.14
C TRP A 25 2.63 -5.77 4.40
N ASN A 26 3.64 -4.89 4.44
CA ASN A 26 4.38 -4.61 5.68
C ASN A 26 3.49 -4.01 6.78
N THR A 27 2.55 -3.11 6.41
CA THR A 27 1.59 -2.54 7.36
C THR A 27 0.62 -3.60 7.88
N MET A 28 0.09 -4.46 7.00
CA MET A 28 -0.73 -5.62 7.38
C MET A 28 0.03 -6.63 8.26
N SER A 29 1.35 -6.71 8.09
CA SER A 29 2.28 -7.53 8.91
C SER A 29 2.61 -6.92 10.29
N GLY A 30 2.13 -5.70 10.58
CA GLY A 30 2.20 -5.06 11.90
C GLY A 30 3.49 -4.29 12.20
N HIS A 31 4.40 -4.19 11.23
CA HIS A 31 5.76 -3.68 11.42
C HIS A 31 6.44 -3.25 10.09
N ASN A 32 7.30 -2.23 10.16
CA ASN A 32 8.13 -1.78 9.04
C ASN A 32 9.52 -2.47 9.06
N PRO A 33 9.77 -3.49 8.20
CA PRO A 33 11.00 -4.28 8.18
C PRO A 33 12.25 -3.49 7.78
N LYS A 34 12.13 -2.23 7.32
CA LYS A 34 13.27 -1.32 7.14
C LYS A 34 13.94 -0.96 8.48
N VAL A 35 13.21 -1.09 9.58
CA VAL A 35 13.66 -0.96 10.98
C VAL A 35 13.87 -2.36 11.56
N LYS A 36 15.04 -2.60 12.16
CA LYS A 36 15.45 -3.91 12.71
C LYS A 36 15.36 -4.00 14.25
N LYS A 37 15.04 -2.88 14.92
CA LYS A 37 15.12 -2.72 16.39
C LYS A 37 13.86 -2.05 17.01
N ALA A 38 12.70 -2.16 16.35
CA ALA A 38 11.43 -1.63 16.84
C ALA A 38 11.01 -2.31 18.16
N VAL A 39 10.47 -1.52 19.08
CA VAL A 39 9.89 -1.99 20.36
C VAL A 39 8.48 -2.50 20.07
N CYS A 40 8.13 -3.69 20.56
CA CYS A 40 6.89 -4.38 20.17
C CYS A 40 6.36 -5.31 21.27
N PRO A 41 5.05 -5.28 21.61
CA PRO A 41 4.49 -6.00 22.75
C PRO A 41 4.22 -7.49 22.48
N SER A 42 3.99 -7.89 21.22
CA SER A 42 3.65 -9.26 20.78
C SER A 42 2.31 -9.80 21.32
N GLY A 43 1.57 -9.01 22.11
CA GLY A 43 0.25 -9.33 22.66
C GLY A 43 -0.90 -9.00 21.72
N THR A 44 -2.11 -9.48 22.07
CA THR A 44 -3.35 -9.35 21.27
C THR A 44 -4.56 -9.05 22.14
N PHE A 45 -5.65 -8.64 21.49
CA PHE A 45 -6.96 -8.42 22.09
C PHE A 45 -8.10 -8.71 21.10
N GLU A 46 -9.36 -8.51 21.51
CA GLU A 46 -10.55 -8.78 20.70
C GLU A 46 -11.46 -7.54 20.65
N TYR A 47 -11.87 -7.17 19.43
CA TYR A 47 -12.64 -5.96 19.13
C TYR A 47 -13.39 -6.11 17.78
N GLN A 48 -14.65 -5.68 17.71
CA GLN A 48 -15.51 -5.81 16.51
C GLN A 48 -15.61 -7.28 16.00
N ASN A 49 -15.47 -8.26 16.90
CA ASN A 49 -15.47 -9.71 16.63
C ASN A 49 -14.22 -10.22 15.88
N LEU A 50 -13.13 -9.44 15.86
CA LEU A 50 -11.83 -9.77 15.25
C LEU A 50 -10.75 -9.83 16.34
N GLN A 51 -9.67 -10.58 16.09
CA GLN A 51 -8.47 -10.54 16.92
C GLN A 51 -7.54 -9.45 16.39
N TYR A 52 -7.14 -8.53 17.25
CA TYR A 52 -6.26 -7.40 16.95
C TYR A 52 -4.82 -7.61 17.45
N VAL A 53 -3.84 -7.12 16.68
CA VAL A 53 -2.42 -7.07 17.04
C VAL A 53 -1.98 -5.62 17.12
N TYR A 54 -1.24 -5.27 18.19
CA TYR A 54 -0.59 -3.98 18.36
C TYR A 54 0.61 -3.82 17.39
N MET A 55 0.78 -2.63 16.80
CA MET A 55 1.89 -2.33 15.89
C MET A 55 3.22 -2.16 16.64
N CYS A 56 4.34 -2.49 16.01
CA CYS A 56 5.67 -2.17 16.54
C CYS A 56 5.96 -0.66 16.43
N SER A 57 6.90 -0.15 17.24
CA SER A 57 7.12 1.28 17.49
C SER A 57 7.28 2.22 16.28
N ASP A 58 7.78 1.77 15.12
CA ASP A 58 7.87 2.62 13.92
C ASP A 58 6.50 2.90 13.25
N LEU A 59 5.47 2.13 13.63
CA LEU A 59 4.05 2.29 13.27
C LEU A 59 3.18 2.38 14.55
N GLY A 60 3.79 2.70 15.70
CA GLY A 60 3.21 2.58 17.04
C GLY A 60 1.99 3.45 17.35
N THR A 61 1.77 4.52 16.57
CA THR A 61 0.55 5.35 16.60
C THR A 61 0.09 5.62 15.18
N LYS A 62 -1.18 6.02 15.04
CA LYS A 62 -1.79 6.33 13.74
C LYS A 62 -0.93 7.31 12.93
N ALA A 63 -0.43 8.38 13.56
CA ALA A 63 0.49 9.33 12.93
C ALA A 63 1.74 8.65 12.34
N LYS A 64 2.49 7.86 13.12
CA LYS A 64 3.66 7.13 12.64
C LYS A 64 3.37 6.21 11.45
N ALA A 65 2.20 5.55 11.41
CA ALA A 65 1.79 4.72 10.29
C ALA A 65 1.38 5.54 9.05
N VAL A 66 0.64 6.63 9.23
CA VAL A 66 0.30 7.57 8.14
C VAL A 66 1.58 8.17 7.54
N ASN A 67 2.55 8.52 8.39
CA ASN A 67 3.86 9.07 8.01
C ASN A 67 4.70 8.09 7.18
N TYR A 68 4.64 6.79 7.49
CA TYR A 68 5.30 5.72 6.72
C TYR A 68 4.66 5.50 5.33
N LEU A 69 3.35 5.70 5.20
CA LEU A 69 2.59 5.49 3.97
C LEU A 69 2.54 6.74 3.06
N THR A 70 2.67 7.93 3.65
CA THR A 70 2.65 9.25 2.99
C THR A 70 3.51 9.34 1.72
N PRO A 71 4.75 8.84 1.68
CA PRO A 71 5.60 8.82 0.48
C PRO A 71 4.99 8.09 -0.74
N ILE A 72 4.10 7.12 -0.51
CA ILE A 72 3.53 6.24 -1.54
C ILE A 72 2.05 6.53 -1.82
N PHE A 73 1.29 6.92 -0.80
CA PHE A 73 -0.17 7.04 -0.83
C PHE A 73 -0.59 8.46 -0.46
N THR A 74 -1.63 8.99 -1.11
CA THR A 74 -2.24 10.28 -0.75
C THR A 74 -2.87 10.20 0.63
N LYS A 75 -3.04 11.33 1.31
CA LYS A 75 -3.65 11.35 2.65
C LYS A 75 -5.00 10.61 2.66
N THR A 76 -5.89 10.95 1.70
CA THR A 76 -7.22 10.35 1.55
C THR A 76 -7.17 8.85 1.26
N ALA A 77 -6.18 8.36 0.50
CA ALA A 77 -5.96 6.93 0.28
C ALA A 77 -5.61 6.19 1.58
N ILE A 78 -4.77 6.79 2.43
CA ILE A 78 -4.40 6.23 3.74
C ILE A 78 -5.60 6.22 4.69
N GLU A 79 -6.33 7.33 4.79
CA GLU A 79 -7.53 7.40 5.64
C GLU A 79 -8.59 6.36 5.22
N LYS A 80 -8.83 6.22 3.91
CA LYS A 80 -9.74 5.22 3.35
C LYS A 80 -9.30 3.79 3.69
N GLY A 81 -8.01 3.46 3.53
CA GLY A 81 -7.46 2.13 3.84
C GLY A 81 -7.31 1.86 5.35
N PHE A 82 -7.32 2.90 6.19
CA PHE A 82 -7.43 2.72 7.64
C PHE A 82 -8.87 2.35 8.02
N LYS A 83 -9.87 3.08 7.48
CA LYS A 83 -11.29 2.77 7.71
C LYS A 83 -11.69 1.38 7.17
N ASP A 84 -11.31 1.05 5.93
CA ASP A 84 -11.74 -0.17 5.23
C ASP A 84 -11.19 -1.47 5.84
N TYR A 85 -10.06 -1.38 6.56
CA TYR A 85 -9.41 -2.49 7.26
C TYR A 85 -9.51 -2.38 8.79
N HIS A 86 -10.32 -1.44 9.28
CA HIS A 86 -10.74 -1.31 10.69
C HIS A 86 -9.55 -0.97 11.64
N PHE A 87 -8.55 -0.24 11.14
CA PHE A 87 -7.38 0.24 11.89
C PHE A 87 -7.83 1.09 13.10
N THR A 88 -7.31 0.80 14.29
CA THR A 88 -7.80 1.35 15.57
C THR A 88 -6.66 1.73 16.52
N VAL A 89 -7.04 2.28 17.68
CA VAL A 89 -6.16 2.69 18.77
C VAL A 89 -6.71 2.13 20.09
N SER A 90 -5.82 1.59 20.91
CA SER A 90 -6.09 1.21 22.30
C SER A 90 -4.87 1.54 23.17
N LYS A 91 -5.07 2.15 24.34
CA LYS A 91 -4.01 2.62 25.24
C LYS A 91 -3.07 3.68 24.60
N GLY A 92 -3.51 4.34 23.53
CA GLY A 92 -2.73 5.29 22.72
C GLY A 92 -1.89 4.64 21.61
N LYS A 93 -1.96 3.31 21.46
CA LYS A 93 -1.15 2.48 20.58
C LYS A 93 -1.99 1.96 19.39
N LEU A 94 -1.45 1.98 18.17
CA LEU A 94 -2.13 1.50 16.95
C LEU A 94 -2.29 -0.02 17.02
N ALA A 95 -3.43 -0.53 16.53
CA ALA A 95 -3.65 -1.96 16.32
C ALA A 95 -4.45 -2.24 15.04
N VAL A 96 -4.21 -3.42 14.47
CA VAL A 96 -4.82 -3.92 13.21
C VAL A 96 -5.33 -5.35 13.40
N PRO A 97 -6.39 -5.79 12.69
CA PRO A 97 -6.89 -7.14 12.79
C PRO A 97 -5.91 -8.14 12.14
N ILE A 98 -5.80 -9.34 12.71
CA ILE A 98 -4.97 -10.44 12.20
C ILE A 98 -5.43 -10.90 10.81
N GLY A 99 -4.47 -11.05 9.90
CA GLY A 99 -4.60 -11.65 8.57
C GLY A 99 -3.27 -12.23 8.08
N ASP A 100 -3.32 -13.28 7.25
CA ASP A 100 -2.11 -13.98 6.76
C ASP A 100 -1.32 -13.16 5.73
N GLY A 101 -2.02 -12.47 4.82
CA GLY A 101 -1.50 -11.48 3.87
C GLY A 101 -0.67 -12.08 2.73
N ASP A 102 -1.32 -12.33 1.59
CA ASP A 102 -0.75 -12.97 0.40
C ASP A 102 -1.68 -12.81 -0.83
N ASN A 103 -1.11 -12.93 -2.04
CA ASN A 103 -1.85 -13.05 -3.30
C ASN A 103 -1.14 -14.01 -4.26
N LEU A 104 -1.90 -14.80 -5.02
CA LEU A 104 -1.37 -15.63 -6.12
C LEU A 104 -0.87 -14.83 -7.32
N LEU A 105 -1.07 -13.50 -7.32
CA LEU A 105 -0.56 -12.55 -8.30
C LEU A 105 0.95 -12.35 -8.15
N ASN A 106 1.65 -12.40 -9.28
CA ASN A 106 3.09 -12.15 -9.39
C ASN A 106 3.34 -10.79 -10.08
N TRP A 107 3.40 -9.72 -9.28
CA TRP A 107 3.51 -8.34 -9.77
C TRP A 107 4.92 -8.02 -10.27
N LYS A 108 5.94 -8.72 -9.76
CA LYS A 108 7.33 -8.62 -10.22
C LYS A 108 7.52 -9.05 -11.70
N LYS A 109 6.55 -9.78 -12.25
CA LYS A 109 6.49 -10.22 -13.66
C LYS A 109 5.36 -9.53 -14.46
N SER A 110 4.60 -8.64 -13.82
CA SER A 110 3.54 -7.85 -14.48
C SER A 110 4.09 -6.75 -15.40
N THR A 111 3.21 -6.17 -16.23
CA THR A 111 3.51 -5.06 -17.15
C THR A 111 2.42 -3.99 -17.07
N ALA A 112 2.84 -2.72 -17.15
CA ALA A 112 1.97 -1.54 -17.09
C ALA A 112 1.60 -1.00 -18.49
N LYS A 113 0.38 -0.48 -18.61
CA LYS A 113 -0.27 0.05 -19.82
C LYS A 113 -0.99 1.37 -19.46
N LEU A 114 -0.68 2.49 -20.12
CA LEU A 114 -1.33 3.79 -19.86
C LEU A 114 -2.80 3.76 -20.29
N ILE A 115 -3.69 4.27 -19.42
CA ILE A 115 -5.15 4.36 -19.63
C ILE A 115 -5.64 5.80 -19.76
N SER A 116 -5.08 6.73 -18.96
CA SER A 116 -5.53 8.13 -18.92
C SER A 116 -4.44 9.02 -18.31
N LYS A 117 -4.26 10.22 -18.85
CA LYS A 117 -3.26 11.20 -18.42
C LYS A 117 -3.89 12.61 -18.42
N LYS A 118 -4.32 13.07 -17.24
CA LYS A 118 -5.14 14.27 -17.07
C LYS A 118 -4.66 15.15 -15.90
N GLY A 119 -3.78 16.11 -16.20
CA GLY A 119 -3.26 17.08 -15.22
C GLY A 119 -2.49 16.39 -14.09
N SER A 120 -2.95 16.57 -12.86
CA SER A 120 -2.33 15.99 -11.65
C SER A 120 -2.73 14.53 -11.37
N THR A 121 -3.46 13.85 -12.27
CA THR A 121 -3.94 12.46 -12.13
C THR A 121 -3.62 11.65 -13.38
N ILE A 122 -3.14 10.42 -13.21
CA ILE A 122 -2.76 9.49 -14.28
C ILE A 122 -3.19 8.06 -13.90
N THR A 123 -3.72 7.27 -14.84
CA THR A 123 -4.14 5.88 -14.62
C THR A 123 -3.41 4.92 -15.55
N TYR A 124 -3.00 3.79 -14.98
CA TYR A 124 -2.44 2.63 -15.65
C TYR A 124 -3.23 1.35 -15.36
N GLU A 125 -3.22 0.42 -16.33
CA GLU A 125 -3.69 -0.95 -16.22
C GLU A 125 -2.45 -1.85 -16.06
N PHE A 126 -2.61 -2.92 -15.30
CA PHE A 126 -1.57 -3.88 -14.95
C PHE A 126 -2.01 -5.29 -15.34
N THR A 127 -1.23 -5.96 -16.18
CA THR A 127 -1.43 -7.38 -16.56
C THR A 127 -0.57 -8.22 -15.62
N VAL A 128 -1.21 -8.89 -14.66
CA VAL A 128 -0.52 -9.57 -13.55
C VAL A 128 -0.60 -11.10 -13.71
N PRO A 129 0.49 -11.79 -14.11
CA PRO A 129 0.53 -13.25 -14.20
C PRO A 129 0.36 -13.90 -12.82
N THR A 130 -0.01 -15.19 -12.79
CA THR A 130 -0.29 -15.92 -11.54
C THR A 130 0.74 -17.00 -11.26
N LEU A 131 0.92 -17.30 -9.97
CA LEU A 131 1.71 -18.42 -9.45
C LEU A 131 0.91 -19.74 -9.42
N ASP A 132 -0.38 -19.70 -9.73
CA ASP A 132 -1.30 -20.85 -9.78
C ASP A 132 -1.45 -21.45 -11.19
N GLY A 133 -0.90 -20.79 -12.21
CA GLY A 133 -0.90 -21.24 -13.62
C GLY A 133 -2.11 -20.74 -14.43
N SER A 134 -2.92 -19.85 -13.88
CA SER A 134 -4.05 -19.20 -14.56
C SER A 134 -3.58 -18.04 -15.46
N PRO A 135 -4.36 -17.67 -16.52
CA PRO A 135 -4.11 -16.50 -17.36
C PRO A 135 -3.98 -15.20 -16.55
N SER A 136 -3.18 -14.26 -17.05
CA SER A 136 -2.86 -13.00 -16.36
C SER A 136 -4.07 -12.11 -16.08
N ALA A 137 -4.20 -11.67 -14.82
CA ALA A 137 -5.29 -10.85 -14.31
C ALA A 137 -5.07 -9.36 -14.61
N LYS A 138 -6.11 -8.67 -15.06
CA LYS A 138 -6.12 -7.20 -15.17
C LYS A 138 -6.47 -6.52 -13.84
N ARG A 139 -5.67 -5.51 -13.49
CA ARG A 139 -5.84 -4.57 -12.37
C ARG A 139 -5.71 -3.14 -12.91
N LYS A 140 -6.30 -2.14 -12.26
CA LYS A 140 -6.17 -0.71 -12.62
C LYS A 140 -5.66 0.12 -11.42
N VAL A 141 -4.74 1.03 -11.66
CA VAL A 141 -4.00 1.79 -10.63
C VAL A 141 -3.89 3.25 -11.05
N THR A 142 -4.47 4.16 -10.25
CA THR A 142 -4.47 5.61 -10.47
C THR A 142 -3.53 6.27 -9.48
N PHE A 143 -2.70 7.15 -10.01
CA PHE A 143 -1.69 7.93 -9.31
C PHE A 143 -2.09 9.41 -9.36
N VAL A 144 -1.89 10.13 -8.26
CA VAL A 144 -2.20 11.56 -8.09
C VAL A 144 -0.97 12.25 -7.51
N LYS A 145 -0.51 13.33 -8.13
CA LYS A 145 0.60 14.13 -7.62
C LYS A 145 0.08 15.11 -6.55
N GLU A 146 0.42 14.85 -5.27
CA GLU A 146 -0.16 15.57 -4.12
C GLU A 146 0.52 16.94 -3.85
N ASN A 147 1.74 17.14 -4.35
CA ASN A 147 2.50 18.39 -4.25
C ASN A 147 3.60 18.43 -5.33
N LYS A 148 4.62 17.58 -5.19
CA LYS A 148 5.78 17.46 -6.09
C LYS A 148 6.14 15.98 -6.37
N LYS A 149 5.30 15.04 -5.94
CA LYS A 149 5.53 13.58 -5.94
C LYS A 149 4.23 12.82 -6.28
N TRP A 150 4.31 11.89 -7.24
CA TRP A 150 3.23 10.99 -7.64
C TRP A 150 2.98 9.87 -6.62
N LYS A 151 1.76 9.79 -6.10
CA LYS A 151 1.32 8.84 -5.08
C LYS A 151 0.06 8.07 -5.51
N VAL A 152 -0.13 6.84 -5.03
CA VAL A 152 -1.30 6.00 -5.33
C VAL A 152 -2.54 6.53 -4.61
N ASN A 153 -3.65 6.66 -5.33
CA ASN A 153 -4.91 7.21 -4.82
C ASN A 153 -5.77 6.21 -4.01
N GLN A 154 -5.25 5.00 -3.77
CA GLN A 154 -5.95 3.90 -3.12
C GLN A 154 -4.95 2.97 -2.43
N PHE A 155 -5.18 2.62 -1.15
CA PHE A 155 -4.25 1.83 -0.34
C PHE A 155 -4.10 0.38 -0.83
N ASP A 156 -5.23 -0.27 -1.14
CA ASP A 156 -5.30 -1.67 -1.61
C ASP A 156 -5.23 -1.81 -3.14
N ALA A 157 -4.74 -0.76 -3.84
CA ALA A 157 -4.66 -0.73 -5.31
C ALA A 157 -3.81 -1.86 -5.90
N VAL A 158 -2.81 -2.32 -5.13
CA VAL A 158 -1.79 -3.29 -5.54
C VAL A 158 -1.45 -4.20 -4.37
N ILE A 159 -1.67 -5.50 -4.58
CA ILE A 159 -1.53 -6.56 -3.57
C ILE A 159 -1.27 -7.94 -4.15
N GLY A 1 8.33 16.42 -30.15
CA GLY A 1 7.76 16.68 -28.81
C GLY A 1 8.60 17.67 -28.02
N LYS A 2 8.00 18.36 -27.05
CA LYS A 2 8.65 19.42 -26.24
C LYS A 2 9.69 18.88 -25.23
N ASN A 3 9.51 17.64 -24.76
CA ASN A 3 10.32 16.91 -23.77
C ASN A 3 10.13 17.44 -22.33
N THR A 4 9.99 16.52 -21.36
CA THR A 4 9.78 16.76 -19.92
C THR A 4 9.94 15.46 -19.13
N SER A 5 9.92 15.56 -17.81
CA SER A 5 10.13 14.46 -16.85
C SER A 5 9.25 14.55 -15.58
N GLY A 6 8.31 15.51 -15.54
CA GLY A 6 7.41 15.75 -14.40
C GLY A 6 6.17 14.86 -14.36
N ASP A 7 5.90 14.10 -15.42
CA ASP A 7 4.77 13.18 -15.56
C ASP A 7 5.17 11.70 -15.35
N LEU A 8 4.18 10.87 -15.05
CA LEU A 8 4.35 9.47 -14.64
C LEU A 8 4.45 8.55 -15.88
N SER A 9 5.43 7.65 -15.88
CA SER A 9 5.74 6.70 -16.97
C SER A 9 5.39 5.23 -16.64
N GLN A 10 5.50 4.32 -17.61
CA GLN A 10 5.29 2.87 -17.39
C GLN A 10 6.24 2.31 -16.32
N LYS A 11 7.51 2.71 -16.35
CA LYS A 11 8.51 2.31 -15.35
C LYS A 11 8.15 2.80 -13.95
N GLN A 12 7.90 4.10 -13.84
CA GLN A 12 7.47 4.72 -12.59
C GLN A 12 6.23 4.04 -12.02
N ALA A 13 5.15 3.87 -12.81
CA ALA A 13 3.92 3.21 -12.36
C ALA A 13 4.19 1.79 -11.86
N LEU A 14 4.92 0.98 -12.63
CA LEU A 14 5.32 -0.38 -12.28
C LEU A 14 6.05 -0.42 -10.93
N GLN A 15 7.02 0.47 -10.70
CA GLN A 15 7.78 0.47 -9.46
C GLN A 15 6.97 0.98 -8.28
N LEU A 16 6.18 2.05 -8.50
CA LEU A 16 5.21 2.57 -7.53
C LEU A 16 4.24 1.46 -7.08
N ALA A 17 3.79 0.61 -8.01
CA ALA A 17 2.89 -0.50 -7.75
C ALA A 17 3.54 -1.57 -6.86
N LEU A 18 4.77 -2.00 -7.19
CA LEU A 18 5.53 -2.97 -6.38
C LEU A 18 5.84 -2.44 -4.97
N SER A 19 6.21 -1.16 -4.87
CA SER A 19 6.44 -0.52 -3.57
C SER A 19 5.15 -0.38 -2.75
N ALA A 20 4.00 -0.13 -3.40
CA ALA A 20 2.70 -0.15 -2.74
C ALA A 20 2.30 -1.56 -2.27
N ARG A 21 2.64 -2.61 -3.03
CA ARG A 21 2.51 -4.01 -2.59
C ARG A 21 3.29 -4.22 -1.28
N GLU A 22 4.55 -3.78 -1.28
CA GLU A 22 5.47 -3.92 -0.16
C GLU A 22 4.99 -3.16 1.08
N HIS A 23 4.63 -1.88 0.95
CA HIS A 23 4.19 -1.05 2.07
C HIS A 23 2.85 -1.53 2.67
N PHE A 24 1.89 -1.98 1.84
CA PHE A 24 0.62 -2.53 2.30
C PHE A 24 0.81 -3.82 3.10
N TRP A 25 1.51 -4.81 2.54
CA TRP A 25 1.73 -6.09 3.20
C TRP A 25 2.59 -5.98 4.46
N ASN A 26 3.58 -5.09 4.50
CA ASN A 26 4.35 -4.79 5.72
C ASN A 26 3.47 -4.15 6.82
N THR A 27 2.55 -3.26 6.44
CA THR A 27 1.61 -2.64 7.40
C THR A 27 0.61 -3.66 7.95
N MET A 28 0.07 -4.55 7.10
CA MET A 28 -0.75 -5.70 7.53
C MET A 28 0.02 -6.69 8.42
N SER A 29 1.34 -6.75 8.27
CA SER A 29 2.26 -7.56 9.09
C SER A 29 2.64 -6.89 10.43
N GLY A 30 2.15 -5.67 10.71
CA GLY A 30 2.27 -4.97 11.99
C GLY A 30 3.57 -4.17 12.19
N HIS A 31 4.44 -4.13 11.17
CA HIS A 31 5.80 -3.59 11.25
C HIS A 31 6.42 -3.30 9.88
N ASN A 32 7.14 -2.18 9.76
CA ASN A 32 7.93 -1.79 8.60
C ASN A 32 9.39 -2.33 8.69
N PRO A 33 9.77 -3.38 7.92
CA PRO A 33 11.10 -3.99 7.95
C PRO A 33 12.23 -3.05 7.50
N LYS A 34 11.90 -1.86 6.98
CA LYS A 34 12.86 -0.77 6.76
C LYS A 34 13.52 -0.30 8.06
N VAL A 35 12.87 -0.54 9.21
CA VAL A 35 13.36 -0.33 10.57
C VAL A 35 13.78 -1.67 11.17
N LYS A 36 14.95 -1.69 11.80
CA LYS A 36 15.49 -2.83 12.52
C LYS A 36 15.37 -2.62 14.04
N LYS A 37 14.85 -3.64 14.74
CA LYS A 37 14.76 -3.70 16.21
C LYS A 37 13.77 -2.67 16.83
N ALA A 38 12.64 -2.41 16.15
CA ALA A 38 11.51 -1.66 16.69
C ALA A 38 10.95 -2.35 17.95
N VAL A 39 10.36 -1.58 18.86
CA VAL A 39 9.73 -2.10 20.09
C VAL A 39 8.33 -2.59 19.74
N CYS A 40 8.11 -3.90 19.83
CA CYS A 40 6.87 -4.58 19.46
C CYS A 40 6.17 -5.16 20.71
N PRO A 41 4.99 -4.63 21.11
CA PRO A 41 4.24 -5.14 22.27
C PRO A 41 3.81 -6.59 22.06
N SER A 42 3.95 -7.42 23.10
CA SER A 42 3.60 -8.85 23.08
C SER A 42 2.14 -9.15 23.44
N GLY A 43 1.36 -8.11 23.78
CA GLY A 43 -0.06 -8.19 24.15
C GLY A 43 -1.01 -8.10 22.95
N THR A 44 -2.25 -8.53 23.17
CA THR A 44 -3.39 -8.47 22.23
C THR A 44 -4.68 -8.17 22.98
N PHE A 45 -5.74 -7.82 22.24
CA PHE A 45 -7.08 -7.55 22.80
C PHE A 45 -8.19 -7.96 21.83
N GLU A 46 -9.46 -7.80 22.23
CA GLU A 46 -10.64 -8.17 21.46
C GLU A 46 -11.56 -6.96 21.25
N TYR A 47 -11.98 -6.75 20.00
CA TYR A 47 -12.80 -5.62 19.53
C TYR A 47 -13.54 -5.99 18.24
N GLN A 48 -14.83 -5.65 18.12
CA GLN A 48 -15.68 -5.98 16.97
C GLN A 48 -15.72 -7.50 16.65
N ASN A 49 -15.54 -8.34 17.68
CA ASN A 49 -15.46 -9.82 17.60
C ASN A 49 -14.19 -10.35 16.90
N LEU A 50 -13.15 -9.51 16.73
CA LEU A 50 -11.84 -9.85 16.18
C LEU A 50 -10.76 -9.73 17.26
N GLN A 51 -9.65 -10.45 17.11
CA GLN A 51 -8.46 -10.25 17.91
C GLN A 51 -7.58 -9.19 17.23
N TYR A 52 -7.14 -8.18 17.98
CA TYR A 52 -6.27 -7.10 17.53
C TYR A 52 -4.84 -7.22 18.08
N VAL A 53 -3.86 -6.82 17.26
CA VAL A 53 -2.43 -6.78 17.62
C VAL A 53 -1.93 -5.34 17.53
N TYR A 54 -1.09 -4.95 18.50
CA TYR A 54 -0.44 -3.64 18.50
C TYR A 54 0.72 -3.55 17.48
N MET A 55 0.88 -2.38 16.87
CA MET A 55 1.96 -2.11 15.92
C MET A 55 3.30 -1.89 16.64
N CYS A 56 4.43 -2.16 15.98
CA CYS A 56 5.75 -1.84 16.53
C CYS A 56 6.01 -0.31 16.51
N SER A 57 6.98 0.14 17.30
CA SER A 57 7.21 1.56 17.65
C SER A 57 7.30 2.57 16.49
N ASP A 58 7.78 2.22 15.30
CA ASP A 58 7.84 3.16 14.16
C ASP A 58 6.51 3.29 13.39
N LEU A 59 5.51 2.48 13.76
CA LEU A 59 4.10 2.58 13.36
C LEU A 59 3.19 2.70 14.61
N GLY A 60 3.76 3.08 15.76
CA GLY A 60 3.13 3.01 17.09
C GLY A 60 1.90 3.87 17.34
N THR A 61 1.67 4.92 16.53
CA THR A 61 0.47 5.76 16.53
C THR A 61 0.03 6.05 15.10
N LYS A 62 -1.18 6.58 14.93
CA LYS A 62 -1.73 6.92 13.60
C LYS A 62 -0.74 7.76 12.78
N ALA A 63 -0.17 8.83 13.37
CA ALA A 63 0.81 9.70 12.71
C ALA A 63 2.02 8.90 12.21
N LYS A 64 2.69 8.12 13.07
CA LYS A 64 3.83 7.28 12.70
C LYS A 64 3.53 6.31 11.54
N ALA A 65 2.34 5.70 11.52
CA ALA A 65 1.93 4.80 10.44
C ALA A 65 1.56 5.53 9.15
N VAL A 66 0.88 6.67 9.23
CA VAL A 66 0.63 7.56 8.09
C VAL A 66 1.96 8.00 7.48
N ASN A 67 2.94 8.39 8.32
CA ASN A 67 4.28 8.84 7.90
C ASN A 67 5.04 7.79 7.05
N TYR A 68 4.91 6.50 7.38
CA TYR A 68 5.49 5.40 6.58
C TYR A 68 4.82 5.23 5.20
N LEU A 69 3.50 5.48 5.12
CA LEU A 69 2.69 5.29 3.91
C LEU A 69 2.65 6.51 2.98
N THR A 70 2.79 7.72 3.54
CA THR A 70 2.78 9.04 2.87
C THR A 70 3.62 9.09 1.59
N PRO A 71 4.86 8.57 1.54
CA PRO A 71 5.68 8.51 0.33
C PRO A 71 5.06 7.76 -0.85
N ILE A 72 4.14 6.83 -0.60
CA ILE A 72 3.54 5.95 -1.60
C ILE A 72 2.06 6.26 -1.85
N PHE A 73 1.32 6.65 -0.82
CA PHE A 73 -0.14 6.81 -0.83
C PHE A 73 -0.53 8.24 -0.43
N THR A 74 -1.58 8.78 -1.05
CA THR A 74 -2.13 10.09 -0.68
C THR A 74 -2.69 10.03 0.73
N LYS A 75 -2.73 11.16 1.43
CA LYS A 75 -3.29 11.23 2.80
C LYS A 75 -4.68 10.58 2.87
N THR A 76 -5.55 10.91 1.91
CA THR A 76 -6.91 10.35 1.78
C THR A 76 -6.90 8.84 1.54
N ALA A 77 -6.02 8.32 0.67
CA ALA A 77 -5.91 6.88 0.43
C ALA A 77 -5.53 6.11 1.71
N ILE A 78 -4.70 6.72 2.56
CA ILE A 78 -4.28 6.14 3.84
C ILE A 78 -5.47 6.13 4.81
N GLU A 79 -6.16 7.26 4.97
CA GLU A 79 -7.35 7.32 5.84
C GLU A 79 -8.45 6.32 5.40
N LYS A 80 -8.67 6.21 4.09
CA LYS A 80 -9.66 5.28 3.52
C LYS A 80 -9.31 3.81 3.82
N GLY A 81 -8.04 3.40 3.65
CA GLY A 81 -7.61 2.03 3.95
C GLY A 81 -7.57 1.77 5.47
N PHE A 82 -7.25 2.76 6.30
CA PHE A 82 -7.34 2.62 7.74
C PHE A 82 -8.79 2.36 8.19
N LYS A 83 -9.77 3.06 7.62
CA LYS A 83 -11.19 2.78 7.86
C LYS A 83 -11.64 1.40 7.30
N ASP A 84 -11.23 1.06 6.07
CA ASP A 84 -11.67 -0.17 5.37
C ASP A 84 -11.14 -1.47 6.01
N TYR A 85 -9.97 -1.42 6.65
CA TYR A 85 -9.34 -2.55 7.35
C TYR A 85 -9.43 -2.43 8.88
N HIS A 86 -10.19 -1.46 9.38
CA HIS A 86 -10.59 -1.29 10.79
C HIS A 86 -9.43 -0.92 11.74
N PHE A 87 -8.37 -0.31 11.21
CA PHE A 87 -7.22 0.19 11.95
C PHE A 87 -7.67 1.11 13.10
N THR A 88 -7.18 0.86 14.32
CA THR A 88 -7.67 1.47 15.56
C THR A 88 -6.54 1.92 16.48
N VAL A 89 -6.88 2.43 17.65
CA VAL A 89 -5.98 2.83 18.73
C VAL A 89 -6.56 2.34 20.06
N SER A 90 -5.70 1.78 20.91
CA SER A 90 -6.06 1.34 22.27
C SER A 90 -4.89 1.63 23.23
N LYS A 91 -5.16 2.32 24.35
CA LYS A 91 -4.16 2.80 25.32
C LYS A 91 -3.09 3.73 24.68
N GLY A 92 -3.44 4.38 23.56
CA GLY A 92 -2.57 5.27 22.77
C GLY A 92 -1.72 4.56 21.71
N LYS A 93 -1.76 3.22 21.65
CA LYS A 93 -1.03 2.39 20.69
C LYS A 93 -1.92 2.02 19.50
N LEU A 94 -1.41 2.14 18.26
CA LEU A 94 -2.09 1.69 17.04
C LEU A 94 -2.26 0.17 17.09
N ALA A 95 -3.39 -0.34 16.63
CA ALA A 95 -3.62 -1.78 16.48
C ALA A 95 -4.39 -2.14 15.20
N VAL A 96 -4.17 -3.37 14.74
CA VAL A 96 -4.75 -3.96 13.50
C VAL A 96 -5.29 -5.36 13.79
N PRO A 97 -6.36 -5.82 13.12
CA PRO A 97 -6.96 -7.13 13.37
C PRO A 97 -6.06 -8.25 12.82
N ILE A 98 -6.04 -9.40 13.52
CA ILE A 98 -5.34 -10.61 13.08
C ILE A 98 -6.03 -11.20 11.84
N GLY A 99 -5.20 -11.55 10.84
CA GLY A 99 -5.60 -12.20 9.58
C GLY A 99 -4.41 -12.75 8.81
N ASP A 100 -4.65 -13.09 7.55
CA ASP A 100 -3.65 -13.64 6.60
C ASP A 100 -4.08 -13.36 5.16
N GLY A 101 -3.12 -13.01 4.29
CA GLY A 101 -3.34 -12.66 2.89
C GLY A 101 -2.12 -12.95 2.00
N ASP A 102 -2.40 -13.35 0.76
CA ASP A 102 -1.46 -13.75 -0.28
C ASP A 102 -2.20 -13.88 -1.63
N ASN A 103 -1.49 -13.64 -2.74
CA ASN A 103 -2.03 -13.74 -4.10
C ASN A 103 -1.06 -14.47 -5.05
N LEU A 104 -1.61 -15.31 -5.93
CA LEU A 104 -0.89 -15.94 -7.04
C LEU A 104 -0.43 -14.97 -8.15
N LEU A 105 -0.79 -13.68 -8.03
CA LEU A 105 -0.40 -12.60 -8.94
C LEU A 105 1.09 -12.30 -8.81
N ASN A 106 1.83 -12.43 -9.91
CA ASN A 106 3.26 -12.15 -10.00
C ASN A 106 3.51 -10.76 -10.59
N TRP A 107 3.43 -9.73 -9.75
CA TRP A 107 3.55 -8.33 -10.15
C TRP A 107 4.97 -7.98 -10.60
N LYS A 108 5.98 -8.70 -10.09
CA LYS A 108 7.38 -8.59 -10.52
C LYS A 108 7.62 -8.98 -12.00
N LYS A 109 6.66 -9.68 -12.62
CA LYS A 109 6.66 -10.06 -14.05
C LYS A 109 5.54 -9.36 -14.85
N SER A 110 4.73 -8.52 -14.20
CA SER A 110 3.68 -7.72 -14.84
C SER A 110 4.22 -6.58 -15.71
N THR A 111 3.34 -6.00 -16.53
CA THR A 111 3.62 -4.84 -17.40
C THR A 111 2.52 -3.79 -17.28
N ALA A 112 2.92 -2.52 -17.31
CA ALA A 112 2.03 -1.36 -17.22
C ALA A 112 1.66 -0.80 -18.62
N LYS A 113 0.42 -0.33 -18.75
CA LYS A 113 -0.22 0.23 -19.95
C LYS A 113 -0.97 1.52 -19.58
N LEU A 114 -0.67 2.65 -20.22
CA LEU A 114 -1.33 3.93 -19.94
C LEU A 114 -2.82 3.90 -20.34
N ILE A 115 -3.70 4.38 -19.45
CA ILE A 115 -5.16 4.46 -19.65
C ILE A 115 -5.66 5.90 -19.71
N SER A 116 -5.11 6.79 -18.89
CA SER A 116 -5.55 8.19 -18.79
C SER A 116 -4.44 9.07 -18.21
N LYS A 117 -4.29 10.29 -18.74
CA LYS A 117 -3.27 11.26 -18.31
C LYS A 117 -3.88 12.67 -18.31
N LYS A 118 -4.31 13.11 -17.12
CA LYS A 118 -5.14 14.32 -16.93
C LYS A 118 -4.63 15.18 -15.76
N GLY A 119 -3.74 16.13 -16.07
CA GLY A 119 -3.21 17.10 -15.09
C GLY A 119 -2.45 16.39 -13.97
N SER A 120 -2.92 16.56 -12.74
CA SER A 120 -2.32 15.97 -11.53
C SER A 120 -2.74 14.51 -11.25
N THR A 121 -3.49 13.84 -12.15
CA THR A 121 -3.97 12.45 -12.01
C THR A 121 -3.64 11.65 -13.27
N ILE A 122 -3.16 10.41 -13.10
CA ILE A 122 -2.78 9.49 -14.20
C ILE A 122 -3.22 8.06 -13.83
N THR A 123 -3.71 7.29 -14.80
CA THR A 123 -4.13 5.88 -14.63
C THR A 123 -3.38 4.96 -15.57
N TYR A 124 -2.96 3.82 -15.02
CA TYR A 124 -2.38 2.69 -15.72
C TYR A 124 -3.16 1.37 -15.46
N GLU A 125 -3.17 0.50 -16.47
CA GLU A 125 -3.63 -0.89 -16.40
C GLU A 125 -2.39 -1.77 -16.24
N PHE A 126 -2.54 -2.85 -15.49
CA PHE A 126 -1.50 -3.81 -15.14
C PHE A 126 -1.91 -5.20 -15.62
N THR A 127 -1.10 -5.80 -16.49
CA THR A 127 -1.28 -7.18 -16.96
C THR A 127 -0.41 -8.07 -16.08
N VAL A 128 -1.02 -8.79 -15.15
CA VAL A 128 -0.32 -9.52 -14.09
C VAL A 128 -0.37 -11.04 -14.34
N PRO A 129 0.73 -11.68 -14.78
CA PRO A 129 0.81 -13.13 -14.93
C PRO A 129 0.70 -13.84 -13.58
N THR A 130 0.34 -15.13 -13.60
CA THR A 130 0.12 -15.92 -12.37
C THR A 130 1.21 -16.96 -12.13
N LEU A 131 1.40 -17.30 -10.86
CA LEU A 131 2.27 -18.40 -10.39
C LEU A 131 1.59 -19.78 -10.50
N ASP A 132 0.33 -19.84 -10.89
CA ASP A 132 -0.47 -21.08 -11.02
C ASP A 132 -0.63 -21.55 -12.48
N GLY A 133 -0.17 -20.75 -13.46
CA GLY A 133 -0.22 -21.06 -14.90
C GLY A 133 -1.48 -20.58 -15.62
N SER A 134 -2.35 -19.85 -14.93
CA SER A 134 -3.50 -19.15 -15.51
C SER A 134 -3.07 -17.90 -16.32
N PRO A 135 -3.86 -17.49 -17.34
CA PRO A 135 -3.55 -16.32 -18.17
C PRO A 135 -3.60 -15.02 -17.36
N SER A 136 -2.81 -14.03 -17.79
CA SER A 136 -2.55 -12.80 -17.05
C SER A 136 -3.80 -11.95 -16.76
N ALA A 137 -3.96 -11.56 -15.49
CA ALA A 137 -5.08 -10.78 -14.98
C ALA A 137 -4.90 -9.27 -15.23
N LYS A 138 -5.95 -8.59 -15.67
CA LYS A 138 -6.01 -7.12 -15.75
C LYS A 138 -6.44 -6.48 -14.43
N ARG A 139 -5.59 -5.60 -13.89
CA ARG A 139 -5.84 -4.69 -12.76
C ARG A 139 -5.72 -3.24 -13.25
N LYS A 140 -6.29 -2.26 -12.55
CA LYS A 140 -6.15 -0.82 -12.86
C LYS A 140 -5.71 -0.02 -11.63
N VAL A 141 -4.79 0.92 -11.81
CA VAL A 141 -4.11 1.68 -10.73
C VAL A 141 -4.01 3.15 -11.12
N THR A 142 -4.57 4.04 -10.28
CA THR A 142 -4.55 5.50 -10.46
C THR A 142 -3.64 6.15 -9.44
N PHE A 143 -2.86 7.11 -9.92
CA PHE A 143 -1.85 7.86 -9.19
C PHE A 143 -2.18 9.35 -9.25
N VAL A 144 -1.89 10.07 -8.18
CA VAL A 144 -2.16 11.51 -8.01
C VAL A 144 -0.91 12.18 -7.47
N LYS A 145 -0.45 13.26 -8.11
CA LYS A 145 0.66 14.07 -7.61
C LYS A 145 0.17 15.03 -6.51
N GLU A 146 0.52 14.75 -5.26
CA GLU A 146 -0.03 15.44 -4.08
C GLU A 146 0.88 16.60 -3.62
N ASN A 147 2.19 16.35 -3.52
CA ASN A 147 3.18 17.24 -2.91
C ASN A 147 4.55 17.04 -3.59
N LYS A 148 4.66 17.50 -4.86
CA LYS A 148 5.84 17.37 -5.73
C LYS A 148 6.26 15.91 -6.02
N LYS A 149 5.34 14.96 -5.80
CA LYS A 149 5.55 13.51 -5.90
C LYS A 149 4.23 12.78 -6.20
N TRP A 150 4.29 11.85 -7.16
CA TRP A 150 3.21 10.93 -7.54
C TRP A 150 3.00 9.81 -6.50
N LYS A 151 1.76 9.65 -6.04
CA LYS A 151 1.33 8.68 -5.03
C LYS A 151 0.07 7.92 -5.48
N VAL A 152 -0.14 6.69 -5.02
CA VAL A 152 -1.32 5.86 -5.32
C VAL A 152 -2.54 6.40 -4.58
N ASN A 153 -3.68 6.52 -5.29
CA ASN A 153 -4.93 7.06 -4.75
C ASN A 153 -5.78 6.04 -3.95
N GLN A 154 -5.24 4.84 -3.70
CA GLN A 154 -5.94 3.73 -3.04
C GLN A 154 -4.91 2.81 -2.35
N PHE A 155 -5.17 2.44 -1.09
CA PHE A 155 -4.23 1.67 -0.25
C PHE A 155 -4.04 0.21 -0.73
N ASP A 156 -5.13 -0.46 -1.11
CA ASP A 156 -5.16 -1.85 -1.56
C ASP A 156 -5.14 -1.98 -3.10
N ALA A 157 -4.68 -0.95 -3.82
CA ALA A 157 -4.66 -0.90 -5.28
C ALA A 157 -3.82 -2.03 -5.92
N VAL A 158 -2.84 -2.53 -5.19
CA VAL A 158 -1.82 -3.49 -5.64
C VAL A 158 -1.46 -4.40 -4.47
N ILE A 159 -1.70 -5.69 -4.69
CA ILE A 159 -1.52 -6.78 -3.72
C ILE A 159 -1.36 -8.15 -4.37
N GLY A 1 20.12 15.70 -27.94
CA GLY A 1 20.21 16.30 -26.59
C GLY A 1 18.93 17.01 -26.18
N LYS A 2 18.82 17.35 -24.89
CA LYS A 2 17.69 18.04 -24.23
C LYS A 2 16.46 17.11 -24.03
N ASN A 3 16.03 16.93 -22.78
CA ASN A 3 14.88 16.10 -22.40
C ASN A 3 14.24 16.62 -21.09
N THR A 4 12.90 16.61 -21.02
CA THR A 4 12.08 17.18 -19.95
C THR A 4 10.78 16.40 -19.84
N SER A 5 10.41 15.99 -18.63
CA SER A 5 9.18 15.23 -18.33
C SER A 5 8.83 15.33 -16.82
N GLY A 6 7.67 15.91 -16.50
CA GLY A 6 7.10 15.98 -15.14
C GLY A 6 5.98 14.97 -14.89
N ASP A 7 5.65 14.16 -15.89
CA ASP A 7 4.54 13.20 -15.93
C ASP A 7 4.99 11.74 -15.71
N LEU A 8 4.01 10.86 -15.52
CA LEU A 8 4.18 9.48 -15.07
C LEU A 8 4.22 8.52 -16.28
N SER A 9 5.23 7.65 -16.30
CA SER A 9 5.54 6.67 -17.36
C SER A 9 5.23 5.21 -16.95
N GLN A 10 5.27 4.26 -17.90
CA GLN A 10 5.07 2.82 -17.61
C GLN A 10 6.07 2.30 -16.57
N LYS A 11 7.34 2.71 -16.66
CA LYS A 11 8.38 2.34 -15.69
C LYS A 11 8.07 2.88 -14.28
N GLN A 12 7.74 4.16 -14.19
CA GLN A 12 7.32 4.81 -12.94
C GLN A 12 6.13 4.09 -12.32
N ALA A 13 5.03 3.92 -13.07
CA ALA A 13 3.81 3.29 -12.57
C ALA A 13 4.07 1.87 -12.04
N LEU A 14 4.81 1.05 -12.81
CA LEU A 14 5.20 -0.31 -12.42
C LEU A 14 5.98 -0.31 -11.10
N GLN A 15 6.94 0.60 -10.92
CA GLN A 15 7.75 0.64 -9.70
C GLN A 15 6.95 1.18 -8.51
N LEU A 16 6.15 2.22 -8.73
CA LEU A 16 5.20 2.76 -7.74
C LEU A 16 4.24 1.67 -7.26
N ALA A 17 3.78 0.80 -8.17
CA ALA A 17 2.91 -0.33 -7.87
C ALA A 17 3.60 -1.36 -6.97
N LEU A 18 4.82 -1.78 -7.34
CA LEU A 18 5.63 -2.69 -6.51
C LEU A 18 5.92 -2.11 -5.12
N SER A 19 6.26 -0.83 -5.05
CA SER A 19 6.49 -0.14 -3.77
C SER A 19 5.21 -0.02 -2.95
N ALA A 20 4.03 0.18 -3.56
CA ALA A 20 2.76 0.21 -2.87
C ALA A 20 2.34 -1.15 -2.31
N ARG A 21 2.59 -2.25 -3.04
CA ARG A 21 2.45 -3.62 -2.50
C ARG A 21 3.40 -3.83 -1.31
N GLU A 22 4.65 -3.41 -1.43
CA GLU A 22 5.64 -3.51 -0.35
C GLU A 22 5.20 -2.73 0.91
N HIS A 23 4.79 -1.47 0.76
CA HIS A 23 4.37 -0.62 1.89
C HIS A 23 3.04 -1.08 2.54
N PHE A 24 2.10 -1.60 1.75
CA PHE A 24 0.86 -2.19 2.24
C PHE A 24 1.14 -3.41 3.12
N TRP A 25 1.86 -4.42 2.61
CA TRP A 25 2.15 -5.64 3.35
C TRP A 25 3.08 -5.40 4.56
N ASN A 26 4.01 -4.45 4.47
CA ASN A 26 4.82 -4.00 5.61
C ASN A 26 4.01 -3.26 6.69
N THR A 27 2.77 -2.86 6.42
CA THR A 27 1.81 -2.36 7.41
C THR A 27 0.93 -3.49 7.93
N MET A 28 0.27 -4.24 7.05
CA MET A 28 -0.66 -5.32 7.39
C MET A 28 -0.04 -6.49 8.18
N SER A 29 1.28 -6.66 8.13
CA SER A 29 2.02 -7.68 8.91
C SER A 29 2.11 -7.35 10.41
N GLY A 30 1.77 -6.12 10.83
CA GLY A 30 1.87 -5.63 12.21
C GLY A 30 3.23 -4.99 12.54
N HIS A 31 4.18 -5.07 11.61
CA HIS A 31 5.56 -4.59 11.74
C HIS A 31 6.18 -4.32 10.36
N ASN A 32 6.96 -3.23 10.25
CA ASN A 32 7.69 -2.85 9.05
C ASN A 32 9.12 -3.42 9.05
N PRO A 33 9.43 -4.47 8.25
CA PRO A 33 10.74 -5.13 8.21
C PRO A 33 11.90 -4.23 7.75
N LYS A 34 11.62 -3.02 7.22
CA LYS A 34 12.66 -2.01 6.97
C LYS A 34 13.33 -1.52 8.28
N VAL A 35 12.67 -1.75 9.42
CA VAL A 35 13.20 -1.56 10.78
C VAL A 35 13.41 -2.92 11.44
N LYS A 36 14.59 -3.07 12.06
CA LYS A 36 15.10 -4.35 12.59
C LYS A 36 15.24 -4.36 14.13
N LYS A 37 14.90 -3.24 14.78
CA LYS A 37 15.06 -2.99 16.23
C LYS A 37 13.83 -2.30 16.87
N ALA A 38 12.66 -2.42 16.25
CA ALA A 38 11.40 -1.87 16.77
C ALA A 38 11.01 -2.57 18.10
N VAL A 39 10.38 -1.83 19.00
CA VAL A 39 9.76 -2.36 20.22
C VAL A 39 8.43 -2.98 19.80
N CYS A 40 8.31 -4.31 19.94
CA CYS A 40 7.15 -5.08 19.51
C CYS A 40 6.37 -5.65 20.71
N PRO A 41 5.11 -5.22 20.95
CA PRO A 41 4.26 -5.79 22.00
C PRO A 41 3.76 -7.18 21.60
N SER A 42 3.74 -8.11 22.56
CA SER A 42 3.36 -9.52 22.36
C SER A 42 1.87 -9.81 22.65
N GLY A 43 1.11 -8.80 23.09
CA GLY A 43 -0.31 -8.90 23.46
C GLY A 43 -1.26 -8.79 22.27
N THR A 44 -2.47 -9.36 22.44
CA THR A 44 -3.61 -9.30 21.51
C THR A 44 -4.91 -9.10 22.28
N PHE A 45 -5.97 -8.73 21.55
CA PHE A 45 -7.32 -8.53 22.11
C PHE A 45 -8.41 -8.85 21.07
N GLU A 46 -9.68 -8.69 21.44
CA GLU A 46 -10.85 -8.99 20.59
C GLU A 46 -11.76 -7.75 20.47
N TYR A 47 -12.11 -7.41 19.23
CA TYR A 47 -12.88 -6.21 18.86
C TYR A 47 -13.56 -6.39 17.49
N GLN A 48 -14.81 -5.95 17.34
CA GLN A 48 -15.61 -6.08 16.10
C GLN A 48 -15.67 -7.54 15.57
N ASN A 49 -15.62 -8.53 16.49
CA ASN A 49 -15.60 -9.98 16.22
C ASN A 49 -14.33 -10.48 15.49
N LEU A 50 -13.21 -9.76 15.63
CA LEU A 50 -11.88 -10.10 15.09
C LEU A 50 -10.83 -10.10 16.22
N GLN A 51 -9.73 -10.83 16.04
CA GLN A 51 -8.57 -10.73 16.93
C GLN A 51 -7.65 -9.62 16.40
N TYR A 52 -7.30 -8.67 17.27
CA TYR A 52 -6.43 -7.54 16.98
C TYR A 52 -5.01 -7.71 17.54
N VAL A 53 -4.02 -7.25 16.78
CA VAL A 53 -2.60 -7.17 17.17
C VAL A 53 -2.18 -5.71 17.27
N TYR A 54 -1.47 -5.36 18.34
CA TYR A 54 -0.82 -4.06 18.49
C TYR A 54 0.42 -3.93 17.60
N MET A 55 0.64 -2.74 17.01
CA MET A 55 1.77 -2.48 16.10
C MET A 55 3.09 -2.30 16.85
N CYS A 56 4.22 -2.61 16.21
CA CYS A 56 5.55 -2.27 16.73
C CYS A 56 5.85 -0.76 16.59
N SER A 57 6.88 -0.27 17.28
CA SER A 57 7.17 1.16 17.47
C SER A 57 7.37 2.02 16.20
N ASP A 58 7.70 1.45 15.03
CA ASP A 58 7.75 2.21 13.76
C ASP A 58 6.35 2.59 13.21
N LEU A 59 5.30 1.92 13.71
CA LEU A 59 3.89 2.10 13.34
C LEU A 59 3.00 2.22 14.60
N GLY A 60 3.59 2.59 15.75
CA GLY A 60 2.98 2.51 17.08
C GLY A 60 1.75 3.40 17.33
N THR A 61 1.54 4.45 16.53
CA THR A 61 0.35 5.32 16.57
C THR A 61 -0.10 5.62 15.14
N LYS A 62 -1.32 6.14 14.99
CA LYS A 62 -1.88 6.54 13.69
C LYS A 62 -0.88 7.41 12.89
N ALA A 63 -0.29 8.42 13.53
CA ALA A 63 0.70 9.30 12.90
C ALA A 63 1.90 8.51 12.37
N LYS A 64 2.56 7.67 13.19
CA LYS A 64 3.69 6.85 12.76
C LYS A 64 3.37 5.96 11.54
N ALA A 65 2.17 5.38 11.48
CA ALA A 65 1.74 4.55 10.36
C ALA A 65 1.39 5.37 9.09
N VAL A 66 0.71 6.51 9.25
CA VAL A 66 0.45 7.45 8.14
C VAL A 66 1.77 7.99 7.56
N ASN A 67 2.72 8.31 8.42
CA ASN A 67 4.05 8.84 8.05
C ASN A 67 4.84 7.86 7.15
N TYR A 68 4.75 6.55 7.41
CA TYR A 68 5.38 5.51 6.57
C TYR A 68 4.71 5.39 5.19
N LEU A 69 3.40 5.60 5.10
CA LEU A 69 2.60 5.44 3.88
C LEU A 69 2.54 6.70 3.01
N THR A 70 2.68 7.89 3.63
CA THR A 70 2.64 9.23 3.01
C THR A 70 3.48 9.37 1.74
N PRO A 71 4.73 8.87 1.66
CA PRO A 71 5.55 8.89 0.44
C PRO A 71 4.95 8.20 -0.78
N ILE A 72 4.06 7.23 -0.57
CA ILE A 72 3.50 6.36 -1.63
C ILE A 72 2.02 6.63 -1.91
N PHE A 73 1.24 6.93 -0.86
CA PHE A 73 -0.21 7.05 -0.90
C PHE A 73 -0.63 8.49 -0.55
N THR A 74 -1.69 8.99 -1.20
CA THR A 74 -2.28 10.30 -0.86
C THR A 74 -2.85 10.24 0.55
N LYS A 75 -2.92 11.38 1.23
CA LYS A 75 -3.34 11.43 2.63
C LYS A 75 -4.70 10.75 2.86
N THR A 76 -5.66 11.09 2.00
CA THR A 76 -7.02 10.51 1.95
C THR A 76 -7.04 9.02 1.62
N ALA A 77 -6.16 8.52 0.73
CA ALA A 77 -6.06 7.08 0.44
C ALA A 77 -5.66 6.25 1.67
N ILE A 78 -4.77 6.80 2.51
CA ILE A 78 -4.34 6.16 3.77
C ILE A 78 -5.49 6.10 4.76
N GLU A 79 -6.21 7.21 4.96
CA GLU A 79 -7.39 7.23 5.84
C GLU A 79 -8.48 6.26 5.36
N LYS A 80 -8.71 6.20 4.04
CA LYS A 80 -9.66 5.27 3.44
C LYS A 80 -9.30 3.80 3.70
N GLY A 81 -8.02 3.41 3.57
CA GLY A 81 -7.57 2.06 3.87
C GLY A 81 -7.58 1.75 5.36
N PHE A 82 -7.29 2.72 6.22
CA PHE A 82 -7.41 2.53 7.67
C PHE A 82 -8.87 2.22 8.06
N LYS A 83 -9.84 2.92 7.46
CA LYS A 83 -11.26 2.60 7.64
C LYS A 83 -11.65 1.23 7.01
N ASP A 84 -11.18 0.92 5.80
CA ASP A 84 -11.54 -0.30 5.07
C ASP A 84 -11.02 -1.61 5.71
N TYR A 85 -9.88 -1.54 6.42
CA TYR A 85 -9.26 -2.67 7.12
C TYR A 85 -9.44 -2.59 8.65
N HIS A 86 -10.28 -1.67 9.13
CA HIS A 86 -10.76 -1.56 10.52
C HIS A 86 -9.62 -1.23 11.53
N PHE A 87 -8.60 -0.50 11.07
CA PHE A 87 -7.47 -0.02 11.90
C PHE A 87 -8.00 0.79 13.09
N THR A 88 -7.48 0.51 14.30
CA THR A 88 -7.98 1.07 15.56
C THR A 88 -6.84 1.54 16.47
N VAL A 89 -7.19 2.09 17.62
CA VAL A 89 -6.28 2.56 18.67
C VAL A 89 -6.86 2.12 20.02
N SER A 90 -6.01 1.59 20.90
CA SER A 90 -6.36 1.18 22.27
C SER A 90 -5.20 1.48 23.22
N LYS A 91 -5.47 2.23 24.30
CA LYS A 91 -4.47 2.75 25.25
C LYS A 91 -3.39 3.64 24.58
N GLY A 92 -3.72 4.24 23.42
CA GLY A 92 -2.84 5.07 22.60
C GLY A 92 -1.98 4.29 21.59
N LYS A 93 -2.01 2.95 21.61
CA LYS A 93 -1.30 2.08 20.67
C LYS A 93 -2.19 1.74 19.47
N LEU A 94 -1.65 1.82 18.25
CA LEU A 94 -2.32 1.37 17.03
C LEU A 94 -2.51 -0.16 17.09
N ALA A 95 -3.64 -0.66 16.62
CA ALA A 95 -3.87 -2.09 16.41
C ALA A 95 -4.64 -2.39 15.11
N VAL A 96 -4.42 -3.58 14.57
CA VAL A 96 -4.99 -4.07 13.30
C VAL A 96 -5.47 -5.52 13.46
N PRO A 97 -6.49 -5.98 12.71
CA PRO A 97 -6.97 -7.35 12.79
C PRO A 97 -5.96 -8.34 12.17
N ILE A 98 -5.88 -9.54 12.74
CA ILE A 98 -5.02 -10.64 12.24
C ILE A 98 -5.47 -11.12 10.85
N GLY A 99 -4.48 -11.28 9.96
CA GLY A 99 -4.60 -11.91 8.64
C GLY A 99 -3.27 -12.52 8.17
N ASP A 100 -3.32 -13.54 7.31
CA ASP A 100 -2.13 -14.27 6.85
C ASP A 100 -1.27 -13.47 5.86
N GLY A 101 -1.91 -12.68 4.99
CA GLY A 101 -1.28 -11.74 4.06
C GLY A 101 -0.69 -12.36 2.80
N ASP A 102 -0.33 -11.49 1.86
CA ASP A 102 0.27 -11.74 0.54
C ASP A 102 -0.72 -12.36 -0.49
N ASN A 103 -0.39 -12.27 -1.77
CA ASN A 103 -1.19 -12.75 -2.91
C ASN A 103 -0.36 -13.63 -3.88
N LEU A 104 -1.05 -14.51 -4.61
CA LEU A 104 -0.48 -15.29 -5.73
C LEU A 104 -0.14 -14.46 -6.98
N LEU A 105 -0.43 -13.15 -6.96
CA LEU A 105 -0.14 -12.19 -8.03
C LEU A 105 1.36 -11.90 -8.08
N ASN A 106 2.01 -12.23 -9.20
CA ASN A 106 3.42 -11.96 -9.44
C ASN A 106 3.61 -10.58 -10.10
N TRP A 107 3.62 -9.52 -9.29
CA TRP A 107 3.66 -8.14 -9.75
C TRP A 107 5.02 -7.79 -10.37
N LYS A 108 6.09 -8.49 -9.97
CA LYS A 108 7.44 -8.37 -10.55
C LYS A 108 7.53 -8.85 -12.02
N LYS A 109 6.53 -9.61 -12.48
CA LYS A 109 6.38 -10.07 -13.87
C LYS A 109 5.19 -9.41 -14.60
N SER A 110 4.46 -8.53 -13.91
CA SER A 110 3.37 -7.73 -14.50
C SER A 110 3.86 -6.66 -15.48
N THR A 111 2.94 -6.11 -16.28
CA THR A 111 3.21 -5.02 -17.25
C THR A 111 2.15 -3.93 -17.17
N ALA A 112 2.59 -2.68 -17.24
CA ALA A 112 1.75 -1.49 -17.19
C ALA A 112 1.38 -0.92 -18.57
N LYS A 113 0.19 -0.31 -18.67
CA LYS A 113 -0.45 0.24 -19.87
C LYS A 113 -1.17 1.55 -19.51
N LEU A 114 -0.85 2.67 -20.17
CA LEU A 114 -1.49 3.97 -19.91
C LEU A 114 -2.97 3.97 -20.34
N ILE A 115 -3.85 4.47 -19.47
CA ILE A 115 -5.31 4.58 -19.70
C ILE A 115 -5.77 6.04 -19.85
N SER A 116 -5.24 6.96 -19.04
CA SER A 116 -5.59 8.38 -19.08
C SER A 116 -4.51 9.24 -18.42
N LYS A 117 -4.25 10.43 -18.97
CA LYS A 117 -3.20 11.35 -18.51
C LYS A 117 -3.72 12.80 -18.46
N LYS A 118 -4.06 13.25 -17.24
CA LYS A 118 -4.53 14.61 -16.94
C LYS A 118 -3.41 15.45 -16.29
N GLY A 119 -3.70 16.71 -15.92
CA GLY A 119 -2.71 17.67 -15.40
C GLY A 119 -2.03 17.23 -14.09
N SER A 120 -2.78 16.58 -13.19
CA SER A 120 -2.25 16.10 -11.88
C SER A 120 -2.75 14.70 -11.47
N THR A 121 -3.42 13.97 -12.38
CA THR A 121 -3.98 12.61 -12.16
C THR A 121 -3.71 11.76 -13.40
N ILE A 122 -3.23 10.53 -13.22
CA ILE A 122 -2.85 9.61 -14.31
C ILE A 122 -3.27 8.18 -13.92
N THR A 123 -3.83 7.43 -14.87
CA THR A 123 -4.29 6.04 -14.66
C THR A 123 -3.55 5.08 -15.59
N TYR A 124 -3.13 3.96 -15.01
CA TYR A 124 -2.55 2.81 -15.69
C TYR A 124 -3.34 1.52 -15.40
N GLU A 125 -3.37 0.62 -16.38
CA GLU A 125 -3.85 -0.76 -16.26
C GLU A 125 -2.64 -1.69 -16.15
N PHE A 126 -2.83 -2.79 -15.42
CA PHE A 126 -1.81 -3.76 -15.05
C PHE A 126 -2.31 -5.16 -15.35
N THR A 127 -1.53 -5.94 -16.12
CA THR A 127 -1.76 -7.37 -16.34
C THR A 127 -0.79 -8.14 -15.47
N VAL A 128 -1.30 -8.92 -14.52
CA VAL A 128 -0.50 -9.55 -13.46
C VAL A 128 -0.57 -11.08 -13.56
N PRO A 129 0.50 -11.76 -14.02
CA PRO A 129 0.57 -13.23 -14.05
C PRO A 129 0.57 -13.81 -12.64
N THR A 130 0.22 -15.10 -12.50
CA THR A 130 0.08 -15.76 -11.19
C THR A 130 1.16 -16.80 -10.95
N LEU A 131 1.46 -17.04 -9.66
CA LEU A 131 2.35 -18.10 -9.17
C LEU A 131 1.65 -19.46 -9.09
N ASP A 132 0.34 -19.52 -9.35
CA ASP A 132 -0.50 -20.74 -9.32
C ASP A 132 -0.76 -21.32 -10.73
N GLY A 133 -0.36 -20.61 -11.79
CA GLY A 133 -0.49 -21.04 -13.19
C GLY A 133 -1.81 -20.63 -13.85
N SER A 134 -2.63 -19.83 -13.19
CA SER A 134 -3.87 -19.24 -13.74
C SER A 134 -3.57 -18.08 -14.71
N PRO A 135 -4.49 -17.79 -15.67
CA PRO A 135 -4.39 -16.64 -16.57
C PRO A 135 -4.21 -15.31 -15.84
N SER A 136 -3.43 -14.41 -16.44
CA SER A 136 -3.01 -13.13 -15.83
C SER A 136 -4.19 -12.18 -15.52
N ALA A 137 -4.27 -11.73 -14.27
CA ALA A 137 -5.34 -10.89 -13.73
C ALA A 137 -5.16 -9.41 -14.13
N LYS A 138 -6.26 -8.73 -14.47
CA LYS A 138 -6.26 -7.30 -14.84
C LYS A 138 -6.65 -6.42 -13.63
N ARG A 139 -5.93 -5.32 -13.45
CA ARG A 139 -6.07 -4.31 -12.39
C ARG A 139 -5.91 -2.90 -12.97
N LYS A 140 -6.54 -1.88 -12.38
CA LYS A 140 -6.39 -0.47 -12.75
C LYS A 140 -5.95 0.39 -11.54
N VAL A 141 -4.95 1.25 -11.73
CA VAL A 141 -4.25 1.99 -10.67
C VAL A 141 -4.10 3.46 -11.08
N THR A 142 -4.62 4.36 -10.24
CA THR A 142 -4.60 5.81 -10.47
C THR A 142 -3.67 6.49 -9.47
N PHE A 143 -2.83 7.36 -10.00
CA PHE A 143 -1.82 8.13 -9.29
C PHE A 143 -2.17 9.62 -9.37
N VAL A 144 -1.94 10.35 -8.28
CA VAL A 144 -2.24 11.78 -8.12
C VAL A 144 -0.99 12.46 -7.56
N LYS A 145 -0.52 13.53 -8.21
CA LYS A 145 0.63 14.29 -7.72
C LYS A 145 0.21 15.24 -6.58
N GLU A 146 0.51 14.88 -5.33
CA GLU A 146 0.02 15.58 -4.14
C GLU A 146 0.91 16.79 -3.77
N ASN A 147 2.23 16.62 -3.82
CA ASN A 147 3.23 17.67 -3.57
C ASN A 147 4.59 17.24 -4.12
N LYS A 148 4.91 17.66 -5.35
CA LYS A 148 6.16 17.32 -6.07
C LYS A 148 6.36 15.80 -6.32
N LYS A 149 5.37 14.95 -5.96
CA LYS A 149 5.45 13.49 -5.92
C LYS A 149 4.14 12.84 -6.35
N TRP A 150 4.19 11.94 -7.34
CA TRP A 150 3.09 11.07 -7.77
C TRP A 150 2.84 9.95 -6.75
N LYS A 151 1.65 9.94 -6.15
CA LYS A 151 1.22 8.98 -5.12
C LYS A 151 -0.05 8.23 -5.53
N VAL A 152 -0.25 7.00 -5.04
CA VAL A 152 -1.43 6.17 -5.32
C VAL A 152 -2.65 6.70 -4.57
N ASN A 153 -3.78 6.83 -5.27
CA ASN A 153 -5.03 7.37 -4.72
C ASN A 153 -5.90 6.34 -3.96
N GLN A 154 -5.36 5.14 -3.72
CA GLN A 154 -6.07 4.03 -3.07
C GLN A 154 -5.04 3.09 -2.40
N PHE A 155 -5.27 2.72 -1.13
CA PHE A 155 -4.33 1.90 -0.34
C PHE A 155 -4.19 0.47 -0.87
N ASP A 156 -5.31 -0.20 -1.16
CA ASP A 156 -5.37 -1.58 -1.65
C ASP A 156 -5.27 -1.69 -3.19
N ALA A 157 -4.82 -0.63 -3.86
CA ALA A 157 -4.74 -0.56 -5.33
C ALA A 157 -3.81 -1.63 -5.92
N VAL A 158 -2.76 -2.00 -5.19
CA VAL A 158 -1.73 -2.95 -5.59
C VAL A 158 -1.28 -3.72 -4.35
N ILE A 159 -1.48 -5.03 -4.42
CA ILE A 159 -1.25 -5.97 -3.32
C ILE A 159 -0.86 -7.36 -3.82
N GLY A 1 9.14 11.45 -23.49
CA GLY A 1 9.80 12.53 -24.24
C GLY A 1 11.04 13.05 -23.51
N LYS A 2 11.57 14.19 -23.96
CA LYS A 2 12.79 14.81 -23.39
C LYS A 2 12.51 15.81 -22.25
N ASN A 3 11.27 16.33 -22.16
CA ASN A 3 10.80 17.32 -21.18
C ASN A 3 9.75 16.77 -20.18
N THR A 4 9.47 15.45 -20.22
CA THR A 4 8.44 14.75 -19.44
C THR A 4 8.96 14.15 -18.13
N SER A 5 10.11 14.61 -17.63
CA SER A 5 10.74 14.11 -16.40
C SER A 5 9.96 14.41 -15.11
N GLY A 6 8.96 15.32 -15.17
CA GLY A 6 8.00 15.59 -14.09
C GLY A 6 6.70 14.79 -14.20
N ASP A 7 6.55 13.97 -15.24
CA ASP A 7 5.35 13.17 -15.54
C ASP A 7 5.61 11.66 -15.38
N LEU A 8 4.52 10.89 -15.25
CA LEU A 8 4.55 9.45 -14.97
C LEU A 8 4.57 8.64 -16.28
N SER A 9 5.36 7.57 -16.31
CA SER A 9 5.53 6.64 -17.44
C SER A 9 5.49 5.16 -16.97
N GLN A 10 5.48 4.19 -17.90
CA GLN A 10 5.25 2.77 -17.61
C GLN A 10 6.21 2.19 -16.56
N LYS A 11 7.51 2.50 -16.65
CA LYS A 11 8.52 2.08 -15.66
C LYS A 11 8.19 2.62 -14.27
N GLN A 12 7.98 3.93 -14.17
CA GLN A 12 7.65 4.61 -12.92
C GLN A 12 6.38 4.01 -12.31
N ALA A 13 5.27 3.86 -13.06
CA ALA A 13 4.04 3.23 -12.56
C ALA A 13 4.30 1.82 -12.04
N LEU A 14 5.00 0.97 -12.80
CA LEU A 14 5.37 -0.38 -12.41
C LEU A 14 6.14 -0.40 -11.09
N GLN A 15 7.14 0.45 -10.90
CA GLN A 15 7.92 0.47 -9.66
C GLN A 15 7.13 1.05 -8.48
N LEU A 16 6.34 2.10 -8.73
CA LEU A 16 5.42 2.67 -7.75
C LEU A 16 4.42 1.61 -7.25
N ALA A 17 3.95 0.74 -8.16
CA ALA A 17 3.04 -0.36 -7.85
C ALA A 17 3.72 -1.40 -6.95
N LEU A 18 4.93 -1.85 -7.30
CA LEU A 18 5.71 -2.79 -6.47
C LEU A 18 6.06 -2.22 -5.10
N SER A 19 6.41 -0.93 -5.03
CA SER A 19 6.66 -0.24 -3.76
C SER A 19 5.38 -0.10 -2.93
N ALA A 20 4.21 0.13 -3.56
CA ALA A 20 2.92 0.13 -2.88
C ALA A 20 2.54 -1.27 -2.37
N ARG A 21 2.88 -2.33 -3.11
CA ARG A 21 2.77 -3.73 -2.64
C ARG A 21 3.58 -3.92 -1.36
N GLU A 22 4.84 -3.46 -1.39
CA GLU A 22 5.79 -3.57 -0.28
C GLU A 22 5.31 -2.78 0.94
N HIS A 23 4.88 -1.53 0.78
CA HIS A 23 4.41 -0.69 1.89
C HIS A 23 3.08 -1.19 2.49
N PHE A 24 2.16 -1.73 1.69
CA PHE A 24 0.93 -2.37 2.15
C PHE A 24 1.25 -3.59 3.02
N TRP A 25 2.00 -4.56 2.48
CA TRP A 25 2.32 -5.80 3.21
C TRP A 25 3.21 -5.57 4.43
N ASN A 26 4.12 -4.59 4.38
CA ASN A 26 4.90 -4.15 5.55
C ASN A 26 4.04 -3.49 6.66
N THR A 27 2.83 -3.02 6.34
CA THR A 27 1.88 -2.49 7.32
C THR A 27 0.97 -3.62 7.83
N MET A 28 0.36 -4.40 6.95
CA MET A 28 -0.52 -5.52 7.32
C MET A 28 0.17 -6.64 8.11
N SER A 29 1.50 -6.73 8.07
CA SER A 29 2.31 -7.66 8.88
C SER A 29 2.53 -7.20 10.34
N GLY A 30 2.07 -5.99 10.71
CA GLY A 30 2.19 -5.41 12.06
C GLY A 30 3.46 -4.59 12.30
N HIS A 31 4.42 -4.65 11.37
CA HIS A 31 5.75 -4.04 11.46
C HIS A 31 6.46 -4.01 10.09
N ASN A 32 7.13 -2.89 9.78
CA ASN A 32 7.96 -2.69 8.60
C ASN A 32 9.42 -3.13 8.84
N PRO A 33 9.86 -4.28 8.28
CA PRO A 33 11.18 -4.88 8.55
C PRO A 33 12.38 -4.02 8.12
N LYS A 34 12.15 -2.97 7.31
CA LYS A 34 13.14 -1.92 7.01
C LYS A 34 13.65 -1.20 8.27
N VAL A 35 12.87 -1.21 9.35
CA VAL A 35 13.25 -0.72 10.69
C VAL A 35 13.70 -1.91 11.55
N LYS A 36 14.94 -1.84 12.04
CA LYS A 36 15.60 -2.92 12.80
C LYS A 36 15.67 -2.67 14.32
N LYS A 37 15.19 -1.51 14.79
CA LYS A 37 15.30 -1.03 16.19
C LYS A 37 13.95 -0.66 16.83
N ALA A 38 12.83 -1.12 16.24
CA ALA A 38 11.49 -0.95 16.80
C ALA A 38 11.27 -1.91 17.99
N VAL A 39 10.58 -1.44 19.02
CA VAL A 39 10.07 -2.23 20.15
C VAL A 39 8.67 -2.72 19.78
N CYS A 40 8.44 -4.03 19.92
CA CYS A 40 7.15 -4.68 19.64
C CYS A 40 6.42 -5.00 20.95
N PRO A 41 5.28 -4.32 21.26
CA PRO A 41 4.50 -4.59 22.46
C PRO A 41 3.80 -5.95 22.35
N SER A 42 3.71 -6.67 23.46
CA SER A 42 3.19 -8.05 23.54
C SER A 42 1.68 -8.14 23.84
N GLY A 43 1.09 -9.31 23.53
CA GLY A 43 -0.32 -9.62 23.75
C GLY A 43 -1.23 -9.22 22.58
N THR A 44 -2.53 -9.54 22.73
CA THR A 44 -3.62 -9.30 21.78
C THR A 44 -4.90 -8.93 22.52
N PHE A 45 -5.90 -8.46 21.78
CA PHE A 45 -7.24 -8.16 22.33
C PHE A 45 -8.37 -8.47 21.32
N GLU A 46 -9.62 -8.23 21.70
CA GLU A 46 -10.81 -8.51 20.88
C GLU A 46 -11.69 -7.26 20.76
N TYR A 47 -12.07 -6.94 19.52
CA TYR A 47 -12.80 -5.72 19.14
C TYR A 47 -13.51 -5.92 17.80
N GLN A 48 -14.76 -5.45 17.65
CA GLN A 48 -15.60 -5.62 16.45
C GLN A 48 -15.73 -7.11 16.01
N ASN A 49 -15.64 -8.05 16.97
CA ASN A 49 -15.67 -9.51 16.78
C ASN A 49 -14.42 -10.09 16.09
N LEU A 50 -13.31 -9.34 16.04
CA LEU A 50 -12.00 -9.74 15.48
C LEU A 50 -10.94 -9.77 16.59
N GLN A 51 -9.87 -10.56 16.40
CA GLN A 51 -8.69 -10.50 17.25
C GLN A 51 -7.73 -9.45 16.66
N TYR A 52 -7.26 -8.53 17.51
CA TYR A 52 -6.36 -7.43 17.15
C TYR A 52 -4.93 -7.63 17.68
N VAL A 53 -3.94 -7.15 16.91
CA VAL A 53 -2.51 -7.16 17.27
C VAL A 53 -1.98 -5.73 17.24
N TYR A 54 -1.17 -5.37 18.24
CA TYR A 54 -0.54 -4.05 18.36
C TYR A 54 0.67 -3.88 17.42
N MET A 55 0.91 -2.65 16.95
CA MET A 55 2.02 -2.33 16.04
C MET A 55 3.32 -2.01 16.79
N CYS A 56 4.48 -2.30 16.19
CA CYS A 56 5.79 -1.94 16.74
C CYS A 56 6.13 -0.45 16.48
N SER A 57 7.08 0.11 17.23
CA SER A 57 7.41 1.56 17.34
C SER A 57 7.21 2.46 16.11
N ASP A 58 7.71 2.10 14.91
CA ASP A 58 7.65 2.98 13.72
C ASP A 58 6.25 3.07 13.09
N LEU A 59 5.33 2.18 13.49
CA LEU A 59 3.90 2.21 13.19
C LEU A 59 3.07 2.27 14.48
N GLY A 60 3.70 2.57 15.63
CA GLY A 60 3.16 2.42 16.99
C GLY A 60 1.93 3.27 17.33
N THR A 61 1.64 4.32 16.55
CA THR A 61 0.47 5.19 16.66
C THR A 61 0.02 5.56 15.25
N LYS A 62 -1.24 5.91 15.06
CA LYS A 62 -1.86 6.17 13.76
C LYS A 62 -1.03 7.13 12.89
N ALA A 63 -0.61 8.27 13.44
CA ALA A 63 0.24 9.25 12.77
C ALA A 63 1.52 8.61 12.22
N LYS A 64 2.25 7.83 13.03
CA LYS A 64 3.47 7.12 12.64
C LYS A 64 3.27 6.19 11.44
N ALA A 65 2.16 5.44 11.41
CA ALA A 65 1.80 4.57 10.28
C ALA A 65 1.37 5.35 9.04
N VAL A 66 0.59 6.43 9.19
CA VAL A 66 0.25 7.34 8.08
C VAL A 66 1.53 7.95 7.48
N ASN A 67 2.50 8.33 8.33
CA ASN A 67 3.79 8.90 7.93
C ASN A 67 4.65 7.91 7.10
N TYR A 68 4.58 6.61 7.39
CA TYR A 68 5.26 5.56 6.61
C TYR A 68 4.63 5.37 5.22
N LEU A 69 3.31 5.55 5.11
CA LEU A 69 2.55 5.35 3.87
C LEU A 69 2.48 6.61 2.98
N THR A 70 2.58 7.80 3.58
CA THR A 70 2.53 9.14 2.96
C THR A 70 3.39 9.29 1.70
N PRO A 71 4.65 8.80 1.65
CA PRO A 71 5.49 8.83 0.45
C PRO A 71 4.91 8.12 -0.78
N ILE A 72 4.03 7.13 -0.58
CA ILE A 72 3.51 6.24 -1.64
C ILE A 72 2.03 6.46 -1.93
N PHE A 73 1.24 6.79 -0.90
CA PHE A 73 -0.21 6.89 -0.96
C PHE A 73 -0.66 8.31 -0.61
N THR A 74 -1.70 8.81 -1.27
CA THR A 74 -2.30 10.12 -0.94
C THR A 74 -2.88 10.06 0.47
N LYS A 75 -2.97 11.20 1.15
CA LYS A 75 -3.40 11.26 2.55
C LYS A 75 -4.75 10.55 2.74
N THR A 76 -5.71 10.87 1.87
CA THR A 76 -7.06 10.28 1.79
C THR A 76 -7.04 8.78 1.51
N ALA A 77 -6.17 8.29 0.61
CA ALA A 77 -6.05 6.86 0.33
C ALA A 77 -5.64 6.03 1.57
N ILE A 78 -4.84 6.62 2.45
CA ILE A 78 -4.40 6.00 3.71
C ILE A 78 -5.56 5.94 4.69
N GLU A 79 -6.29 7.05 4.86
CA GLU A 79 -7.48 7.07 5.72
C GLU A 79 -8.55 6.07 5.23
N LYS A 80 -8.72 5.95 3.90
CA LYS A 80 -9.63 4.98 3.29
C LYS A 80 -9.24 3.52 3.61
N GLY A 81 -7.95 3.17 3.50
CA GLY A 81 -7.46 1.83 3.84
C GLY A 81 -7.48 1.56 5.35
N PHE A 82 -7.24 2.57 6.18
CA PHE A 82 -7.38 2.44 7.64
C PHE A 82 -8.84 2.10 8.00
N LYS A 83 -9.82 2.75 7.38
CA LYS A 83 -11.25 2.39 7.54
C LYS A 83 -11.58 1.00 6.96
N ASP A 84 -11.09 0.66 5.76
CA ASP A 84 -11.40 -0.59 5.06
C ASP A 84 -10.85 -1.86 5.74
N TYR A 85 -9.74 -1.73 6.47
CA TYR A 85 -9.10 -2.80 7.25
C TYR A 85 -9.27 -2.64 8.77
N HIS A 86 -10.10 -1.69 9.20
CA HIS A 86 -10.57 -1.51 10.59
C HIS A 86 -9.43 -1.15 11.58
N PHE A 87 -8.41 -0.42 11.11
CA PHE A 87 -7.27 0.07 11.89
C PHE A 87 -7.74 0.92 13.09
N THR A 88 -7.25 0.63 14.30
CA THR A 88 -7.74 1.19 15.56
C THR A 88 -6.61 1.54 16.53
N VAL A 89 -6.97 2.05 17.70
CA VAL A 89 -6.08 2.44 18.80
C VAL A 89 -6.63 1.92 20.12
N SER A 90 -5.74 1.41 20.98
CA SER A 90 -6.05 1.06 22.38
C SER A 90 -4.83 1.34 23.27
N LYS A 91 -5.05 2.03 24.41
CA LYS A 91 -3.99 2.50 25.33
C LYS A 91 -2.96 3.44 24.67
N GLY A 92 -3.31 4.05 23.52
CA GLY A 92 -2.45 4.90 22.69
C GLY A 92 -1.62 4.14 21.64
N LYS A 93 -1.67 2.81 21.63
CA LYS A 93 -1.00 1.95 20.65
C LYS A 93 -1.93 1.68 19.45
N LEU A 94 -1.42 1.79 18.22
CA LEU A 94 -2.12 1.36 17.00
C LEU A 94 -2.28 -0.16 17.05
N ALA A 95 -3.41 -0.67 16.56
CA ALA A 95 -3.64 -2.10 16.37
C ALA A 95 -4.42 -2.41 15.08
N VAL A 96 -4.18 -3.60 14.53
CA VAL A 96 -4.78 -4.11 13.28
C VAL A 96 -5.32 -5.54 13.50
N PRO A 97 -6.38 -5.96 12.79
CA PRO A 97 -6.98 -7.28 12.99
C PRO A 97 -6.11 -8.39 12.37
N ILE A 98 -6.14 -9.58 12.97
CA ILE A 98 -5.47 -10.79 12.47
C ILE A 98 -6.17 -11.30 11.19
N GLY A 99 -5.37 -11.60 10.18
CA GLY A 99 -5.78 -12.23 8.91
C GLY A 99 -4.68 -13.10 8.31
N ASP A 100 -4.57 -13.10 6.98
CA ASP A 100 -3.54 -13.79 6.20
C ASP A 100 -3.25 -13.04 4.90
N GLY A 101 -1.96 -12.91 4.55
CA GLY A 101 -1.47 -12.05 3.47
C GLY A 101 -0.92 -12.79 2.25
N ASP A 102 -0.25 -12.02 1.39
CA ASP A 102 0.29 -12.38 0.07
C ASP A 102 -0.83 -12.61 -0.99
N ASN A 103 -0.46 -12.77 -2.26
CA ASN A 103 -1.38 -12.92 -3.38
C ASN A 103 -0.80 -13.87 -4.46
N LEU A 104 -1.67 -14.63 -5.14
CA LEU A 104 -1.32 -15.45 -6.31
C LEU A 104 -0.83 -14.60 -7.49
N LEU A 105 -1.21 -13.32 -7.51
CA LEU A 105 -0.71 -12.30 -8.43
C LEU A 105 0.81 -12.13 -8.33
N ASN A 106 1.50 -12.34 -9.44
CA ASN A 106 2.95 -12.12 -9.59
C ASN A 106 3.24 -10.76 -10.25
N TRP A 107 3.34 -9.72 -9.42
CA TRP A 107 3.48 -8.33 -9.88
C TRP A 107 4.88 -8.04 -10.43
N LYS A 108 5.89 -8.79 -9.99
CA LYS A 108 7.27 -8.74 -10.52
C LYS A 108 7.38 -9.16 -12.00
N LYS A 109 6.35 -9.85 -12.53
CA LYS A 109 6.22 -10.27 -13.94
C LYS A 109 5.10 -9.53 -14.69
N SER A 110 4.37 -8.64 -14.01
CA SER A 110 3.32 -7.80 -14.61
C SER A 110 3.87 -6.69 -15.54
N THR A 111 2.97 -6.08 -16.32
CA THR A 111 3.26 -4.96 -17.22
C THR A 111 2.16 -3.91 -17.12
N ALA A 112 2.57 -2.63 -17.17
CA ALA A 112 1.69 -1.46 -17.12
C ALA A 112 1.36 -0.90 -18.53
N LYS A 113 0.12 -0.47 -18.74
CA LYS A 113 -0.40 0.10 -20.00
C LYS A 113 -1.24 1.35 -19.69
N LEU A 114 -0.90 2.49 -20.27
CA LEU A 114 -1.51 3.80 -19.99
C LEU A 114 -3.00 3.81 -20.39
N ILE A 115 -3.86 4.35 -19.51
CA ILE A 115 -5.32 4.44 -19.71
C ILE A 115 -5.81 5.89 -19.76
N SER A 116 -5.22 6.78 -18.96
CA SER A 116 -5.64 8.18 -18.87
C SER A 116 -4.49 9.05 -18.32
N LYS A 117 -4.35 10.27 -18.84
CA LYS A 117 -3.32 11.24 -18.45
C LYS A 117 -3.94 12.65 -18.45
N LYS A 118 -4.35 13.11 -17.26
CA LYS A 118 -5.16 14.32 -17.08
C LYS A 118 -4.64 15.19 -15.91
N GLY A 119 -3.77 16.16 -16.23
CA GLY A 119 -3.21 17.11 -15.27
C GLY A 119 -2.40 16.40 -14.18
N SER A 120 -2.79 16.60 -12.93
CA SER A 120 -2.13 16.01 -11.75
C SER A 120 -2.52 14.54 -11.47
N THR A 121 -3.29 13.88 -12.36
CA THR A 121 -3.78 12.49 -12.22
C THR A 121 -3.49 11.68 -13.47
N ILE A 122 -3.02 10.44 -13.30
CA ILE A 122 -2.69 9.50 -14.40
C ILE A 122 -3.13 8.08 -14.01
N THR A 123 -3.67 7.30 -14.94
CA THR A 123 -4.13 5.91 -14.73
C THR A 123 -3.42 4.93 -15.66
N TYR A 124 -3.02 3.80 -15.09
CA TYR A 124 -2.46 2.63 -15.78
C TYR A 124 -3.25 1.35 -15.47
N GLU A 125 -3.33 0.44 -16.44
CA GLU A 125 -3.84 -0.92 -16.28
C GLU A 125 -2.64 -1.86 -16.18
N PHE A 126 -2.63 -2.68 -15.15
CA PHE A 126 -1.65 -3.71 -14.88
C PHE A 126 -2.20 -5.07 -15.31
N THR A 127 -1.47 -5.77 -16.19
CA THR A 127 -1.74 -7.17 -16.54
C THR A 127 -0.84 -8.03 -15.66
N VAL A 128 -1.43 -8.73 -14.70
CA VAL A 128 -0.69 -9.42 -13.64
C VAL A 128 -0.82 -10.95 -13.81
N PRO A 129 0.22 -11.67 -14.29
CA PRO A 129 0.22 -13.13 -14.38
C PRO A 129 0.15 -13.76 -12.99
N THR A 130 -0.27 -15.03 -12.92
CA THR A 130 -0.50 -15.75 -11.65
C THR A 130 0.50 -16.87 -11.42
N LEU A 131 0.83 -17.11 -10.16
CA LEU A 131 1.61 -18.26 -9.68
C LEU A 131 0.78 -19.56 -9.67
N ASP A 132 -0.54 -19.46 -9.85
CA ASP A 132 -1.46 -20.59 -10.04
C ASP A 132 -1.41 -21.16 -11.49
N GLY A 133 -0.94 -20.37 -12.46
CA GLY A 133 -0.93 -20.72 -13.88
C GLY A 133 -2.23 -20.35 -14.62
N SER A 134 -3.14 -19.64 -13.97
CA SER A 134 -4.33 -19.04 -14.59
C SER A 134 -4.00 -17.79 -15.43
N PRO A 135 -4.85 -17.41 -16.41
CA PRO A 135 -4.68 -16.21 -17.23
C PRO A 135 -4.52 -14.92 -16.40
N SER A 136 -3.73 -13.99 -16.92
CA SER A 136 -3.34 -12.75 -16.24
C SER A 136 -4.52 -11.83 -15.87
N ALA A 137 -4.55 -11.37 -14.61
CA ALA A 137 -5.58 -10.51 -14.05
C ALA A 137 -5.32 -9.03 -14.37
N LYS A 138 -6.37 -8.27 -14.68
CA LYS A 138 -6.33 -6.82 -14.82
C LYS A 138 -6.57 -6.07 -13.50
N ARG A 139 -5.77 -5.03 -13.24
CA ARG A 139 -5.89 -4.08 -12.12
C ARG A 139 -5.66 -2.64 -12.63
N LYS A 140 -6.63 -1.75 -12.48
CA LYS A 140 -6.47 -0.33 -12.81
C LYS A 140 -5.92 0.43 -11.58
N VAL A 141 -4.81 1.14 -11.77
CA VAL A 141 -4.06 1.85 -10.72
C VAL A 141 -3.91 3.32 -11.13
N THR A 142 -4.49 4.22 -10.34
CA THR A 142 -4.48 5.67 -10.55
C THR A 142 -3.53 6.33 -9.56
N PHE A 143 -2.66 7.18 -10.10
CA PHE A 143 -1.64 7.93 -9.41
C PHE A 143 -1.98 9.41 -9.47
N VAL A 144 -1.81 10.12 -8.35
CA VAL A 144 -2.12 11.55 -8.18
C VAL A 144 -0.88 12.22 -7.57
N LYS A 145 -0.37 13.28 -8.20
CA LYS A 145 0.73 14.07 -7.65
C LYS A 145 0.19 15.03 -6.57
N GLU A 146 0.53 14.78 -5.31
CA GLU A 146 -0.04 15.49 -4.15
C GLU A 146 0.66 16.85 -3.86
N ASN A 147 1.90 17.02 -4.32
CA ASN A 147 2.70 18.24 -4.18
C ASN A 147 3.87 18.25 -5.18
N LYS A 148 4.85 17.35 -4.97
CA LYS A 148 6.07 17.22 -5.79
C LYS A 148 6.40 15.74 -6.14
N LYS A 149 5.51 14.81 -5.78
CA LYS A 149 5.65 13.36 -5.97
C LYS A 149 4.31 12.66 -6.28
N TRP A 150 4.35 11.73 -7.23
CA TRP A 150 3.23 10.90 -7.67
C TRP A 150 2.94 9.75 -6.69
N LYS A 151 1.71 9.69 -6.18
CA LYS A 151 1.26 8.74 -5.15
C LYS A 151 -0.01 7.98 -5.57
N VAL A 152 -0.21 6.76 -5.10
CA VAL A 152 -1.39 5.92 -5.41
C VAL A 152 -2.62 6.45 -4.65
N ASN A 153 -3.74 6.59 -5.36
CA ASN A 153 -5.00 7.12 -4.82
C ASN A 153 -5.84 6.08 -4.05
N GLN A 154 -5.30 4.88 -3.81
CA GLN A 154 -5.99 3.75 -3.17
C GLN A 154 -4.96 2.83 -2.49
N PHE A 155 -5.20 2.43 -1.23
CA PHE A 155 -4.27 1.62 -0.43
C PHE A 155 -4.13 0.18 -0.95
N ASP A 156 -5.24 -0.48 -1.24
CA ASP A 156 -5.30 -1.87 -1.70
C ASP A 156 -5.16 -2.02 -3.24
N ALA A 157 -4.74 -0.95 -3.92
CA ALA A 157 -4.64 -0.89 -5.39
C ALA A 157 -3.72 -1.97 -5.99
N VAL A 158 -2.70 -2.36 -5.22
CA VAL A 158 -1.64 -3.30 -5.60
C VAL A 158 -1.23 -4.14 -4.41
N ILE A 159 -1.50 -5.44 -4.51
CA ILE A 159 -1.33 -6.42 -3.44
C ILE A 159 -1.06 -7.83 -3.95
N GLY A 1 24.31 9.10 -19.31
CA GLY A 1 23.00 8.56 -19.73
C GLY A 1 21.97 9.66 -19.92
N LYS A 2 20.69 9.33 -19.74
CA LYS A 2 19.54 10.24 -19.88
C LYS A 2 18.48 9.99 -18.78
N ASN A 3 17.67 11.02 -18.49
CA ASN A 3 16.69 11.05 -17.40
C ASN A 3 15.43 11.87 -17.78
N THR A 4 14.35 11.72 -17.00
CA THR A 4 13.06 12.44 -17.16
C THR A 4 12.31 12.49 -15.83
N SER A 5 11.31 13.36 -15.75
CA SER A 5 10.59 13.74 -14.52
C SER A 5 9.32 14.54 -14.81
N GLY A 6 8.58 14.95 -13.76
CA GLY A 6 7.36 15.76 -13.85
C GLY A 6 6.12 14.93 -14.12
N ASP A 7 6.13 14.13 -15.19
CA ASP A 7 5.09 13.16 -15.54
C ASP A 7 5.40 11.77 -14.94
N LEU A 8 4.46 10.82 -15.14
CA LEU A 8 4.55 9.43 -14.72
C LEU A 8 4.54 8.49 -15.94
N SER A 9 5.52 7.60 -16.00
CA SER A 9 5.77 6.62 -17.07
C SER A 9 5.31 5.19 -16.73
N GLN A 10 5.35 4.26 -17.71
CA GLN A 10 5.10 2.84 -17.48
C GLN A 10 6.07 2.24 -16.44
N LYS A 11 7.35 2.62 -16.49
CA LYS A 11 8.37 2.16 -15.53
C LYS A 11 8.10 2.70 -14.12
N GLN A 12 7.84 4.00 -14.01
CA GLN A 12 7.46 4.66 -12.75
C GLN A 12 6.23 3.96 -12.14
N ALA A 13 5.13 3.83 -12.89
CA ALA A 13 3.90 3.20 -12.42
C ALA A 13 4.14 1.77 -11.91
N LEU A 14 4.87 0.96 -12.68
CA LEU A 14 5.26 -0.40 -12.31
C LEU A 14 6.03 -0.44 -10.99
N GLN A 15 7.00 0.46 -10.78
CA GLN A 15 7.79 0.46 -9.55
C GLN A 15 7.00 0.99 -8.35
N LEU A 16 6.21 2.05 -8.57
CA LEU A 16 5.26 2.58 -7.59
C LEU A 16 4.28 1.49 -7.14
N ALA A 17 3.82 0.65 -8.07
CA ALA A 17 2.94 -0.47 -7.80
C ALA A 17 3.62 -1.54 -6.92
N LEU A 18 4.82 -1.98 -7.29
CA LEU A 18 5.62 -2.93 -6.50
C LEU A 18 5.89 -2.41 -5.08
N SER A 19 6.28 -1.15 -4.95
CA SER A 19 6.53 -0.53 -3.64
C SER A 19 5.24 -0.39 -2.83
N ALA A 20 4.10 -0.09 -3.46
CA ALA A 20 2.81 -0.02 -2.77
C ALA A 20 2.35 -1.39 -2.24
N ARG A 21 2.53 -2.45 -3.04
CA ARG A 21 2.26 -3.83 -2.60
C ARG A 21 3.18 -4.23 -1.43
N GLU A 22 4.45 -3.85 -1.49
CA GLU A 22 5.42 -4.05 -0.40
C GLU A 22 4.99 -3.31 0.89
N HIS A 23 4.63 -2.02 0.80
CA HIS A 23 4.20 -1.23 1.96
C HIS A 23 2.88 -1.73 2.59
N PHE A 24 1.93 -2.20 1.77
CA PHE A 24 0.66 -2.78 2.24
C PHE A 24 0.90 -4.09 2.99
N TRP A 25 1.54 -5.09 2.34
CA TRP A 25 1.79 -6.40 2.96
C TRP A 25 2.69 -6.30 4.21
N ASN A 26 3.59 -5.31 4.26
CA ASN A 26 4.34 -4.98 5.48
C ASN A 26 3.40 -4.50 6.60
N THR A 27 2.62 -3.43 6.35
CA THR A 27 1.75 -2.80 7.36
C THR A 27 0.72 -3.78 7.92
N MET A 28 0.08 -4.58 7.07
CA MET A 28 -0.87 -5.63 7.48
C MET A 28 -0.23 -6.78 8.29
N SER A 29 1.10 -6.84 8.40
CA SER A 29 1.83 -7.79 9.25
C SER A 29 2.17 -7.21 10.65
N GLY A 30 1.80 -5.96 10.93
CA GLY A 30 2.00 -5.28 12.23
C GLY A 30 3.31 -4.50 12.37
N HIS A 31 4.18 -4.53 11.35
CA HIS A 31 5.54 -4.00 11.39
C HIS A 31 6.12 -3.72 9.99
N ASN A 32 6.93 -2.66 9.88
CA ASN A 32 7.70 -2.32 8.68
C ASN A 32 9.15 -2.87 8.76
N PRO A 33 9.49 -3.97 8.06
CA PRO A 33 10.83 -4.57 8.05
C PRO A 33 11.94 -3.65 7.52
N LYS A 34 11.59 -2.49 6.95
CA LYS A 34 12.54 -1.41 6.66
C LYS A 34 13.26 -0.92 7.94
N VAL A 35 12.64 -1.11 9.11
CA VAL A 35 13.21 -0.89 10.45
C VAL A 35 13.61 -2.26 11.01
N LYS A 36 14.92 -2.45 11.26
CA LYS A 36 15.49 -3.74 11.67
C LYS A 36 15.37 -4.03 13.18
N LYS A 37 15.09 -3.00 13.99
CA LYS A 37 14.84 -3.08 15.44
C LYS A 37 13.75 -2.08 15.85
N ALA A 38 12.61 -2.59 16.33
CA ALA A 38 11.46 -1.83 16.79
C ALA A 38 10.93 -2.43 18.11
N VAL A 39 10.50 -1.58 19.04
CA VAL A 39 9.93 -2.00 20.34
C VAL A 39 8.50 -2.47 20.09
N CYS A 40 8.14 -3.67 20.56
CA CYS A 40 6.87 -4.31 20.20
C CYS A 40 6.33 -5.25 21.29
N PRO A 41 5.05 -5.14 21.67
CA PRO A 41 4.46 -5.92 22.77
C PRO A 41 4.09 -7.34 22.33
N SER A 42 4.08 -8.28 23.27
CA SER A 42 3.65 -9.67 23.04
C SER A 42 2.13 -9.89 23.23
N GLY A 43 1.39 -8.84 23.60
CA GLY A 43 -0.04 -8.87 23.95
C GLY A 43 -0.99 -8.58 22.77
N THR A 44 -2.27 -8.92 22.98
CA THR A 44 -3.41 -8.69 22.06
C THR A 44 -4.66 -8.34 22.87
N PHE A 45 -5.71 -7.89 22.17
CA PHE A 45 -7.01 -7.58 22.76
C PHE A 45 -8.17 -7.89 21.80
N GLU A 46 -9.41 -7.54 22.17
CA GLU A 46 -10.62 -7.83 21.40
C GLU A 46 -11.47 -6.56 21.22
N TYR A 47 -11.90 -6.31 19.98
CA TYR A 47 -12.69 -5.13 19.57
C TYR A 47 -13.49 -5.44 18.30
N GLN A 48 -14.78 -5.05 18.25
CA GLN A 48 -15.70 -5.32 17.13
C GLN A 48 -15.82 -6.83 16.79
N ASN A 49 -15.64 -7.70 17.79
CA ASN A 49 -15.65 -9.17 17.69
C ASN A 49 -14.43 -9.76 16.92
N LEU A 50 -13.34 -8.98 16.78
CA LEU A 50 -12.07 -9.38 16.17
C LEU A 50 -10.96 -9.35 17.22
N GLN A 51 -9.93 -10.18 17.05
CA GLN A 51 -8.70 -10.07 17.84
C GLN A 51 -7.79 -9.04 17.18
N TYR A 52 -7.32 -8.07 17.96
CA TYR A 52 -6.42 -6.98 17.52
C TYR A 52 -4.98 -7.17 18.00
N VAL A 53 -4.03 -6.81 17.15
CA VAL A 53 -2.58 -6.82 17.43
C VAL A 53 -2.06 -5.38 17.41
N TYR A 54 -1.27 -5.02 18.43
CA TYR A 54 -0.56 -3.74 18.53
C TYR A 54 0.60 -3.65 17.54
N MET A 55 0.81 -2.46 16.94
CA MET A 55 1.90 -2.22 15.99
C MET A 55 3.24 -1.98 16.71
N CYS A 56 4.36 -2.33 16.06
CA CYS A 56 5.69 -2.03 16.60
C CYS A 56 6.02 -0.52 16.52
N SER A 57 6.96 -0.05 17.32
CA SER A 57 7.22 1.37 17.62
C SER A 57 7.31 2.36 16.44
N ASP A 58 7.82 2.00 15.26
CA ASP A 58 7.87 2.91 14.10
C ASP A 58 6.51 3.09 13.38
N LEU A 59 5.53 2.26 13.73
CA LEU A 59 4.11 2.35 13.37
C LEU A 59 3.25 2.46 14.65
N GLY A 60 3.85 2.76 15.81
CA GLY A 60 3.25 2.63 17.15
C GLY A 60 2.07 3.53 17.47
N THR A 61 1.80 4.56 16.65
CA THR A 61 0.67 5.47 16.74
C THR A 61 0.24 5.82 15.31
N LYS A 62 -1.03 6.19 15.13
CA LYS A 62 -1.62 6.46 13.80
C LYS A 62 -0.76 7.38 12.94
N ALA A 63 -0.29 8.52 13.48
CA ALA A 63 0.62 9.45 12.79
C ALA A 63 1.88 8.75 12.28
N LYS A 64 2.58 7.97 13.12
CA LYS A 64 3.77 7.21 12.74
C LYS A 64 3.53 6.25 11.55
N ALA A 65 2.39 5.55 11.53
CA ALA A 65 2.01 4.66 10.44
C ALA A 65 1.59 5.41 9.16
N VAL A 66 0.86 6.52 9.29
CA VAL A 66 0.57 7.43 8.17
C VAL A 66 1.88 7.92 7.55
N ASN A 67 2.84 8.32 8.38
CA ASN A 67 4.17 8.80 7.96
C ASN A 67 4.98 7.76 7.16
N TYR A 68 4.86 6.46 7.49
CA TYR A 68 5.47 5.37 6.72
C TYR A 68 4.82 5.17 5.34
N LEU A 69 3.51 5.40 5.25
CA LEU A 69 2.72 5.19 4.03
C LEU A 69 2.70 6.39 3.08
N THR A 70 2.83 7.61 3.61
CA THR A 70 2.82 8.91 2.94
C THR A 70 3.69 8.97 1.67
N PRO A 71 4.93 8.46 1.65
CA PRO A 71 5.78 8.41 0.46
C PRO A 71 5.20 7.68 -0.76
N ILE A 72 4.28 6.73 -0.54
CA ILE A 72 3.64 5.91 -1.59
C ILE A 72 2.18 6.31 -1.82
N PHE A 73 1.44 6.60 -0.74
CA PHE A 73 -0.01 6.79 -0.74
C PHE A 73 -0.38 8.23 -0.37
N THR A 74 -1.41 8.79 -1.02
CA THR A 74 -1.98 10.10 -0.65
C THR A 74 -2.56 10.04 0.76
N LYS A 75 -2.67 11.19 1.43
CA LYS A 75 -3.32 11.27 2.75
C LYS A 75 -4.65 10.52 2.77
N THR A 76 -5.54 10.86 1.83
CA THR A 76 -6.88 10.26 1.68
C THR A 76 -6.82 8.75 1.43
N ALA A 77 -5.88 8.25 0.62
CA ALA A 77 -5.72 6.81 0.39
C ALA A 77 -5.38 6.04 1.68
N ILE A 78 -4.63 6.67 2.58
CA ILE A 78 -4.25 6.09 3.87
C ILE A 78 -5.44 6.10 4.82
N GLU A 79 -6.16 7.23 4.91
CA GLU A 79 -7.38 7.31 5.74
C GLU A 79 -8.44 6.30 5.28
N LYS A 80 -8.60 6.13 3.96
CA LYS A 80 -9.52 5.15 3.37
C LYS A 80 -9.14 3.71 3.76
N GLY A 81 -7.86 3.32 3.66
CA GLY A 81 -7.40 1.98 4.05
C GLY A 81 -7.42 1.76 5.56
N PHE A 82 -7.16 2.80 6.37
CA PHE A 82 -7.30 2.72 7.82
C PHE A 82 -8.77 2.44 8.21
N LYS A 83 -9.74 3.08 7.56
CA LYS A 83 -11.17 2.76 7.77
C LYS A 83 -11.54 1.37 7.23
N ASP A 84 -11.11 1.00 6.02
CA ASP A 84 -11.50 -0.24 5.35
C ASP A 84 -10.97 -1.52 6.01
N TYR A 85 -9.82 -1.43 6.69
CA TYR A 85 -9.18 -2.52 7.43
C TYR A 85 -9.28 -2.34 8.97
N HIS A 86 -10.01 -1.31 9.41
CA HIS A 86 -10.44 -1.09 10.80
C HIS A 86 -9.28 -0.77 11.77
N PHE A 87 -8.23 -0.09 11.27
CA PHE A 87 -7.09 0.41 12.03
C PHE A 87 -7.57 1.32 13.17
N THR A 88 -7.09 1.06 14.40
CA THR A 88 -7.61 1.69 15.65
C THR A 88 -6.50 2.03 16.63
N VAL A 89 -6.87 2.62 17.76
CA VAL A 89 -5.99 3.00 18.87
C VAL A 89 -6.56 2.45 20.18
N SER A 90 -5.67 1.87 21.00
CA SER A 90 -5.98 1.38 22.35
C SER A 90 -4.79 1.68 23.27
N LYS A 91 -5.03 2.36 24.40
CA LYS A 91 -3.99 2.79 25.37
C LYS A 91 -2.96 3.78 24.78
N GLY A 92 -3.28 4.40 23.64
CA GLY A 92 -2.40 5.29 22.85
C GLY A 92 -1.57 4.56 21.77
N LYS A 93 -1.62 3.23 21.72
CA LYS A 93 -0.93 2.40 20.72
C LYS A 93 -1.85 2.09 19.52
N LEU A 94 -1.32 2.14 18.30
CA LEU A 94 -2.02 1.70 17.08
C LEU A 94 -2.20 0.17 17.15
N ALA A 95 -3.35 -0.32 16.69
CA ALA A 95 -3.62 -1.74 16.51
C ALA A 95 -4.44 -2.04 15.25
N VAL A 96 -4.28 -3.27 14.74
CA VAL A 96 -4.95 -3.79 13.53
C VAL A 96 -5.52 -5.19 13.81
N PRO A 97 -6.62 -5.60 13.15
CA PRO A 97 -7.22 -6.91 13.38
C PRO A 97 -6.38 -8.04 12.77
N ILE A 98 -6.37 -9.21 13.42
CA ILE A 98 -5.72 -10.42 12.91
C ILE A 98 -6.46 -10.95 11.67
N GLY A 99 -5.69 -11.27 10.63
CA GLY A 99 -6.13 -11.89 9.38
C GLY A 99 -5.02 -12.70 8.70
N ASP A 100 -5.27 -13.13 7.47
CA ASP A 100 -4.35 -13.91 6.64
C ASP A 100 -4.67 -13.74 5.15
N GLY A 101 -3.63 -13.63 4.32
CA GLY A 101 -3.73 -13.45 2.87
C GLY A 101 -2.38 -13.34 2.17
N ASP A 102 -2.36 -13.71 0.89
CA ASP A 102 -1.22 -13.68 -0.02
C ASP A 102 -1.69 -13.91 -1.46
N ASN A 103 -1.28 -13.06 -2.40
CA ASN A 103 -1.70 -13.14 -3.81
C ASN A 103 -0.65 -13.88 -4.66
N LEU A 104 -1.13 -14.82 -5.48
CA LEU A 104 -0.36 -15.54 -6.52
C LEU A 104 0.06 -14.65 -7.71
N LEU A 105 -0.30 -13.36 -7.70
CA LEU A 105 0.03 -12.36 -8.70
C LEU A 105 1.53 -12.03 -8.66
N ASN A 106 2.21 -12.26 -9.78
CA ASN A 106 3.63 -11.96 -9.97
C ASN A 106 3.80 -10.57 -10.60
N TRP A 107 3.79 -9.53 -9.75
CA TRP A 107 3.84 -8.13 -10.20
C TRP A 107 5.21 -7.75 -10.75
N LYS A 108 6.27 -8.46 -10.36
CA LYS A 108 7.63 -8.31 -10.89
C LYS A 108 7.77 -8.74 -12.35
N LYS A 109 6.80 -9.51 -12.87
CA LYS A 109 6.69 -9.93 -14.28
C LYS A 109 5.52 -9.25 -15.03
N SER A 110 4.76 -8.41 -14.33
CA SER A 110 3.67 -7.61 -14.92
C SER A 110 4.19 -6.47 -15.82
N THR A 111 3.29 -5.89 -16.62
CA THR A 111 3.57 -4.74 -17.51
C THR A 111 2.45 -3.72 -17.45
N ALA A 112 2.83 -2.43 -17.46
CA ALA A 112 1.91 -1.31 -17.38
C ALA A 112 1.53 -0.71 -18.75
N LYS A 113 0.34 -0.11 -18.82
CA LYS A 113 -0.32 0.48 -19.99
C LYS A 113 -1.05 1.77 -19.59
N LEU A 114 -0.72 2.92 -20.19
CA LEU A 114 -1.39 4.21 -19.90
C LEU A 114 -2.86 4.15 -20.36
N ILE A 115 -3.79 4.50 -19.46
CA ILE A 115 -5.24 4.57 -19.73
C ILE A 115 -5.70 6.02 -19.92
N SER A 116 -5.25 6.94 -19.06
CA SER A 116 -5.62 8.36 -19.15
C SER A 116 -4.67 9.24 -18.34
N LYS A 117 -4.54 10.50 -18.78
CA LYS A 117 -3.74 11.55 -18.15
C LYS A 117 -4.59 12.81 -17.98
N LYS A 118 -4.94 13.14 -16.73
CA LYS A 118 -5.88 14.20 -16.35
C LYS A 118 -5.22 15.16 -15.34
N GLY A 119 -4.34 16.04 -15.82
CA GLY A 119 -3.63 17.02 -15.00
C GLY A 119 -2.76 16.35 -13.94
N SER A 120 -3.08 16.58 -12.66
CA SER A 120 -2.36 16.02 -11.50
C SER A 120 -2.67 14.53 -11.22
N THR A 121 -3.49 13.86 -12.06
CA THR A 121 -3.91 12.46 -11.92
C THR A 121 -3.62 11.69 -13.20
N ILE A 122 -3.14 10.45 -13.09
CA ILE A 122 -2.83 9.54 -14.21
C ILE A 122 -3.27 8.11 -13.85
N THR A 123 -3.84 7.37 -14.81
CA THR A 123 -4.24 5.96 -14.62
C THR A 123 -3.48 5.04 -15.57
N TYR A 124 -3.00 3.92 -15.01
CA TYR A 124 -2.43 2.80 -15.74
C TYR A 124 -3.21 1.50 -15.49
N GLU A 125 -3.23 0.64 -16.50
CA GLU A 125 -3.69 -0.75 -16.45
C GLU A 125 -2.47 -1.66 -16.40
N PHE A 126 -2.62 -2.80 -15.74
CA PHE A 126 -1.57 -3.78 -15.45
C PHE A 126 -2.04 -5.18 -15.84
N THR A 127 -1.22 -5.88 -16.65
CA THR A 127 -1.40 -7.32 -16.94
C THR A 127 -0.46 -8.08 -16.03
N VAL A 128 -1.00 -8.87 -15.11
CA VAL A 128 -0.24 -9.51 -14.03
C VAL A 128 -0.28 -11.04 -14.18
N PRO A 129 0.82 -11.69 -14.62
CA PRO A 129 0.91 -13.16 -14.69
C PRO A 129 0.88 -13.79 -13.29
N THR A 130 0.57 -15.09 -13.21
CA THR A 130 0.44 -15.81 -11.94
C THR A 130 1.58 -16.80 -11.70
N LEU A 131 1.86 -17.07 -10.42
CA LEU A 131 2.79 -18.10 -9.96
C LEU A 131 2.19 -19.52 -9.98
N ASP A 132 0.90 -19.65 -10.29
CA ASP A 132 0.16 -20.92 -10.35
C ASP A 132 -0.01 -21.45 -11.80
N GLY A 133 0.38 -20.66 -12.80
CA GLY A 133 0.32 -21.02 -14.23
C GLY A 133 -1.01 -20.66 -14.92
N SER A 134 -1.90 -19.96 -14.23
CA SER A 134 -3.15 -19.42 -14.78
C SER A 134 -2.90 -18.18 -15.67
N PRO A 135 -3.82 -17.88 -16.62
CA PRO A 135 -3.76 -16.67 -17.46
C PRO A 135 -3.67 -15.38 -16.64
N SER A 136 -2.98 -14.39 -17.20
CA SER A 136 -2.68 -13.10 -16.54
C SER A 136 -3.94 -12.29 -16.17
N ALA A 137 -3.99 -11.81 -14.93
CA ALA A 137 -5.06 -10.97 -14.40
C ALA A 137 -4.88 -9.50 -14.83
N LYS A 138 -5.99 -8.82 -15.15
CA LYS A 138 -6.01 -7.38 -15.44
C LYS A 138 -6.42 -6.56 -14.20
N ARG A 139 -5.69 -5.47 -13.94
CA ARG A 139 -5.86 -4.54 -12.82
C ARG A 139 -5.70 -3.09 -13.30
N LYS A 140 -6.35 -2.12 -12.64
CA LYS A 140 -6.21 -0.69 -12.93
C LYS A 140 -5.80 0.10 -11.68
N VAL A 141 -4.83 1.01 -11.83
CA VAL A 141 -4.15 1.73 -10.72
C VAL A 141 -4.03 3.21 -11.10
N THR A 142 -4.57 4.09 -10.25
CA THR A 142 -4.57 5.54 -10.44
C THR A 142 -3.61 6.19 -9.44
N PHE A 143 -2.80 7.12 -9.96
CA PHE A 143 -1.76 7.84 -9.27
C PHE A 143 -2.10 9.34 -9.29
N VAL A 144 -1.86 10.02 -8.18
CA VAL A 144 -2.18 11.45 -7.97
C VAL A 144 -0.93 12.13 -7.38
N LYS A 145 -0.48 13.22 -7.99
CA LYS A 145 0.64 14.01 -7.49
C LYS A 145 0.19 14.95 -6.36
N GLU A 146 0.65 14.70 -5.13
CA GLU A 146 0.15 15.40 -3.92
C GLU A 146 1.05 16.59 -3.53
N ASN A 147 2.37 16.44 -3.63
CA ASN A 147 3.36 17.50 -3.38
C ASN A 147 4.68 17.16 -4.08
N LYS A 148 4.81 17.60 -5.33
CA LYS A 148 6.00 17.42 -6.19
C LYS A 148 6.31 15.93 -6.52
N LYS A 149 5.45 15.00 -6.09
CA LYS A 149 5.66 13.55 -6.08
C LYS A 149 4.34 12.79 -6.31
N TRP A 150 4.39 11.80 -7.19
CA TRP A 150 3.27 10.93 -7.59
C TRP A 150 3.04 9.78 -6.59
N LYS A 151 1.80 9.64 -6.12
CA LYS A 151 1.38 8.66 -5.10
C LYS A 151 0.13 7.88 -5.52
N VAL A 152 -0.05 6.66 -5.01
CA VAL A 152 -1.22 5.79 -5.25
C VAL A 152 -2.43 6.31 -4.49
N ASN A 153 -3.58 6.39 -5.18
CA ASN A 153 -4.83 6.95 -4.65
C ASN A 153 -5.67 5.94 -3.82
N GLN A 154 -5.14 4.74 -3.57
CA GLN A 154 -5.85 3.65 -2.88
C GLN A 154 -4.85 2.68 -2.22
N PHE A 155 -5.05 2.37 -0.93
CA PHE A 155 -4.14 1.55 -0.11
C PHE A 155 -3.94 0.12 -0.65
N ASP A 156 -5.02 -0.54 -1.07
CA ASP A 156 -5.06 -1.91 -1.58
C ASP A 156 -5.06 -1.99 -3.13
N ALA A 157 -4.64 -0.91 -3.82
CA ALA A 157 -4.65 -0.83 -5.28
C ALA A 157 -3.81 -1.91 -5.96
N VAL A 158 -2.78 -2.40 -5.25
CA VAL A 158 -1.78 -3.36 -5.70
C VAL A 158 -1.41 -4.25 -4.54
N ILE A 159 -1.50 -5.56 -4.76
CA ILE A 159 -1.24 -6.61 -3.78
C ILE A 159 -0.85 -7.93 -4.44
N GLY A 1 17.00 7.99 -24.54
CA GLY A 1 16.03 7.85 -23.44
C GLY A 1 15.81 9.17 -22.70
N LYS A 2 14.69 9.28 -21.97
CA LYS A 2 14.27 10.49 -21.23
C LYS A 2 13.30 10.14 -20.08
N ASN A 3 13.30 10.94 -19.01
CA ASN A 3 12.46 10.81 -17.82
C ASN A 3 12.08 12.21 -17.26
N THR A 4 11.03 12.29 -16.44
CA THR A 4 10.48 13.54 -15.88
C THR A 4 9.53 13.26 -14.71
N SER A 5 9.23 14.28 -13.93
CA SER A 5 8.18 14.30 -12.90
C SER A 5 6.93 15.06 -13.35
N GLY A 6 6.96 15.74 -14.52
CA GLY A 6 5.84 16.53 -15.06
C GLY A 6 4.65 15.69 -15.52
N ASP A 7 4.90 14.41 -15.81
CA ASP A 7 3.93 13.35 -16.07
C ASP A 7 4.58 11.97 -15.83
N LEU A 8 3.73 10.95 -15.69
CA LEU A 8 4.09 9.61 -15.21
C LEU A 8 4.15 8.60 -16.37
N SER A 9 5.22 7.82 -16.42
CA SER A 9 5.54 6.80 -17.44
C SER A 9 5.38 5.35 -16.94
N GLN A 10 5.34 4.37 -17.86
CA GLN A 10 5.13 2.94 -17.55
C GLN A 10 6.07 2.39 -16.47
N LYS A 11 7.37 2.72 -16.54
CA LYS A 11 8.37 2.27 -15.57
C LYS A 11 8.09 2.81 -14.15
N GLN A 12 7.81 4.11 -14.05
CA GLN A 12 7.44 4.78 -12.81
C GLN A 12 6.21 4.12 -12.20
N ALA A 13 5.12 3.98 -12.95
CA ALA A 13 3.88 3.36 -12.46
C ALA A 13 4.11 1.95 -11.92
N LEU A 14 4.87 1.12 -12.66
CA LEU A 14 5.22 -0.24 -12.28
C LEU A 14 6.02 -0.28 -10.97
N GLN A 15 6.99 0.60 -10.80
CA GLN A 15 7.80 0.64 -9.57
C GLN A 15 6.97 1.16 -8.37
N LEU A 16 6.18 2.20 -8.60
CA LEU A 16 5.21 2.73 -7.62
C LEU A 16 4.24 1.63 -7.17
N ALA A 17 3.79 0.78 -8.09
CA ALA A 17 2.91 -0.35 -7.82
C ALA A 17 3.59 -1.41 -6.94
N LEU A 18 4.81 -1.84 -7.29
CA LEU A 18 5.60 -2.78 -6.49
C LEU A 18 5.88 -2.24 -5.08
N SER A 19 6.24 -0.97 -4.98
CA SER A 19 6.47 -0.32 -3.68
C SER A 19 5.19 -0.26 -2.84
N ALA A 20 4.04 0.08 -3.45
CA ALA A 20 2.76 0.11 -2.77
C ALA A 20 2.32 -1.28 -2.25
N ARG A 21 2.58 -2.35 -3.01
CA ARG A 21 2.34 -3.72 -2.55
C ARG A 21 3.24 -4.09 -1.36
N GLU A 22 4.52 -3.73 -1.40
CA GLU A 22 5.45 -3.94 -0.28
C GLU A 22 4.99 -3.17 0.97
N HIS A 23 4.61 -1.89 0.84
CA HIS A 23 4.15 -1.06 1.95
C HIS A 23 2.85 -1.58 2.59
N PHE A 24 1.85 -1.94 1.76
CA PHE A 24 0.57 -2.48 2.23
C PHE A 24 0.74 -3.77 3.03
N TRP A 25 1.37 -4.80 2.44
CA TRP A 25 1.51 -6.11 3.06
C TRP A 25 2.28 -6.04 4.40
N ASN A 26 3.32 -5.20 4.51
CA ASN A 26 4.06 -5.07 5.77
C ASN A 26 3.33 -4.22 6.84
N THR A 27 2.47 -3.28 6.42
CA THR A 27 1.58 -2.52 7.33
C THR A 27 0.49 -3.43 7.90
N MET A 28 -0.14 -4.26 7.07
CA MET A 28 -1.06 -5.32 7.50
C MET A 28 -0.39 -6.38 8.40
N SER A 29 0.92 -6.60 8.25
CA SER A 29 1.74 -7.44 9.14
C SER A 29 2.18 -6.74 10.45
N GLY A 30 1.91 -5.44 10.59
CA GLY A 30 2.10 -4.66 11.81
C GLY A 30 3.52 -4.11 12.05
N HIS A 31 4.38 -4.16 11.03
CA HIS A 31 5.83 -3.89 11.15
C HIS A 31 6.53 -3.63 9.80
N ASN A 32 7.29 -2.53 9.70
CA ASN A 32 8.18 -2.20 8.58
C ASN A 32 9.52 -2.98 8.68
N PRO A 33 9.81 -3.92 7.76
CA PRO A 33 10.99 -4.78 7.81
C PRO A 33 12.32 -4.04 7.68
N LYS A 34 12.32 -2.77 7.25
CA LYS A 34 13.51 -1.91 7.26
C LYS A 34 13.99 -1.52 8.67
N VAL A 35 13.12 -1.61 9.67
CA VAL A 35 13.43 -1.35 11.09
C VAL A 35 13.69 -2.70 11.79
N LYS A 36 14.88 -2.83 12.39
CA LYS A 36 15.39 -4.10 12.92
C LYS A 36 15.36 -4.20 14.46
N LYS A 37 14.97 -3.13 15.15
CA LYS A 37 15.03 -2.95 16.61
C LYS A 37 13.76 -2.29 17.21
N ALA A 38 12.61 -2.40 16.52
CA ALA A 38 11.33 -1.85 16.97
C ALA A 38 10.87 -2.46 18.31
N VAL A 39 10.30 -1.63 19.18
CA VAL A 39 9.65 -2.05 20.43
C VAL A 39 8.24 -2.50 20.08
N CYS A 40 7.82 -3.69 20.52
CA CYS A 40 6.57 -4.31 20.04
C CYS A 40 5.92 -5.20 21.12
N PRO A 41 4.68 -4.87 21.59
CA PRO A 41 3.96 -5.67 22.59
C PRO A 41 3.70 -7.10 22.12
N SER A 42 3.86 -8.07 23.02
CA SER A 42 3.51 -9.48 22.81
C SER A 42 2.04 -9.81 23.17
N GLY A 43 1.30 -8.81 23.68
CA GLY A 43 -0.12 -8.90 24.06
C GLY A 43 -1.08 -8.58 22.91
N THR A 44 -2.36 -8.92 23.12
CA THR A 44 -3.49 -8.72 22.19
C THR A 44 -4.76 -8.36 22.97
N PHE A 45 -5.80 -7.95 22.25
CA PHE A 45 -7.12 -7.64 22.82
C PHE A 45 -8.26 -8.01 21.84
N GLU A 46 -9.51 -7.82 22.28
CA GLU A 46 -10.72 -8.16 21.51
C GLU A 46 -11.62 -6.92 21.33
N TYR A 47 -12.06 -6.69 20.10
CA TYR A 47 -12.84 -5.52 19.66
C TYR A 47 -13.60 -5.84 18.36
N GLN A 48 -14.88 -5.45 18.25
CA GLN A 48 -15.74 -5.71 17.08
C GLN A 48 -15.84 -7.21 16.72
N ASN A 49 -15.69 -8.10 17.71
CA ASN A 49 -15.68 -9.57 17.58
C ASN A 49 -14.42 -10.12 16.83
N LEU A 50 -13.34 -9.33 16.76
CA LEU A 50 -12.04 -9.70 16.18
C LEU A 50 -10.95 -9.63 17.27
N GLN A 51 -9.85 -10.36 17.07
CA GLN A 51 -8.65 -10.21 17.87
C GLN A 51 -7.73 -9.16 17.20
N TYR A 52 -7.27 -8.19 17.98
CA TYR A 52 -6.39 -7.10 17.54
C TYR A 52 -4.96 -7.25 18.07
N VAL A 53 -3.98 -6.87 17.25
CA VAL A 53 -2.55 -6.84 17.59
C VAL A 53 -2.04 -5.40 17.55
N TYR A 54 -1.25 -5.02 18.55
CA TYR A 54 -0.55 -3.73 18.58
C TYR A 54 0.57 -3.66 17.54
N MET A 55 0.72 -2.51 16.88
CA MET A 55 1.80 -2.26 15.93
C MET A 55 3.15 -2.13 16.64
N CYS A 56 4.25 -2.50 15.97
CA CYS A 56 5.59 -2.20 16.48
C CYS A 56 5.89 -0.70 16.36
N SER A 57 6.83 -0.18 17.17
CA SER A 57 7.07 1.25 17.40
C SER A 57 7.32 2.14 16.15
N ASP A 58 7.72 1.54 15.02
CA ASP A 58 7.85 2.18 13.71
C ASP A 58 6.51 2.57 13.05
N LEU A 59 5.41 1.95 13.49
CA LEU A 59 4.01 2.23 13.14
C LEU A 59 3.16 2.37 14.44
N GLY A 60 3.80 2.67 15.57
CA GLY A 60 3.20 2.58 16.92
C GLY A 60 2.05 3.53 17.24
N THR A 61 1.84 4.57 16.42
CA THR A 61 0.80 5.59 16.56
C THR A 61 0.32 5.98 15.16
N LYS A 62 -0.91 6.47 15.04
CA LYS A 62 -1.54 6.83 13.75
C LYS A 62 -0.60 7.66 12.86
N ALA A 63 -0.01 8.73 13.41
CA ALA A 63 0.95 9.59 12.71
C ALA A 63 2.12 8.79 12.14
N LYS A 64 2.82 7.99 12.95
CA LYS A 64 3.93 7.12 12.51
C LYS A 64 3.56 6.20 11.34
N ALA A 65 2.35 5.65 11.36
CA ALA A 65 1.85 4.77 10.29
C ALA A 65 1.46 5.54 9.02
N VAL A 66 0.81 6.70 9.15
CA VAL A 66 0.54 7.60 8.01
C VAL A 66 1.85 8.08 7.38
N ASN A 67 2.86 8.40 8.20
CA ASN A 67 4.17 8.89 7.78
C ASN A 67 4.93 7.87 6.91
N TYR A 68 4.83 6.57 7.24
CA TYR A 68 5.43 5.50 6.43
C TYR A 68 4.78 5.35 5.05
N LEU A 69 3.46 5.57 4.97
CA LEU A 69 2.65 5.40 3.75
C LEU A 69 2.62 6.65 2.86
N THR A 70 2.77 7.85 3.46
CA THR A 70 2.72 9.17 2.83
C THR A 70 3.52 9.29 1.54
N PRO A 71 4.78 8.80 1.45
CA PRO A 71 5.57 8.81 0.21
C PRO A 71 4.94 8.09 -0.98
N ILE A 72 4.05 7.12 -0.73
CA ILE A 72 3.47 6.23 -1.75
C ILE A 72 1.97 6.48 -1.97
N PHE A 73 1.24 6.87 -0.93
CA PHE A 73 -0.22 6.98 -0.90
C PHE A 73 -0.64 8.39 -0.49
N THR A 74 -1.70 8.93 -1.13
CA THR A 74 -2.30 10.22 -0.76
C THR A 74 -2.85 10.14 0.65
N LYS A 75 -2.96 11.27 1.35
CA LYS A 75 -3.51 11.29 2.72
C LYS A 75 -4.88 10.58 2.76
N THR A 76 -5.76 10.92 1.82
CA THR A 76 -7.10 10.33 1.68
C THR A 76 -7.05 8.82 1.44
N ALA A 77 -6.15 8.32 0.60
CA ALA A 77 -5.98 6.88 0.38
C ALA A 77 -5.59 6.13 1.65
N ILE A 78 -4.80 6.78 2.52
CA ILE A 78 -4.36 6.22 3.80
C ILE A 78 -5.54 6.22 4.79
N GLU A 79 -6.23 7.35 4.93
CA GLU A 79 -7.41 7.43 5.83
C GLU A 79 -8.50 6.42 5.42
N LYS A 80 -8.75 6.27 4.11
CA LYS A 80 -9.70 5.31 3.56
C LYS A 80 -9.33 3.86 3.91
N GLY A 81 -8.06 3.46 3.75
CA GLY A 81 -7.59 2.11 4.10
C GLY A 81 -7.55 1.88 5.62
N PHE A 82 -7.26 2.90 6.43
CA PHE A 82 -7.33 2.79 7.89
C PHE A 82 -8.78 2.52 8.34
N LYS A 83 -9.77 3.16 7.73
CA LYS A 83 -11.19 2.86 8.00
C LYS A 83 -11.62 1.49 7.44
N ASP A 84 -11.23 1.14 6.22
CA ASP A 84 -11.66 -0.09 5.52
C ASP A 84 -11.12 -1.39 6.14
N TYR A 85 -9.93 -1.33 6.75
CA TYR A 85 -9.28 -2.45 7.45
C TYR A 85 -9.37 -2.32 8.98
N HIS A 86 -10.10 -1.32 9.48
CA HIS A 86 -10.51 -1.13 10.87
C HIS A 86 -9.33 -0.81 11.83
N PHE A 87 -8.27 -0.19 11.30
CA PHE A 87 -7.12 0.30 12.06
C PHE A 87 -7.60 1.18 13.22
N THR A 88 -7.13 0.88 14.44
CA THR A 88 -7.65 1.45 15.70
C THR A 88 -6.52 1.87 16.64
N VAL A 89 -6.88 2.41 17.79
CA VAL A 89 -5.96 2.87 18.84
C VAL A 89 -6.52 2.45 20.21
N SER A 90 -5.64 1.92 21.06
CA SER A 90 -5.96 1.59 22.46
C SER A 90 -4.77 1.93 23.37
N LYS A 91 -5.00 2.68 24.44
CA LYS A 91 -3.98 3.21 25.36
C LYS A 91 -2.92 4.12 24.66
N GLY A 92 -3.26 4.67 23.49
CA GLY A 92 -2.40 5.48 22.62
C GLY A 92 -1.58 4.67 21.61
N LYS A 93 -1.62 3.34 21.66
CA LYS A 93 -0.93 2.44 20.72
C LYS A 93 -1.86 2.07 19.55
N LEU A 94 -1.35 2.12 18.32
CA LEU A 94 -2.05 1.67 17.11
C LEU A 94 -2.23 0.15 17.17
N ALA A 95 -3.37 -0.36 16.71
CA ALA A 95 -3.63 -1.79 16.55
C ALA A 95 -4.42 -2.13 15.28
N VAL A 96 -4.24 -3.37 14.81
CA VAL A 96 -4.85 -3.91 13.57
C VAL A 96 -5.41 -5.32 13.83
N PRO A 97 -6.49 -5.76 13.15
CA PRO A 97 -7.10 -7.06 13.39
C PRO A 97 -6.21 -8.19 12.82
N ILE A 98 -6.20 -9.34 13.49
CA ILE A 98 -5.51 -10.56 13.04
C ILE A 98 -6.15 -11.11 11.76
N GLY A 99 -5.29 -11.44 10.80
CA GLY A 99 -5.62 -12.05 9.51
C GLY A 99 -4.39 -12.48 8.73
N ASP A 100 -4.58 -12.90 7.49
CA ASP A 100 -3.52 -13.36 6.57
C ASP A 100 -3.97 -13.26 5.10
N GLY A 101 -3.00 -13.08 4.20
CA GLY A 101 -3.22 -12.98 2.76
C GLY A 101 -1.93 -13.13 1.94
N ASP A 102 -2.09 -13.61 0.71
CA ASP A 102 -1.04 -13.84 -0.28
C ASP A 102 -1.67 -14.07 -1.66
N ASN A 103 -1.15 -13.38 -2.68
CA ASN A 103 -1.67 -13.43 -4.06
C ASN A 103 -0.72 -14.18 -5.00
N LEU A 104 -1.30 -14.98 -5.91
CA LEU A 104 -0.59 -15.67 -7.01
C LEU A 104 -0.02 -14.70 -8.05
N LEU A 105 -0.49 -13.46 -8.04
CA LEU A 105 -0.06 -12.35 -8.89
C LEU A 105 1.45 -12.08 -8.75
N ASN A 106 2.18 -12.24 -9.85
CA ASN A 106 3.59 -11.91 -9.99
C ASN A 106 3.77 -10.53 -10.61
N TRP A 107 3.77 -9.49 -9.78
CA TRP A 107 3.80 -8.09 -10.23
C TRP A 107 5.18 -7.69 -10.79
N LYS A 108 6.24 -8.38 -10.38
CA LYS A 108 7.61 -8.21 -10.91
C LYS A 108 7.75 -8.65 -12.38
N LYS A 109 6.80 -9.44 -12.89
CA LYS A 109 6.71 -9.86 -14.29
C LYS A 109 5.54 -9.20 -15.05
N SER A 110 4.77 -8.35 -14.36
CA SER A 110 3.68 -7.57 -14.96
C SER A 110 4.19 -6.44 -15.88
N THR A 111 3.29 -5.90 -16.71
CA THR A 111 3.56 -4.79 -17.65
C THR A 111 2.44 -3.75 -17.59
N ALA A 112 2.83 -2.48 -17.63
CA ALA A 112 1.92 -1.34 -17.56
C ALA A 112 1.45 -0.83 -18.94
N LYS A 113 0.22 -0.31 -18.98
CA LYS A 113 -0.51 0.21 -20.14
C LYS A 113 -1.23 1.50 -19.75
N LEU A 114 -0.97 2.63 -20.42
CA LEU A 114 -1.61 3.92 -20.10
C LEU A 114 -3.10 3.89 -20.47
N ILE A 115 -3.97 4.29 -19.53
CA ILE A 115 -5.43 4.39 -19.71
C ILE A 115 -5.90 5.84 -19.83
N SER A 116 -5.33 6.75 -19.04
CA SER A 116 -5.77 8.15 -18.98
C SER A 116 -4.67 9.03 -18.36
N LYS A 117 -4.50 10.25 -18.89
CA LYS A 117 -3.48 11.22 -18.46
C LYS A 117 -4.10 12.63 -18.45
N LYS A 118 -4.52 13.08 -17.27
CA LYS A 118 -5.34 14.29 -17.07
C LYS A 118 -4.82 15.15 -15.89
N GLY A 119 -3.95 16.12 -16.20
CA GLY A 119 -3.41 17.07 -15.21
C GLY A 119 -2.62 16.36 -14.12
N SER A 120 -3.03 16.54 -12.87
CA SER A 120 -2.40 15.94 -11.69
C SER A 120 -2.82 14.48 -11.39
N THR A 121 -3.60 13.83 -12.27
CA THR A 121 -4.09 12.44 -12.14
C THR A 121 -3.79 11.64 -13.41
N ILE A 122 -3.29 10.42 -13.25
CA ILE A 122 -2.92 9.50 -14.35
C ILE A 122 -3.31 8.07 -13.97
N THR A 123 -3.83 7.28 -14.92
CA THR A 123 -4.24 5.88 -14.71
C THR A 123 -3.51 4.94 -15.65
N TYR A 124 -3.00 3.84 -15.08
CA TYR A 124 -2.42 2.71 -15.79
C TYR A 124 -3.18 1.40 -15.49
N GLU A 125 -3.25 0.52 -16.48
CA GLU A 125 -3.68 -0.87 -16.36
C GLU A 125 -2.43 -1.75 -16.36
N PHE A 126 -2.49 -2.83 -15.59
CA PHE A 126 -1.41 -3.79 -15.39
C PHE A 126 -1.87 -5.19 -15.79
N THR A 127 -1.14 -5.83 -16.70
CA THR A 127 -1.32 -7.25 -17.03
C THR A 127 -0.40 -8.03 -16.12
N VAL A 128 -0.98 -8.73 -15.14
CA VAL A 128 -0.22 -9.39 -14.07
C VAL A 128 -0.29 -10.92 -14.24
N PRO A 129 0.79 -11.59 -14.68
CA PRO A 129 0.86 -13.05 -14.78
C PRO A 129 0.79 -13.71 -13.40
N THR A 130 0.44 -15.00 -13.37
CA THR A 130 0.31 -15.77 -12.12
C THR A 130 1.42 -16.80 -11.96
N LEU A 131 1.76 -17.11 -10.71
CA LEU A 131 2.71 -18.16 -10.32
C LEU A 131 2.13 -19.58 -10.43
N ASP A 132 0.82 -19.72 -10.69
CA ASP A 132 0.12 -20.99 -10.86
C ASP A 132 -0.11 -21.38 -12.33
N GLY A 133 0.22 -20.48 -13.27
CA GLY A 133 0.11 -20.70 -14.73
C GLY A 133 -1.26 -20.35 -15.32
N SER A 134 -2.15 -19.73 -14.55
CA SER A 134 -3.42 -19.17 -15.01
C SER A 134 -3.23 -17.89 -15.85
N PRO A 135 -4.18 -17.55 -16.77
CA PRO A 135 -4.14 -16.34 -17.58
C PRO A 135 -3.97 -15.05 -16.76
N SER A 136 -3.20 -14.11 -17.30
CA SER A 136 -2.82 -12.86 -16.62
C SER A 136 -4.02 -11.97 -16.26
N ALA A 137 -4.04 -11.50 -15.01
CA ALA A 137 -5.08 -10.63 -14.46
C ALA A 137 -4.84 -9.16 -14.87
N LYS A 138 -5.90 -8.50 -15.34
CA LYS A 138 -5.90 -7.06 -15.63
C LYS A 138 -6.36 -6.24 -14.41
N ARG A 139 -5.56 -5.22 -14.02
CA ARG A 139 -5.73 -4.40 -12.81
C ARG A 139 -5.47 -2.92 -13.10
N LYS A 140 -6.39 -2.02 -12.74
CA LYS A 140 -6.27 -0.57 -12.96
C LYS A 140 -5.82 0.15 -11.68
N VAL A 141 -4.82 1.02 -11.82
CA VAL A 141 -4.15 1.77 -10.73
C VAL A 141 -4.05 3.25 -11.14
N THR A 142 -4.62 4.13 -10.31
CA THR A 142 -4.63 5.59 -10.53
C THR A 142 -3.68 6.26 -9.55
N PHE A 143 -2.84 7.13 -10.09
CA PHE A 143 -1.81 7.89 -9.40
C PHE A 143 -2.18 9.38 -9.44
N VAL A 144 -2.01 10.07 -8.32
CA VAL A 144 -2.35 11.49 -8.12
C VAL A 144 -1.13 12.17 -7.49
N LYS A 145 -0.65 13.27 -8.08
CA LYS A 145 0.45 14.04 -7.50
C LYS A 145 -0.07 14.99 -6.40
N GLU A 146 0.35 14.76 -5.15
CA GLU A 146 -0.16 15.47 -3.97
C GLU A 146 0.77 16.63 -3.54
N ASN A 147 2.08 16.40 -3.51
CA ASN A 147 3.11 17.38 -3.16
C ASN A 147 4.48 16.91 -3.66
N LYS A 148 4.85 17.34 -4.88
CA LYS A 148 6.13 17.02 -5.54
C LYS A 148 6.34 15.50 -5.82
N LYS A 149 5.33 14.67 -5.52
CA LYS A 149 5.37 13.20 -5.61
C LYS A 149 4.05 12.63 -6.13
N TRP A 150 4.14 11.78 -7.14
CA TRP A 150 3.05 10.94 -7.65
C TRP A 150 2.76 9.77 -6.69
N LYS A 151 1.54 9.69 -6.17
CA LYS A 151 1.12 8.73 -5.15
C LYS A 151 -0.13 7.95 -5.58
N VAL A 152 -0.30 6.72 -5.11
CA VAL A 152 -1.46 5.85 -5.38
C VAL A 152 -2.69 6.36 -4.61
N ASN A 153 -3.82 6.46 -5.29
CA ASN A 153 -5.07 6.99 -4.75
C ASN A 153 -5.90 5.96 -3.94
N GLN A 154 -5.34 4.78 -3.67
CA GLN A 154 -6.01 3.65 -3.01
C GLN A 154 -4.98 2.73 -2.33
N PHE A 155 -5.20 2.40 -1.04
CA PHE A 155 -4.25 1.65 -0.21
C PHE A 155 -4.00 0.21 -0.69
N ASP A 156 -5.04 -0.50 -1.11
CA ASP A 156 -5.03 -1.88 -1.58
C ASP A 156 -5.02 -2.02 -3.11
N ALA A 157 -4.63 -0.96 -3.84
CA ALA A 157 -4.67 -0.91 -5.30
C ALA A 157 -3.80 -2.00 -5.97
N VAL A 158 -2.76 -2.45 -5.26
CA VAL A 158 -1.73 -3.39 -5.71
C VAL A 158 -1.34 -4.27 -4.54
N ILE A 159 -1.41 -5.58 -4.75
CA ILE A 159 -1.16 -6.61 -3.75
C ILE A 159 -0.76 -7.95 -4.39
N GLY A 1 15.54 17.61 -24.87
CA GLY A 1 15.65 16.58 -23.81
C GLY A 1 15.86 15.18 -24.39
N LYS A 2 15.85 14.16 -23.53
CA LYS A 2 16.14 12.75 -23.90
C LYS A 2 15.36 11.70 -23.08
N ASN A 3 14.40 12.12 -22.25
CA ASN A 3 13.64 11.30 -21.30
C ASN A 3 12.35 11.99 -20.82
N THR A 4 11.42 11.21 -20.25
CA THR A 4 10.24 11.71 -19.53
C THR A 4 10.64 12.14 -18.12
N SER A 5 10.03 13.21 -17.62
CA SER A 5 10.21 13.75 -16.26
C SER A 5 9.02 14.66 -15.88
N GLY A 6 8.77 14.81 -14.56
CA GLY A 6 7.63 15.58 -14.02
C GLY A 6 6.29 14.83 -14.10
N ASP A 7 6.02 14.22 -15.24
CA ASP A 7 4.89 13.30 -15.49
C ASP A 7 5.30 11.82 -15.29
N LEU A 8 4.29 10.97 -15.10
CA LEU A 8 4.44 9.55 -14.78
C LEU A 8 4.52 8.69 -16.05
N SER A 9 5.46 7.75 -16.10
CA SER A 9 5.70 6.80 -17.21
C SER A 9 5.57 5.33 -16.76
N GLN A 10 5.50 4.39 -17.71
CA GLN A 10 5.22 2.96 -17.48
C GLN A 10 6.14 2.32 -16.43
N LYS A 11 7.45 2.60 -16.50
CA LYS A 11 8.42 2.09 -15.53
C LYS A 11 8.14 2.57 -14.10
N GLN A 12 7.87 3.87 -13.95
CA GLN A 12 7.55 4.50 -12.68
C GLN A 12 6.25 3.92 -12.10
N ALA A 13 5.17 3.82 -12.89
CA ALA A 13 3.91 3.21 -12.44
C ALA A 13 4.12 1.78 -11.93
N LEU A 14 4.85 0.95 -12.67
CA LEU A 14 5.21 -0.42 -12.31
C LEU A 14 5.97 -0.46 -10.96
N GLN A 15 6.96 0.41 -10.76
CA GLN A 15 7.72 0.41 -9.51
C GLN A 15 6.90 0.94 -8.33
N LEU A 16 6.13 1.99 -8.54
CA LEU A 16 5.16 2.52 -7.58
C LEU A 16 4.17 1.42 -7.15
N ALA A 17 3.71 0.59 -8.10
CA ALA A 17 2.80 -0.52 -7.85
C ALA A 17 3.46 -1.61 -6.97
N LEU A 18 4.68 -2.04 -7.28
CA LEU A 18 5.42 -3.02 -6.48
C LEU A 18 5.76 -2.48 -5.08
N SER A 19 6.14 -1.21 -4.97
CA SER A 19 6.39 -0.57 -3.68
C SER A 19 5.11 -0.42 -2.87
N ALA A 20 3.96 -0.17 -3.51
CA ALA A 20 2.67 -0.16 -2.83
C ALA A 20 2.25 -1.56 -2.35
N ARG A 21 2.55 -2.61 -3.13
CA ARG A 21 2.40 -4.01 -2.72
C ARG A 21 3.16 -4.27 -1.41
N GLU A 22 4.43 -3.87 -1.39
CA GLU A 22 5.33 -3.99 -0.25
C GLU A 22 4.77 -3.23 0.97
N HIS A 23 4.48 -1.94 0.83
CA HIS A 23 4.04 -1.06 1.93
C HIS A 23 2.66 -1.43 2.50
N PHE A 24 1.77 -2.03 1.70
CA PHE A 24 0.52 -2.62 2.18
C PHE A 24 0.79 -3.88 3.01
N TRP A 25 1.42 -4.89 2.40
CA TRP A 25 1.61 -6.20 3.04
C TRP A 25 2.43 -6.12 4.34
N ASN A 26 3.47 -5.29 4.42
CA ASN A 26 4.26 -5.16 5.65
C ASN A 26 3.51 -4.40 6.77
N THR A 27 2.74 -3.36 6.46
CA THR A 27 1.87 -2.66 7.44
C THR A 27 0.81 -3.60 8.00
N MET A 28 0.16 -4.41 7.16
CA MET A 28 -0.77 -5.47 7.59
C MET A 28 -0.10 -6.60 8.42
N SER A 29 1.23 -6.65 8.49
CA SER A 29 2.01 -7.56 9.34
C SER A 29 2.38 -6.94 10.71
N GLY A 30 2.08 -5.66 10.93
CA GLY A 30 2.26 -4.93 12.19
C GLY A 30 3.57 -4.15 12.32
N HIS A 31 4.41 -4.13 11.26
CA HIS A 31 5.78 -3.60 11.32
C HIS A 31 6.33 -3.13 9.96
N ASN A 32 7.15 -2.08 9.96
CA ASN A 32 7.87 -1.57 8.79
C ASN A 32 9.34 -2.07 8.74
N PRO A 33 9.68 -3.03 7.83
CA PRO A 33 11.02 -3.63 7.73
C PRO A 33 12.13 -2.63 7.35
N LYS A 34 11.79 -1.40 6.97
CA LYS A 34 12.76 -0.29 6.85
C LYS A 34 13.47 0.02 8.18
N VAL A 35 12.83 -0.31 9.31
CA VAL A 35 13.37 -0.24 10.67
C VAL A 35 13.80 -1.65 11.09
N LYS A 36 15.10 -1.81 11.38
CA LYS A 36 15.71 -3.12 11.65
C LYS A 36 15.54 -3.60 13.10
N LYS A 37 15.10 -2.73 14.00
CA LYS A 37 14.79 -2.99 15.41
C LYS A 37 13.74 -1.98 15.92
N ALA A 38 12.57 -2.47 16.33
CA ALA A 38 11.44 -1.70 16.85
C ALA A 38 10.85 -2.42 18.07
N VAL A 39 10.22 -1.68 18.99
CA VAL A 39 9.60 -2.23 20.20
C VAL A 39 8.19 -2.71 19.83
N CYS A 40 7.99 -4.03 19.84
CA CYS A 40 6.74 -4.69 19.44
C CYS A 40 6.05 -5.29 20.68
N PRO A 41 4.88 -4.75 21.13
CA PRO A 41 4.16 -5.29 22.29
C PRO A 41 3.69 -6.73 22.05
N SER A 42 3.86 -7.59 23.05
CA SER A 42 3.49 -9.02 22.99
C SER A 42 2.02 -9.31 23.37
N GLY A 43 1.27 -8.28 23.77
CA GLY A 43 -0.14 -8.34 24.15
C GLY A 43 -1.09 -8.22 22.96
N THR A 44 -2.33 -8.69 23.17
CA THR A 44 -3.46 -8.62 22.22
C THR A 44 -4.76 -8.31 22.98
N PHE A 45 -5.81 -7.94 22.24
CA PHE A 45 -7.14 -7.67 22.80
C PHE A 45 -8.26 -8.03 21.83
N GLU A 46 -9.53 -7.88 22.25
CA GLU A 46 -10.71 -8.23 21.47
C GLU A 46 -11.63 -7.01 21.29
N TYR A 47 -12.05 -6.75 20.06
CA TYR A 47 -12.85 -5.60 19.64
C TYR A 47 -13.59 -5.90 18.32
N GLN A 48 -14.87 -5.52 18.20
CA GLN A 48 -15.73 -5.82 17.04
C GLN A 48 -15.78 -7.33 16.69
N ASN A 49 -15.60 -8.21 17.68
CA ASN A 49 -15.54 -9.68 17.55
C ASN A 49 -14.28 -10.19 16.79
N LEU A 50 -13.23 -9.36 16.69
CA LEU A 50 -11.91 -9.70 16.12
C LEU A 50 -10.84 -9.62 17.21
N GLN A 51 -9.73 -10.35 17.02
CA GLN A 51 -8.54 -10.20 17.86
C GLN A 51 -7.63 -9.15 17.20
N TYR A 52 -7.19 -8.17 17.98
CA TYR A 52 -6.31 -7.07 17.57
C TYR A 52 -4.88 -7.22 18.12
N VAL A 53 -3.89 -6.76 17.33
CA VAL A 53 -2.47 -6.76 17.69
C VAL A 53 -1.94 -5.32 17.60
N TYR A 54 -1.11 -4.93 18.57
CA TYR A 54 -0.44 -3.63 18.59
C TYR A 54 0.71 -3.55 17.58
N MET A 55 0.88 -2.39 16.96
CA MET A 55 1.97 -2.13 16.00
C MET A 55 3.32 -1.95 16.72
N CYS A 56 4.43 -2.24 16.04
CA CYS A 56 5.76 -1.93 16.55
C CYS A 56 6.01 -0.40 16.59
N SER A 57 6.91 0.06 17.45
CA SER A 57 7.10 1.47 17.84
C SER A 57 7.19 2.53 16.72
N ASP A 58 7.76 2.23 15.54
CA ASP A 58 7.85 3.21 14.45
C ASP A 58 6.53 3.36 13.65
N LEU A 59 5.56 2.49 13.92
CA LEU A 59 4.15 2.56 13.50
C LEU A 59 3.24 2.64 14.74
N GLY A 60 3.80 2.95 15.92
CA GLY A 60 3.17 2.81 17.24
C GLY A 60 1.96 3.70 17.53
N THR A 61 1.69 4.71 16.69
CA THR A 61 0.53 5.61 16.77
C THR A 61 0.11 5.94 15.33
N LYS A 62 -1.16 6.29 15.13
CA LYS A 62 -1.76 6.48 13.80
C LYS A 62 -0.93 7.44 12.92
N ALA A 63 -0.50 8.59 13.46
CA ALA A 63 0.37 9.53 12.75
C ALA A 63 1.67 8.87 12.26
N LYS A 64 2.39 8.14 13.11
CA LYS A 64 3.61 7.40 12.76
C LYS A 64 3.42 6.44 11.57
N ALA A 65 2.29 5.73 11.54
CA ALA A 65 1.94 4.82 10.45
C ALA A 65 1.52 5.55 9.16
N VAL A 66 0.76 6.65 9.27
CA VAL A 66 0.45 7.53 8.12
C VAL A 66 1.75 8.08 7.52
N ASN A 67 2.70 8.49 8.35
CA ASN A 67 4.01 9.01 7.95
C ASN A 67 4.85 7.99 7.15
N TYR A 68 4.72 6.68 7.47
CA TYR A 68 5.39 5.60 6.75
C TYR A 68 4.74 5.29 5.38
N LEU A 69 3.41 5.47 5.28
CA LEU A 69 2.63 5.20 4.07
C LEU A 69 2.59 6.38 3.08
N THR A 70 2.71 7.61 3.59
CA THR A 70 2.71 8.91 2.87
C THR A 70 3.59 8.93 1.61
N PRO A 71 4.83 8.40 1.61
CA PRO A 71 5.69 8.32 0.43
C PRO A 71 5.12 7.56 -0.77
N ILE A 72 4.19 6.62 -0.54
CA ILE A 72 3.57 5.76 -1.58
C ILE A 72 2.11 6.14 -1.82
N PHE A 73 1.35 6.45 -0.77
CA PHE A 73 -0.10 6.64 -0.79
C PHE A 73 -0.45 8.10 -0.48
N THR A 74 -1.49 8.63 -1.14
CA THR A 74 -2.02 9.97 -0.81
C THR A 74 -2.63 9.95 0.58
N LYS A 75 -2.66 11.11 1.24
CA LYS A 75 -3.14 11.24 2.62
C LYS A 75 -4.51 10.57 2.82
N THR A 76 -5.45 10.90 1.92
CA THR A 76 -6.81 10.35 1.86
C THR A 76 -6.85 8.85 1.60
N ALA A 77 -6.00 8.32 0.73
CA ALA A 77 -5.92 6.87 0.46
C ALA A 77 -5.54 6.08 1.73
N ILE A 78 -4.73 6.68 2.60
CA ILE A 78 -4.31 6.06 3.88
C ILE A 78 -5.48 6.08 4.86
N GLU A 79 -6.17 7.22 5.00
CA GLU A 79 -7.35 7.30 5.87
C GLU A 79 -8.45 6.33 5.45
N LYS A 80 -8.66 6.18 4.13
CA LYS A 80 -9.61 5.21 3.56
C LYS A 80 -9.25 3.76 3.91
N GLY A 81 -7.97 3.36 3.77
CA GLY A 81 -7.52 2.01 4.14
C GLY A 81 -7.49 1.79 5.65
N PHE A 82 -7.22 2.83 6.45
CA PHE A 82 -7.34 2.74 7.91
C PHE A 82 -8.79 2.44 8.33
N LYS A 83 -9.77 3.07 7.70
CA LYS A 83 -11.19 2.73 7.93
C LYS A 83 -11.56 1.33 7.39
N ASP A 84 -11.10 0.97 6.18
CA ASP A 84 -11.48 -0.29 5.52
C ASP A 84 -10.91 -1.56 6.18
N TYR A 85 -9.74 -1.44 6.84
CA TYR A 85 -9.08 -2.52 7.58
C TYR A 85 -9.14 -2.33 9.11
N HIS A 86 -9.90 -1.32 9.57
CA HIS A 86 -10.31 -1.09 10.96
C HIS A 86 -9.15 -0.71 11.91
N PHE A 87 -8.12 -0.03 11.38
CA PHE A 87 -6.97 0.49 12.12
C PHE A 87 -7.45 1.37 13.29
N THR A 88 -7.06 0.99 14.51
CA THR A 88 -7.60 1.54 15.77
C THR A 88 -6.50 1.92 16.76
N VAL A 89 -6.90 2.45 17.91
CA VAL A 89 -6.02 2.94 18.98
C VAL A 89 -6.56 2.48 20.33
N SER A 90 -5.67 1.98 21.18
CA SER A 90 -5.96 1.64 22.58
C SER A 90 -4.77 1.97 23.48
N LYS A 91 -4.98 2.74 24.55
CA LYS A 91 -3.93 3.27 25.46
C LYS A 91 -2.89 4.16 24.72
N GLY A 92 -3.26 4.71 23.56
CA GLY A 92 -2.41 5.52 22.67
C GLY A 92 -1.59 4.70 21.66
N LYS A 93 -1.63 3.36 21.74
CA LYS A 93 -0.95 2.44 20.81
C LYS A 93 -1.86 2.10 19.62
N LEU A 94 -1.34 2.16 18.39
CA LEU A 94 -2.03 1.72 17.17
C LEU A 94 -2.19 0.19 17.22
N ALA A 95 -3.35 -0.33 16.80
CA ALA A 95 -3.59 -1.75 16.64
C ALA A 95 -4.38 -2.07 15.36
N VAL A 96 -4.18 -3.30 14.86
CA VAL A 96 -4.79 -3.85 13.63
C VAL A 96 -5.31 -5.27 13.88
N PRO A 97 -6.37 -5.73 13.19
CA PRO A 97 -6.95 -7.06 13.43
C PRO A 97 -6.05 -8.16 12.84
N ILE A 98 -6.03 -9.32 13.51
CA ILE A 98 -5.33 -10.53 13.04
C ILE A 98 -5.95 -11.05 11.72
N GLY A 99 -5.08 -11.36 10.76
CA GLY A 99 -5.41 -11.91 9.45
C GLY A 99 -4.17 -12.27 8.64
N ASP A 100 -4.37 -12.69 7.39
CA ASP A 100 -3.33 -13.09 6.44
C ASP A 100 -3.86 -13.07 4.99
N GLY A 101 -2.93 -12.93 4.03
CA GLY A 101 -3.23 -12.89 2.60
C GLY A 101 -2.01 -13.14 1.72
N ASP A 102 -2.29 -13.60 0.49
CA ASP A 102 -1.33 -13.98 -0.54
C ASP A 102 -2.06 -14.17 -1.88
N ASN A 103 -1.38 -13.89 -3.00
CA ASN A 103 -1.92 -14.00 -4.36
C ASN A 103 -0.93 -14.69 -5.30
N LEU A 104 -1.46 -15.52 -6.22
CA LEU A 104 -0.72 -16.11 -7.35
C LEU A 104 -0.29 -15.09 -8.42
N LEU A 105 -0.66 -13.82 -8.27
CA LEU A 105 -0.33 -12.71 -9.16
C LEU A 105 1.15 -12.36 -9.06
N ASN A 106 1.87 -12.51 -10.17
CA ASN A 106 3.30 -12.22 -10.29
C ASN A 106 3.52 -10.80 -10.85
N TRP A 107 3.37 -9.79 -9.99
CA TRP A 107 3.46 -8.38 -10.38
C TRP A 107 4.88 -7.99 -10.81
N LYS A 108 5.89 -8.69 -10.29
CA LYS A 108 7.31 -8.55 -10.69
C LYS A 108 7.57 -8.88 -12.18
N LYS A 109 6.63 -9.58 -12.83
CA LYS A 109 6.65 -9.92 -14.26
C LYS A 109 5.52 -9.23 -15.06
N SER A 110 4.68 -8.43 -14.40
CA SER A 110 3.63 -7.63 -15.05
C SER A 110 4.18 -6.48 -15.89
N THR A 111 3.33 -5.91 -16.75
CA THR A 111 3.63 -4.75 -17.61
C THR A 111 2.52 -3.72 -17.53
N ALA A 112 2.92 -2.44 -17.55
CA ALA A 112 2.01 -1.30 -17.45
C ALA A 112 1.63 -0.70 -18.82
N LYS A 113 0.43 -0.14 -18.89
CA LYS A 113 -0.23 0.44 -20.08
C LYS A 113 -0.97 1.73 -19.67
N LEU A 114 -0.67 2.87 -20.28
CA LEU A 114 -1.33 4.15 -19.96
C LEU A 114 -2.81 4.13 -20.41
N ILE A 115 -3.71 4.53 -19.51
CA ILE A 115 -5.16 4.62 -19.75
C ILE A 115 -5.66 6.07 -19.82
N SER A 116 -5.13 6.94 -18.96
CA SER A 116 -5.59 8.33 -18.85
C SER A 116 -4.51 9.21 -18.19
N LYS A 117 -4.37 10.45 -18.66
CA LYS A 117 -3.36 11.41 -18.19
C LYS A 117 -4.00 12.81 -18.14
N LYS A 118 -4.44 13.23 -16.95
CA LYS A 118 -5.28 14.43 -16.74
C LYS A 118 -4.79 15.25 -15.54
N GLY A 119 -3.93 16.24 -15.79
CA GLY A 119 -3.40 17.16 -14.78
C GLY A 119 -2.61 16.41 -13.71
N SER A 120 -3.01 16.56 -12.45
CA SER A 120 -2.37 15.92 -11.29
C SER A 120 -2.78 14.45 -11.06
N THR A 121 -3.53 13.81 -11.97
CA THR A 121 -4.01 12.42 -11.89
C THR A 121 -3.68 11.67 -13.18
N ILE A 122 -3.21 10.42 -13.05
CA ILE A 122 -2.83 9.54 -14.17
C ILE A 122 -3.26 8.09 -13.84
N THR A 123 -3.79 7.35 -14.82
CA THR A 123 -4.22 5.94 -14.66
C THR A 123 -3.46 5.03 -15.61
N TYR A 124 -3.03 3.89 -15.07
CA TYR A 124 -2.44 2.77 -15.80
C TYR A 124 -3.22 1.45 -15.58
N GLU A 125 -3.21 0.61 -16.60
CA GLU A 125 -3.65 -0.78 -16.58
C GLU A 125 -2.42 -1.68 -16.49
N PHE A 126 -2.55 -2.82 -15.83
CA PHE A 126 -1.51 -3.78 -15.53
C PHE A 126 -1.96 -5.18 -15.95
N THR A 127 -1.17 -5.83 -16.81
CA THR A 127 -1.36 -7.25 -17.17
C THR A 127 -0.46 -8.09 -16.28
N VAL A 128 -1.06 -8.83 -15.36
CA VAL A 128 -0.33 -9.56 -14.31
C VAL A 128 -0.38 -11.08 -14.59
N PRO A 129 0.73 -11.70 -15.03
CA PRO A 129 0.82 -13.15 -15.21
C PRO A 129 0.73 -13.88 -13.86
N THR A 130 0.40 -15.18 -13.89
CA THR A 130 0.21 -16.00 -12.68
C THR A 130 1.35 -16.99 -12.46
N LEU A 131 1.61 -17.30 -11.19
CA LEU A 131 2.50 -18.38 -10.74
C LEU A 131 1.88 -19.78 -10.92
N ASP A 132 0.58 -19.85 -11.24
CA ASP A 132 -0.17 -21.07 -11.52
C ASP A 132 -0.05 -21.53 -12.99
N GLY A 133 0.30 -20.62 -13.91
CA GLY A 133 0.31 -20.86 -15.36
C GLY A 133 -1.05 -20.59 -16.02
N SER A 134 -2.01 -20.03 -15.29
CA SER A 134 -3.28 -19.52 -15.82
C SER A 134 -3.09 -18.18 -16.58
N PRO A 135 -4.05 -17.79 -17.46
CA PRO A 135 -4.03 -16.53 -18.19
C PRO A 135 -3.86 -15.29 -17.29
N SER A 136 -3.22 -14.25 -17.83
CA SER A 136 -2.88 -13.02 -17.11
C SER A 136 -4.12 -12.20 -16.67
N ALA A 137 -4.12 -11.77 -15.41
CA ALA A 137 -5.17 -10.94 -14.82
C ALA A 137 -4.94 -9.45 -15.14
N LYS A 138 -5.99 -8.74 -15.56
CA LYS A 138 -5.94 -7.30 -15.84
C LYS A 138 -6.45 -6.50 -14.62
N ARG A 139 -5.68 -5.48 -14.22
CA ARG A 139 -5.90 -4.59 -13.07
C ARG A 139 -5.70 -3.14 -13.48
N LYS A 140 -6.35 -2.17 -12.81
CA LYS A 140 -6.19 -0.73 -13.07
C LYS A 140 -5.79 0.03 -11.80
N VAL A 141 -4.83 0.95 -11.92
CA VAL A 141 -4.20 1.68 -10.80
C VAL A 141 -4.07 3.17 -11.17
N THR A 142 -4.63 4.04 -10.31
CA THR A 142 -4.59 5.50 -10.48
C THR A 142 -3.64 6.11 -9.47
N PHE A 143 -2.80 7.00 -9.98
CA PHE A 143 -1.77 7.74 -9.27
C PHE A 143 -2.14 9.24 -9.28
N VAL A 144 -1.91 9.92 -8.16
CA VAL A 144 -2.22 11.33 -7.94
C VAL A 144 -0.99 11.99 -7.33
N LYS A 145 -0.51 13.09 -7.91
CA LYS A 145 0.62 13.83 -7.37
C LYS A 145 0.21 14.71 -6.18
N GLU A 146 0.90 14.55 -5.06
CA GLU A 146 0.66 15.23 -3.80
C GLU A 146 2.00 15.39 -3.07
N ASN A 147 2.30 16.60 -2.58
CA ASN A 147 3.60 16.96 -1.98
C ASN A 147 4.78 16.64 -2.93
N LYS A 148 4.66 17.07 -4.20
CA LYS A 148 5.71 17.01 -5.23
C LYS A 148 6.08 15.58 -5.70
N LYS A 149 5.24 14.59 -5.40
CA LYS A 149 5.48 13.16 -5.64
C LYS A 149 4.20 12.43 -6.08
N TRP A 150 4.30 11.59 -7.11
CA TRP A 150 3.24 10.71 -7.60
C TRP A 150 2.98 9.54 -6.64
N LYS A 151 1.75 9.43 -6.14
CA LYS A 151 1.34 8.48 -5.10
C LYS A 151 0.04 7.74 -5.48
N VAL A 152 -0.15 6.52 -4.98
CA VAL A 152 -1.32 5.67 -5.25
C VAL A 152 -2.55 6.19 -4.49
N ASN A 153 -3.68 6.30 -5.18
CA ASN A 153 -4.94 6.84 -4.64
C ASN A 153 -5.78 5.83 -3.83
N GLN A 154 -5.24 4.63 -3.57
CA GLN A 154 -5.94 3.52 -2.91
C GLN A 154 -4.92 2.58 -2.21
N PHE A 155 -5.16 2.27 -0.93
CA PHE A 155 -4.25 1.50 -0.08
C PHE A 155 -4.00 0.05 -0.55
N ASP A 156 -5.04 -0.61 -1.07
CA ASP A 156 -5.04 -2.02 -1.52
C ASP A 156 -5.06 -2.14 -3.06
N ALA A 157 -4.63 -1.09 -3.79
CA ALA A 157 -4.68 -1.03 -5.26
C ALA A 157 -3.88 -2.15 -5.95
N VAL A 158 -2.86 -2.66 -5.28
CA VAL A 158 -1.88 -3.62 -5.78
C VAL A 158 -1.51 -4.59 -4.67
N ILE A 159 -1.80 -5.86 -4.93
CA ILE A 159 -1.64 -6.98 -4.01
C ILE A 159 -1.52 -8.32 -4.72
N GLY A 1 15.88 13.70 -16.70
CA GLY A 1 14.74 12.79 -16.92
C GLY A 1 14.17 12.92 -18.32
N LYS A 2 13.42 11.91 -18.77
CA LYS A 2 12.79 11.83 -20.11
C LYS A 2 11.57 10.90 -20.11
N ASN A 3 10.53 11.28 -20.87
CA ASN A 3 9.23 10.59 -20.96
C ASN A 3 8.43 11.06 -22.21
N THR A 4 7.62 10.15 -22.76
CA THR A 4 6.86 10.36 -24.02
C THR A 4 5.76 11.41 -23.89
N SER A 5 5.13 11.51 -22.72
CA SER A 5 4.02 12.43 -22.43
C SER A 5 3.85 12.62 -20.91
N GLY A 6 3.33 13.78 -20.48
CA GLY A 6 3.03 14.08 -19.08
C GLY A 6 4.28 14.14 -18.20
N ASP A 7 4.40 13.19 -17.28
CA ASP A 7 5.49 13.12 -16.30
C ASP A 7 5.72 11.69 -15.77
N LEU A 8 4.64 10.96 -15.46
CA LEU A 8 4.67 9.56 -14.99
C LEU A 8 4.64 8.59 -16.18
N SER A 9 5.59 7.66 -16.21
CA SER A 9 5.82 6.64 -17.25
C SER A 9 5.45 5.21 -16.82
N GLN A 10 5.42 4.25 -17.76
CA GLN A 10 5.16 2.82 -17.48
C GLN A 10 6.12 2.26 -16.42
N LYS A 11 7.41 2.60 -16.50
CA LYS A 11 8.43 2.17 -15.53
C LYS A 11 8.15 2.73 -14.12
N GLN A 12 7.90 4.04 -14.03
CA GLN A 12 7.54 4.72 -12.78
C GLN A 12 6.31 4.07 -12.15
N ALA A 13 5.20 3.94 -12.89
CA ALA A 13 3.96 3.36 -12.40
C ALA A 13 4.16 1.93 -11.87
N LEU A 14 4.89 1.09 -12.60
CA LEU A 14 5.21 -0.28 -12.21
C LEU A 14 6.02 -0.31 -10.90
N GLN A 15 7.03 0.55 -10.75
CA GLN A 15 7.83 0.59 -9.51
C GLN A 15 7.02 1.12 -8.33
N LEU A 16 6.23 2.18 -8.55
CA LEU A 16 5.27 2.70 -7.58
C LEU A 16 4.28 1.62 -7.13
N ALA A 17 3.81 0.78 -8.06
CA ALA A 17 2.90 -0.33 -7.78
C ALA A 17 3.58 -1.40 -6.90
N LEU A 18 4.78 -1.84 -7.25
CA LEU A 18 5.56 -2.80 -6.46
C LEU A 18 5.85 -2.28 -5.05
N SER A 19 6.21 -1.00 -4.92
CA SER A 19 6.44 -0.37 -3.62
C SER A 19 5.14 -0.26 -2.80
N ALA A 20 4.00 0.02 -3.44
CA ALA A 20 2.69 0.07 -2.77
C ALA A 20 2.23 -1.31 -2.27
N ARG A 21 2.44 -2.37 -3.04
CA ARG A 21 2.23 -3.75 -2.58
C ARG A 21 3.15 -4.10 -1.41
N GLU A 22 4.42 -3.67 -1.47
CA GLU A 22 5.39 -3.88 -0.39
C GLU A 22 4.98 -3.14 0.90
N HIS A 23 4.58 -1.86 0.82
CA HIS A 23 4.13 -1.09 1.97
C HIS A 23 2.83 -1.64 2.59
N PHE A 24 1.88 -2.12 1.77
CA PHE A 24 0.66 -2.78 2.23
C PHE A 24 1.00 -4.04 3.04
N TRP A 25 1.69 -5.02 2.44
CA TRP A 25 1.96 -6.31 3.08
C TRP A 25 2.89 -6.18 4.29
N ASN A 26 3.76 -5.16 4.33
CA ASN A 26 4.51 -4.80 5.53
C ASN A 26 3.57 -4.33 6.65
N THR A 27 2.72 -3.32 6.39
CA THR A 27 1.80 -2.72 7.37
C THR A 27 0.84 -3.76 7.95
N MET A 28 0.24 -4.61 7.12
CA MET A 28 -0.65 -5.70 7.56
C MET A 28 0.05 -6.79 8.40
N SER A 29 1.39 -6.82 8.43
CA SER A 29 2.18 -7.71 9.29
C SER A 29 2.46 -7.11 10.70
N GLY A 30 2.10 -5.84 10.92
CA GLY A 30 2.23 -5.13 12.21
C GLY A 30 3.56 -4.37 12.40
N HIS A 31 4.41 -4.33 11.38
CA HIS A 31 5.79 -3.83 11.45
C HIS A 31 6.34 -3.34 10.10
N ASN A 32 7.29 -2.39 10.15
CA ASN A 32 8.05 -1.92 8.98
C ASN A 32 9.46 -2.57 8.93
N PRO A 33 9.67 -3.60 8.10
CA PRO A 33 10.95 -4.33 8.01
C PRO A 33 12.12 -3.49 7.48
N LYS A 34 11.89 -2.27 6.97
CA LYS A 34 12.97 -1.32 6.69
C LYS A 34 13.74 -0.90 7.97
N VAL A 35 13.08 -1.03 9.13
CA VAL A 35 13.69 -0.92 10.47
C VAL A 35 14.04 -2.34 10.93
N LYS A 36 15.33 -2.56 11.22
CA LYS A 36 15.89 -3.90 11.46
C LYS A 36 15.60 -4.44 12.87
N LYS A 37 15.21 -3.56 13.80
CA LYS A 37 14.75 -3.86 15.16
C LYS A 37 13.85 -2.72 15.68
N ALA A 38 12.55 -2.99 15.80
CA ALA A 38 11.56 -2.13 16.46
C ALA A 38 11.14 -2.74 17.80
N VAL A 39 10.58 -1.93 18.70
CA VAL A 39 9.98 -2.41 19.95
C VAL A 39 8.60 -2.95 19.62
N CYS A 40 8.47 -4.29 19.61
CA CYS A 40 7.24 -5.01 19.25
C CYS A 40 6.53 -5.53 20.52
N PRO A 41 5.30 -5.07 20.82
CA PRO A 41 4.54 -5.51 21.98
C PRO A 41 3.99 -6.93 21.76
N SER A 42 3.99 -7.75 22.82
CA SER A 42 3.53 -9.15 22.79
C SER A 42 2.04 -9.32 23.14
N GLY A 43 1.35 -8.22 23.46
CA GLY A 43 -0.06 -8.20 23.86
C GLY A 43 -1.03 -8.16 22.67
N THR A 44 -2.22 -8.75 22.86
CA THR A 44 -3.35 -8.75 21.92
C THR A 44 -4.67 -8.57 22.67
N PHE A 45 -5.73 -8.27 21.92
CA PHE A 45 -7.09 -8.09 22.45
C PHE A 45 -8.16 -8.51 21.43
N GLU A 46 -9.44 -8.37 21.78
CA GLU A 46 -10.58 -8.77 20.95
C GLU A 46 -11.58 -7.62 20.80
N TYR A 47 -11.98 -7.35 19.55
CA TYR A 47 -12.86 -6.25 19.15
C TYR A 47 -13.53 -6.57 17.80
N GLN A 48 -14.83 -6.27 17.64
CA GLN A 48 -15.61 -6.55 16.42
C GLN A 48 -15.54 -8.04 15.98
N ASN A 49 -15.37 -8.96 16.94
CA ASN A 49 -15.23 -10.41 16.75
C ASN A 49 -13.90 -10.85 16.08
N LEU A 50 -12.89 -9.98 16.06
CA LEU A 50 -11.53 -10.25 15.54
C LEU A 50 -10.50 -10.13 16.66
N GLN A 51 -9.35 -10.79 16.51
CA GLN A 51 -8.19 -10.59 17.39
C GLN A 51 -7.33 -9.47 16.82
N TYR A 52 -7.02 -8.46 17.64
CA TYR A 52 -6.20 -7.31 17.30
C TYR A 52 -4.77 -7.41 17.87
N VAL A 53 -3.79 -6.96 17.09
CA VAL A 53 -2.39 -6.84 17.48
C VAL A 53 -1.99 -5.36 17.52
N TYR A 54 -1.28 -4.95 18.56
CA TYR A 54 -0.63 -3.64 18.63
C TYR A 54 0.61 -3.59 17.72
N MET A 55 0.83 -2.45 17.04
CA MET A 55 1.93 -2.29 16.08
C MET A 55 3.29 -2.13 16.78
N CYS A 56 4.39 -2.51 16.11
CA CYS A 56 5.74 -2.21 16.58
C CYS A 56 6.05 -0.71 16.49
N SER A 57 7.05 -0.24 17.23
CA SER A 57 7.33 1.19 17.47
C SER A 57 7.45 2.12 16.26
N ASP A 58 7.87 1.65 15.07
CA ASP A 58 7.94 2.49 13.86
C ASP A 58 6.56 2.76 13.22
N LEU A 59 5.53 2.05 13.66
CA LEU A 59 4.10 2.20 13.30
C LEU A 59 3.23 2.32 14.57
N GLY A 60 3.84 2.64 15.72
CA GLY A 60 3.25 2.53 17.06
C GLY A 60 2.05 3.44 17.36
N THR A 61 1.87 4.54 16.60
CA THR A 61 0.68 5.40 16.65
C THR A 61 0.21 5.70 15.23
N LYS A 62 -1.04 6.15 15.10
CA LYS A 62 -1.66 6.45 13.80
C LYS A 62 -0.77 7.34 12.92
N ALA A 63 -0.20 8.41 13.50
CA ALA A 63 0.72 9.31 12.81
C ALA A 63 1.92 8.56 12.22
N LYS A 64 2.66 7.77 13.01
CA LYS A 64 3.80 6.98 12.54
C LYS A 64 3.48 6.08 11.34
N ALA A 65 2.30 5.45 11.33
CA ALA A 65 1.85 4.61 10.21
C ALA A 65 1.39 5.42 8.99
N VAL A 66 0.65 6.51 9.18
CA VAL A 66 0.26 7.42 8.09
C VAL A 66 1.50 8.03 7.43
N ASN A 67 2.50 8.39 8.23
CA ASN A 67 3.79 8.95 7.79
C ASN A 67 4.61 7.94 6.94
N TYR A 68 4.58 6.65 7.30
CA TYR A 68 5.20 5.57 6.52
C TYR A 68 4.53 5.39 5.13
N LEU A 69 3.21 5.59 5.06
CA LEU A 69 2.42 5.36 3.84
C LEU A 69 2.31 6.60 2.94
N THR A 70 2.40 7.81 3.51
CA THR A 70 2.30 9.12 2.84
C THR A 70 3.12 9.25 1.55
N PRO A 71 4.39 8.81 1.50
CA PRO A 71 5.21 8.83 0.29
C PRO A 71 4.63 8.03 -0.90
N ILE A 72 3.81 7.02 -0.62
CA ILE A 72 3.27 6.07 -1.62
C ILE A 72 1.77 6.26 -1.87
N PHE A 73 1.02 6.72 -0.88
CA PHE A 73 -0.44 6.83 -0.90
C PHE A 73 -0.89 8.25 -0.50
N THR A 74 -1.92 8.78 -1.17
CA THR A 74 -2.53 10.08 -0.81
C THR A 74 -3.07 10.02 0.61
N LYS A 75 -3.13 11.16 1.30
CA LYS A 75 -3.57 11.22 2.69
C LYS A 75 -4.95 10.53 2.88
N THR A 76 -5.89 10.82 1.99
CA THR A 76 -7.23 10.24 1.92
C THR A 76 -7.22 8.74 1.65
N ALA A 77 -6.35 8.24 0.75
CA ALA A 77 -6.24 6.81 0.46
C ALA A 77 -5.83 5.99 1.69
N ILE A 78 -5.01 6.58 2.56
CA ILE A 78 -4.55 5.95 3.81
C ILE A 78 -5.71 5.89 4.80
N GLU A 79 -6.46 6.99 4.98
CA GLU A 79 -7.65 6.99 5.83
C GLU A 79 -8.70 5.98 5.35
N LYS A 80 -8.88 5.86 4.03
CA LYS A 80 -9.79 4.91 3.42
C LYS A 80 -9.38 3.44 3.68
N GLY A 81 -8.09 3.09 3.53
CA GLY A 81 -7.59 1.74 3.84
C GLY A 81 -7.56 1.46 5.34
N PHE A 82 -7.33 2.46 6.20
CA PHE A 82 -7.44 2.30 7.64
C PHE A 82 -8.89 1.92 8.01
N LYS A 83 -9.90 2.59 7.46
CA LYS A 83 -11.30 2.22 7.64
C LYS A 83 -11.63 0.83 7.05
N ASP A 84 -11.17 0.52 5.83
CA ASP A 84 -11.49 -0.73 5.12
C ASP A 84 -10.91 -1.99 5.77
N TYR A 85 -9.78 -1.87 6.47
CA TYR A 85 -9.09 -2.96 7.19
C TYR A 85 -9.22 -2.84 8.72
N HIS A 86 -10.07 -1.93 9.20
CA HIS A 86 -10.50 -1.79 10.61
C HIS A 86 -9.38 -1.32 11.57
N PHE A 87 -8.35 -0.63 11.05
CA PHE A 87 -7.27 -0.01 11.82
C PHE A 87 -7.84 0.89 12.93
N THR A 88 -7.28 0.79 14.14
CA THR A 88 -7.80 1.45 15.34
C THR A 88 -6.69 1.87 16.30
N VAL A 89 -7.06 2.52 17.38
CA VAL A 89 -6.17 3.03 18.44
C VAL A 89 -6.76 2.69 19.80
N SER A 90 -5.92 2.20 20.70
CA SER A 90 -6.29 1.86 22.08
C SER A 90 -5.13 2.21 23.03
N LYS A 91 -5.41 3.02 24.06
CA LYS A 91 -4.41 3.60 24.99
C LYS A 91 -3.33 4.46 24.29
N GLY A 92 -3.63 4.96 23.09
CA GLY A 92 -2.72 5.74 22.22
C GLY A 92 -1.88 4.88 21.27
N LYS A 93 -1.90 3.55 21.41
CA LYS A 93 -1.19 2.60 20.54
C LYS A 93 -2.06 2.21 19.34
N LEU A 94 -1.47 2.16 18.14
CA LEU A 94 -2.14 1.66 16.92
C LEU A 94 -2.32 0.14 17.04
N ALA A 95 -3.48 -0.38 16.61
CA ALA A 95 -3.72 -1.81 16.47
C ALA A 95 -4.48 -2.15 15.18
N VAL A 96 -4.25 -3.39 14.70
CA VAL A 96 -4.83 -3.95 13.46
C VAL A 96 -5.30 -5.38 13.72
N PRO A 97 -6.34 -5.89 13.01
CA PRO A 97 -6.77 -7.28 13.15
C PRO A 97 -5.71 -8.22 12.55
N ILE A 98 -5.55 -9.41 13.16
CA ILE A 98 -4.61 -10.44 12.70
C ILE A 98 -4.96 -10.92 11.28
N GLY A 99 -3.93 -11.00 10.43
CA GLY A 99 -3.98 -11.47 9.04
C GLY A 99 -2.60 -11.74 8.45
N ASP A 100 -2.57 -12.31 7.25
CA ASP A 100 -1.36 -12.71 6.51
C ASP A 100 -1.69 -12.95 5.02
N GLY A 101 -0.77 -12.60 4.12
CA GLY A 101 -0.93 -12.77 2.67
C GLY A 101 0.21 -12.22 1.83
N ASP A 102 0.17 -12.54 0.54
CA ASP A 102 1.10 -12.11 -0.51
C ASP A 102 0.46 -12.07 -1.92
N ASN A 103 -0.84 -12.40 -2.00
CA ASN A 103 -1.63 -12.65 -3.22
C ASN A 103 -1.11 -13.84 -4.07
N LEU A 104 -1.92 -14.31 -5.03
CA LEU A 104 -1.51 -15.25 -6.08
C LEU A 104 -0.96 -14.52 -7.33
N LEU A 105 -0.93 -13.18 -7.30
CA LEU A 105 -0.45 -12.30 -8.36
C LEU A 105 1.08 -12.13 -8.29
N ASN A 106 1.75 -12.31 -9.43
CA ASN A 106 3.18 -12.08 -9.59
C ASN A 106 3.44 -10.72 -10.25
N TRP A 107 3.49 -9.66 -9.43
CA TRP A 107 3.61 -8.28 -9.90
C TRP A 107 5.01 -7.96 -10.46
N LYS A 108 6.03 -8.67 -10.00
CA LYS A 108 7.40 -8.60 -10.53
C LYS A 108 7.52 -9.02 -12.01
N LYS A 109 6.51 -9.73 -12.53
CA LYS A 109 6.39 -10.15 -13.94
C LYS A 109 5.25 -9.43 -14.71
N SER A 110 4.51 -8.56 -14.03
CA SER A 110 3.46 -7.73 -14.64
C SER A 110 4.00 -6.63 -15.57
N THR A 111 3.12 -6.06 -16.41
CA THR A 111 3.43 -4.98 -17.36
C THR A 111 2.34 -3.91 -17.36
N ALA A 112 2.76 -2.64 -17.50
CA ALA A 112 1.88 -1.47 -17.45
C ALA A 112 1.42 -0.96 -18.83
N LYS A 113 0.26 -0.31 -18.85
CA LYS A 113 -0.47 0.23 -20.01
C LYS A 113 -1.17 1.54 -19.62
N LEU A 114 -0.93 2.65 -20.31
CA LEU A 114 -1.54 3.94 -19.99
C LEU A 114 -3.05 3.96 -20.35
N ILE A 115 -3.88 4.46 -19.42
CA ILE A 115 -5.34 4.58 -19.56
C ILE A 115 -5.83 6.03 -19.64
N SER A 116 -5.24 6.93 -18.84
CA SER A 116 -5.63 8.34 -18.79
C SER A 116 -4.49 9.20 -18.23
N LYS A 117 -4.34 10.43 -18.71
CA LYS A 117 -3.22 11.32 -18.38
C LYS A 117 -3.66 12.79 -18.33
N LYS A 118 -3.84 13.29 -17.11
CA LYS A 118 -4.28 14.66 -16.77
C LYS A 118 -3.14 15.45 -16.09
N GLY A 119 -3.38 16.72 -15.75
CA GLY A 119 -2.37 17.65 -15.22
C GLY A 119 -1.72 17.21 -13.89
N SER A 120 -2.49 16.55 -13.02
CA SER A 120 -2.00 16.06 -11.71
C SER A 120 -2.48 14.65 -11.34
N THR A 121 -3.12 13.92 -12.27
CA THR A 121 -3.68 12.57 -12.09
C THR A 121 -3.40 11.74 -13.34
N ILE A 122 -2.90 10.52 -13.18
CA ILE A 122 -2.56 9.59 -14.28
C ILE A 122 -2.97 8.17 -13.90
N THR A 123 -3.57 7.42 -14.83
CA THR A 123 -4.04 6.05 -14.61
C THR A 123 -3.35 5.08 -15.55
N TYR A 124 -2.88 3.97 -14.98
CA TYR A 124 -2.35 2.81 -15.68
C TYR A 124 -3.15 1.53 -15.35
N GLU A 125 -3.22 0.64 -16.34
CA GLU A 125 -3.69 -0.73 -16.23
C GLU A 125 -2.47 -1.66 -16.19
N PHE A 126 -2.58 -2.75 -15.44
CA PHE A 126 -1.54 -3.74 -15.21
C PHE A 126 -2.07 -5.12 -15.57
N THR A 127 -1.32 -5.86 -16.41
CA THR A 127 -1.59 -7.28 -16.68
C THR A 127 -0.67 -8.09 -15.78
N VAL A 128 -1.25 -8.82 -14.84
CA VAL A 128 -0.52 -9.49 -13.75
C VAL A 128 -0.62 -11.02 -13.88
N PRO A 129 0.45 -11.72 -14.31
CA PRO A 129 0.48 -13.19 -14.36
C PRO A 129 0.37 -13.78 -12.94
N THR A 130 -0.07 -15.04 -12.84
CA THR A 130 -0.36 -15.68 -11.54
C THR A 130 0.59 -16.83 -11.22
N LEU A 131 0.75 -17.08 -9.93
CA LEU A 131 1.49 -18.23 -9.37
C LEU A 131 0.60 -19.47 -9.21
N ASP A 132 -0.72 -19.35 -9.46
CA ASP A 132 -1.71 -20.43 -9.38
C ASP A 132 -1.97 -21.10 -10.76
N GLY A 133 -1.42 -20.55 -11.85
CA GLY A 133 -1.52 -21.08 -13.21
C GLY A 133 -2.72 -20.55 -14.01
N SER A 134 -3.43 -19.56 -13.48
CA SER A 134 -4.54 -18.88 -14.16
C SER A 134 -4.05 -17.81 -15.18
N PRO A 135 -4.85 -17.47 -16.21
CA PRO A 135 -4.59 -16.38 -17.13
C PRO A 135 -4.35 -15.04 -16.39
N SER A 136 -3.48 -14.20 -16.95
CA SER A 136 -3.01 -12.96 -16.31
C SER A 136 -4.13 -11.95 -16.05
N ALA A 137 -4.27 -11.54 -14.79
CA ALA A 137 -5.34 -10.69 -14.27
C ALA A 137 -5.11 -9.21 -14.60
N LYS A 138 -6.17 -8.50 -15.00
CA LYS A 138 -6.12 -7.06 -15.27
C LYS A 138 -6.53 -6.25 -14.02
N ARG A 139 -5.71 -5.25 -13.67
CA ARG A 139 -5.81 -4.38 -12.49
C ARG A 139 -5.62 -2.92 -12.92
N LYS A 140 -6.26 -1.95 -12.27
CA LYS A 140 -6.14 -0.51 -12.62
C LYS A 140 -5.68 0.32 -11.41
N VAL A 141 -4.76 1.26 -11.65
CA VAL A 141 -4.04 2.03 -10.62
C VAL A 141 -3.91 3.49 -11.04
N THR A 142 -4.46 4.40 -10.22
CA THR A 142 -4.44 5.85 -10.45
C THR A 142 -3.52 6.52 -9.45
N PHE A 143 -2.57 7.28 -9.99
CA PHE A 143 -1.56 8.04 -9.28
C PHE A 143 -1.94 9.53 -9.33
N VAL A 144 -1.77 10.23 -8.22
CA VAL A 144 -2.07 11.66 -8.04
C VAL A 144 -0.83 12.33 -7.44
N LYS A 145 -0.39 13.45 -8.03
CA LYS A 145 0.71 14.24 -7.47
C LYS A 145 0.18 15.20 -6.39
N GLU A 146 0.42 14.85 -5.12
CA GLU A 146 -0.16 15.55 -3.96
C GLU A 146 0.67 16.79 -3.56
N ASN A 147 2.00 16.65 -3.56
CA ASN A 147 2.97 17.73 -3.28
C ASN A 147 4.35 17.32 -3.78
N LYS A 148 4.70 17.72 -5.01
CA LYS A 148 5.98 17.43 -5.69
C LYS A 148 6.23 15.92 -5.93
N LYS A 149 5.32 15.03 -5.53
CA LYS A 149 5.48 13.57 -5.48
C LYS A 149 4.19 12.83 -5.90
N TRP A 150 4.31 11.94 -6.89
CA TRP A 150 3.25 11.03 -7.36
C TRP A 150 3.02 9.88 -6.36
N LYS A 151 1.75 9.61 -6.05
CA LYS A 151 1.32 8.61 -5.06
C LYS A 151 -0.09 8.06 -5.39
N VAL A 152 -0.41 6.84 -4.94
CA VAL A 152 -1.62 6.09 -5.32
C VAL A 152 -2.84 6.60 -4.55
N ASN A 153 -3.96 6.79 -5.27
CA ASN A 153 -5.22 7.29 -4.72
C ASN A 153 -6.07 6.23 -3.96
N GLN A 154 -5.52 5.03 -3.75
CA GLN A 154 -6.20 3.89 -3.13
C GLN A 154 -5.17 2.94 -2.49
N PHE A 155 -5.41 2.49 -1.25
CA PHE A 155 -4.48 1.65 -0.48
C PHE A 155 -4.36 0.22 -1.04
N ASP A 156 -5.50 -0.44 -1.31
CA ASP A 156 -5.58 -1.80 -1.84
C ASP A 156 -5.50 -1.87 -3.38
N ALA A 157 -5.05 -0.77 -4.02
CA ALA A 157 -4.92 -0.66 -5.47
C ALA A 157 -3.97 -1.73 -6.06
N VAL A 158 -2.96 -2.11 -5.27
CA VAL A 158 -1.92 -3.08 -5.62
C VAL A 158 -1.59 -3.91 -4.39
N ILE A 159 -1.66 -5.23 -4.56
CA ILE A 159 -1.43 -6.25 -3.54
C ILE A 159 -0.97 -7.56 -4.16
N GLY A 1 16.65 24.44 -13.88
CA GLY A 1 16.47 23.31 -12.94
C GLY A 1 17.02 22.01 -13.49
N LYS A 2 17.43 21.08 -12.62
CA LYS A 2 18.06 19.80 -12.99
C LYS A 2 17.06 18.67 -13.32
N ASN A 3 15.77 18.85 -13.01
CA ASN A 3 14.70 17.87 -13.29
C ASN A 3 14.47 17.65 -14.80
N THR A 4 14.39 16.39 -15.22
CA THR A 4 14.13 15.95 -16.61
C THR A 4 12.63 15.86 -16.92
N SER A 5 11.81 15.45 -15.96
CA SER A 5 10.35 15.41 -16.03
C SER A 5 9.72 15.25 -14.63
N GLY A 6 8.59 15.91 -14.41
CA GLY A 6 7.77 15.81 -13.18
C GLY A 6 6.52 14.95 -13.33
N ASP A 7 6.31 14.31 -14.48
CA ASP A 7 5.07 13.58 -14.83
C ASP A 7 5.31 12.08 -15.03
N LEU A 8 4.24 11.29 -14.83
CA LEU A 8 4.27 9.83 -14.72
C LEU A 8 4.38 9.12 -16.09
N SER A 9 5.08 7.98 -16.11
CA SER A 9 5.31 7.10 -17.26
C SER A 9 5.34 5.61 -16.82
N GLN A 10 5.41 4.66 -17.76
CA GLN A 10 5.27 3.22 -17.49
C GLN A 10 6.24 2.70 -16.41
N LYS A 11 7.51 3.10 -16.45
CA LYS A 11 8.53 2.68 -15.48
C LYS A 11 8.19 3.15 -14.05
N GLN A 12 7.82 4.42 -13.91
CA GLN A 12 7.37 5.03 -12.66
C GLN A 12 6.16 4.28 -12.11
N ALA A 13 5.09 4.11 -12.90
CA ALA A 13 3.87 3.43 -12.46
C ALA A 13 4.15 2.01 -11.97
N LEU A 14 4.92 1.24 -12.73
CA LEU A 14 5.36 -0.11 -12.38
C LEU A 14 6.09 -0.15 -11.04
N GLN A 15 7.04 0.76 -10.81
CA GLN A 15 7.81 0.78 -9.55
C GLN A 15 6.96 1.25 -8.37
N LEU A 16 6.14 2.28 -8.58
CA LEU A 16 5.15 2.76 -7.60
C LEU A 16 4.21 1.63 -7.17
N ALA A 17 3.78 0.79 -8.12
CA ALA A 17 2.93 -0.36 -7.87
C ALA A 17 3.63 -1.42 -6.99
N LEU A 18 4.86 -1.81 -7.35
CA LEU A 18 5.67 -2.76 -6.56
C LEU A 18 5.92 -2.26 -5.14
N SER A 19 6.25 -0.97 -5.00
CA SER A 19 6.48 -0.36 -3.68
C SER A 19 5.18 -0.28 -2.86
N ALA A 20 4.02 -0.03 -3.48
CA ALA A 20 2.73 -0.04 -2.79
C ALA A 20 2.33 -1.45 -2.31
N ARG A 21 2.61 -2.50 -3.10
CA ARG A 21 2.45 -3.89 -2.67
C ARG A 21 3.38 -4.22 -1.49
N GLU A 22 4.64 -3.79 -1.55
CA GLU A 22 5.60 -3.95 -0.46
C GLU A 22 5.11 -3.24 0.83
N HIS A 23 4.68 -1.98 0.75
CA HIS A 23 4.23 -1.21 1.91
C HIS A 23 2.94 -1.78 2.54
N PHE A 24 1.98 -2.23 1.73
CA PHE A 24 0.73 -2.83 2.20
C PHE A 24 0.99 -4.15 2.94
N TRP A 25 1.66 -5.12 2.30
CA TRP A 25 1.92 -6.43 2.91
C TRP A 25 2.81 -6.34 4.15
N ASN A 26 3.72 -5.35 4.23
CA ASN A 26 4.45 -5.04 5.45
C ASN A 26 3.49 -4.55 6.57
N THR A 27 2.66 -3.54 6.29
CA THR A 27 1.74 -2.92 7.28
C THR A 27 0.78 -3.94 7.87
N MET A 28 0.15 -4.78 7.03
CA MET A 28 -0.76 -5.85 7.46
C MET A 28 -0.07 -6.98 8.26
N SER A 29 1.26 -7.01 8.30
CA SER A 29 2.06 -7.92 9.15
C SER A 29 2.40 -7.32 10.54
N GLY A 30 2.00 -6.06 10.79
CA GLY A 30 2.18 -5.36 12.07
C GLY A 30 3.49 -4.59 12.22
N HIS A 31 4.35 -4.59 11.21
CA HIS A 31 5.74 -4.09 11.28
C HIS A 31 6.33 -3.66 9.92
N ASN A 32 7.30 -2.73 9.95
CA ASN A 32 8.10 -2.33 8.81
C ASN A 32 9.49 -3.03 8.83
N PRO A 33 9.68 -4.13 8.08
CA PRO A 33 10.93 -4.92 8.06
C PRO A 33 12.15 -4.16 7.54
N LYS A 34 11.99 -2.97 6.95
CA LYS A 34 13.12 -2.08 6.61
C LYS A 34 13.85 -1.56 7.87
N VAL A 35 13.17 -1.56 9.03
CA VAL A 35 13.73 -1.30 10.36
C VAL A 35 14.11 -2.65 10.98
N LYS A 36 15.40 -2.81 11.30
CA LYS A 36 15.99 -4.09 11.73
C LYS A 36 15.67 -4.49 13.18
N LYS A 37 15.16 -3.55 13.99
CA LYS A 37 14.77 -3.76 15.38
C LYS A 37 13.63 -2.79 15.79
N ALA A 38 12.47 -3.35 16.14
CA ALA A 38 11.27 -2.65 16.62
C ALA A 38 10.50 -3.58 17.56
N VAL A 39 9.83 -3.02 18.57
CA VAL A 39 9.12 -3.78 19.61
C VAL A 39 7.61 -3.72 19.35
N CYS A 40 7.03 -4.88 19.02
CA CYS A 40 5.57 -5.09 18.98
C CYS A 40 5.13 -5.50 20.40
N PRO A 41 4.24 -4.73 21.08
CA PRO A 41 3.72 -5.09 22.40
C PRO A 41 3.11 -6.50 22.40
N SER A 42 3.42 -7.28 23.43
CA SER A 42 3.07 -8.72 23.52
C SER A 42 1.61 -8.99 23.94
N GLY A 43 0.84 -7.94 24.24
CA GLY A 43 -0.59 -8.01 24.55
C GLY A 43 -1.48 -7.98 23.29
N THR A 44 -2.71 -8.46 23.45
CA THR A 44 -3.79 -8.42 22.45
C THR A 44 -5.11 -8.08 23.14
N PHE A 45 -6.11 -7.66 22.36
CA PHE A 45 -7.44 -7.30 22.87
C PHE A 45 -8.57 -7.67 21.90
N GLU A 46 -9.82 -7.53 22.34
CA GLU A 46 -11.02 -7.88 21.56
C GLU A 46 -11.87 -6.63 21.31
N TYR A 47 -12.23 -6.41 20.04
CA TYR A 47 -12.95 -5.22 19.55
C TYR A 47 -13.63 -5.52 18.21
N GLN A 48 -14.87 -5.03 17.99
CA GLN A 48 -15.66 -5.28 16.76
C GLN A 48 -15.82 -6.78 16.42
N ASN A 49 -15.77 -7.67 17.43
CA ASN A 49 -15.83 -9.13 17.31
C ASN A 49 -14.57 -9.76 16.67
N LEU A 50 -13.43 -9.06 16.68
CA LEU A 50 -12.11 -9.50 16.18
C LEU A 50 -11.07 -9.42 17.31
N GLN A 51 -9.96 -10.15 17.17
CA GLN A 51 -8.79 -10.00 18.02
C GLN A 51 -7.82 -9.03 17.34
N TYR A 52 -7.34 -8.03 18.08
CA TYR A 52 -6.42 -6.98 17.65
C TYR A 52 -5.00 -7.16 18.21
N VAL A 53 -4.00 -6.73 17.45
CA VAL A 53 -2.58 -6.76 17.84
C VAL A 53 -1.98 -5.37 17.69
N TYR A 54 -1.14 -4.97 18.64
CA TYR A 54 -0.43 -3.69 18.60
C TYR A 54 0.75 -3.71 17.61
N MET A 55 0.98 -2.59 16.92
CA MET A 55 2.04 -2.45 15.92
C MET A 55 3.43 -2.34 16.56
N CYS A 56 4.48 -2.74 15.82
CA CYS A 56 5.88 -2.51 16.20
C CYS A 56 6.24 -1.03 16.15
N SER A 57 7.24 -0.63 16.94
CA SER A 57 7.68 0.76 17.21
C SER A 57 7.68 1.74 16.03
N ASP A 58 8.09 1.35 14.81
CA ASP A 58 8.13 2.23 13.63
C ASP A 58 6.73 2.57 13.05
N LEU A 59 5.70 1.86 13.50
CA LEU A 59 4.27 2.03 13.18
C LEU A 59 3.45 2.15 14.48
N GLY A 60 4.08 2.42 15.63
CA GLY A 60 3.52 2.30 16.98
C GLY A 60 2.37 3.24 17.32
N THR A 61 2.19 4.35 16.58
CA THR A 61 1.02 5.25 16.66
C THR A 61 0.55 5.58 15.26
N LYS A 62 -0.68 6.08 15.14
CA LYS A 62 -1.30 6.40 13.85
C LYS A 62 -0.40 7.29 12.97
N ALA A 63 0.19 8.34 13.57
CA ALA A 63 1.13 9.24 12.89
C ALA A 63 2.31 8.47 12.29
N LYS A 64 3.04 7.66 13.06
CA LYS A 64 4.16 6.85 12.58
C LYS A 64 3.82 5.97 11.36
N ALA A 65 2.63 5.36 11.35
CA ALA A 65 2.17 4.54 10.23
C ALA A 65 1.74 5.38 9.02
N VAL A 66 0.99 6.47 9.23
CA VAL A 66 0.61 7.41 8.14
C VAL A 66 1.87 7.99 7.48
N ASN A 67 2.88 8.36 8.28
CA ASN A 67 4.16 8.91 7.84
C ASN A 67 4.99 7.90 7.01
N TYR A 68 4.92 6.61 7.35
CA TYR A 68 5.56 5.52 6.59
C TYR A 68 4.89 5.29 5.22
N LEU A 69 3.56 5.49 5.14
CA LEU A 69 2.76 5.30 3.92
C LEU A 69 2.70 6.54 3.02
N THR A 70 2.86 7.74 3.60
CA THR A 70 2.80 9.06 2.96
C THR A 70 3.60 9.17 1.65
N PRO A 71 4.85 8.68 1.55
CA PRO A 71 5.63 8.68 0.32
C PRO A 71 5.00 7.93 -0.87
N ILE A 72 4.13 6.96 -0.60
CA ILE A 72 3.52 6.06 -1.61
C ILE A 72 2.04 6.37 -1.84
N PHE A 73 1.31 6.75 -0.79
CA PHE A 73 -0.14 6.87 -0.77
C PHE A 73 -0.55 8.29 -0.37
N THR A 74 -1.61 8.83 -1.00
CA THR A 74 -2.20 10.11 -0.62
C THR A 74 -2.81 10.01 0.78
N LYS A 75 -3.00 11.13 1.47
CA LYS A 75 -3.63 11.13 2.80
C LYS A 75 -4.96 10.37 2.76
N THR A 76 -5.85 10.71 1.81
CA THR A 76 -7.17 10.08 1.65
C THR A 76 -7.07 8.59 1.34
N ALA A 77 -6.05 8.13 0.58
CA ALA A 77 -5.81 6.70 0.36
C ALA A 77 -5.45 5.96 1.66
N ILE A 78 -4.62 6.57 2.51
CA ILE A 78 -4.23 6.01 3.81
C ILE A 78 -5.44 5.97 4.75
N GLU A 79 -6.19 7.07 4.86
CA GLU A 79 -7.39 7.13 5.70
C GLU A 79 -8.44 6.11 5.25
N LYS A 80 -8.66 5.97 3.94
CA LYS A 80 -9.59 4.99 3.36
C LYS A 80 -9.19 3.55 3.69
N GLY A 81 -7.91 3.18 3.55
CA GLY A 81 -7.43 1.83 3.90
C GLY A 81 -7.40 1.58 5.40
N PHE A 82 -7.13 2.60 6.23
CA PHE A 82 -7.25 2.48 7.68
C PHE A 82 -8.70 2.15 8.08
N LYS A 83 -9.69 2.83 7.50
CA LYS A 83 -11.11 2.50 7.72
C LYS A 83 -11.50 1.12 7.16
N ASP A 84 -11.07 0.78 5.94
CA ASP A 84 -11.47 -0.46 5.24
C ASP A 84 -10.92 -1.74 5.90
N TYR A 85 -9.76 -1.65 6.57
CA TYR A 85 -9.10 -2.76 7.28
C TYR A 85 -9.21 -2.62 8.82
N HIS A 86 -10.01 -1.67 9.30
CA HIS A 86 -10.43 -1.48 10.70
C HIS A 86 -9.29 -1.05 11.65
N PHE A 87 -8.23 -0.42 11.12
CA PHE A 87 -7.10 0.15 11.87
C PHE A 87 -7.61 1.08 12.98
N THR A 88 -7.06 0.94 14.20
CA THR A 88 -7.53 1.65 15.40
C THR A 88 -6.38 1.99 16.33
N VAL A 89 -6.71 2.67 17.44
CA VAL A 89 -5.78 3.11 18.47
C VAL A 89 -6.37 2.77 19.84
N SER A 90 -5.57 2.16 20.71
CA SER A 90 -5.95 1.77 22.07
C SER A 90 -4.82 2.11 23.06
N LYS A 91 -5.12 2.92 24.08
CA LYS A 91 -4.15 3.47 25.04
C LYS A 91 -2.95 4.15 24.32
N GLY A 92 -3.27 4.89 23.23
CA GLY A 92 -2.33 5.66 22.40
C GLY A 92 -1.55 4.85 21.35
N LYS A 93 -1.62 3.52 21.40
CA LYS A 93 -0.88 2.61 20.50
C LYS A 93 -1.75 2.14 19.33
N LEU A 94 -1.20 2.12 18.11
CA LEU A 94 -1.88 1.63 16.90
C LEU A 94 -2.08 0.11 17.02
N ALA A 95 -3.24 -0.38 16.59
CA ALA A 95 -3.53 -1.81 16.48
C ALA A 95 -4.32 -2.17 15.22
N VAL A 96 -4.13 -3.41 14.75
CA VAL A 96 -4.76 -4.00 13.56
C VAL A 96 -5.32 -5.40 13.89
N PRO A 97 -6.39 -5.86 13.22
CA PRO A 97 -6.99 -7.16 13.51
C PRO A 97 -6.13 -8.32 12.98
N ILE A 98 -6.13 -9.44 13.71
CA ILE A 98 -5.52 -10.71 13.29
C ILE A 98 -6.20 -11.25 12.02
N GLY A 99 -5.38 -11.65 11.04
CA GLY A 99 -5.80 -12.25 9.77
C GLY A 99 -4.64 -12.84 8.99
N ASP A 100 -4.89 -13.20 7.73
CA ASP A 100 -3.92 -13.82 6.81
C ASP A 100 -4.36 -13.60 5.35
N GLY A 101 -3.38 -13.32 4.47
CA GLY A 101 -3.60 -13.10 3.04
C GLY A 101 -2.32 -13.20 2.21
N ASP A 102 -2.49 -13.58 0.95
CA ASP A 102 -1.45 -13.75 -0.07
C ASP A 102 -2.09 -13.91 -1.46
N ASN A 103 -1.53 -13.24 -2.47
CA ASN A 103 -2.02 -13.28 -3.85
C ASN A 103 -1.11 -14.11 -4.77
N LEU A 104 -1.72 -14.90 -5.66
CA LEU A 104 -1.06 -15.72 -6.70
C LEU A 104 -0.48 -14.90 -7.88
N LEU A 105 -0.23 -13.60 -7.68
CA LEU A 105 0.14 -12.61 -8.67
C LEU A 105 1.64 -12.27 -8.57
N ASN A 106 2.38 -12.48 -9.66
CA ASN A 106 3.78 -12.05 -9.79
C ASN A 106 3.86 -10.67 -10.47
N TRP A 107 3.93 -9.62 -9.66
CA TRP A 107 3.94 -8.23 -10.11
C TRP A 107 5.32 -7.82 -10.66
N LYS A 108 6.40 -8.48 -10.24
CA LYS A 108 7.76 -8.26 -10.76
C LYS A 108 7.92 -8.67 -12.24
N LYS A 109 6.98 -9.48 -12.76
CA LYS A 109 6.87 -9.89 -14.18
C LYS A 109 5.69 -9.24 -14.91
N SER A 110 4.92 -8.40 -14.22
CA SER A 110 3.81 -7.63 -14.82
C SER A 110 4.30 -6.48 -15.73
N THR A 111 3.37 -5.92 -16.51
CA THR A 111 3.60 -4.77 -17.40
C THR A 111 2.50 -3.74 -17.27
N ALA A 112 2.88 -2.46 -17.31
CA ALA A 112 1.98 -1.31 -17.20
C ALA A 112 1.58 -0.74 -18.59
N LYS A 113 0.32 -0.30 -18.71
CA LYS A 113 -0.35 0.24 -19.90
C LYS A 113 -1.10 1.53 -19.51
N LEU A 114 -0.80 2.67 -20.13
CA LEU A 114 -1.48 3.94 -19.85
C LEU A 114 -2.96 3.88 -20.27
N ILE A 115 -3.85 4.32 -19.38
CA ILE A 115 -5.32 4.38 -19.61
C ILE A 115 -5.80 5.81 -19.75
N SER A 116 -5.31 6.74 -18.93
CA SER A 116 -5.73 8.15 -18.94
C SER A 116 -4.72 9.05 -18.22
N LYS A 117 -4.58 10.30 -18.69
CA LYS A 117 -3.66 11.31 -18.16
C LYS A 117 -4.37 12.66 -18.13
N LYS A 118 -4.82 13.07 -16.94
CA LYS A 118 -5.71 14.23 -16.71
C LYS A 118 -5.16 15.13 -15.58
N GLY A 119 -4.31 16.10 -15.94
CA GLY A 119 -3.74 17.06 -14.99
C GLY A 119 -2.94 16.37 -13.89
N SER A 120 -3.36 16.54 -12.64
CA SER A 120 -2.72 15.97 -11.45
C SER A 120 -3.08 14.50 -11.15
N THR A 121 -3.83 13.81 -12.04
CA THR A 121 -4.27 12.41 -11.90
C THR A 121 -3.95 11.62 -13.17
N ILE A 122 -3.44 10.41 -13.03
CA ILE A 122 -3.06 9.49 -14.13
C ILE A 122 -3.45 8.05 -13.77
N THR A 123 -3.94 7.26 -14.74
CA THR A 123 -4.33 5.86 -14.55
C THR A 123 -3.57 4.93 -15.51
N TYR A 124 -3.13 3.80 -14.96
CA TYR A 124 -2.54 2.67 -15.66
C TYR A 124 -3.29 1.36 -15.39
N GLU A 125 -3.28 0.46 -16.38
CA GLU A 125 -3.70 -0.94 -16.29
C GLU A 125 -2.44 -1.79 -16.16
N PHE A 126 -2.54 -2.87 -15.38
CA PHE A 126 -1.47 -3.82 -15.10
C PHE A 126 -1.90 -5.21 -15.54
N THR A 127 -1.07 -5.87 -16.36
CA THR A 127 -1.24 -7.27 -16.76
C THR A 127 -0.31 -8.11 -15.90
N VAL A 128 -0.87 -8.88 -14.96
CA VAL A 128 -0.11 -9.55 -13.91
C VAL A 128 -0.13 -11.08 -14.11
N PRO A 129 0.99 -11.71 -14.53
CA PRO A 129 1.10 -13.16 -14.67
C PRO A 129 0.96 -13.86 -13.32
N THR A 130 0.49 -15.12 -13.33
CA THR A 130 0.19 -15.89 -12.12
C THR A 130 1.15 -17.05 -11.93
N LEU A 131 1.32 -17.42 -10.66
CA LEU A 131 2.14 -18.57 -10.23
C LEU A 131 1.31 -19.87 -10.14
N ASP A 132 0.00 -19.77 -10.35
CA ASP A 132 -0.93 -20.88 -10.51
C ASP A 132 -0.88 -21.49 -11.93
N GLY A 133 -0.38 -20.72 -12.91
CA GLY A 133 -0.35 -21.09 -14.34
C GLY A 133 -1.60 -20.65 -15.12
N SER A 134 -2.49 -19.87 -14.49
CA SER A 134 -3.63 -19.23 -15.15
C SER A 134 -3.20 -18.00 -16.00
N PRO A 135 -3.99 -17.60 -17.01
CA PRO A 135 -3.76 -16.40 -17.81
C PRO A 135 -3.61 -15.13 -16.97
N SER A 136 -2.78 -14.20 -17.44
CA SER A 136 -2.42 -12.96 -16.73
C SER A 136 -3.63 -12.07 -16.39
N ALA A 137 -3.75 -11.71 -15.11
CA ALA A 137 -4.86 -10.95 -14.55
C ALA A 137 -4.73 -9.44 -14.83
N LYS A 138 -5.82 -8.80 -15.22
CA LYS A 138 -5.92 -7.34 -15.30
C LYS A 138 -6.25 -6.68 -13.95
N ARG A 139 -5.56 -5.57 -13.67
CA ARG A 139 -5.75 -4.66 -12.52
C ARG A 139 -5.66 -3.23 -13.03
N LYS A 140 -6.28 -2.25 -12.36
CA LYS A 140 -6.18 -0.82 -12.69
C LYS A 140 -5.72 -0.01 -11.48
N VAL A 141 -4.81 0.96 -11.69
CA VAL A 141 -4.10 1.71 -10.65
C VAL A 141 -4.03 3.18 -11.02
N THR A 142 -4.59 4.05 -10.18
CA THR A 142 -4.63 5.51 -10.37
C THR A 142 -3.70 6.17 -9.37
N PHE A 143 -2.92 7.12 -9.88
CA PHE A 143 -1.92 7.91 -9.17
C PHE A 143 -2.33 9.38 -9.20
N VAL A 144 -2.09 10.09 -8.10
CA VAL A 144 -2.43 11.51 -7.91
C VAL A 144 -1.19 12.23 -7.35
N LYS A 145 -0.80 13.34 -7.97
CA LYS A 145 0.32 14.16 -7.51
C LYS A 145 -0.13 15.10 -6.37
N GLU A 146 0.25 14.77 -5.13
CA GLU A 146 -0.27 15.46 -3.92
C GLU A 146 0.57 16.70 -3.55
N ASN A 147 1.89 16.62 -3.70
CA ASN A 147 2.83 17.74 -3.49
C ASN A 147 4.16 17.46 -4.20
N LYS A 148 4.26 17.91 -5.46
CA LYS A 148 5.45 17.74 -6.32
C LYS A 148 5.83 16.27 -6.62
N LYS A 149 5.01 15.31 -6.15
CA LYS A 149 5.29 13.87 -6.12
C LYS A 149 4.01 13.04 -6.29
N TRP A 150 4.09 12.03 -7.14
CA TRP A 150 3.02 11.08 -7.50
C TRP A 150 2.84 9.96 -6.46
N LYS A 151 1.61 9.77 -6.01
CA LYS A 151 1.21 8.77 -5.00
C LYS A 151 -0.04 7.99 -5.45
N VAL A 152 -0.19 6.74 -5.00
CA VAL A 152 -1.34 5.87 -5.28
C VAL A 152 -2.58 6.36 -4.51
N ASN A 153 -3.71 6.44 -5.21
CA ASN A 153 -4.98 6.96 -4.67
C ASN A 153 -5.79 5.94 -3.86
N GLN A 154 -5.23 4.74 -3.62
CA GLN A 154 -5.90 3.62 -2.96
C GLN A 154 -4.87 2.67 -2.31
N PHE A 155 -5.08 2.31 -1.04
CA PHE A 155 -4.14 1.52 -0.23
C PHE A 155 -3.93 0.08 -0.77
N ASP A 156 -5.02 -0.59 -1.15
CA ASP A 156 -5.05 -1.97 -1.67
C ASP A 156 -5.03 -2.04 -3.21
N ALA A 157 -4.62 -0.95 -3.89
CA ALA A 157 -4.61 -0.86 -5.35
C ALA A 157 -3.74 -1.95 -6.01
N VAL A 158 -2.69 -2.37 -5.31
CA VAL A 158 -1.67 -3.32 -5.76
C VAL A 158 -1.27 -4.20 -4.58
N ILE A 159 -1.35 -5.51 -4.80
CA ILE A 159 -1.08 -6.56 -3.81
C ILE A 159 -0.70 -7.89 -4.46
N GLY A 1 12.97 9.02 -30.42
CA GLY A 1 13.48 9.49 -29.12
C GLY A 1 12.67 10.65 -28.57
N LYS A 2 12.57 10.76 -27.24
CA LYS A 2 11.85 11.83 -26.51
C LYS A 2 10.33 11.88 -26.79
N ASN A 3 9.73 10.71 -27.11
CA ASN A 3 8.31 10.56 -27.49
C ASN A 3 7.33 10.57 -26.30
N THR A 4 7.84 10.59 -25.06
CA THR A 4 7.08 10.65 -23.79
C THR A 4 6.40 12.00 -23.59
N SER A 5 5.39 12.02 -22.71
CA SER A 5 4.61 13.22 -22.37
C SER A 5 3.94 13.07 -20.99
N GLY A 6 3.57 14.18 -20.35
CA GLY A 6 3.11 14.23 -18.95
C GLY A 6 4.29 14.29 -17.99
N ASP A 7 4.38 13.30 -17.09
CA ASP A 7 5.41 13.22 -16.04
C ASP A 7 5.61 11.79 -15.49
N LEU A 8 4.53 11.05 -15.26
CA LEU A 8 4.55 9.63 -14.87
C LEU A 8 4.55 8.72 -16.12
N SER A 9 5.48 7.77 -16.17
CA SER A 9 5.68 6.79 -17.27
C SER A 9 5.53 5.33 -16.78
N GLN A 10 5.52 4.36 -17.71
CA GLN A 10 5.25 2.94 -17.45
C GLN A 10 6.16 2.34 -16.36
N LYS A 11 7.46 2.64 -16.40
CA LYS A 11 8.44 2.18 -15.40
C LYS A 11 8.12 2.71 -14.00
N GLN A 12 7.95 4.02 -13.90
CA GLN A 12 7.56 4.70 -12.66
C GLN A 12 6.27 4.11 -12.08
N ALA A 13 5.19 3.98 -12.86
CA ALA A 13 3.93 3.36 -12.41
C ALA A 13 4.14 1.94 -11.88
N LEU A 14 4.88 1.09 -12.60
CA LEU A 14 5.21 -0.27 -12.21
C LEU A 14 5.99 -0.30 -10.89
N GLN A 15 6.98 0.57 -10.70
CA GLN A 15 7.77 0.60 -9.46
C GLN A 15 6.94 1.12 -8.29
N LEU A 16 6.14 2.17 -8.51
CA LEU A 16 5.16 2.68 -7.55
C LEU A 16 4.20 1.56 -7.11
N ALA A 17 3.74 0.72 -8.05
CA ALA A 17 2.87 -0.42 -7.79
C ALA A 17 3.55 -1.49 -6.91
N LEU A 18 4.78 -1.90 -7.24
CA LEU A 18 5.55 -2.86 -6.45
C LEU A 18 5.86 -2.34 -5.03
N SER A 19 6.19 -1.05 -4.91
CA SER A 19 6.40 -0.43 -3.61
C SER A 19 5.11 -0.36 -2.78
N ALA A 20 3.97 -0.04 -3.41
CA ALA A 20 2.66 -0.09 -2.76
C ALA A 20 2.29 -1.50 -2.29
N ARG A 21 2.70 -2.56 -3.01
CA ARG A 21 2.57 -3.95 -2.58
C ARG A 21 3.27 -4.18 -1.23
N GLU A 22 4.55 -3.82 -1.12
CA GLU A 22 5.34 -4.12 0.08
C GLU A 22 4.93 -3.25 1.28
N HIS A 23 4.57 -1.97 1.05
CA HIS A 23 4.09 -1.08 2.10
C HIS A 23 2.76 -1.56 2.70
N PHE A 24 1.79 -1.97 1.86
CA PHE A 24 0.51 -2.51 2.32
C PHE A 24 0.69 -3.80 3.12
N TRP A 25 1.38 -4.79 2.55
CA TRP A 25 1.56 -6.09 3.19
C TRP A 25 2.35 -6.01 4.50
N ASN A 26 3.40 -5.17 4.59
CA ASN A 26 4.15 -5.02 5.84
C ASN A 26 3.38 -4.22 6.93
N THR A 27 2.46 -3.34 6.53
CA THR A 27 1.52 -2.67 7.45
C THR A 27 0.50 -3.66 7.99
N MET A 28 -0.09 -4.51 7.15
CA MET A 28 -0.97 -5.62 7.57
C MET A 28 -0.25 -6.63 8.47
N SER A 29 1.05 -6.81 8.30
CA SER A 29 1.92 -7.64 9.15
C SER A 29 2.30 -6.97 10.49
N GLY A 30 1.95 -5.69 10.69
CA GLY A 30 2.16 -4.93 11.93
C GLY A 30 3.58 -4.41 12.16
N HIS A 31 4.44 -4.51 11.13
CA HIS A 31 5.88 -4.25 11.21
C HIS A 31 6.55 -4.13 9.83
N ASN A 32 7.29 -3.05 9.60
CA ASN A 32 8.15 -2.86 8.43
C ASN A 32 9.48 -3.65 8.56
N PRO A 33 9.72 -4.70 7.75
CA PRO A 33 10.89 -5.58 7.84
C PRO A 33 12.23 -4.86 7.62
N LYS A 34 12.23 -3.64 7.04
CA LYS A 34 13.42 -2.82 6.90
C LYS A 34 13.98 -2.30 8.24
N VAL A 35 13.14 -2.26 9.28
CA VAL A 35 13.49 -1.83 10.65
C VAL A 35 13.84 -3.07 11.48
N LYS A 36 15.04 -3.08 12.06
CA LYS A 36 15.63 -4.24 12.75
C LYS A 36 15.63 -4.11 14.30
N LYS A 37 15.18 -2.96 14.83
CA LYS A 37 15.29 -2.58 16.25
C LYS A 37 13.96 -2.06 16.86
N ALA A 38 12.83 -2.37 16.22
CA ALA A 38 11.49 -2.02 16.70
C ALA A 38 11.14 -2.83 17.97
N VAL A 39 10.58 -2.18 18.98
CA VAL A 39 9.99 -2.79 20.18
C VAL A 39 8.50 -3.07 19.86
N CYS A 40 7.97 -4.18 20.36
CA CYS A 40 6.63 -4.65 19.99
C CYS A 40 5.92 -5.37 21.17
N PRO A 41 4.76 -4.87 21.65
CA PRO A 41 4.01 -5.49 22.74
C PRO A 41 3.62 -6.95 22.43
N SER A 42 3.83 -7.84 23.40
CA SER A 42 3.49 -9.27 23.29
C SER A 42 2.00 -9.57 23.58
N GLY A 43 1.24 -8.54 23.98
CA GLY A 43 -0.19 -8.63 24.34
C GLY A 43 -1.13 -8.40 23.15
N THR A 44 -2.41 -8.74 23.36
CA THR A 44 -3.53 -8.58 22.42
C THR A 44 -4.79 -8.18 23.18
N PHE A 45 -5.81 -7.75 22.44
CA PHE A 45 -7.13 -7.39 22.99
C PHE A 45 -8.28 -7.73 22.03
N GLU A 46 -9.53 -7.47 22.42
CA GLU A 46 -10.73 -7.79 21.66
C GLU A 46 -11.60 -6.54 21.46
N TYR A 47 -12.00 -6.29 20.22
CA TYR A 47 -12.72 -5.09 19.77
C TYR A 47 -13.47 -5.38 18.45
N GLN A 48 -14.70 -4.90 18.29
CA GLN A 48 -15.56 -5.13 17.10
C GLN A 48 -15.72 -6.63 16.76
N ASN A 49 -15.64 -7.52 17.78
CA ASN A 49 -15.69 -8.99 17.68
C ASN A 49 -14.45 -9.64 17.02
N LEU A 50 -13.34 -8.91 16.91
CA LEU A 50 -12.05 -9.36 16.37
C LEU A 50 -10.96 -9.32 17.45
N GLN A 51 -9.90 -10.11 17.28
CA GLN A 51 -8.69 -10.00 18.10
C GLN A 51 -7.73 -9.01 17.43
N TYR A 52 -7.25 -8.04 18.19
CA TYR A 52 -6.33 -6.98 17.75
C TYR A 52 -4.90 -7.18 18.27
N VAL A 53 -3.92 -6.80 17.44
CA VAL A 53 -2.49 -6.79 17.79
C VAL A 53 -1.96 -5.36 17.72
N TYR A 54 -1.14 -4.97 18.69
CA TYR A 54 -0.41 -3.70 18.69
C TYR A 54 0.71 -3.67 17.65
N MET A 55 0.89 -2.53 16.99
CA MET A 55 1.97 -2.32 16.02
C MET A 55 3.34 -2.17 16.71
N CYS A 56 4.42 -2.55 16.03
CA CYS A 56 5.78 -2.33 16.51
C CYS A 56 6.21 -0.85 16.31
N SER A 57 7.26 -0.40 17.00
CA SER A 57 7.69 1.02 17.11
C SER A 57 7.66 1.87 15.82
N ASP A 58 7.94 1.28 14.66
CA ASP A 58 7.96 1.90 13.33
C ASP A 58 6.58 2.29 12.78
N LEU A 59 5.52 1.71 13.34
CA LEU A 59 4.09 1.98 13.05
C LEU A 59 3.32 2.15 14.38
N GLY A 60 4.03 2.44 15.48
CA GLY A 60 3.53 2.38 16.86
C GLY A 60 2.38 3.32 17.23
N THR A 61 2.19 4.41 16.49
CA THR A 61 1.02 5.31 16.60
C THR A 61 0.51 5.63 15.20
N LYS A 62 -0.72 6.13 15.12
CA LYS A 62 -1.38 6.46 13.85
C LYS A 62 -0.49 7.36 12.96
N ALA A 63 0.14 8.38 13.55
CA ALA A 63 1.08 9.27 12.87
C ALA A 63 2.23 8.48 12.23
N LYS A 64 2.96 7.64 12.98
CA LYS A 64 4.07 6.83 12.45
C LYS A 64 3.66 5.95 11.25
N ALA A 65 2.45 5.38 11.28
CA ALA A 65 1.92 4.59 10.16
C ALA A 65 1.53 5.45 8.96
N VAL A 66 0.80 6.55 9.17
CA VAL A 66 0.44 7.50 8.10
C VAL A 66 1.70 8.06 7.44
N ASN A 67 2.72 8.39 8.24
CA ASN A 67 4.02 8.90 7.80
C ASN A 67 4.80 7.89 6.93
N TYR A 68 4.76 6.59 7.27
CA TYR A 68 5.36 5.53 6.46
C TYR A 68 4.68 5.33 5.11
N LEU A 69 3.35 5.53 5.05
CA LEU A 69 2.53 5.35 3.84
C LEU A 69 2.47 6.60 2.96
N THR A 70 2.65 7.79 3.53
CA THR A 70 2.60 9.11 2.89
C THR A 70 3.39 9.19 1.57
N PRO A 71 4.63 8.69 1.47
CA PRO A 71 5.41 8.67 0.24
C PRO A 71 4.77 7.94 -0.94
N ILE A 72 3.87 6.98 -0.67
CA ILE A 72 3.27 6.08 -1.67
C ILE A 72 1.79 6.33 -1.89
N PHE A 73 1.05 6.72 -0.85
CA PHE A 73 -0.41 6.82 -0.82
C PHE A 73 -0.84 8.22 -0.40
N THR A 74 -1.91 8.76 -1.02
CA THR A 74 -2.48 10.07 -0.65
C THR A 74 -3.03 10.03 0.77
N LYS A 75 -3.10 11.19 1.43
CA LYS A 75 -3.74 11.35 2.75
C LYS A 75 -5.09 10.62 2.81
N THR A 76 -5.96 10.86 1.81
CA THR A 76 -7.28 10.22 1.65
C THR A 76 -7.18 8.71 1.49
N ALA A 77 -6.29 8.21 0.63
CA ALA A 77 -6.12 6.76 0.42
C ALA A 77 -5.69 6.03 1.71
N ILE A 78 -4.88 6.68 2.54
CA ILE A 78 -4.44 6.14 3.83
C ILE A 78 -5.61 6.08 4.81
N GLU A 79 -6.35 7.18 4.97
CA GLU A 79 -7.48 7.21 5.91
C GLU A 79 -8.58 6.20 5.50
N LYS A 80 -8.88 6.10 4.20
CA LYS A 80 -9.80 5.11 3.65
C LYS A 80 -9.34 3.66 3.94
N GLY A 81 -8.06 3.35 3.72
CA GLY A 81 -7.48 2.02 3.97
C GLY A 81 -7.25 1.72 5.46
N PHE A 82 -7.35 2.71 6.35
CA PHE A 82 -7.40 2.48 7.80
C PHE A 82 -8.84 2.09 8.20
N LYS A 83 -9.85 2.86 7.75
CA LYS A 83 -11.26 2.57 8.02
C LYS A 83 -11.72 1.21 7.45
N ASP A 84 -11.36 0.91 6.19
CA ASP A 84 -11.80 -0.30 5.47
C ASP A 84 -11.24 -1.61 6.07
N TYR A 85 -10.13 -1.52 6.80
CA TYR A 85 -9.46 -2.64 7.48
C TYR A 85 -9.57 -2.57 9.02
N HIS A 86 -10.38 -1.63 9.53
CA HIS A 86 -10.77 -1.50 10.94
C HIS A 86 -9.58 -1.12 11.87
N PHE A 87 -8.57 -0.45 11.34
CA PHE A 87 -7.41 0.07 12.09
C PHE A 87 -7.87 1.01 13.22
N THR A 88 -7.21 0.92 14.38
CA THR A 88 -7.62 1.62 15.61
C THR A 88 -6.43 2.00 16.49
N VAL A 89 -6.71 2.68 17.60
CA VAL A 89 -5.75 3.08 18.63
C VAL A 89 -6.32 2.67 19.99
N SER A 90 -5.47 2.04 20.81
CA SER A 90 -5.79 1.65 22.19
C SER A 90 -4.62 2.01 23.10
N LYS A 91 -4.87 2.76 24.17
CA LYS A 91 -3.84 3.21 25.13
C LYS A 91 -2.74 4.06 24.46
N GLY A 92 -3.10 4.79 23.39
CA GLY A 92 -2.22 5.63 22.55
C GLY A 92 -1.44 4.87 21.47
N LYS A 93 -1.48 3.54 21.46
CA LYS A 93 -0.77 2.66 20.53
C LYS A 93 -1.69 2.19 19.39
N LEU A 94 -1.18 2.19 18.15
CA LEU A 94 -1.89 1.69 16.98
C LEU A 94 -2.10 0.17 17.11
N ALA A 95 -3.24 -0.33 16.67
CA ALA A 95 -3.53 -1.75 16.59
C ALA A 95 -4.35 -2.13 15.34
N VAL A 96 -4.15 -3.36 14.88
CA VAL A 96 -4.78 -3.94 13.67
C VAL A 96 -5.34 -5.33 13.99
N PRO A 97 -6.43 -5.77 13.34
CA PRO A 97 -7.03 -7.08 13.60
C PRO A 97 -6.15 -8.21 13.06
N ILE A 98 -6.14 -9.35 13.75
CA ILE A 98 -5.41 -10.56 13.34
C ILE A 98 -5.96 -11.12 12.01
N GLY A 99 -5.03 -11.46 11.12
CA GLY A 99 -5.28 -12.04 9.80
C GLY A 99 -4.00 -12.29 9.01
N ASP A 100 -4.14 -12.76 7.78
CA ASP A 100 -3.06 -13.08 6.85
C ASP A 100 -3.57 -13.13 5.40
N GLY A 101 -2.67 -12.91 4.43
CA GLY A 101 -3.00 -12.92 3.00
C GLY A 101 -1.79 -12.89 2.08
N ASP A 102 -2.04 -13.25 0.83
CA ASP A 102 -1.11 -13.34 -0.31
C ASP A 102 -1.89 -13.46 -1.62
N ASN A 103 -1.19 -13.36 -2.76
CA ASN A 103 -1.74 -13.56 -4.10
C ASN A 103 -0.76 -14.30 -5.01
N LEU A 104 -1.29 -15.17 -5.88
CA LEU A 104 -0.55 -15.83 -6.97
C LEU A 104 -0.10 -14.86 -8.10
N LEU A 105 -0.47 -13.57 -8.01
CA LEU A 105 -0.11 -12.52 -8.94
C LEU A 105 1.39 -12.20 -8.85
N ASN A 106 2.11 -12.34 -9.97
CA ASN A 106 3.53 -12.04 -10.09
C ASN A 106 3.74 -10.65 -10.72
N TRP A 107 3.64 -9.60 -9.89
CA TRP A 107 3.72 -8.21 -10.34
C TRP A 107 5.11 -7.83 -10.83
N LYS A 108 6.15 -8.52 -10.34
CA LYS A 108 7.54 -8.40 -10.81
C LYS A 108 7.74 -8.81 -12.28
N LYS A 109 6.78 -9.55 -12.87
CA LYS A 109 6.74 -9.95 -14.28
C LYS A 109 5.59 -9.30 -15.07
N SER A 110 4.78 -8.46 -14.42
CA SER A 110 3.71 -7.69 -15.05
C SER A 110 4.23 -6.55 -15.95
N THR A 111 3.33 -6.01 -16.79
CA THR A 111 3.62 -4.88 -17.70
C THR A 111 2.52 -3.83 -17.60
N ALA A 112 2.92 -2.55 -17.60
CA ALA A 112 2.03 -1.40 -17.52
C ALA A 112 1.60 -0.86 -18.91
N LYS A 113 0.40 -0.29 -18.96
CA LYS A 113 -0.26 0.31 -20.13
C LYS A 113 -0.98 1.59 -19.68
N LEU A 114 -0.69 2.74 -20.31
CA LEU A 114 -1.37 4.00 -20.00
C LEU A 114 -2.85 3.95 -20.44
N ILE A 115 -3.77 4.34 -19.55
CA ILE A 115 -5.22 4.40 -19.78
C ILE A 115 -5.72 5.85 -19.92
N SER A 116 -5.23 6.76 -19.07
CA SER A 116 -5.66 8.15 -19.06
C SER A 116 -4.62 9.04 -18.36
N LYS A 117 -4.50 10.29 -18.80
CA LYS A 117 -3.48 11.24 -18.35
C LYS A 117 -4.07 12.66 -18.34
N LYS A 118 -4.56 13.08 -17.16
CA LYS A 118 -5.38 14.28 -16.94
C LYS A 118 -4.79 15.16 -15.83
N GLY A 119 -3.88 16.08 -16.20
CA GLY A 119 -3.26 17.04 -15.26
C GLY A 119 -2.54 16.33 -14.13
N SER A 120 -3.00 16.52 -12.89
CA SER A 120 -2.42 15.94 -11.68
C SER A 120 -2.83 14.48 -11.39
N THR A 121 -3.58 13.81 -12.28
CA THR A 121 -4.06 12.42 -12.14
C THR A 121 -3.77 11.62 -13.39
N ILE A 122 -3.26 10.39 -13.24
CA ILE A 122 -2.89 9.47 -14.33
C ILE A 122 -3.29 8.03 -13.96
N THR A 123 -3.82 7.25 -14.92
CA THR A 123 -4.23 5.85 -14.73
C THR A 123 -3.47 4.92 -15.65
N TYR A 124 -3.01 3.80 -15.09
CA TYR A 124 -2.42 2.68 -15.80
C TYR A 124 -3.18 1.36 -15.54
N GLU A 125 -3.17 0.50 -16.55
CA GLU A 125 -3.59 -0.90 -16.48
C GLU A 125 -2.33 -1.77 -16.40
N PHE A 126 -2.44 -2.88 -15.67
CA PHE A 126 -1.38 -3.83 -15.41
C PHE A 126 -1.85 -5.23 -15.80
N THR A 127 -1.13 -5.90 -16.70
CA THR A 127 -1.34 -7.32 -17.04
C THR A 127 -0.41 -8.14 -16.18
N VAL A 128 -0.95 -8.88 -15.22
CA VAL A 128 -0.18 -9.56 -14.17
C VAL A 128 -0.23 -11.09 -14.37
N PRO A 129 0.87 -11.72 -14.84
CA PRO A 129 0.97 -13.18 -14.95
C PRO A 129 0.92 -13.86 -13.57
N THR A 130 0.59 -15.15 -13.54
CA THR A 130 0.40 -15.91 -12.29
C THR A 130 1.50 -16.94 -12.05
N LEU A 131 1.73 -17.25 -10.77
CA LEU A 131 2.63 -18.30 -10.29
C LEU A 131 1.98 -19.70 -10.35
N ASP A 132 0.70 -19.80 -10.70
CA ASP A 132 -0.07 -21.05 -10.79
C ASP A 132 -0.27 -21.54 -12.25
N GLY A 133 0.14 -20.73 -13.24
CA GLY A 133 0.04 -21.05 -14.67
C GLY A 133 -1.28 -20.64 -15.33
N SER A 134 -2.14 -19.92 -14.63
CA SER A 134 -3.39 -19.32 -15.15
C SER A 134 -3.10 -18.08 -16.03
N PRO A 135 -4.01 -17.73 -16.96
CA PRO A 135 -3.93 -16.53 -17.79
C PRO A 135 -3.76 -15.25 -16.96
N SER A 136 -2.98 -14.30 -17.50
CA SER A 136 -2.60 -13.06 -16.81
C SER A 136 -3.80 -12.15 -16.48
N ALA A 137 -3.92 -11.74 -15.22
CA ALA A 137 -5.01 -10.89 -14.71
C ALA A 137 -4.79 -9.42 -15.05
N LYS A 138 -5.84 -8.72 -15.50
CA LYS A 138 -5.82 -7.26 -15.67
C LYS A 138 -6.29 -6.53 -14.39
N ARG A 139 -5.53 -5.51 -13.99
CA ARG A 139 -5.76 -4.61 -12.84
C ARG A 139 -5.58 -3.15 -13.30
N LYS A 140 -6.26 -2.20 -12.66
CA LYS A 140 -6.13 -0.76 -12.97
C LYS A 140 -5.76 0.05 -11.71
N VAL A 141 -4.82 0.99 -11.86
CA VAL A 141 -4.18 1.74 -10.77
C VAL A 141 -4.07 3.22 -11.16
N THR A 142 -4.62 4.10 -10.33
CA THR A 142 -4.62 5.56 -10.54
C THR A 142 -3.70 6.23 -9.53
N PHE A 143 -2.83 7.08 -10.07
CA PHE A 143 -1.83 7.86 -9.35
C PHE A 143 -2.22 9.34 -9.41
N VAL A 144 -2.09 10.04 -8.29
CA VAL A 144 -2.43 11.46 -8.10
C VAL A 144 -1.21 12.16 -7.50
N LYS A 145 -0.73 13.23 -8.12
CA LYS A 145 0.34 14.05 -7.53
C LYS A 145 -0.23 14.96 -6.42
N GLU A 146 0.29 14.79 -5.20
CA GLU A 146 -0.14 15.52 -4.01
C GLU A 146 0.94 16.53 -3.61
N ASN A 147 1.63 16.34 -2.48
CA ASN A 147 2.73 17.19 -2.00
C ASN A 147 4.03 16.91 -2.77
N LYS A 148 4.08 17.36 -4.03
CA LYS A 148 5.23 17.28 -4.97
C LYS A 148 5.64 15.82 -5.33
N LYS A 149 4.75 14.85 -5.10
CA LYS A 149 4.99 13.40 -5.27
C LYS A 149 3.74 12.72 -5.84
N TRP A 150 3.93 11.87 -6.86
CA TRP A 150 2.91 10.96 -7.39
C TRP A 150 2.64 9.78 -6.44
N LYS A 151 1.40 9.67 -5.97
CA LYS A 151 0.95 8.70 -4.98
C LYS A 151 -0.29 7.93 -5.46
N VAL A 152 -0.46 6.69 -5.03
CA VAL A 152 -1.61 5.84 -5.34
C VAL A 152 -2.85 6.32 -4.59
N ASN A 153 -3.98 6.44 -5.30
CA ASN A 153 -5.25 6.93 -4.76
C ASN A 153 -6.07 5.89 -3.96
N GLN A 154 -5.49 4.71 -3.73
CA GLN A 154 -6.13 3.56 -3.08
C GLN A 154 -5.07 2.67 -2.39
N PHE A 155 -5.30 2.29 -1.13
CA PHE A 155 -4.31 1.57 -0.31
C PHE A 155 -4.09 0.12 -0.77
N ASP A 156 -5.15 -0.59 -1.13
CA ASP A 156 -5.15 -1.98 -1.58
C ASP A 156 -5.11 -2.14 -3.12
N ALA A 157 -4.69 -1.09 -3.83
CA ALA A 157 -4.67 -1.05 -5.31
C ALA A 157 -3.79 -2.14 -5.94
N VAL A 158 -2.77 -2.60 -5.20
CA VAL A 158 -1.73 -3.53 -5.66
C VAL A 158 -1.35 -4.43 -4.49
N ILE A 159 -1.55 -5.72 -4.69
CA ILE A 159 -1.33 -6.79 -3.72
C ILE A 159 -1.10 -8.16 -4.36
N GLY A 1 8.96 17.64 -24.00
CA GLY A 1 10.16 18.35 -23.49
C GLY A 1 10.61 17.79 -22.15
N LYS A 2 11.14 18.66 -21.26
CA LYS A 2 11.65 18.28 -19.92
C LYS A 2 10.56 17.80 -18.93
N ASN A 3 9.28 17.97 -19.28
CA ASN A 3 8.11 17.51 -18.50
C ASN A 3 8.10 15.99 -18.22
N THR A 4 8.87 15.18 -18.96
CA THR A 4 9.11 13.75 -18.69
C THR A 4 9.74 13.47 -17.32
N SER A 5 10.38 14.47 -16.69
CA SER A 5 10.90 14.37 -15.32
C SER A 5 9.87 14.75 -14.23
N GLY A 6 8.71 15.31 -14.62
CA GLY A 6 7.60 15.70 -13.73
C GLY A 6 6.33 14.87 -13.90
N ASP A 7 6.15 14.22 -15.06
CA ASP A 7 5.04 13.32 -15.37
C ASP A 7 5.38 11.85 -15.13
N LEU A 8 4.35 11.02 -14.99
CA LEU A 8 4.44 9.58 -14.74
C LEU A 8 4.51 8.79 -16.07
N SER A 9 5.25 7.68 -16.08
CA SER A 9 5.45 6.78 -17.22
C SER A 9 5.40 5.30 -16.79
N GLN A 10 5.44 4.35 -17.74
CA GLN A 10 5.25 2.91 -17.50
C GLN A 10 6.20 2.35 -16.43
N LYS A 11 7.49 2.72 -16.48
CA LYS A 11 8.51 2.30 -15.51
C LYS A 11 8.17 2.79 -14.09
N GLN A 12 7.95 4.09 -13.94
CA GLN A 12 7.51 4.71 -12.70
C GLN A 12 6.29 4.00 -12.12
N ALA A 13 5.20 3.87 -12.89
CA ALA A 13 3.97 3.21 -12.44
C ALA A 13 4.23 1.78 -11.94
N LEU A 14 4.96 0.98 -12.72
CA LEU A 14 5.38 -0.37 -12.36
C LEU A 14 6.13 -0.42 -11.03
N GLN A 15 7.11 0.46 -10.81
CA GLN A 15 7.88 0.45 -9.56
C GLN A 15 7.06 0.95 -8.37
N LEU A 16 6.26 2.01 -8.58
CA LEU A 16 5.31 2.53 -7.60
C LEU A 16 4.34 1.43 -7.14
N ALA A 17 3.89 0.58 -8.08
CA ALA A 17 3.01 -0.55 -7.79
C ALA A 17 3.69 -1.61 -6.92
N LEU A 18 4.91 -2.03 -7.26
CA LEU A 18 5.68 -3.01 -6.49
C LEU A 18 6.02 -2.49 -5.08
N SER A 19 6.38 -1.22 -4.96
CA SER A 19 6.61 -0.58 -3.66
C SER A 19 5.30 -0.45 -2.86
N ALA A 20 4.17 -0.18 -3.51
CA ALA A 20 2.87 -0.17 -2.83
C ALA A 20 2.47 -1.56 -2.32
N ARG A 21 2.78 -2.63 -3.08
CA ARG A 21 2.66 -4.03 -2.66
C ARG A 21 3.45 -4.25 -1.35
N GLU A 22 4.70 -3.80 -1.35
CA GLU A 22 5.64 -3.95 -0.23
C GLU A 22 5.17 -3.18 1.02
N HIS A 23 4.69 -1.96 0.86
CA HIS A 23 4.22 -1.12 1.97
C HIS A 23 2.88 -1.61 2.58
N PHE A 24 1.93 -2.04 1.74
CA PHE A 24 0.64 -2.58 2.19
C PHE A 24 0.82 -3.86 3.00
N TRP A 25 1.46 -4.89 2.41
CA TRP A 25 1.59 -6.20 3.04
C TRP A 25 2.36 -6.14 4.37
N ASN A 26 3.41 -5.31 4.48
CA ASN A 26 4.14 -5.17 5.74
C ASN A 26 3.35 -4.41 6.83
N THR A 27 2.49 -3.46 6.45
CA THR A 27 1.62 -2.74 7.40
C THR A 27 0.53 -3.66 7.92
N MET A 28 -0.10 -4.47 7.05
CA MET A 28 -1.02 -5.55 7.45
C MET A 28 -0.35 -6.64 8.31
N SER A 29 0.97 -6.81 8.19
CA SER A 29 1.80 -7.70 9.03
C SER A 29 2.25 -7.07 10.37
N GLY A 30 1.91 -5.79 10.62
CA GLY A 30 2.11 -5.11 11.91
C GLY A 30 3.46 -4.39 12.11
N HIS A 31 4.33 -4.40 11.09
CA HIS A 31 5.71 -3.91 11.18
C HIS A 31 6.36 -3.64 9.81
N ASN A 32 7.12 -2.54 9.70
CA ASN A 32 7.89 -2.16 8.52
C ASN A 32 9.36 -2.64 8.56
N PRO A 33 9.75 -3.65 7.75
CA PRO A 33 11.11 -4.23 7.74
C PRO A 33 12.19 -3.26 7.29
N LYS A 34 11.83 -2.07 6.78
CA LYS A 34 12.76 -0.95 6.55
C LYS A 34 13.42 -0.46 7.85
N VAL A 35 12.77 -0.69 8.99
CA VAL A 35 13.26 -0.43 10.36
C VAL A 35 13.75 -1.74 10.96
N LYS A 36 15.02 -1.74 11.41
CA LYS A 36 15.66 -2.89 12.03
C LYS A 36 15.54 -2.82 13.57
N LYS A 37 14.91 -3.82 14.16
CA LYS A 37 14.74 -4.00 15.62
C LYS A 37 13.90 -2.89 16.27
N ALA A 38 12.71 -2.64 15.70
CA ALA A 38 11.66 -1.81 16.30
C ALA A 38 11.21 -2.41 17.64
N VAL A 39 10.66 -1.59 18.52
CA VAL A 39 10.09 -2.04 19.79
C VAL A 39 8.71 -2.62 19.49
N CYS A 40 8.61 -3.95 19.51
CA CYS A 40 7.41 -4.70 19.14
C CYS A 40 6.68 -5.23 20.39
N PRO A 41 5.48 -4.70 20.73
CA PRO A 41 4.68 -5.19 21.85
C PRO A 41 4.08 -6.57 21.52
N SER A 42 4.09 -7.48 22.50
CA SER A 42 3.61 -8.87 22.35
C SER A 42 2.15 -9.09 22.79
N GLY A 43 1.47 -8.02 23.25
CA GLY A 43 0.09 -8.05 23.73
C GLY A 43 -0.95 -7.97 22.62
N THR A 44 -2.16 -8.46 22.91
CA THR A 44 -3.35 -8.42 22.04
C THR A 44 -4.61 -8.14 22.86
N PHE A 45 -5.70 -7.79 22.16
CA PHE A 45 -7.01 -7.53 22.76
C PHE A 45 -8.15 -7.88 21.78
N GLU A 46 -9.41 -7.67 22.20
CA GLU A 46 -10.61 -7.99 21.43
C GLU A 46 -11.48 -6.75 21.25
N TYR A 47 -11.90 -6.49 20.01
CA TYR A 47 -12.68 -5.31 19.59
C TYR A 47 -13.43 -5.60 18.27
N GLN A 48 -14.70 -5.20 18.17
CA GLN A 48 -15.56 -5.43 16.98
C GLN A 48 -15.67 -6.93 16.60
N ASN A 49 -15.53 -7.83 17.58
CA ASN A 49 -15.55 -9.30 17.42
C ASN A 49 -14.29 -9.85 16.69
N LEU A 50 -13.20 -9.08 16.65
CA LEU A 50 -11.89 -9.44 16.08
C LEU A 50 -10.81 -9.40 17.16
N GLN A 51 -9.74 -10.17 16.98
CA GLN A 51 -8.54 -10.04 17.81
C GLN A 51 -7.62 -9.01 17.15
N TYR A 52 -7.18 -8.01 17.92
CA TYR A 52 -6.30 -6.93 17.51
C TYR A 52 -4.87 -7.09 18.03
N VAL A 53 -3.89 -6.71 17.22
CA VAL A 53 -2.45 -6.68 17.54
C VAL A 53 -1.95 -5.23 17.51
N TYR A 54 -1.16 -4.85 18.51
CA TYR A 54 -0.49 -3.54 18.56
C TYR A 54 0.72 -3.48 17.60
N MET A 55 0.94 -2.32 16.96
CA MET A 55 2.02 -2.12 15.99
C MET A 55 3.39 -1.92 16.67
N CYS A 56 4.49 -2.26 16.00
CA CYS A 56 5.85 -1.92 16.47
C CYS A 56 6.12 -0.41 16.37
N SER A 57 7.06 0.09 17.17
CA SER A 57 7.31 1.53 17.44
C SER A 57 7.26 2.51 16.26
N ASP A 58 7.81 2.20 15.08
CA ASP A 58 7.81 3.13 13.94
C ASP A 58 6.44 3.27 13.24
N LEU A 59 5.52 2.34 13.55
CA LEU A 59 4.09 2.39 13.19
C LEU A 59 3.23 2.49 14.47
N GLY A 60 3.84 2.79 15.63
CA GLY A 60 3.25 2.68 16.97
C GLY A 60 2.08 3.62 17.27
N THR A 61 1.88 4.65 16.45
CA THR A 61 0.74 5.59 16.52
C THR A 61 0.23 5.85 15.11
N LYS A 62 -1.02 6.26 14.96
CA LYS A 62 -1.64 6.53 13.64
C LYS A 62 -0.77 7.47 12.79
N ALA A 63 -0.32 8.60 13.34
CA ALA A 63 0.61 9.52 12.67
C ALA A 63 1.89 8.80 12.21
N LYS A 64 2.57 8.08 13.10
CA LYS A 64 3.73 7.22 12.80
C LYS A 64 3.51 6.30 11.58
N ALA A 65 2.36 5.61 11.50
CA ALA A 65 2.04 4.72 10.37
C ALA A 65 1.65 5.49 9.09
N VAL A 66 0.88 6.57 9.21
CA VAL A 66 0.55 7.47 8.08
C VAL A 66 1.84 8.03 7.46
N ASN A 67 2.81 8.40 8.30
CA ASN A 67 4.12 8.91 7.89
C ASN A 67 4.95 7.89 7.07
N TYR A 68 4.86 6.59 7.40
CA TYR A 68 5.51 5.52 6.64
C TYR A 68 4.85 5.26 5.27
N LEU A 69 3.52 5.41 5.21
CA LEU A 69 2.72 5.16 4.00
C LEU A 69 2.69 6.37 3.03
N THR A 70 2.85 7.58 3.56
CA THR A 70 2.77 8.88 2.86
C THR A 70 3.58 8.95 1.55
N PRO A 71 4.83 8.45 1.48
CA PRO A 71 5.62 8.43 0.25
C PRO A 71 5.03 7.61 -0.90
N ILE A 72 4.17 6.63 -0.61
CA ILE A 72 3.54 5.74 -1.61
C ILE A 72 2.06 6.09 -1.84
N PHE A 73 1.33 6.42 -0.78
CA PHE A 73 -0.13 6.58 -0.77
C PHE A 73 -0.50 8.02 -0.40
N THR A 74 -1.51 8.59 -1.07
CA THR A 74 -2.06 9.91 -0.71
C THR A 74 -2.68 9.86 0.67
N LYS A 75 -2.78 10.99 1.37
CA LYS A 75 -3.43 11.05 2.68
C LYS A 75 -4.80 10.35 2.66
N THR A 76 -5.66 10.72 1.70
CA THR A 76 -7.01 10.15 1.54
C THR A 76 -7.01 8.65 1.26
N ALA A 77 -6.02 8.13 0.52
CA ALA A 77 -5.85 6.68 0.32
C ALA A 77 -5.51 5.96 1.64
N ILE A 78 -4.65 6.55 2.47
CA ILE A 78 -4.30 5.99 3.79
C ILE A 78 -5.49 6.04 4.73
N GLU A 79 -6.19 7.17 4.82
CA GLU A 79 -7.40 7.30 5.65
C GLU A 79 -8.48 6.29 5.25
N LYS A 80 -8.71 6.13 3.94
CA LYS A 80 -9.65 5.16 3.39
C LYS A 80 -9.28 3.70 3.76
N GLY A 81 -8.01 3.31 3.63
CA GLY A 81 -7.56 1.96 4.00
C GLY A 81 -7.54 1.74 5.51
N PHE A 82 -7.23 2.76 6.31
CA PHE A 82 -7.36 2.69 7.77
C PHE A 82 -8.82 2.40 8.18
N LYS A 83 -9.81 3.04 7.55
CA LYS A 83 -11.22 2.72 7.78
C LYS A 83 -11.61 1.32 7.24
N ASP A 84 -11.18 0.95 6.04
CA ASP A 84 -11.57 -0.29 5.36
C ASP A 84 -11.03 -1.57 6.03
N TYR A 85 -9.87 -1.48 6.69
CA TYR A 85 -9.24 -2.56 7.45
C TYR A 85 -9.33 -2.38 8.98
N HIS A 86 -10.07 -1.36 9.42
CA HIS A 86 -10.50 -1.11 10.80
C HIS A 86 -9.34 -0.78 11.77
N PHE A 87 -8.29 -0.13 11.26
CA PHE A 87 -7.14 0.38 12.02
C PHE A 87 -7.61 1.30 13.16
N THR A 88 -7.13 1.06 14.39
CA THR A 88 -7.63 1.69 15.62
C THR A 88 -6.51 2.06 16.59
N VAL A 89 -6.88 2.65 17.72
CA VAL A 89 -5.99 3.10 18.80
C VAL A 89 -6.54 2.64 20.15
N SER A 90 -5.66 2.16 21.03
CA SER A 90 -5.98 1.81 22.42
C SER A 90 -4.76 2.06 23.33
N LYS A 91 -4.96 2.81 24.43
CA LYS A 91 -3.90 3.31 25.32
C LYS A 91 -2.85 4.19 24.60
N GLY A 92 -3.22 4.77 23.44
CA GLY A 92 -2.36 5.59 22.57
C GLY A 92 -1.55 4.80 21.54
N LYS A 93 -1.61 3.47 21.57
CA LYS A 93 -0.93 2.58 20.61
C LYS A 93 -1.85 2.24 19.42
N LEU A 94 -1.32 2.28 18.20
CA LEU A 94 -2.01 1.81 16.98
C LEU A 94 -2.18 0.29 17.08
N ALA A 95 -3.35 -0.22 16.67
CA ALA A 95 -3.61 -1.64 16.53
C ALA A 95 -4.40 -1.97 15.25
N VAL A 96 -4.18 -3.20 14.76
CA VAL A 96 -4.80 -3.75 13.54
C VAL A 96 -5.35 -5.16 13.82
N PRO A 97 -6.43 -5.60 13.16
CA PRO A 97 -6.98 -6.93 13.37
C PRO A 97 -6.04 -8.00 12.80
N ILE A 98 -5.97 -9.17 13.46
CA ILE A 98 -5.14 -10.31 13.03
C ILE A 98 -5.58 -10.82 11.65
N GLY A 99 -4.59 -11.02 10.78
CA GLY A 99 -4.72 -11.52 9.40
C GLY A 99 -3.37 -11.62 8.69
N ASP A 100 -3.38 -12.23 7.51
CA ASP A 100 -2.21 -12.48 6.66
C ASP A 100 -2.62 -12.85 5.22
N GLY A 101 -1.71 -12.67 4.26
CA GLY A 101 -1.94 -12.99 2.85
C GLY A 101 -0.73 -12.77 1.96
N ASP A 102 -0.83 -13.31 0.73
CA ASP A 102 0.12 -13.21 -0.37
C ASP A 102 -0.57 -13.68 -1.66
N ASN A 103 -0.69 -12.79 -2.65
CA ASN A 103 -1.47 -13.03 -3.85
C ASN A 103 -0.73 -13.94 -4.85
N LEU A 104 -1.50 -14.81 -5.51
CA LEU A 104 -1.04 -15.64 -6.64
C LEU A 104 -0.65 -14.82 -7.89
N LEU A 105 -0.91 -13.52 -7.89
CA LEU A 105 -0.46 -12.54 -8.87
C LEU A 105 1.05 -12.33 -8.77
N ASN A 106 1.76 -12.45 -9.90
CA ASN A 106 3.19 -12.21 -10.02
C ASN A 106 3.45 -10.82 -10.63
N TRP A 107 3.46 -9.78 -9.79
CA TRP A 107 3.59 -8.39 -10.21
C TRP A 107 4.99 -8.06 -10.72
N LYS A 108 6.01 -8.79 -10.26
CA LYS A 108 7.39 -8.70 -10.75
C LYS A 108 7.56 -9.10 -12.23
N LYS A 109 6.57 -9.80 -12.80
CA LYS A 109 6.51 -10.18 -14.22
C LYS A 109 5.38 -9.47 -14.99
N SER A 110 4.61 -8.61 -14.32
CA SER A 110 3.55 -7.79 -14.94
C SER A 110 4.09 -6.64 -15.81
N THR A 111 3.20 -6.03 -16.59
CA THR A 111 3.46 -4.85 -17.43
C THR A 111 2.34 -3.83 -17.32
N ALA A 112 2.70 -2.55 -17.30
CA ALA A 112 1.77 -1.42 -17.21
C ALA A 112 1.46 -0.81 -18.60
N LYS A 113 0.20 -0.39 -18.82
CA LYS A 113 -0.33 0.19 -20.06
C LYS A 113 -1.19 1.42 -19.71
N LEU A 114 -0.85 2.58 -20.25
CA LEU A 114 -1.50 3.88 -19.93
C LEU A 114 -2.98 3.88 -20.34
N ILE A 115 -3.86 4.37 -19.46
CA ILE A 115 -5.32 4.44 -19.67
C ILE A 115 -5.81 5.89 -19.75
N SER A 116 -5.29 6.79 -18.92
CA SER A 116 -5.62 8.21 -18.94
C SER A 116 -4.53 9.05 -18.26
N LYS A 117 -4.29 10.26 -18.77
CA LYS A 117 -3.31 11.22 -18.25
C LYS A 117 -3.95 12.62 -18.13
N LYS A 118 -4.22 13.02 -16.90
CA LYS A 118 -4.87 14.28 -16.50
C LYS A 118 -3.90 15.19 -15.72
N GLY A 119 -4.32 16.39 -15.34
CA GLY A 119 -3.44 17.46 -14.78
C GLY A 119 -2.67 17.07 -13.52
N SER A 120 -3.27 16.29 -12.62
CA SER A 120 -2.60 15.77 -11.40
C SER A 120 -2.93 14.29 -11.09
N THR A 121 -3.51 13.55 -12.04
CA THR A 121 -4.01 12.17 -11.90
C THR A 121 -3.69 11.39 -13.17
N ILE A 122 -3.19 10.16 -13.04
CA ILE A 122 -2.82 9.28 -14.16
C ILE A 122 -3.23 7.84 -13.83
N THR A 123 -3.79 7.10 -14.79
CA THR A 123 -4.24 5.71 -14.62
C THR A 123 -3.51 4.79 -15.58
N TYR A 124 -3.11 3.63 -15.06
CA TYR A 124 -2.52 2.51 -15.78
C TYR A 124 -3.28 1.19 -15.53
N GLU A 125 -3.32 0.32 -16.54
CA GLU A 125 -3.79 -1.05 -16.45
C GLU A 125 -2.55 -1.96 -16.38
N PHE A 126 -2.51 -2.80 -15.35
CA PHE A 126 -1.49 -3.81 -15.14
C PHE A 126 -2.01 -5.17 -15.63
N THR A 127 -1.25 -5.82 -16.51
CA THR A 127 -1.49 -7.22 -16.92
C THR A 127 -0.59 -8.08 -16.06
N VAL A 128 -1.18 -8.80 -15.10
CA VAL A 128 -0.44 -9.52 -14.05
C VAL A 128 -0.54 -11.03 -14.27
N PRO A 129 0.52 -11.72 -14.74
CA PRO A 129 0.57 -13.17 -14.86
C PRO A 129 0.47 -13.84 -13.48
N THR A 130 0.07 -15.12 -13.43
CA THR A 130 -0.17 -15.85 -12.19
C THR A 130 0.87 -16.93 -11.94
N LEU A 131 1.12 -17.21 -10.66
CA LEU A 131 1.91 -18.35 -10.18
C LEU A 131 1.10 -19.66 -10.18
N ASP A 132 -0.21 -19.57 -10.42
CA ASP A 132 -1.12 -20.70 -10.62
C ASP A 132 -1.05 -21.29 -12.04
N GLY A 133 -0.58 -20.50 -13.02
CA GLY A 133 -0.55 -20.87 -14.45
C GLY A 133 -1.83 -20.50 -15.21
N SER A 134 -2.75 -19.77 -14.58
CA SER A 134 -3.92 -19.17 -15.22
C SER A 134 -3.56 -17.91 -16.04
N PRO A 135 -4.38 -17.53 -17.05
CA PRO A 135 -4.19 -16.32 -17.85
C PRO A 135 -4.06 -15.03 -17.01
N SER A 136 -3.28 -14.07 -17.52
CA SER A 136 -2.93 -12.84 -16.81
C SER A 136 -4.14 -11.95 -16.46
N ALA A 137 -4.22 -11.53 -15.19
CA ALA A 137 -5.28 -10.71 -14.64
C ALA A 137 -5.05 -9.22 -14.91
N LYS A 138 -6.11 -8.49 -15.28
CA LYS A 138 -6.11 -7.03 -15.36
C LYS A 138 -6.39 -6.37 -14.00
N ARG A 139 -5.59 -5.36 -13.65
CA ARG A 139 -5.71 -4.53 -12.44
C ARG A 139 -5.50 -3.05 -12.81
N LYS A 140 -6.50 -2.19 -12.61
CA LYS A 140 -6.40 -0.76 -12.89
C LYS A 140 -5.88 -0.02 -11.64
N VAL A 141 -4.82 0.77 -11.82
CA VAL A 141 -4.10 1.49 -10.75
C VAL A 141 -3.97 2.96 -11.13
N THR A 142 -4.53 3.84 -10.29
CA THR A 142 -4.52 5.30 -10.47
C THR A 142 -3.58 5.93 -9.46
N PHE A 143 -2.78 6.85 -9.97
CA PHE A 143 -1.77 7.62 -9.25
C PHE A 143 -2.19 9.10 -9.26
N VAL A 144 -1.95 9.78 -8.14
CA VAL A 144 -2.29 11.19 -7.90
C VAL A 144 -1.07 11.88 -7.29
N LYS A 145 -0.67 13.03 -7.83
CA LYS A 145 0.47 13.78 -7.31
C LYS A 145 0.10 14.60 -6.07
N GLU A 146 0.90 14.49 -5.02
CA GLU A 146 0.76 15.15 -3.72
C GLU A 146 2.15 15.32 -3.10
N ASN A 147 2.44 16.46 -2.47
CA ASN A 147 3.77 16.82 -1.96
C ASN A 147 4.86 16.77 -3.06
N LYS A 148 4.50 17.17 -4.30
CA LYS A 148 5.39 17.25 -5.47
C LYS A 148 5.84 15.86 -6.01
N LYS A 149 5.11 14.79 -5.66
CA LYS A 149 5.46 13.39 -5.94
C LYS A 149 4.20 12.54 -6.21
N TRP A 150 4.30 11.64 -7.18
CA TRP A 150 3.23 10.73 -7.58
C TRP A 150 3.03 9.56 -6.59
N LYS A 151 1.80 9.43 -6.09
CA LYS A 151 1.38 8.43 -5.10
C LYS A 151 0.16 7.64 -5.58
N VAL A 152 -0.06 6.42 -5.09
CA VAL A 152 -1.24 5.58 -5.36
C VAL A 152 -2.45 6.13 -4.61
N ASN A 153 -3.59 6.25 -5.32
CA ASN A 153 -4.84 6.82 -4.79
C ASN A 153 -5.70 5.83 -3.97
N GLN A 154 -5.18 4.61 -3.73
CA GLN A 154 -5.92 3.52 -3.07
C GLN A 154 -4.94 2.56 -2.37
N PHE A 155 -5.19 2.25 -1.10
CA PHE A 155 -4.29 1.47 -0.24
C PHE A 155 -4.08 0.02 -0.71
N ASP A 156 -5.15 -0.65 -1.17
CA ASP A 156 -5.17 -2.04 -1.63
C ASP A 156 -5.12 -2.18 -3.17
N ALA A 157 -4.68 -1.12 -3.88
CA ALA A 157 -4.65 -1.09 -5.34
C ALA A 157 -3.78 -2.20 -5.96
N VAL A 158 -2.75 -2.62 -5.24
CA VAL A 158 -1.70 -3.56 -5.68
C VAL A 158 -1.35 -4.48 -4.53
N ILE A 159 -1.55 -5.78 -4.77
CA ILE A 159 -1.41 -6.85 -3.78
C ILE A 159 -1.10 -8.22 -4.40
N GLY A 1 -1.07 7.80 -31.31
CA GLY A 1 -0.09 8.84 -31.73
C GLY A 1 -0.53 10.24 -31.31
N LYS A 2 -0.05 11.26 -32.00
CA LYS A 2 -0.42 12.69 -31.85
C LYS A 2 -0.14 13.31 -30.46
N ASN A 3 0.71 12.66 -29.66
CA ASN A 3 1.00 13.00 -28.25
C ASN A 3 2.48 12.71 -27.91
N THR A 4 3.10 13.59 -27.12
CA THR A 4 4.56 13.60 -26.81
C THR A 4 4.86 14.42 -25.54
N SER A 5 4.03 14.26 -24.51
CA SER A 5 4.13 15.00 -23.24
C SER A 5 3.54 14.19 -22.06
N GLY A 6 3.87 14.57 -20.83
CA GLY A 6 3.56 13.85 -19.59
C GLY A 6 4.63 14.05 -18.51
N ASP A 7 4.70 13.10 -17.57
CA ASP A 7 5.69 13.11 -16.47
C ASP A 7 5.87 11.70 -15.85
N LEU A 8 4.77 11.00 -15.57
CA LEU A 8 4.77 9.59 -15.19
C LEU A 8 4.84 8.72 -16.48
N SER A 9 5.56 7.59 -16.43
CA SER A 9 5.73 6.64 -17.53
C SER A 9 5.61 5.18 -17.04
N GLN A 10 5.52 4.20 -17.95
CA GLN A 10 5.22 2.79 -17.65
C GLN A 10 6.16 2.19 -16.60
N LYS A 11 7.47 2.47 -16.69
CA LYS A 11 8.47 2.03 -15.71
C LYS A 11 8.18 2.57 -14.30
N GLN A 12 7.87 3.86 -14.21
CA GLN A 12 7.57 4.54 -12.96
C GLN A 12 6.27 4.01 -12.35
N ALA A 13 5.17 3.89 -13.12
CA ALA A 13 3.92 3.31 -12.66
C ALA A 13 4.11 1.89 -12.10
N LEU A 14 4.83 1.03 -12.84
CA LEU A 14 5.19 -0.32 -12.43
C LEU A 14 5.95 -0.33 -11.09
N GLN A 15 6.93 0.53 -10.91
CA GLN A 15 7.72 0.57 -9.66
C GLN A 15 6.91 1.13 -8.50
N LEU A 16 6.13 2.19 -8.73
CA LEU A 16 5.17 2.75 -7.77
C LEU A 16 4.20 1.67 -7.29
N ALA A 17 3.72 0.81 -8.20
CA ALA A 17 2.83 -0.30 -7.90
C ALA A 17 3.51 -1.35 -7.01
N LEU A 18 4.72 -1.80 -7.36
CA LEU A 18 5.51 -2.74 -6.56
C LEU A 18 5.79 -2.20 -5.15
N SER A 19 6.16 -0.93 -5.05
CA SER A 19 6.41 -0.28 -3.76
C SER A 19 5.12 -0.14 -2.92
N ALA A 20 3.96 0.09 -3.56
CA ALA A 20 2.67 0.13 -2.87
C ALA A 20 2.25 -1.25 -2.34
N ARG A 21 2.49 -2.33 -3.09
CA ARG A 21 2.33 -3.70 -2.58
C ARG A 21 3.26 -3.96 -1.40
N GLU A 22 4.52 -3.54 -1.49
CA GLU A 22 5.51 -3.68 -0.41
C GLU A 22 5.09 -2.92 0.86
N HIS A 23 4.69 -1.65 0.75
CA HIS A 23 4.26 -0.84 1.90
C HIS A 23 2.95 -1.34 2.53
N PHE A 24 1.99 -1.81 1.73
CA PHE A 24 0.74 -2.41 2.20
C PHE A 24 1.02 -3.67 3.03
N TRP A 25 1.68 -4.67 2.46
CA TRP A 25 1.91 -5.95 3.14
C TRP A 25 2.83 -5.82 4.35
N ASN A 26 3.77 -4.87 4.36
CA ASN A 26 4.53 -4.52 5.56
C ASN A 26 3.61 -4.01 6.68
N THR A 27 2.74 -3.03 6.36
CA THR A 27 1.77 -2.46 7.32
C THR A 27 0.81 -3.52 7.86
N MET A 28 0.23 -4.36 6.99
CA MET A 28 -0.64 -5.47 7.40
C MET A 28 0.06 -6.58 8.21
N SER A 29 1.40 -6.62 8.23
CA SER A 29 2.20 -7.51 9.08
C SER A 29 2.43 -6.94 10.50
N GLY A 30 2.08 -5.67 10.73
CA GLY A 30 2.17 -4.99 12.03
C GLY A 30 3.45 -4.19 12.26
N HIS A 31 4.35 -4.13 11.28
CA HIS A 31 5.70 -3.59 11.42
C HIS A 31 6.34 -3.17 10.08
N ASN A 32 7.19 -2.15 10.10
CA ASN A 32 8.03 -1.74 8.96
C ASN A 32 9.41 -2.43 9.02
N PRO A 33 9.66 -3.48 8.21
CA PRO A 33 10.88 -4.29 8.25
C PRO A 33 12.16 -3.54 7.86
N LYS A 34 12.05 -2.31 7.33
CA LYS A 34 13.21 -1.42 7.13
C LYS A 34 13.85 -0.98 8.46
N VAL A 35 13.09 -1.00 9.55
CA VAL A 35 13.54 -0.77 10.94
C VAL A 35 13.79 -2.12 11.61
N LYS A 36 15.00 -2.30 12.16
CA LYS A 36 15.48 -3.60 12.64
C LYS A 36 15.41 -3.79 14.18
N LYS A 37 15.02 -2.73 14.91
CA LYS A 37 15.10 -2.66 16.39
C LYS A 37 13.83 -2.08 17.05
N ALA A 38 12.67 -2.17 16.39
CA ALA A 38 11.38 -1.73 16.93
C ALA A 38 10.98 -2.55 18.17
N VAL A 39 10.40 -1.89 19.16
CA VAL A 39 9.78 -2.48 20.37
C VAL A 39 8.31 -2.79 20.02
N CYS A 40 7.77 -3.89 20.54
CA CYS A 40 6.46 -4.39 20.13
C CYS A 40 5.76 -5.19 21.24
N PRO A 41 4.51 -4.82 21.64
CA PRO A 41 3.73 -5.56 22.63
C PRO A 41 3.52 -7.04 22.23
N SER A 42 3.75 -7.96 23.16
CA SER A 42 3.62 -9.41 22.93
C SER A 42 2.17 -9.94 23.05
N GLY A 43 1.23 -9.06 23.42
CA GLY A 43 -0.19 -9.38 23.65
C GLY A 43 -1.08 -9.13 22.44
N THR A 44 -2.33 -9.61 22.54
CA THR A 44 -3.44 -9.42 21.57
C THR A 44 -4.74 -9.18 22.31
N PHE A 45 -5.77 -8.73 21.58
CA PHE A 45 -7.12 -8.50 22.11
C PHE A 45 -8.21 -8.83 21.06
N GLU A 46 -9.47 -8.61 21.41
CA GLU A 46 -10.63 -8.91 20.56
C GLU A 46 -11.54 -7.67 20.45
N TYR A 47 -11.92 -7.32 19.21
CA TYR A 47 -12.70 -6.15 18.85
C TYR A 47 -13.42 -6.36 17.51
N GLN A 48 -14.70 -5.99 17.41
CA GLN A 48 -15.54 -6.16 16.20
C GLN A 48 -15.55 -7.61 15.67
N ASN A 49 -15.42 -8.60 16.57
CA ASN A 49 -15.38 -10.05 16.31
C ASN A 49 -14.07 -10.55 15.66
N LEU A 50 -13.00 -9.75 15.66
CA LEU A 50 -11.67 -10.09 15.12
C LEU A 50 -10.62 -10.07 16.23
N GLN A 51 -9.52 -10.82 16.05
CA GLN A 51 -8.35 -10.73 16.92
C GLN A 51 -7.44 -9.62 16.41
N TYR A 52 -7.08 -8.68 17.28
CA TYR A 52 -6.23 -7.53 17.01
C TYR A 52 -4.80 -7.69 17.56
N VAL A 53 -3.82 -7.20 16.79
CA VAL A 53 -2.40 -7.13 17.17
C VAL A 53 -1.97 -5.66 17.22
N TYR A 54 -1.20 -5.30 18.25
CA TYR A 54 -0.56 -3.98 18.37
C TYR A 54 0.59 -3.81 17.35
N MET A 55 0.76 -2.60 16.83
CA MET A 55 1.85 -2.26 15.92
C MET A 55 3.17 -2.04 16.66
N CYS A 56 4.29 -2.36 16.02
CA CYS A 56 5.63 -2.09 16.56
C CYS A 56 6.04 -0.62 16.35
N SER A 57 7.02 -0.14 17.11
CA SER A 57 7.45 1.28 17.25
C SER A 57 7.27 2.22 16.04
N ASP A 58 7.72 1.83 14.84
CA ASP A 58 7.72 2.70 13.66
C ASP A 58 6.31 2.93 13.05
N LEU A 59 5.31 2.17 13.50
CA LEU A 59 3.89 2.29 13.18
C LEU A 59 3.03 2.37 14.47
N GLY A 60 3.65 2.68 15.62
CA GLY A 60 3.06 2.56 16.96
C GLY A 60 1.86 3.45 17.27
N THR A 61 1.64 4.52 16.51
CA THR A 61 0.44 5.38 16.56
C THR A 61 -0.01 5.73 15.15
N LYS A 62 -1.24 6.21 15.01
CA LYS A 62 -1.83 6.59 13.71
C LYS A 62 -0.87 7.47 12.89
N ALA A 63 -0.32 8.53 13.50
CA ALA A 63 0.59 9.47 12.83
C ALA A 63 1.84 8.77 12.27
N LYS A 64 2.51 7.92 13.05
CA LYS A 64 3.67 7.14 12.59
C LYS A 64 3.34 6.21 11.41
N ALA A 65 2.17 5.56 11.42
CA ALA A 65 1.74 4.69 10.33
C ALA A 65 1.34 5.49 9.07
N VAL A 66 0.68 6.63 9.22
CA VAL A 66 0.39 7.55 8.10
C VAL A 66 1.70 8.07 7.49
N ASN A 67 2.68 8.45 8.31
CA ASN A 67 3.98 8.93 7.88
C ASN A 67 4.80 7.89 7.10
N TYR A 68 4.64 6.58 7.37
CA TYR A 68 5.26 5.51 6.58
C TYR A 68 4.61 5.37 5.19
N LEU A 69 3.29 5.57 5.10
CA LEU A 69 2.50 5.41 3.86
C LEU A 69 2.46 6.67 2.99
N THR A 70 2.63 7.85 3.59
CA THR A 70 2.57 9.20 2.97
C THR A 70 3.40 9.33 1.68
N PRO A 71 4.64 8.82 1.59
CA PRO A 71 5.43 8.84 0.36
C PRO A 71 4.83 8.10 -0.84
N ILE A 72 3.95 7.11 -0.59
CA ILE A 72 3.40 6.21 -1.62
C ILE A 72 1.92 6.46 -1.89
N PHE A 73 1.14 6.83 -0.87
CA PHE A 73 -0.31 6.95 -0.90
C PHE A 73 -0.72 8.37 -0.53
N THR A 74 -1.75 8.91 -1.22
CA THR A 74 -2.30 10.24 -0.89
C THR A 74 -2.88 10.23 0.51
N LYS A 75 -2.89 11.37 1.17
CA LYS A 75 -3.32 11.46 2.58
C LYS A 75 -4.68 10.81 2.82
N THR A 76 -5.64 11.11 1.94
CA THR A 76 -7.00 10.55 1.90
C THR A 76 -7.02 9.04 1.63
N ALA A 77 -6.20 8.52 0.69
CA ALA A 77 -6.12 7.08 0.43
C ALA A 77 -5.70 6.27 1.67
N ILE A 78 -4.86 6.86 2.53
CA ILE A 78 -4.41 6.23 3.78
C ILE A 78 -5.56 6.17 4.78
N GLU A 79 -6.25 7.30 4.98
CA GLU A 79 -7.44 7.32 5.86
C GLU A 79 -8.52 6.35 5.40
N LYS A 80 -8.74 6.25 4.07
CA LYS A 80 -9.68 5.31 3.47
C LYS A 80 -9.32 3.85 3.77
N GLY A 81 -8.05 3.46 3.62
CA GLY A 81 -7.58 2.10 3.92
C GLY A 81 -7.58 1.80 5.43
N PHE A 82 -7.30 2.78 6.28
CA PHE A 82 -7.42 2.61 7.74
C PHE A 82 -8.87 2.29 8.14
N LYS A 83 -9.86 2.97 7.54
CA LYS A 83 -11.27 2.63 7.73
C LYS A 83 -11.66 1.28 7.11
N ASP A 84 -11.18 0.97 5.90
CA ASP A 84 -11.54 -0.26 5.16
C ASP A 84 -11.00 -1.56 5.78
N TYR A 85 -9.86 -1.50 6.48
CA TYR A 85 -9.23 -2.62 7.17
C TYR A 85 -9.37 -2.55 8.71
N HIS A 86 -10.20 -1.63 9.21
CA HIS A 86 -10.65 -1.53 10.60
C HIS A 86 -9.50 -1.20 11.59
N PHE A 87 -8.49 -0.46 11.13
CA PHE A 87 -7.35 0.02 11.91
C PHE A 87 -7.86 0.82 13.12
N THR A 88 -7.34 0.53 14.32
CA THR A 88 -7.85 1.06 15.61
C THR A 88 -6.71 1.53 16.51
N VAL A 89 -7.06 2.06 17.68
CA VAL A 89 -6.14 2.53 18.72
C VAL A 89 -6.68 2.04 20.07
N SER A 90 -5.79 1.46 20.88
CA SER A 90 -6.11 0.92 22.22
C SER A 90 -5.00 1.32 23.20
N LYS A 91 -5.36 2.04 24.27
CA LYS A 91 -4.42 2.61 25.26
C LYS A 91 -3.31 3.45 24.57
N GLY A 92 -3.69 4.22 23.54
CA GLY A 92 -2.84 5.11 22.74
C GLY A 92 -2.01 4.44 21.64
N LYS A 93 -1.98 3.10 21.59
CA LYS A 93 -1.19 2.31 20.64
C LYS A 93 -2.06 1.82 19.47
N LEU A 94 -1.55 1.93 18.23
CA LEU A 94 -2.22 1.44 17.02
C LEU A 94 -2.36 -0.08 17.09
N ALA A 95 -3.49 -0.62 16.60
CA ALA A 95 -3.68 -2.05 16.40
C ALA A 95 -4.47 -2.36 15.12
N VAL A 96 -4.26 -3.56 14.58
CA VAL A 96 -4.85 -4.06 13.32
C VAL A 96 -5.32 -5.51 13.48
N PRO A 97 -6.35 -5.96 12.73
CA PRO A 97 -6.83 -7.33 12.81
C PRO A 97 -5.83 -8.31 12.16
N ILE A 98 -5.75 -9.52 12.71
CA ILE A 98 -4.89 -10.61 12.20
C ILE A 98 -5.36 -11.08 10.81
N GLY A 99 -4.41 -11.24 9.89
CA GLY A 99 -4.55 -11.86 8.58
C GLY A 99 -3.24 -12.48 8.09
N ASP A 100 -3.31 -13.53 7.27
CA ASP A 100 -2.12 -14.27 6.80
C ASP A 100 -1.34 -13.52 5.70
N GLY A 101 -2.06 -12.80 4.82
CA GLY A 101 -1.51 -11.87 3.83
C GLY A 101 -0.91 -12.50 2.58
N ASP A 102 -0.58 -11.61 1.63
CA ASP A 102 0.01 -11.87 0.30
C ASP A 102 -0.98 -12.49 -0.70
N ASN A 103 -0.67 -12.36 -2.00
CA ASN A 103 -1.48 -12.83 -3.13
C ASN A 103 -0.68 -13.71 -4.10
N LEU A 104 -1.37 -14.57 -4.86
CA LEU A 104 -0.81 -15.35 -5.98
C LEU A 104 -0.44 -14.50 -7.21
N LEU A 105 -0.71 -13.20 -7.19
CA LEU A 105 -0.39 -12.23 -8.22
C LEU A 105 1.12 -11.95 -8.25
N ASN A 106 1.77 -12.28 -9.36
CA ASN A 106 3.19 -12.05 -9.59
C ASN A 106 3.43 -10.66 -10.21
N TRP A 107 3.42 -9.63 -9.37
CA TRP A 107 3.53 -8.24 -9.80
C TRP A 107 4.92 -7.91 -10.37
N LYS A 108 5.95 -8.64 -9.93
CA LYS A 108 7.32 -8.56 -10.47
C LYS A 108 7.43 -8.98 -11.95
N LYS A 109 6.42 -9.69 -12.48
CA LYS A 109 6.30 -10.10 -13.89
C LYS A 109 5.14 -9.40 -14.63
N SER A 110 4.40 -8.53 -13.95
CA SER A 110 3.34 -7.70 -14.54
C SER A 110 3.88 -6.61 -15.49
N THR A 111 2.97 -6.02 -16.29
CA THR A 111 3.27 -4.94 -17.23
C THR A 111 2.20 -3.86 -17.18
N ALA A 112 2.63 -2.60 -17.26
CA ALA A 112 1.78 -1.41 -17.20
C ALA A 112 1.44 -0.85 -18.60
N LYS A 113 0.24 -0.25 -18.72
CA LYS A 113 -0.37 0.30 -19.93
C LYS A 113 -1.09 1.61 -19.58
N LEU A 114 -0.76 2.73 -20.23
CA LEU A 114 -1.41 4.03 -19.98
C LEU A 114 -2.88 3.99 -20.43
N ILE A 115 -3.78 4.47 -19.57
CA ILE A 115 -5.24 4.56 -19.82
C ILE A 115 -5.71 6.01 -19.98
N SER A 116 -5.23 6.93 -19.15
CA SER A 116 -5.77 8.29 -19.08
C SER A 116 -4.78 9.25 -18.41
N LYS A 117 -4.68 10.48 -18.92
CA LYS A 117 -3.74 11.51 -18.49
C LYS A 117 -4.50 12.84 -18.28
N LYS A 118 -4.62 13.26 -17.02
CA LYS A 118 -5.50 14.33 -16.53
C LYS A 118 -4.73 15.31 -15.62
N GLY A 119 -3.72 16.00 -16.17
CA GLY A 119 -2.92 16.99 -15.45
C GLY A 119 -2.08 16.35 -14.34
N SER A 120 -2.46 16.59 -13.08
CA SER A 120 -1.79 16.01 -11.90
C SER A 120 -2.30 14.62 -11.50
N THR A 121 -3.15 13.99 -12.33
CA THR A 121 -3.71 12.63 -12.16
C THR A 121 -3.48 11.82 -13.42
N ILE A 122 -3.03 10.56 -13.30
CA ILE A 122 -2.75 9.65 -14.43
C ILE A 122 -3.16 8.22 -14.05
N THR A 123 -3.81 7.49 -14.97
CA THR A 123 -4.28 6.11 -14.77
C THR A 123 -3.56 5.15 -15.70
N TYR A 124 -3.14 4.02 -15.13
CA TYR A 124 -2.58 2.86 -15.82
C TYR A 124 -3.37 1.57 -15.53
N GLU A 125 -3.37 0.66 -16.50
CA GLU A 125 -3.85 -0.71 -16.38
C GLU A 125 -2.64 -1.64 -16.24
N PHE A 126 -2.81 -2.74 -15.52
CA PHE A 126 -1.80 -3.71 -15.14
C PHE A 126 -2.29 -5.11 -15.47
N THR A 127 -1.53 -5.86 -16.28
CA THR A 127 -1.74 -7.29 -16.52
C THR A 127 -0.80 -8.05 -15.61
N VAL A 128 -1.36 -8.81 -14.67
CA VAL A 128 -0.59 -9.47 -13.60
C VAL A 128 -0.68 -11.01 -13.75
N PRO A 129 0.38 -11.69 -14.22
CA PRO A 129 0.42 -13.16 -14.28
C PRO A 129 0.40 -13.76 -12.86
N THR A 130 0.07 -15.05 -12.74
CA THR A 130 -0.08 -15.72 -11.44
C THR A 130 1.01 -16.76 -11.19
N LEU A 131 1.34 -16.96 -9.90
CA LEU A 131 2.20 -18.04 -9.41
C LEU A 131 1.47 -19.40 -9.39
N ASP A 132 0.15 -19.40 -9.58
CA ASP A 132 -0.70 -20.59 -9.72
C ASP A 132 -0.67 -21.19 -11.14
N GLY A 133 -0.30 -20.39 -12.15
CA GLY A 133 -0.33 -20.78 -13.57
C GLY A 133 -1.68 -20.51 -14.25
N SER A 134 -2.60 -19.82 -13.57
CA SER A 134 -3.85 -19.31 -14.15
C SER A 134 -3.62 -18.07 -15.03
N PRO A 135 -4.53 -17.75 -15.98
CA PRO A 135 -4.46 -16.58 -16.84
C PRO A 135 -4.30 -15.26 -16.06
N SER A 136 -3.57 -14.31 -16.66
CA SER A 136 -3.21 -13.04 -16.03
C SER A 136 -4.41 -12.16 -15.66
N ALA A 137 -4.43 -11.66 -14.41
CA ALA A 137 -5.46 -10.78 -13.87
C ALA A 137 -5.24 -9.32 -14.31
N LYS A 138 -6.30 -8.63 -14.72
CA LYS A 138 -6.27 -7.20 -15.04
C LYS A 138 -6.68 -6.32 -13.83
N ARG A 139 -5.94 -5.24 -13.61
CA ARG A 139 -6.10 -4.25 -12.54
C ARG A 139 -5.93 -2.83 -13.10
N LYS A 140 -6.55 -1.82 -12.49
CA LYS A 140 -6.39 -0.40 -12.87
C LYS A 140 -5.95 0.45 -11.65
N VAL A 141 -4.94 1.31 -11.85
CA VAL A 141 -4.23 2.04 -10.78
C VAL A 141 -4.07 3.51 -11.19
N THR A 142 -4.60 4.43 -10.38
CA THR A 142 -4.54 5.88 -10.61
C THR A 142 -3.57 6.52 -9.62
N PHE A 143 -2.65 7.29 -10.18
CA PHE A 143 -1.61 8.04 -9.49
C PHE A 143 -1.98 9.53 -9.50
N VAL A 144 -1.72 10.22 -8.40
CA VAL A 144 -2.00 11.65 -8.17
C VAL A 144 -0.76 12.27 -7.54
N LYS A 145 -0.25 13.37 -8.11
CA LYS A 145 0.91 14.06 -7.55
C LYS A 145 0.52 14.94 -6.33
N GLU A 146 1.25 14.76 -5.24
CA GLU A 146 1.06 15.41 -3.94
C GLU A 146 2.42 15.52 -3.26
N ASN A 147 2.72 16.66 -2.61
CA ASN A 147 4.05 16.94 -2.04
C ASN A 147 5.19 16.82 -3.08
N LYS A 148 4.92 17.20 -4.34
CA LYS A 148 5.88 17.17 -5.46
C LYS A 148 6.25 15.74 -5.94
N LYS A 149 5.48 14.72 -5.54
CA LYS A 149 5.73 13.29 -5.80
C LYS A 149 4.44 12.56 -6.20
N TRP A 150 4.52 11.65 -7.17
CA TRP A 150 3.39 10.83 -7.61
C TRP A 150 3.07 9.71 -6.60
N LYS A 151 1.85 9.71 -6.09
CA LYS A 151 1.31 8.76 -5.10
C LYS A 151 0.07 8.02 -5.63
N VAL A 152 -0.23 6.84 -5.10
CA VAL A 152 -1.44 6.05 -5.42
C VAL A 152 -2.64 6.62 -4.66
N ASN A 153 -3.76 6.81 -5.35
CA ASN A 153 -5.00 7.38 -4.80
C ASN A 153 -5.88 6.36 -4.03
N GLN A 154 -5.37 5.15 -3.79
CA GLN A 154 -6.10 4.04 -3.16
C GLN A 154 -5.10 3.08 -2.50
N PHE A 155 -5.34 2.70 -1.23
CA PHE A 155 -4.43 1.87 -0.43
C PHE A 155 -4.33 0.43 -0.96
N ASP A 156 -5.46 -0.20 -1.27
CA ASP A 156 -5.55 -1.59 -1.75
C ASP A 156 -5.42 -1.72 -3.28
N ALA A 157 -4.95 -0.67 -3.96
CA ALA A 157 -4.86 -0.60 -5.42
C ALA A 157 -3.94 -1.68 -6.01
N VAL A 158 -2.89 -2.04 -5.27
CA VAL A 158 -1.84 -2.99 -5.67
C VAL A 158 -1.41 -3.78 -4.46
N ILE A 159 -1.65 -5.09 -4.55
CA ILE A 159 -1.42 -6.06 -3.48
C ILE A 159 -1.10 -7.45 -4.02
N GLY A 1 10.75 5.33 -30.45
CA GLY A 1 9.47 6.05 -30.32
C GLY A 1 9.20 6.48 -28.88
N LYS A 2 7.92 6.68 -28.53
CA LYS A 2 7.46 7.13 -27.19
C LYS A 2 5.98 6.76 -26.94
N ASN A 3 5.55 6.85 -25.68
CA ASN A 3 4.21 6.43 -25.22
C ASN A 3 3.68 7.27 -24.02
N THR A 4 4.10 8.55 -23.95
CA THR A 4 3.77 9.51 -22.88
C THR A 4 4.08 10.94 -23.34
N SER A 5 3.33 11.91 -22.80
CA SER A 5 3.56 13.34 -22.99
C SER A 5 4.41 13.98 -21.87
N GLY A 6 4.79 13.20 -20.83
CA GLY A 6 5.54 13.64 -19.65
C GLY A 6 4.94 13.18 -18.33
N ASP A 7 5.55 13.62 -17.22
CA ASP A 7 5.22 13.23 -15.84
C ASP A 7 5.36 11.70 -15.64
N LEU A 8 4.28 10.98 -15.30
CA LEU A 8 4.32 9.58 -14.89
C LEU A 8 4.32 8.64 -16.12
N SER A 9 5.31 7.75 -16.15
CA SER A 9 5.60 6.77 -17.23
C SER A 9 5.27 5.31 -16.82
N GLN A 10 5.31 4.38 -17.78
CA GLN A 10 5.08 2.95 -17.52
C GLN A 10 6.05 2.38 -16.48
N LYS A 11 7.33 2.76 -16.53
CA LYS A 11 8.35 2.34 -15.55
C LYS A 11 8.05 2.88 -14.14
N GLN A 12 7.73 4.16 -14.03
CA GLN A 12 7.33 4.81 -12.78
C GLN A 12 6.11 4.12 -12.18
N ALA A 13 5.01 3.97 -12.94
CA ALA A 13 3.79 3.32 -12.47
C ALA A 13 4.05 1.90 -11.95
N LEU A 14 4.80 1.09 -12.72
CA LEU A 14 5.22 -0.25 -12.34
C LEU A 14 5.94 -0.26 -10.98
N GLN A 15 6.91 0.62 -10.77
CA GLN A 15 7.69 0.64 -9.54
C GLN A 15 6.87 1.17 -8.35
N LEU A 16 6.08 2.22 -8.58
CA LEU A 16 5.12 2.75 -7.61
C LEU A 16 4.15 1.66 -7.14
N ALA A 17 3.69 0.80 -8.06
CA ALA A 17 2.80 -0.32 -7.76
C ALA A 17 3.49 -1.38 -6.89
N LEU A 18 4.70 -1.80 -7.24
CA LEU A 18 5.49 -2.75 -6.45
C LEU A 18 5.78 -2.22 -5.04
N SER A 19 6.17 -0.95 -4.93
CA SER A 19 6.42 -0.31 -3.63
C SER A 19 5.14 -0.19 -2.80
N ALA A 20 4.00 0.11 -3.41
CA ALA A 20 2.71 0.16 -2.72
C ALA A 20 2.26 -1.21 -2.21
N ARG A 21 2.46 -2.29 -2.98
CA ARG A 21 2.21 -3.67 -2.52
C ARG A 21 3.14 -4.04 -1.35
N GLU A 22 4.42 -3.66 -1.44
CA GLU A 22 5.41 -3.86 -0.36
C GLU A 22 4.99 -3.11 0.92
N HIS A 23 4.61 -1.83 0.83
CA HIS A 23 4.17 -1.03 1.98
C HIS A 23 2.88 -1.56 2.61
N PHE A 24 1.88 -1.95 1.81
CA PHE A 24 0.62 -2.52 2.27
C PHE A 24 0.83 -3.82 3.05
N TRP A 25 1.52 -4.80 2.46
CA TRP A 25 1.76 -6.10 3.09
C TRP A 25 2.64 -5.99 4.37
N ASN A 26 3.62 -5.08 4.39
CA ASN A 26 4.41 -4.81 5.60
C ASN A 26 3.58 -4.11 6.70
N THR A 27 2.57 -3.30 6.35
CA THR A 27 1.64 -2.68 7.29
C THR A 27 0.67 -3.72 7.87
N MET A 28 0.10 -4.58 7.03
CA MET A 28 -0.71 -5.74 7.45
C MET A 28 0.06 -6.74 8.34
N SER A 29 1.38 -6.79 8.19
CA SER A 29 2.31 -7.59 9.01
C SER A 29 2.62 -6.95 10.38
N GLY A 30 2.17 -5.72 10.64
CA GLY A 30 2.30 -5.00 11.91
C GLY A 30 3.69 -4.40 12.19
N HIS A 31 4.56 -4.43 11.18
CA HIS A 31 6.00 -4.12 11.28
C HIS A 31 6.68 -3.97 9.90
N ASN A 32 7.44 -2.90 9.70
CA ASN A 32 8.32 -2.72 8.53
C ASN A 32 9.64 -3.50 8.70
N PRO A 33 9.88 -4.58 7.92
CA PRO A 33 11.06 -5.44 8.04
C PRO A 33 12.39 -4.72 7.76
N LYS A 34 12.37 -3.51 7.19
CA LYS A 34 13.55 -2.65 7.06
C LYS A 34 14.10 -2.14 8.41
N VAL A 35 13.30 -2.20 9.48
CA VAL A 35 13.70 -1.92 10.87
C VAL A 35 14.08 -3.25 11.54
N LYS A 36 15.33 -3.32 12.01
CA LYS A 36 15.95 -4.56 12.50
C LYS A 36 15.68 -4.84 13.99
N LYS A 37 15.19 -3.82 14.72
CA LYS A 37 14.81 -3.87 16.13
C LYS A 37 13.73 -2.79 16.40
N ALA A 38 12.52 -3.23 16.73
CA ALA A 38 11.36 -2.38 17.04
C ALA A 38 10.70 -2.87 18.33
N VAL A 39 10.30 -1.95 19.22
CA VAL A 39 9.64 -2.27 20.49
C VAL A 39 8.21 -2.68 20.18
N CYS A 40 7.78 -3.87 20.61
CA CYS A 40 6.53 -4.48 20.16
C CYS A 40 5.85 -5.32 21.26
N PRO A 41 4.62 -4.95 21.70
CA PRO A 41 3.86 -5.72 22.69
C PRO A 41 3.59 -7.16 22.24
N SER A 42 3.74 -8.11 23.16
CA SER A 42 3.40 -9.53 22.96
C SER A 42 1.93 -9.86 23.26
N GLY A 43 1.16 -8.87 23.75
CA GLY A 43 -0.26 -8.97 24.09
C GLY A 43 -1.19 -8.62 22.92
N THR A 44 -2.48 -8.96 23.11
CA THR A 44 -3.59 -8.74 22.15
C THR A 44 -4.87 -8.37 22.91
N PHE A 45 -5.89 -7.94 22.16
CA PHE A 45 -7.22 -7.62 22.70
C PHE A 45 -8.34 -7.99 21.72
N GLU A 46 -9.60 -7.79 22.12
CA GLU A 46 -10.79 -8.12 21.35
C GLU A 46 -11.68 -6.89 21.15
N TYR A 47 -12.10 -6.65 19.90
CA TYR A 47 -12.86 -5.48 19.46
C TYR A 47 -13.62 -5.78 18.16
N GLN A 48 -14.89 -5.37 18.03
CA GLN A 48 -15.76 -5.66 16.87
C GLN A 48 -15.86 -7.18 16.56
N ASN A 49 -15.70 -8.04 17.57
CA ASN A 49 -15.69 -9.51 17.47
C ASN A 49 -14.45 -10.09 16.72
N LEU A 50 -13.37 -9.30 16.61
CA LEU A 50 -12.07 -9.69 16.05
C LEU A 50 -10.98 -9.61 17.13
N GLN A 51 -9.89 -10.35 16.95
CA GLN A 51 -8.68 -10.21 17.75
C GLN A 51 -7.77 -9.17 17.09
N TYR A 52 -7.31 -8.19 17.86
CA TYR A 52 -6.40 -7.12 17.43
C TYR A 52 -4.98 -7.29 17.98
N VAL A 53 -3.98 -6.93 17.17
CA VAL A 53 -2.55 -6.93 17.54
C VAL A 53 -2.03 -5.49 17.50
N TYR A 54 -1.23 -5.13 18.49
CA TYR A 54 -0.52 -3.84 18.53
C TYR A 54 0.63 -3.80 17.53
N MET A 55 0.82 -2.65 16.86
CA MET A 55 1.92 -2.43 15.91
C MET A 55 3.26 -2.29 16.65
N CYS A 56 4.37 -2.68 16.01
CA CYS A 56 5.71 -2.40 16.53
C CYS A 56 6.05 -0.90 16.40
N SER A 57 7.01 -0.41 17.19
CA SER A 57 7.29 1.02 17.39
C SER A 57 7.56 1.88 16.15
N ASP A 58 7.92 1.29 15.01
CA ASP A 58 8.05 1.93 13.69
C ASP A 58 6.71 2.34 13.05
N LEU A 59 5.60 1.74 13.51
CA LEU A 59 4.21 2.02 13.18
C LEU A 59 3.37 2.16 14.48
N GLY A 60 4.02 2.43 15.61
CA GLY A 60 3.46 2.32 16.97
C GLY A 60 2.29 3.23 17.32
N THR A 61 2.08 4.31 16.57
CA THR A 61 0.98 5.28 16.72
C THR A 61 0.53 5.70 15.31
N LYS A 62 -0.70 6.18 15.19
CA LYS A 62 -1.35 6.50 13.91
C LYS A 62 -0.46 7.37 13.01
N ALA A 63 0.11 8.45 13.56
CA ALA A 63 1.04 9.35 12.88
C ALA A 63 2.22 8.57 12.26
N LYS A 64 2.92 7.73 13.04
CA LYS A 64 4.04 6.91 12.56
C LYS A 64 3.69 6.05 11.35
N ALA A 65 2.50 5.43 11.34
CA ALA A 65 2.02 4.64 10.22
C ALA A 65 1.58 5.48 9.01
N VAL A 66 0.85 6.58 9.22
CA VAL A 66 0.48 7.52 8.14
C VAL A 66 1.73 8.10 7.47
N ASN A 67 2.75 8.45 8.27
CA ASN A 67 4.04 8.99 7.82
C ASN A 67 4.86 7.98 6.99
N TYR A 68 4.80 6.69 7.35
CA TYR A 68 5.42 5.59 6.58
C TYR A 68 4.76 5.40 5.20
N LEU A 69 3.45 5.62 5.10
CA LEU A 69 2.65 5.43 3.88
C LEU A 69 2.59 6.69 2.99
N THR A 70 2.71 7.87 3.58
CA THR A 70 2.68 9.21 2.94
C THR A 70 3.52 9.31 1.65
N PRO A 71 4.78 8.82 1.60
CA PRO A 71 5.60 8.81 0.40
C PRO A 71 4.99 8.09 -0.82
N ILE A 72 4.10 7.13 -0.59
CA ILE A 72 3.53 6.24 -1.61
C ILE A 72 2.04 6.51 -1.87
N PHE A 73 1.29 6.90 -0.83
CA PHE A 73 -0.16 7.02 -0.84
C PHE A 73 -0.57 8.45 -0.44
N THR A 74 -1.64 8.98 -1.07
CA THR A 74 -2.22 10.27 -0.67
C THR A 74 -2.81 10.16 0.73
N LYS A 75 -2.93 11.27 1.46
CA LYS A 75 -3.51 11.27 2.81
C LYS A 75 -4.87 10.56 2.81
N THR A 76 -5.76 10.92 1.87
CA THR A 76 -7.09 10.32 1.67
C THR A 76 -7.02 8.82 1.42
N ALA A 77 -6.09 8.33 0.59
CA ALA A 77 -5.91 6.89 0.36
C ALA A 77 -5.55 6.13 1.65
N ILE A 78 -4.76 6.76 2.53
CA ILE A 78 -4.36 6.18 3.82
C ILE A 78 -5.55 6.19 4.79
N GLU A 79 -6.27 7.31 4.91
CA GLU A 79 -7.46 7.38 5.77
C GLU A 79 -8.53 6.37 5.33
N LYS A 80 -8.76 6.23 4.03
CA LYS A 80 -9.71 5.26 3.46
C LYS A 80 -9.32 3.81 3.80
N GLY A 81 -8.05 3.42 3.64
CA GLY A 81 -7.59 2.07 3.96
C GLY A 81 -7.55 1.81 5.48
N PHE A 82 -7.26 2.82 6.30
CA PHE A 82 -7.36 2.70 7.75
C PHE A 82 -8.81 2.38 8.18
N LYS A 83 -9.80 3.07 7.60
CA LYS A 83 -11.22 2.76 7.85
C LYS A 83 -11.64 1.39 7.28
N ASP A 84 -11.24 1.04 6.06
CA ASP A 84 -11.66 -0.18 5.36
C ASP A 84 -11.11 -1.49 5.99
N TYR A 85 -9.95 -1.42 6.65
CA TYR A 85 -9.31 -2.53 7.36
C TYR A 85 -9.39 -2.38 8.89
N HIS A 86 -10.13 -1.38 9.37
CA HIS A 86 -10.55 -1.17 10.76
C HIS A 86 -9.39 -0.83 11.72
N PHE A 87 -8.31 -0.23 11.19
CA PHE A 87 -7.16 0.27 11.93
C PHE A 87 -7.61 1.20 13.07
N THR A 88 -7.06 0.99 14.28
CA THR A 88 -7.52 1.64 15.51
C THR A 88 -6.36 1.95 16.46
N VAL A 89 -6.66 2.60 17.58
CA VAL A 89 -5.70 3.04 18.60
C VAL A 89 -6.28 2.75 19.98
N SER A 90 -5.46 2.20 20.88
CA SER A 90 -5.80 1.94 22.28
C SER A 90 -4.61 2.25 23.19
N LYS A 91 -4.81 3.11 24.21
CA LYS A 91 -3.77 3.63 25.11
C LYS A 91 -2.62 4.37 24.37
N GLY A 92 -2.91 4.88 23.16
CA GLY A 92 -1.95 5.55 22.25
C GLY A 92 -1.18 4.60 21.32
N LYS A 93 -1.37 3.28 21.46
CA LYS A 93 -0.76 2.26 20.60
C LYS A 93 -1.70 1.94 19.42
N LEU A 94 -1.18 1.97 18.18
CA LEU A 94 -1.89 1.55 16.97
C LEU A 94 -2.12 0.04 17.03
N ALA A 95 -3.27 -0.45 16.56
CA ALA A 95 -3.57 -1.87 16.42
C ALA A 95 -4.35 -2.19 15.14
N VAL A 96 -4.15 -3.44 14.66
CA VAL A 96 -4.75 -4.00 13.44
C VAL A 96 -5.34 -5.39 13.72
N PRO A 97 -6.42 -5.80 13.04
CA PRO A 97 -7.06 -7.10 13.29
C PRO A 97 -6.21 -8.24 12.71
N ILE A 98 -6.21 -9.38 13.40
CA ILE A 98 -5.56 -10.62 12.95
C ILE A 98 -6.28 -11.19 11.71
N GLY A 99 -5.49 -11.54 10.70
CA GLY A 99 -5.94 -12.21 9.47
C GLY A 99 -4.77 -12.81 8.69
N ASP A 100 -5.06 -13.31 7.48
CA ASP A 100 -4.10 -13.90 6.55
C ASP A 100 -4.45 -13.50 5.11
N GLY A 101 -3.43 -13.11 4.33
CA GLY A 101 -3.57 -12.69 2.93
C GLY A 101 -2.30 -12.93 2.12
N ASP A 102 -2.49 -13.35 0.87
CA ASP A 102 -1.45 -13.65 -0.13
C ASP A 102 -2.12 -13.86 -1.50
N ASN A 103 -1.54 -13.27 -2.55
CA ASN A 103 -2.04 -13.36 -3.92
C ASN A 103 -1.07 -14.13 -4.83
N LEU A 104 -1.61 -14.97 -5.73
CA LEU A 104 -0.88 -15.64 -6.81
C LEU A 104 -0.37 -14.69 -7.92
N LEU A 105 -0.68 -13.40 -7.82
CA LEU A 105 -0.28 -12.35 -8.76
C LEU A 105 1.23 -12.09 -8.68
N ASN A 106 1.94 -12.33 -9.78
CA ASN A 106 3.36 -12.07 -9.92
C ASN A 106 3.61 -10.65 -10.48
N TRP A 107 3.55 -9.65 -9.61
CA TRP A 107 3.65 -8.24 -9.99
C TRP A 107 5.06 -7.87 -10.49
N LYS A 108 6.08 -8.59 -10.03
CA LYS A 108 7.48 -8.47 -10.50
C LYS A 108 7.65 -8.84 -11.99
N LYS A 109 6.69 -9.55 -12.58
CA LYS A 109 6.63 -9.92 -14.01
C LYS A 109 5.50 -9.21 -14.78
N SER A 110 4.72 -8.38 -14.10
CA SER A 110 3.65 -7.56 -14.70
C SER A 110 4.19 -6.41 -15.58
N THR A 111 3.29 -5.82 -16.39
CA THR A 111 3.58 -4.67 -17.25
C THR A 111 2.45 -3.64 -17.15
N ALA A 112 2.83 -2.36 -17.16
CA ALA A 112 1.92 -1.22 -17.08
C ALA A 112 1.61 -0.65 -18.48
N LYS A 113 0.38 -0.13 -18.68
CA LYS A 113 -0.13 0.41 -19.94
C LYS A 113 -1.02 1.64 -19.65
N LEU A 114 -0.69 2.80 -20.21
CA LEU A 114 -1.35 4.08 -19.93
C LEU A 114 -2.83 4.07 -20.37
N ILE A 115 -3.74 4.53 -19.51
CA ILE A 115 -5.19 4.59 -19.77
C ILE A 115 -5.68 6.03 -19.93
N SER A 116 -5.23 6.94 -19.08
CA SER A 116 -5.75 8.31 -19.04
C SER A 116 -4.80 9.25 -18.28
N LYS A 117 -4.58 10.46 -18.82
CA LYS A 117 -3.68 11.48 -18.28
C LYS A 117 -4.45 12.80 -18.11
N LYS A 118 -4.78 13.13 -16.86
CA LYS A 118 -5.74 14.18 -16.44
C LYS A 118 -5.08 15.20 -15.49
N GLY A 119 -4.06 15.93 -15.98
CA GLY A 119 -3.34 16.94 -15.20
C GLY A 119 -2.58 16.30 -14.03
N SER A 120 -3.05 16.54 -12.81
CA SER A 120 -2.46 16.01 -11.56
C SER A 120 -2.88 14.57 -11.20
N THR A 121 -3.64 13.89 -12.08
CA THR A 121 -4.12 12.50 -11.91
C THR A 121 -3.84 11.69 -13.17
N ILE A 122 -3.35 10.47 -13.04
CA ILE A 122 -2.99 9.57 -14.16
C ILE A 122 -3.39 8.13 -13.84
N THR A 123 -3.96 7.39 -14.81
CA THR A 123 -4.38 5.99 -14.67
C THR A 123 -3.63 5.08 -15.62
N TYR A 124 -3.22 3.93 -15.10
CA TYR A 124 -2.60 2.82 -15.80
C TYR A 124 -3.35 1.50 -15.57
N GLU A 125 -3.29 0.61 -16.56
CA GLU A 125 -3.72 -0.79 -16.51
C GLU A 125 -2.48 -1.67 -16.34
N PHE A 126 -2.64 -2.78 -15.64
CA PHE A 126 -1.59 -3.72 -15.26
C PHE A 126 -1.98 -5.12 -15.70
N THR A 127 -1.20 -5.74 -16.58
CA THR A 127 -1.32 -7.16 -16.95
C THR A 127 -0.43 -7.94 -16.01
N VAL A 128 -1.02 -8.72 -15.10
CA VAL A 128 -0.31 -9.41 -14.02
C VAL A 128 -0.36 -10.93 -14.24
N PRO A 129 0.75 -11.57 -14.67
CA PRO A 129 0.84 -13.03 -14.79
C PRO A 129 0.74 -13.70 -13.41
N THR A 130 0.41 -15.00 -13.39
CA THR A 130 0.18 -15.75 -12.14
C THR A 130 1.26 -16.80 -11.88
N LEU A 131 1.53 -17.04 -10.60
CA LEU A 131 2.39 -18.15 -10.13
C LEU A 131 1.69 -19.51 -10.21
N ASP A 132 0.38 -19.53 -10.48
CA ASP A 132 -0.43 -20.72 -10.74
C ASP A 132 -0.28 -21.24 -12.19
N GLY A 133 0.14 -20.37 -13.13
CA GLY A 133 0.22 -20.66 -14.55
C GLY A 133 -1.09 -20.38 -15.32
N SER A 134 -2.07 -19.76 -14.67
CA SER A 134 -3.29 -19.25 -15.30
C SER A 134 -3.02 -17.95 -16.10
N PRO A 135 -3.88 -17.60 -17.09
CA PRO A 135 -3.77 -16.38 -17.89
C PRO A 135 -3.69 -15.10 -17.04
N SER A 136 -2.94 -14.11 -17.53
CA SER A 136 -2.64 -12.87 -16.82
C SER A 136 -3.89 -12.02 -16.50
N ALA A 137 -4.01 -11.59 -15.24
CA ALA A 137 -5.11 -10.77 -14.74
C ALA A 137 -4.89 -9.28 -15.09
N LYS A 138 -5.92 -8.61 -15.61
CA LYS A 138 -5.91 -7.16 -15.85
C LYS A 138 -6.47 -6.40 -14.63
N ARG A 139 -5.65 -5.53 -14.04
CA ARG A 139 -5.95 -4.62 -12.92
C ARG A 139 -5.81 -3.16 -13.38
N LYS A 140 -6.39 -2.19 -12.68
CA LYS A 140 -6.23 -0.75 -12.96
C LYS A 140 -5.79 0.04 -11.71
N VAL A 141 -4.89 1.01 -11.88
CA VAL A 141 -4.23 1.77 -10.79
C VAL A 141 -4.13 3.24 -11.18
N THR A 142 -4.65 4.13 -10.32
CA THR A 142 -4.63 5.59 -10.50
C THR A 142 -3.70 6.22 -9.47
N PHE A 143 -2.90 7.17 -9.97
CA PHE A 143 -1.90 7.92 -9.24
C PHE A 143 -2.29 9.41 -9.26
N VAL A 144 -2.01 10.12 -8.18
CA VAL A 144 -2.31 11.54 -7.96
C VAL A 144 -1.07 12.22 -7.39
N LYS A 145 -0.62 13.32 -8.00
CA LYS A 145 0.48 14.12 -7.47
C LYS A 145 -0.04 15.08 -6.38
N GLU A 146 0.32 14.82 -5.12
CA GLU A 146 -0.24 15.54 -3.95
C GLU A 146 0.43 16.91 -3.71
N ASN A 147 1.65 17.11 -4.21
CA ASN A 147 2.42 18.36 -4.11
C ASN A 147 3.55 18.38 -5.15
N LYS A 148 4.56 17.52 -4.98
CA LYS A 148 5.77 17.43 -5.82
C LYS A 148 6.15 15.97 -6.16
N LYS A 149 5.31 15.01 -5.80
CA LYS A 149 5.51 13.56 -5.98
C LYS A 149 4.21 12.80 -6.23
N TRP A 150 4.25 11.87 -7.19
CA TRP A 150 3.15 10.99 -7.60
C TRP A 150 2.92 9.84 -6.61
N LYS A 151 1.68 9.73 -6.12
CA LYS A 151 1.25 8.77 -5.09
C LYS A 151 0.00 8.00 -5.52
N VAL A 152 -0.19 6.78 -5.03
CA VAL A 152 -1.36 5.92 -5.32
C VAL A 152 -2.59 6.44 -4.58
N ASN A 153 -3.72 6.54 -5.28
CA ASN A 153 -4.98 7.09 -4.76
C ASN A 153 -5.82 6.09 -3.94
N GLN A 154 -5.29 4.89 -3.68
CA GLN A 154 -5.98 3.79 -3.00
C GLN A 154 -4.96 2.85 -2.34
N PHE A 155 -5.19 2.48 -1.07
CA PHE A 155 -4.24 1.70 -0.25
C PHE A 155 -4.06 0.26 -0.76
N ASP A 156 -5.15 -0.42 -1.10
CA ASP A 156 -5.21 -1.81 -1.59
C ASP A 156 -5.19 -1.91 -3.13
N ALA A 157 -4.76 -0.84 -3.83
CA ALA A 157 -4.74 -0.77 -5.30
C ALA A 157 -3.89 -1.88 -5.96
N VAL A 158 -2.90 -2.37 -5.22
CA VAL A 158 -1.87 -3.34 -5.65
C VAL A 158 -1.51 -4.20 -4.45
N ILE A 159 -1.58 -5.51 -4.65
CA ILE A 159 -1.32 -6.53 -3.63
C ILE A 159 -0.92 -7.87 -4.23
N GLY A 1 16.06 8.86 -22.83
CA GLY A 1 15.15 9.06 -23.97
C GLY A 1 15.05 10.53 -24.35
N LYS A 2 15.03 10.84 -25.65
CA LYS A 2 15.04 12.22 -26.19
C LYS A 2 13.66 12.92 -26.27
N ASN A 3 12.57 12.20 -25.94
CA ASN A 3 11.18 12.67 -26.04
C ASN A 3 10.25 11.87 -25.10
N THR A 4 9.16 12.49 -24.63
CA THR A 4 8.18 11.96 -23.66
C THR A 4 6.90 12.81 -23.65
N SER A 5 5.93 12.44 -22.82
CA SER A 5 4.64 13.13 -22.67
C SER A 5 4.06 12.89 -21.26
N GLY A 6 3.59 13.97 -20.62
CA GLY A 6 3.19 13.96 -19.20
C GLY A 6 4.40 14.10 -18.28
N ASP A 7 4.57 13.14 -17.38
CA ASP A 7 5.64 13.13 -16.36
C ASP A 7 5.86 11.72 -15.77
N LEU A 8 4.77 11.00 -15.48
CA LEU A 8 4.77 9.58 -15.11
C LEU A 8 4.74 8.71 -16.40
N SER A 9 5.53 7.64 -16.43
CA SER A 9 5.63 6.67 -17.53
C SER A 9 5.56 5.21 -17.02
N GLN A 10 5.48 4.23 -17.94
CA GLN A 10 5.20 2.82 -17.63
C GLN A 10 6.13 2.22 -16.57
N LYS A 11 7.45 2.47 -16.68
CA LYS A 11 8.43 2.00 -15.70
C LYS A 11 8.18 2.55 -14.29
N GLN A 12 7.92 3.86 -14.21
CA GLN A 12 7.62 4.54 -12.96
C GLN A 12 6.33 4.02 -12.33
N ALA A 13 5.23 3.89 -13.09
CA ALA A 13 3.98 3.31 -12.60
C ALA A 13 4.18 1.88 -12.06
N LEU A 14 4.88 1.02 -12.81
CA LEU A 14 5.26 -0.32 -12.40
C LEU A 14 6.01 -0.34 -11.06
N GLN A 15 7.01 0.53 -10.89
CA GLN A 15 7.79 0.56 -9.65
C GLN A 15 6.99 1.13 -8.47
N LEU A 16 6.20 2.18 -8.71
CA LEU A 16 5.25 2.74 -7.75
C LEU A 16 4.27 1.67 -7.26
N ALA A 17 3.80 0.81 -8.16
CA ALA A 17 2.90 -0.31 -7.85
C ALA A 17 3.60 -1.35 -6.94
N LEU A 18 4.82 -1.78 -7.27
CA LEU A 18 5.60 -2.70 -6.45
C LEU A 18 5.95 -2.12 -5.07
N SER A 19 6.28 -0.83 -5.02
CA SER A 19 6.53 -0.13 -3.75
C SER A 19 5.26 0.00 -2.91
N ALA A 20 4.08 0.18 -3.54
CA ALA A 20 2.80 0.14 -2.85
C ALA A 20 2.44 -1.26 -2.35
N ARG A 21 2.82 -2.33 -3.07
CA ARG A 21 2.74 -3.71 -2.58
C ARG A 21 3.57 -3.87 -1.30
N GLU A 22 4.83 -3.40 -1.35
CA GLU A 22 5.77 -3.45 -0.24
C GLU A 22 5.25 -2.67 0.98
N HIS A 23 4.81 -1.42 0.80
CA HIS A 23 4.36 -0.58 1.92
C HIS A 23 3.04 -1.05 2.55
N PHE A 24 2.12 -1.65 1.76
CA PHE A 24 0.91 -2.29 2.27
C PHE A 24 1.25 -3.48 3.16
N TRP A 25 1.99 -4.46 2.64
CA TRP A 25 2.33 -5.69 3.37
C TRP A 25 3.25 -5.43 4.57
N ASN A 26 4.15 -4.45 4.49
CA ASN A 26 4.98 -3.99 5.62
C ASN A 26 4.17 -3.26 6.71
N THR A 27 2.93 -2.82 6.44
CA THR A 27 2.01 -2.27 7.43
C THR A 27 1.13 -3.39 8.00
N MET A 28 0.47 -4.18 7.15
CA MET A 28 -0.44 -5.27 7.56
C MET A 28 0.22 -6.40 8.38
N SER A 29 1.55 -6.51 8.34
CA SER A 29 2.33 -7.45 9.16
C SER A 29 2.50 -7.00 10.64
N GLY A 30 2.13 -5.74 10.96
CA GLY A 30 2.27 -5.13 12.29
C GLY A 30 3.63 -4.47 12.56
N HIS A 31 4.51 -4.47 11.55
CA HIS A 31 5.92 -4.09 11.62
C HIS A 31 6.55 -4.03 10.20
N ASN A 32 7.27 -2.96 9.90
CA ASN A 32 8.05 -2.83 8.67
C ASN A 32 9.42 -3.54 8.80
N PRO A 33 9.65 -4.69 8.12
CA PRO A 33 10.88 -5.47 8.20
C PRO A 33 12.14 -4.72 7.75
N LYS A 34 12.01 -3.59 7.05
CA LYS A 34 13.15 -2.71 6.74
C LYS A 34 13.74 -2.00 7.97
N VAL A 35 12.97 -1.86 9.05
CA VAL A 35 13.42 -1.31 10.34
C VAL A 35 14.18 -2.41 11.09
N LYS A 36 15.46 -2.15 11.38
CA LYS A 36 16.38 -3.15 11.95
C LYS A 36 16.10 -3.44 13.44
N LYS A 37 15.57 -2.46 14.17
CA LYS A 37 15.20 -2.53 15.59
C LYS A 37 13.90 -1.74 15.85
N ALA A 38 12.83 -2.42 16.27
CA ALA A 38 11.55 -1.85 16.69
C ALA A 38 11.09 -2.52 17.99
N VAL A 39 10.51 -1.76 18.91
CA VAL A 39 9.95 -2.28 20.17
C VAL A 39 8.60 -2.90 19.86
N CYS A 40 8.50 -4.22 20.00
CA CYS A 40 7.33 -5.02 19.61
C CYS A 40 6.57 -5.54 20.85
N PRO A 41 5.32 -5.08 21.10
CA PRO A 41 4.49 -5.61 22.18
C PRO A 41 3.97 -7.01 21.82
N SER A 42 3.94 -7.91 22.80
CA SER A 42 3.51 -9.31 22.63
C SER A 42 2.03 -9.56 22.94
N GLY A 43 1.29 -8.52 23.34
CA GLY A 43 -0.13 -8.58 23.72
C GLY A 43 -1.09 -8.47 22.54
N THR A 44 -2.32 -8.98 22.74
CA THR A 44 -3.46 -8.92 21.82
C THR A 44 -4.75 -8.69 22.61
N PHE A 45 -5.83 -8.35 21.91
CA PHE A 45 -7.16 -8.11 22.48
C PHE A 45 -8.29 -8.46 21.50
N GLU A 46 -9.54 -8.32 21.92
CA GLU A 46 -10.73 -8.66 21.13
C GLU A 46 -11.66 -7.45 21.01
N TYR A 47 -12.09 -7.14 19.79
CA TYR A 47 -12.92 -5.98 19.42
C TYR A 47 -13.66 -6.25 18.11
N GLN A 48 -14.97 -5.93 18.04
CA GLN A 48 -15.82 -6.16 16.85
C GLN A 48 -15.83 -7.64 16.40
N ASN A 49 -15.63 -8.58 17.33
CA ASN A 49 -15.54 -10.04 17.12
C ASN A 49 -14.25 -10.49 16.39
N LEU A 50 -13.23 -9.62 16.31
CA LEU A 50 -11.91 -9.91 15.72
C LEU A 50 -10.83 -9.86 16.81
N GLN A 51 -9.73 -10.59 16.60
CA GLN A 51 -8.54 -10.45 17.43
C GLN A 51 -7.66 -9.35 16.83
N TYR A 52 -7.25 -8.39 17.64
CA TYR A 52 -6.39 -7.26 17.26
C TYR A 52 -4.96 -7.43 17.81
N VAL A 53 -3.97 -7.00 17.01
CA VAL A 53 -2.54 -6.99 17.38
C VAL A 53 -2.05 -5.54 17.42
N TYR A 54 -1.30 -5.20 18.47
CA TYR A 54 -0.62 -3.90 18.59
C TYR A 54 0.60 -3.81 17.66
N MET A 55 0.82 -2.64 17.05
CA MET A 55 1.95 -2.42 16.13
C MET A 55 3.28 -2.24 16.90
N CYS A 56 4.41 -2.58 16.28
CA CYS A 56 5.74 -2.24 16.82
C CYS A 56 6.02 -0.73 16.68
N SER A 57 7.03 -0.21 17.39
CA SER A 57 7.29 1.23 17.56
C SER A 57 7.49 2.06 16.28
N ASP A 58 7.80 1.45 15.13
CA ASP A 58 7.88 2.08 13.81
C ASP A 58 6.50 2.48 13.22
N LEU A 59 5.43 1.85 13.71
CA LEU A 59 4.03 2.08 13.35
C LEU A 59 3.18 2.21 14.63
N GLY A 60 3.81 2.51 15.78
CA GLY A 60 3.24 2.42 17.13
C GLY A 60 2.05 3.33 17.43
N THR A 61 1.81 4.37 16.62
CA THR A 61 0.69 5.30 16.71
C THR A 61 0.20 5.59 15.29
N LYS A 62 -1.08 5.94 15.14
CA LYS A 62 -1.71 6.20 13.83
C LYS A 62 -0.87 7.16 12.97
N ALA A 63 -0.38 8.26 13.56
CA ALA A 63 0.49 9.23 12.89
C ALA A 63 1.79 8.60 12.33
N LYS A 64 2.48 7.73 13.07
CA LYS A 64 3.65 6.99 12.61
C LYS A 64 3.36 6.11 11.38
N ALA A 65 2.20 5.44 11.37
CA ALA A 65 1.77 4.63 10.23
C ALA A 65 1.37 5.47 9.01
N VAL A 66 0.67 6.59 9.21
CA VAL A 66 0.39 7.56 8.13
C VAL A 66 1.69 8.09 7.54
N ASN A 67 2.68 8.44 8.37
CA ASN A 67 3.98 8.93 7.96
C ASN A 67 4.82 7.90 7.17
N TYR A 68 4.65 6.60 7.42
CA TYR A 68 5.29 5.54 6.62
C TYR A 68 4.63 5.38 5.23
N LEU A 69 3.31 5.56 5.14
CA LEU A 69 2.53 5.40 3.91
C LEU A 69 2.52 6.66 3.02
N THR A 70 2.68 7.84 3.63
CA THR A 70 2.66 9.19 3.01
C THR A 70 3.49 9.30 1.72
N PRO A 71 4.73 8.79 1.65
CA PRO A 71 5.55 8.80 0.43
C PRO A 71 4.92 8.10 -0.78
N ILE A 72 4.04 7.13 -0.56
CA ILE A 72 3.47 6.24 -1.60
C ILE A 72 1.98 6.49 -1.85
N PHE A 73 1.24 6.89 -0.82
CA PHE A 73 -0.22 6.99 -0.82
C PHE A 73 -0.66 8.41 -0.44
N THR A 74 -1.70 8.94 -1.10
CA THR A 74 -2.31 10.24 -0.74
C THR A 74 -2.91 10.16 0.65
N LYS A 75 -3.09 11.31 1.32
CA LYS A 75 -3.72 11.33 2.64
C LYS A 75 -5.05 10.56 2.64
N THR A 76 -5.93 10.86 1.69
CA THR A 76 -7.23 10.21 1.50
C THR A 76 -7.11 8.71 1.28
N ALA A 77 -6.14 8.24 0.48
CA ALA A 77 -5.91 6.81 0.28
C ALA A 77 -5.56 6.09 1.60
N ILE A 78 -4.81 6.76 2.47
CA ILE A 78 -4.41 6.22 3.78
C ILE A 78 -5.60 6.22 4.73
N GLU A 79 -6.35 7.32 4.82
CA GLU A 79 -7.55 7.40 5.66
C GLU A 79 -8.59 6.35 5.24
N LYS A 80 -8.78 6.16 3.93
CA LYS A 80 -9.66 5.14 3.37
C LYS A 80 -9.22 3.72 3.75
N GLY A 81 -7.93 3.39 3.64
CA GLY A 81 -7.40 2.06 4.02
C GLY A 81 -7.43 1.84 5.54
N PHE A 82 -7.21 2.88 6.34
CA PHE A 82 -7.35 2.78 7.80
C PHE A 82 -8.80 2.45 8.20
N LYS A 83 -9.79 3.03 7.53
CA LYS A 83 -11.21 2.65 7.72
C LYS A 83 -11.52 1.25 7.17
N ASP A 84 -11.01 0.90 5.98
CA ASP A 84 -11.31 -0.38 5.30
C ASP A 84 -10.75 -1.62 6.00
N TYR A 85 -9.63 -1.48 6.71
CA TYR A 85 -8.97 -2.54 7.49
C TYR A 85 -9.09 -2.33 9.00
N HIS A 86 -9.87 -1.34 9.43
CA HIS A 86 -10.33 -1.11 10.81
C HIS A 86 -9.19 -0.72 11.80
N PHE A 87 -8.17 -0.02 11.29
CA PHE A 87 -7.03 0.50 12.05
C PHE A 87 -7.50 1.33 13.25
N THR A 88 -7.14 0.89 14.45
CA THR A 88 -7.68 1.41 15.73
C THR A 88 -6.57 1.78 16.72
N VAL A 89 -6.97 2.30 17.87
CA VAL A 89 -6.10 2.75 18.96
C VAL A 89 -6.65 2.25 20.29
N SER A 90 -5.77 1.73 21.15
CA SER A 90 -6.08 1.38 22.53
C SER A 90 -4.87 1.64 23.44
N LYS A 91 -5.07 2.36 24.56
CA LYS A 91 -4.02 2.84 25.46
C LYS A 91 -2.97 3.76 24.75
N GLY A 92 -3.35 4.35 23.62
CA GLY A 92 -2.50 5.20 22.76
C GLY A 92 -1.68 4.42 21.72
N LYS A 93 -1.72 3.09 21.72
CA LYS A 93 -1.02 2.23 20.76
C LYS A 93 -1.93 1.92 19.55
N LEU A 94 -1.38 1.96 18.33
CA LEU A 94 -2.07 1.51 17.11
C LEU A 94 -2.27 -0.01 17.19
N ALA A 95 -3.42 -0.50 16.74
CA ALA A 95 -3.69 -1.92 16.54
C ALA A 95 -4.46 -2.21 15.25
N VAL A 96 -4.24 -3.42 14.71
CA VAL A 96 -4.86 -3.92 13.45
C VAL A 96 -5.38 -5.34 13.65
N PRO A 97 -6.45 -5.76 12.96
CA PRO A 97 -7.04 -7.10 13.13
C PRO A 97 -6.17 -8.17 12.49
N ILE A 98 -6.14 -9.37 13.10
CA ILE A 98 -5.49 -10.56 12.55
C ILE A 98 -6.24 -11.06 11.30
N GLY A 99 -5.49 -11.31 10.24
CA GLY A 99 -5.98 -11.83 8.95
C GLY A 99 -4.88 -11.99 7.91
N ASP A 100 -5.27 -12.37 6.69
CA ASP A 100 -4.38 -12.60 5.55
C ASP A 100 -5.14 -12.48 4.21
N GLY A 101 -4.50 -11.85 3.22
CA GLY A 101 -5.01 -11.70 1.84
C GLY A 101 -3.94 -11.91 0.78
N ASP A 102 -2.93 -12.75 1.04
CA ASP A 102 -1.78 -12.98 0.16
C ASP A 102 -2.21 -13.52 -1.21
N ASN A 103 -1.78 -12.84 -2.29
CA ASN A 103 -2.20 -13.11 -3.66
C ASN A 103 -1.14 -13.88 -4.46
N LEU A 104 -1.61 -14.84 -5.26
CA LEU A 104 -0.82 -15.56 -6.30
C LEU A 104 -0.37 -14.68 -7.48
N LEU A 105 -0.70 -13.39 -7.46
CA LEU A 105 -0.32 -12.39 -8.46
C LEU A 105 1.18 -12.11 -8.40
N ASN A 106 1.86 -12.32 -9.53
CA ASN A 106 3.29 -12.08 -9.71
C ASN A 106 3.53 -10.68 -10.31
N TRP A 107 3.43 -9.65 -9.47
CA TRP A 107 3.52 -8.24 -9.88
C TRP A 107 4.92 -7.89 -10.38
N LYS A 108 5.95 -8.59 -9.89
CA LYS A 108 7.34 -8.48 -10.36
C LYS A 108 7.54 -8.84 -11.84
N LYS A 109 6.57 -9.54 -12.44
CA LYS A 109 6.54 -9.92 -13.86
C LYS A 109 5.40 -9.23 -14.64
N SER A 110 4.59 -8.39 -13.97
CA SER A 110 3.52 -7.61 -14.59
C SER A 110 4.03 -6.48 -15.51
N THR A 111 3.11 -5.90 -16.31
CA THR A 111 3.37 -4.78 -17.22
C THR A 111 2.27 -3.74 -17.13
N ALA A 112 2.65 -2.46 -17.19
CA ALA A 112 1.75 -1.31 -17.15
C ALA A 112 1.40 -0.79 -18.56
N LYS A 113 0.15 -0.37 -18.76
CA LYS A 113 -0.43 0.10 -20.03
C LYS A 113 -1.32 1.33 -19.77
N LEU A 114 -1.02 2.47 -20.40
CA LEU A 114 -1.64 3.77 -20.10
C LEU A 114 -3.16 3.77 -20.41
N ILE A 115 -3.96 4.36 -19.50
CA ILE A 115 -5.43 4.47 -19.62
C ILE A 115 -5.91 5.93 -19.66
N SER A 116 -5.28 6.81 -18.90
CA SER A 116 -5.66 8.24 -18.82
C SER A 116 -4.48 9.08 -18.32
N LYS A 117 -4.32 10.28 -18.86
CA LYS A 117 -3.22 11.20 -18.52
C LYS A 117 -3.76 12.64 -18.54
N LYS A 118 -4.11 13.15 -17.35
CA LYS A 118 -4.87 14.40 -17.15
C LYS A 118 -4.31 15.25 -16.01
N GLY A 119 -3.34 16.13 -16.32
CA GLY A 119 -2.74 17.07 -15.37
C GLY A 119 -2.04 16.34 -14.22
N SER A 120 -2.49 16.59 -13.00
CA SER A 120 -1.93 16.00 -11.77
C SER A 120 -2.39 14.56 -11.47
N THR A 121 -3.15 13.90 -12.38
CA THR A 121 -3.67 12.53 -12.25
C THR A 121 -3.38 11.72 -13.51
N ILE A 122 -2.91 10.48 -13.34
CA ILE A 122 -2.59 9.53 -14.44
C ILE A 122 -3.03 8.12 -14.03
N THR A 123 -3.62 7.35 -14.95
CA THR A 123 -4.09 5.97 -14.73
C THR A 123 -3.43 4.99 -15.67
N TYR A 124 -3.06 3.84 -15.12
CA TYR A 124 -2.51 2.67 -15.82
C TYR A 124 -3.30 1.39 -15.50
N GLU A 125 -3.36 0.49 -16.48
CA GLU A 125 -3.83 -0.88 -16.37
C GLU A 125 -2.60 -1.78 -16.20
N PHE A 126 -2.72 -2.76 -15.33
CA PHE A 126 -1.68 -3.74 -14.99
C PHE A 126 -2.13 -5.14 -15.42
N THR A 127 -1.34 -5.79 -16.28
CA THR A 127 -1.51 -7.21 -16.63
C THR A 127 -0.60 -8.02 -15.74
N VAL A 128 -1.18 -8.78 -14.82
CA VAL A 128 -0.43 -9.45 -13.76
C VAL A 128 -0.49 -10.98 -13.93
N PRO A 129 0.60 -11.64 -14.37
CA PRO A 129 0.67 -13.11 -14.47
C PRO A 129 0.58 -13.75 -13.08
N THR A 130 0.25 -15.05 -13.04
CA THR A 130 0.05 -15.78 -11.77
C THR A 130 1.16 -16.81 -11.51
N LEU A 131 1.38 -17.10 -10.23
CA LEU A 131 2.28 -18.16 -9.75
C LEU A 131 1.65 -19.57 -9.81
N ASP A 132 0.36 -19.66 -10.17
CA ASP A 132 -0.40 -20.92 -10.29
C ASP A 132 -0.53 -21.41 -11.74
N GLY A 133 -0.10 -20.59 -12.72
CA GLY A 133 -0.12 -20.91 -14.16
C GLY A 133 -1.41 -20.52 -14.88
N SER A 134 -2.31 -19.81 -14.21
CA SER A 134 -3.53 -19.23 -14.79
C SER A 134 -3.23 -17.98 -15.66
N PRO A 135 -4.09 -17.64 -16.65
CA PRO A 135 -3.96 -16.43 -17.46
C PRO A 135 -3.86 -15.14 -16.63
N SER A 136 -3.11 -14.17 -17.14
CA SER A 136 -2.80 -12.91 -16.45
C SER A 136 -4.05 -12.06 -16.13
N ALA A 137 -4.15 -11.62 -14.88
CA ALA A 137 -5.24 -10.80 -14.35
C ALA A 137 -5.05 -9.31 -14.69
N LYS A 138 -6.14 -8.63 -15.07
CA LYS A 138 -6.18 -7.17 -15.21
C LYS A 138 -6.53 -6.47 -13.88
N ARG A 139 -5.78 -5.40 -13.58
CA ARG A 139 -5.99 -4.42 -12.50
C ARG A 139 -5.86 -3.01 -13.08
N LYS A 140 -6.42 -1.99 -12.41
CA LYS A 140 -6.27 -0.57 -12.78
C LYS A 140 -5.81 0.27 -11.57
N VAL A 141 -4.82 1.14 -11.77
CA VAL A 141 -4.11 1.88 -10.72
C VAL A 141 -3.94 3.34 -11.15
N THR A 142 -4.44 4.27 -10.32
CA THR A 142 -4.38 5.72 -10.56
C THR A 142 -3.43 6.37 -9.57
N PHE A 143 -2.55 7.20 -10.12
CA PHE A 143 -1.52 7.96 -9.43
C PHE A 143 -1.89 9.45 -9.48
N VAL A 144 -1.68 10.16 -8.37
CA VAL A 144 -2.00 11.58 -8.18
C VAL A 144 -0.79 12.25 -7.55
N LYS A 145 -0.29 13.33 -8.16
CA LYS A 145 0.81 14.12 -7.60
C LYS A 145 0.28 15.08 -6.50
N GLU A 146 0.58 14.78 -5.24
CA GLU A 146 -0.03 15.47 -4.08
C GLU A 146 0.81 16.67 -3.61
N ASN A 147 2.12 16.48 -3.43
CA ASN A 147 3.08 17.51 -3.00
C ASN A 147 4.48 17.22 -3.60
N LYS A 148 4.65 17.58 -4.87
CA LYS A 148 5.89 17.39 -5.68
C LYS A 148 6.27 15.92 -5.95
N LYS A 149 5.37 14.97 -5.63
CA LYS A 149 5.59 13.52 -5.73
C LYS A 149 4.29 12.75 -6.07
N TRP A 150 4.39 11.81 -7.02
CA TRP A 150 3.30 10.94 -7.48
C TRP A 150 3.01 9.81 -6.48
N LYS A 151 1.75 9.73 -6.03
CA LYS A 151 1.28 8.78 -5.04
C LYS A 151 0.03 8.01 -5.53
N VAL A 152 -0.18 6.79 -5.06
CA VAL A 152 -1.35 5.95 -5.37
C VAL A 152 -2.58 6.48 -4.62
N ASN A 153 -3.70 6.63 -5.34
CA ASN A 153 -4.96 7.16 -4.81
C ASN A 153 -5.80 6.15 -4.00
N GLN A 154 -5.26 4.95 -3.73
CA GLN A 154 -5.94 3.84 -3.07
C GLN A 154 -4.91 2.94 -2.37
N PHE A 155 -5.13 2.60 -1.09
CA PHE A 155 -4.20 1.79 -0.28
C PHE A 155 -4.07 0.34 -0.80
N ASP A 156 -5.20 -0.31 -1.07
CA ASP A 156 -5.28 -1.72 -1.52
C ASP A 156 -5.18 -1.88 -3.05
N ALA A 157 -4.68 -0.86 -3.77
CA ALA A 157 -4.61 -0.84 -5.22
C ALA A 157 -3.73 -1.95 -5.81
N VAL A 158 -2.70 -2.37 -5.07
CA VAL A 158 -1.65 -3.31 -5.50
C VAL A 158 -1.21 -4.12 -4.30
N ILE A 159 -1.51 -5.43 -4.36
CA ILE A 159 -1.30 -6.38 -3.28
C ILE A 159 -1.09 -7.82 -3.77
N GLY A 1 23.16 13.57 -22.65
CA GLY A 1 22.00 14.39 -23.10
C GLY A 1 21.27 15.02 -21.93
N LYS A 2 20.01 15.43 -22.16
CA LYS A 2 19.14 16.11 -21.18
C LYS A 2 17.65 15.91 -21.50
N ASN A 3 16.82 15.70 -20.47
CA ASN A 3 15.37 15.47 -20.58
C ASN A 3 14.66 15.75 -19.23
N THR A 4 13.46 16.33 -19.29
CA THR A 4 12.66 16.79 -18.14
C THR A 4 11.18 16.52 -18.39
N SER A 5 10.47 16.03 -17.37
CA SER A 5 9.06 15.66 -17.44
C SER A 5 8.42 15.59 -16.04
N GLY A 6 7.24 16.21 -15.86
CA GLY A 6 6.51 16.24 -14.58
C GLY A 6 5.42 15.17 -14.44
N ASP A 7 5.10 14.45 -15.51
CA ASP A 7 4.09 13.41 -15.59
C ASP A 7 4.66 11.99 -15.40
N LEU A 8 3.76 11.02 -15.21
CA LEU A 8 4.07 9.65 -14.79
C LEU A 8 4.11 8.69 -16.00
N SER A 9 5.17 7.87 -16.09
CA SER A 9 5.44 6.90 -17.17
C SER A 9 5.27 5.42 -16.72
N GLN A 10 5.33 4.47 -17.66
CA GLN A 10 5.08 3.04 -17.42
C GLN A 10 6.02 2.43 -16.36
N LYS A 11 7.32 2.75 -16.42
CA LYS A 11 8.31 2.24 -15.46
C LYS A 11 8.05 2.74 -14.02
N GLN A 12 7.79 4.04 -13.90
CA GLN A 12 7.38 4.67 -12.64
C GLN A 12 6.15 4.00 -12.06
N ALA A 13 5.06 3.89 -12.83
CA ALA A 13 3.82 3.25 -12.38
C ALA A 13 4.06 1.82 -11.89
N LEU A 14 4.80 1.01 -12.66
CA LEU A 14 5.19 -0.34 -12.33
C LEU A 14 5.93 -0.41 -10.97
N GLN A 15 6.91 0.47 -10.74
CA GLN A 15 7.68 0.45 -9.50
C GLN A 15 6.86 0.96 -8.31
N LEU A 16 6.09 2.03 -8.52
CA LEU A 16 5.12 2.54 -7.55
C LEU A 16 4.13 1.44 -7.11
N ALA A 17 3.68 0.61 -8.05
CA ALA A 17 2.77 -0.50 -7.79
C ALA A 17 3.42 -1.59 -6.92
N LEU A 18 4.64 -2.03 -7.24
CA LEU A 18 5.40 -2.99 -6.42
C LEU A 18 5.70 -2.45 -5.03
N SER A 19 6.10 -1.18 -4.93
CA SER A 19 6.36 -0.53 -3.63
C SER A 19 5.07 -0.39 -2.80
N ALA A 20 3.93 -0.13 -3.44
CA ALA A 20 2.63 -0.14 -2.76
C ALA A 20 2.19 -1.56 -2.34
N ARG A 21 2.56 -2.60 -3.10
CA ARG A 21 2.39 -4.00 -2.69
C ARG A 21 3.16 -4.25 -1.38
N GLU A 22 4.44 -3.87 -1.37
CA GLU A 22 5.34 -3.99 -0.22
C GLU A 22 4.80 -3.22 1.00
N HIS A 23 4.52 -1.92 0.85
CA HIS A 23 4.08 -1.06 1.97
C HIS A 23 2.68 -1.40 2.50
N PHE A 24 1.80 -2.01 1.69
CA PHE A 24 0.54 -2.56 2.17
C PHE A 24 0.78 -3.81 3.02
N TRP A 25 1.43 -4.84 2.45
CA TRP A 25 1.61 -6.12 3.12
C TRP A 25 2.40 -6.03 4.43
N ASN A 26 3.46 -5.22 4.50
CA ASN A 26 4.23 -5.06 5.75
C ASN A 26 3.53 -4.21 6.83
N THR A 27 2.65 -3.28 6.43
CA THR A 27 1.77 -2.55 7.36
C THR A 27 0.69 -3.47 7.93
N MET A 28 0.03 -4.28 7.11
CA MET A 28 -0.92 -5.31 7.56
C MET A 28 -0.27 -6.40 8.45
N SER A 29 1.04 -6.61 8.33
CA SER A 29 1.83 -7.50 9.20
C SER A 29 2.15 -6.88 10.59
N GLY A 30 1.92 -5.57 10.77
CA GLY A 30 2.10 -4.84 12.02
C GLY A 30 3.52 -4.32 12.29
N HIS A 31 4.40 -4.41 11.29
CA HIS A 31 5.84 -4.15 11.38
C HIS A 31 6.52 -4.01 10.00
N ASN A 32 7.24 -2.92 9.76
CA ASN A 32 8.10 -2.79 8.56
C ASN A 32 9.46 -3.49 8.73
N PRO A 33 9.84 -4.44 7.83
CA PRO A 33 11.17 -5.02 7.80
C PRO A 33 12.27 -4.00 7.48
N LYS A 34 11.90 -2.77 7.08
CA LYS A 34 12.76 -1.60 6.95
C LYS A 34 13.45 -1.20 8.28
N VAL A 35 12.91 -1.62 9.41
CA VAL A 35 13.38 -1.32 10.77
C VAL A 35 13.73 -2.63 11.49
N LYS A 36 14.95 -2.71 12.01
CA LYS A 36 15.54 -3.94 12.58
C LYS A 36 15.50 -4.01 14.12
N LYS A 37 15.11 -2.91 14.79
CA LYS A 37 15.22 -2.71 16.25
C LYS A 37 13.95 -2.13 16.89
N ALA A 38 12.78 -2.31 16.25
CA ALA A 38 11.49 -1.85 16.74
C ALA A 38 11.09 -2.55 18.06
N VAL A 39 10.41 -1.82 18.93
CA VAL A 39 9.80 -2.32 20.18
C VAL A 39 8.39 -2.81 19.85
N CYS A 40 8.15 -4.11 20.05
CA CYS A 40 6.86 -4.76 19.78
C CYS A 40 6.12 -5.08 21.10
N PRO A 41 4.93 -4.51 21.35
CA PRO A 41 4.13 -4.81 22.55
C PRO A 41 3.74 -6.29 22.64
N SER A 42 3.56 -6.78 23.87
CA SER A 42 3.18 -8.19 24.14
C SER A 42 1.66 -8.33 24.38
N GLY A 43 1.08 -9.44 23.90
CA GLY A 43 -0.35 -9.76 24.03
C GLY A 43 -1.22 -9.16 22.92
N THR A 44 -2.54 -9.31 23.08
CA THR A 44 -3.61 -8.92 22.14
C THR A 44 -4.86 -8.48 22.91
N PHE A 45 -5.86 -7.97 22.19
CA PHE A 45 -7.18 -7.62 22.74
C PHE A 45 -8.31 -7.95 21.75
N GLU A 46 -9.57 -7.72 22.17
CA GLU A 46 -10.77 -8.02 21.38
C GLU A 46 -11.67 -6.78 21.27
N TYR A 47 -12.11 -6.49 20.05
CA TYR A 47 -12.88 -5.29 19.67
C TYR A 47 -13.65 -5.54 18.37
N GLN A 48 -14.93 -5.12 18.30
CA GLN A 48 -15.82 -5.32 17.14
C GLN A 48 -15.93 -6.81 16.71
N ASN A 49 -15.78 -7.73 17.66
CA ASN A 49 -15.79 -9.20 17.46
C ASN A 49 -14.57 -9.74 16.69
N LEU A 50 -13.46 -8.98 16.64
CA LEU A 50 -12.17 -9.35 16.04
C LEU A 50 -11.08 -9.34 17.11
N GLN A 51 -10.01 -10.11 16.89
CA GLN A 51 -8.79 -10.03 17.70
C GLN A 51 -7.85 -9.00 17.07
N TYR A 52 -7.38 -8.03 17.87
CA TYR A 52 -6.47 -6.96 17.47
C TYR A 52 -5.04 -7.18 17.99
N VAL A 53 -4.06 -6.79 17.17
CA VAL A 53 -2.63 -6.81 17.51
C VAL A 53 -2.09 -5.39 17.49
N TYR A 54 -1.28 -5.03 18.48
CA TYR A 54 -0.57 -3.74 18.50
C TYR A 54 0.56 -3.69 17.48
N MET A 55 0.78 -2.52 16.87
CA MET A 55 1.90 -2.29 15.96
C MET A 55 3.22 -2.16 16.72
N CYS A 56 4.34 -2.57 16.12
CA CYS A 56 5.67 -2.29 16.66
C CYS A 56 6.00 -0.78 16.50
N SER A 57 6.98 -0.27 17.24
CA SER A 57 7.25 1.17 17.41
C SER A 57 7.49 2.00 16.12
N ASP A 58 7.87 1.36 15.02
CA ASP A 58 7.95 1.93 13.66
C ASP A 58 6.60 2.41 13.10
N LEU A 59 5.49 1.85 13.59
CA LEU A 59 4.10 2.17 13.26
C LEU A 59 3.26 2.32 14.55
N GLY A 60 3.93 2.59 15.69
CA GLY A 60 3.37 2.50 17.05
C GLY A 60 2.21 3.45 17.37
N THR A 61 2.00 4.49 16.57
CA THR A 61 0.89 5.46 16.69
C THR A 61 0.45 5.83 15.27
N LYS A 62 -0.82 6.23 15.11
CA LYS A 62 -1.42 6.54 13.80
C LYS A 62 -0.54 7.48 12.96
N ALA A 63 -0.04 8.57 13.55
CA ALA A 63 0.86 9.52 12.89
C ALA A 63 2.13 8.85 12.33
N LYS A 64 2.81 7.98 13.09
CA LYS A 64 3.96 7.20 12.63
C LYS A 64 3.64 6.32 11.41
N ALA A 65 2.47 5.68 11.42
CA ALA A 65 2.01 4.83 10.31
C ALA A 65 1.62 5.65 9.07
N VAL A 66 0.92 6.77 9.24
CA VAL A 66 0.64 7.72 8.15
C VAL A 66 1.94 8.23 7.53
N ASN A 67 2.94 8.59 8.35
CA ASN A 67 4.25 9.04 7.92
C ASN A 67 5.06 7.98 7.14
N TYR A 68 4.90 6.69 7.45
CA TYR A 68 5.54 5.59 6.70
C TYR A 68 4.87 5.35 5.34
N LEU A 69 3.56 5.55 5.25
CA LEU A 69 2.76 5.34 4.03
C LEU A 69 2.77 6.55 3.09
N THR A 70 2.97 7.76 3.62
CA THR A 70 2.94 9.07 2.94
C THR A 70 3.74 9.10 1.62
N PRO A 71 4.97 8.57 1.55
CA PRO A 71 5.75 8.50 0.32
C PRO A 71 5.12 7.69 -0.82
N ILE A 72 4.24 6.75 -0.50
CA ILE A 72 3.62 5.83 -1.48
C ILE A 72 2.15 6.16 -1.73
N PHE A 73 1.43 6.62 -0.71
CA PHE A 73 -0.02 6.79 -0.68
C PHE A 73 -0.37 8.23 -0.30
N THR A 74 -1.38 8.82 -0.96
CA THR A 74 -1.89 10.16 -0.62
C THR A 74 -2.48 10.15 0.79
N LYS A 75 -2.55 11.32 1.44
CA LYS A 75 -3.24 11.46 2.73
C LYS A 75 -4.59 10.73 2.74
N THR A 76 -5.45 11.04 1.77
CA THR A 76 -6.79 10.46 1.59
C THR A 76 -6.75 8.94 1.38
N ALA A 77 -5.81 8.42 0.58
CA ALA A 77 -5.64 6.98 0.39
C ALA A 77 -5.32 6.23 1.70
N ILE A 78 -4.56 6.88 2.59
CA ILE A 78 -4.20 6.33 3.90
C ILE A 78 -5.40 6.36 4.82
N GLU A 79 -6.12 7.50 4.91
CA GLU A 79 -7.33 7.60 5.74
C GLU A 79 -8.39 6.57 5.30
N LYS A 80 -8.58 6.38 4.00
CA LYS A 80 -9.50 5.41 3.44
C LYS A 80 -9.15 3.96 3.84
N GLY A 81 -7.87 3.56 3.72
CA GLY A 81 -7.42 2.21 4.09
C GLY A 81 -7.39 2.01 5.61
N PHE A 82 -7.11 3.05 6.40
CA PHE A 82 -7.23 2.99 7.86
C PHE A 82 -8.67 2.70 8.28
N LYS A 83 -9.67 3.35 7.65
CA LYS A 83 -11.09 3.03 7.89
C LYS A 83 -11.47 1.63 7.38
N ASP A 84 -11.06 1.25 6.16
CA ASP A 84 -11.47 -0.01 5.51
C ASP A 84 -10.91 -1.27 6.17
N TYR A 85 -9.75 -1.17 6.82
CA TYR A 85 -9.09 -2.26 7.57
C TYR A 85 -9.14 -2.06 9.10
N HIS A 86 -9.87 -1.03 9.55
CA HIS A 86 -10.26 -0.78 10.94
C HIS A 86 -9.08 -0.42 11.88
N PHE A 87 -8.05 0.22 11.34
CA PHE A 87 -6.88 0.74 12.06
C PHE A 87 -7.33 1.66 13.20
N THR A 88 -6.91 1.35 14.44
CA THR A 88 -7.42 1.98 15.67
C THR A 88 -6.30 2.20 16.69
N VAL A 89 -6.64 2.78 17.84
CA VAL A 89 -5.71 3.08 18.94
C VAL A 89 -6.32 2.58 20.25
N SER A 90 -5.50 1.92 21.08
CA SER A 90 -5.85 1.52 22.44
C SER A 90 -4.66 1.76 23.38
N LYS A 91 -4.88 2.47 24.49
CA LYS A 91 -3.84 2.87 25.46
C LYS A 91 -2.64 3.59 24.77
N GLY A 92 -2.95 4.42 23.75
CA GLY A 92 -2.00 5.22 22.96
C GLY A 92 -1.27 4.48 21.84
N LYS A 93 -1.41 3.15 21.75
CA LYS A 93 -0.76 2.29 20.76
C LYS A 93 -1.69 1.99 19.57
N LEU A 94 -1.20 2.10 18.33
CA LEU A 94 -1.92 1.69 17.13
C LEU A 94 -2.13 0.17 17.17
N ALA A 95 -3.30 -0.30 16.73
CA ALA A 95 -3.60 -1.71 16.57
C ALA A 95 -4.42 -2.01 15.30
N VAL A 96 -4.27 -3.23 14.79
CA VAL A 96 -4.90 -3.74 13.56
C VAL A 96 -5.48 -5.14 13.81
N PRO A 97 -6.58 -5.53 13.14
CA PRO A 97 -7.18 -6.84 13.34
C PRO A 97 -6.32 -7.95 12.72
N ILE A 98 -6.31 -9.14 13.34
CA ILE A 98 -5.60 -10.32 12.85
C ILE A 98 -6.19 -10.80 11.51
N GLY A 99 -5.29 -11.08 10.56
CA GLY A 99 -5.59 -11.57 9.22
C GLY A 99 -4.32 -11.87 8.43
N ASP A 100 -4.49 -12.34 7.20
CA ASP A 100 -3.41 -12.74 6.27
C ASP A 100 -3.91 -12.79 4.81
N GLY A 101 -2.98 -12.66 3.86
CA GLY A 101 -3.25 -12.72 2.43
C GLY A 101 -2.00 -12.99 1.58
N ASP A 102 -2.23 -13.56 0.40
CA ASP A 102 -1.23 -13.96 -0.58
C ASP A 102 -1.93 -14.29 -1.92
N ASN A 103 -1.27 -13.97 -3.04
CA ASN A 103 -1.80 -14.16 -4.40
C ASN A 103 -0.76 -14.83 -5.32
N LEU A 104 -1.23 -15.68 -6.23
CA LEU A 104 -0.45 -16.27 -7.33
C LEU A 104 0.02 -15.26 -8.41
N LEU A 105 -0.35 -13.99 -8.26
CA LEU A 105 -0.01 -12.89 -9.17
C LEU A 105 1.46 -12.49 -9.03
N ASN A 106 2.20 -12.56 -10.14
CA ASN A 106 3.61 -12.21 -10.23
C ASN A 106 3.78 -10.79 -10.79
N TRP A 107 3.68 -9.79 -9.90
CA TRP A 107 3.72 -8.36 -10.28
C TRP A 107 5.11 -7.92 -10.76
N LYS A 108 6.16 -8.62 -10.32
CA LYS A 108 7.55 -8.43 -10.79
C LYS A 108 7.73 -8.75 -12.29
N LYS A 109 6.79 -9.47 -12.90
CA LYS A 109 6.74 -9.80 -14.34
C LYS A 109 5.57 -9.14 -15.08
N SER A 110 4.74 -8.35 -14.36
CA SER A 110 3.64 -7.57 -14.95
C SER A 110 4.13 -6.38 -15.80
N THR A 111 3.20 -5.79 -16.56
CA THR A 111 3.42 -4.59 -17.39
C THR A 111 2.30 -3.59 -17.21
N ALA A 112 2.67 -2.31 -17.18
CA ALA A 112 1.74 -1.17 -17.08
C ALA A 112 1.39 -0.58 -18.46
N LYS A 113 0.14 -0.14 -18.64
CA LYS A 113 -0.43 0.38 -19.89
C LYS A 113 -1.34 1.58 -19.59
N LEU A 114 -1.04 2.74 -20.17
CA LEU A 114 -1.69 4.02 -19.83
C LEU A 114 -3.19 4.02 -20.22
N ILE A 115 -4.04 4.50 -19.32
CA ILE A 115 -5.51 4.59 -19.51
C ILE A 115 -5.99 6.03 -19.60
N SER A 116 -5.47 6.94 -18.78
CA SER A 116 -5.85 8.35 -18.78
C SER A 116 -4.80 9.20 -18.05
N LYS A 117 -4.61 10.44 -18.50
CA LYS A 117 -3.59 11.38 -18.02
C LYS A 117 -4.18 12.79 -17.94
N LYS A 118 -4.63 13.18 -16.74
CA LYS A 118 -5.44 14.38 -16.47
C LYS A 118 -4.86 15.22 -15.32
N GLY A 119 -3.95 16.15 -15.66
CA GLY A 119 -3.34 17.07 -14.68
C GLY A 119 -2.60 16.33 -13.59
N SER A 120 -3.06 16.48 -12.34
CA SER A 120 -2.46 15.88 -11.14
C SER A 120 -2.89 14.41 -10.87
N THR A 121 -3.65 13.76 -11.79
CA THR A 121 -4.14 12.38 -11.68
C THR A 121 -3.87 11.61 -12.97
N ILE A 122 -3.38 10.37 -12.86
CA ILE A 122 -3.04 9.48 -13.99
C ILE A 122 -3.44 8.04 -13.66
N THR A 123 -3.98 7.29 -14.64
CA THR A 123 -4.40 5.89 -14.47
C THR A 123 -3.68 4.98 -15.45
N TYR A 124 -3.26 3.82 -14.93
CA TYR A 124 -2.67 2.70 -15.67
C TYR A 124 -3.44 1.39 -15.41
N GLU A 125 -3.43 0.51 -16.41
CA GLU A 125 -3.88 -0.88 -16.34
C GLU A 125 -2.64 -1.78 -16.23
N PHE A 126 -2.75 -2.83 -15.44
CA PHE A 126 -1.70 -3.78 -15.12
C PHE A 126 -2.11 -5.18 -15.57
N THR A 127 -1.32 -5.80 -16.45
CA THR A 127 -1.48 -7.20 -16.87
C THR A 127 -0.50 -8.04 -16.07
N VAL A 128 -1.01 -8.89 -15.19
CA VAL A 128 -0.21 -9.61 -14.19
C VAL A 128 -0.20 -11.12 -14.47
N PRO A 129 0.92 -11.69 -14.96
CA PRO A 129 1.06 -13.13 -15.15
C PRO A 129 1.02 -13.89 -13.82
N THR A 130 0.72 -15.20 -13.88
CA THR A 130 0.55 -16.04 -12.69
C THR A 130 1.70 -17.03 -12.52
N LEU A 131 1.97 -17.39 -11.26
CA LEU A 131 2.88 -18.47 -10.87
C LEU A 131 2.25 -19.87 -11.04
N ASP A 132 0.95 -19.92 -11.37
CA ASP A 132 0.18 -21.14 -11.68
C ASP A 132 0.29 -21.56 -13.16
N GLY A 133 0.60 -20.61 -14.06
CA GLY A 133 0.59 -20.81 -15.51
C GLY A 133 -0.77 -20.51 -16.16
N SER A 134 -1.73 -19.98 -15.41
CA SER A 134 -3.00 -19.44 -15.91
C SER A 134 -2.81 -18.08 -16.63
N PRO A 135 -3.73 -17.67 -17.53
CA PRO A 135 -3.69 -16.40 -18.26
C PRO A 135 -3.58 -15.18 -17.34
N SER A 136 -2.84 -14.17 -17.80
CA SER A 136 -2.51 -12.96 -17.02
C SER A 136 -3.74 -12.11 -16.64
N ALA A 137 -3.87 -11.81 -15.34
CA ALA A 137 -4.99 -11.08 -14.75
C ALA A 137 -4.85 -9.55 -14.95
N LYS A 138 -5.96 -8.87 -15.21
CA LYS A 138 -6.01 -7.41 -15.38
C LYS A 138 -6.47 -6.70 -14.09
N ARG A 139 -5.80 -5.60 -13.76
CA ARG A 139 -6.07 -4.67 -12.64
C ARG A 139 -5.92 -3.22 -13.13
N LYS A 140 -6.51 -2.25 -12.46
CA LYS A 140 -6.34 -0.81 -12.76
C LYS A 140 -5.87 -0.04 -11.52
N VAL A 141 -4.93 0.90 -11.70
CA VAL A 141 -4.24 1.64 -10.62
C VAL A 141 -4.14 3.11 -11.00
N THR A 142 -4.69 3.98 -10.15
CA THR A 142 -4.68 5.45 -10.31
C THR A 142 -3.69 6.05 -9.32
N PHE A 143 -2.89 6.98 -9.84
CA PHE A 143 -1.85 7.72 -9.14
C PHE A 143 -2.23 9.20 -9.13
N VAL A 144 -1.89 9.88 -8.04
CA VAL A 144 -2.20 11.30 -7.77
C VAL A 144 -0.95 11.95 -7.18
N LYS A 145 -0.57 13.13 -7.70
CA LYS A 145 0.59 13.87 -7.19
C LYS A 145 0.22 14.71 -5.95
N GLU A 146 1.07 14.62 -4.92
CA GLU A 146 0.95 15.31 -3.63
C GLU A 146 2.36 15.48 -3.05
N ASN A 147 2.65 16.62 -2.42
CA ASN A 147 3.98 16.97 -1.90
C ASN A 147 5.08 16.92 -2.99
N LYS A 148 4.74 17.30 -4.24
CA LYS A 148 5.65 17.32 -5.40
C LYS A 148 6.09 15.91 -5.85
N LYS A 149 5.31 14.87 -5.52
CA LYS A 149 5.60 13.45 -5.74
C LYS A 149 4.34 12.66 -6.13
N TRP A 150 4.47 11.75 -7.10
CA TRP A 150 3.40 10.82 -7.49
C TRP A 150 3.23 9.68 -6.47
N LYS A 151 1.99 9.46 -6.05
CA LYS A 151 1.56 8.46 -5.06
C LYS A 151 0.30 7.70 -5.53
N VAL A 152 0.04 6.52 -4.99
CA VAL A 152 -1.16 5.70 -5.26
C VAL A 152 -2.36 6.26 -4.49
N ASN A 153 -3.51 6.37 -5.17
CA ASN A 153 -4.74 6.95 -4.60
C ASN A 153 -5.56 5.97 -3.73
N GLN A 154 -5.04 4.77 -3.47
CA GLN A 154 -5.73 3.70 -2.74
C GLN A 154 -4.73 2.74 -2.07
N PHE A 155 -4.90 2.48 -0.77
CA PHE A 155 -3.98 1.69 0.08
C PHE A 155 -3.77 0.24 -0.39
N ASP A 156 -4.82 -0.41 -0.92
CA ASP A 156 -4.85 -1.80 -1.35
C ASP A 156 -4.99 -1.93 -2.88
N ALA A 157 -4.58 -0.90 -3.65
CA ALA A 157 -4.71 -0.85 -5.11
C ALA A 157 -3.95 -2.00 -5.82
N VAL A 158 -2.90 -2.50 -5.18
CA VAL A 158 -1.94 -3.48 -5.71
C VAL A 158 -1.64 -4.50 -4.64
N ILE A 159 -2.04 -5.73 -4.95
CA ILE A 159 -1.96 -6.94 -4.13
C ILE A 159 -2.10 -8.18 -5.00
N GLY A 1 13.56 6.38 -21.83
CA GLY A 1 13.56 7.84 -22.10
C GLY A 1 14.58 8.58 -21.24
N LYS A 2 15.30 9.55 -21.83
CA LYS A 2 16.38 10.29 -21.16
C LYS A 2 15.89 11.44 -20.24
N ASN A 3 14.62 11.85 -20.39
CA ASN A 3 14.00 12.98 -19.65
C ASN A 3 12.47 12.83 -19.58
N THR A 4 11.84 13.48 -18.59
CA THR A 4 10.41 13.41 -18.26
C THR A 4 9.93 14.78 -17.78
N SER A 5 8.73 15.19 -18.19
CA SER A 5 8.21 16.56 -17.99
C SER A 5 7.55 16.79 -16.60
N GLY A 6 7.84 15.93 -15.62
CA GLY A 6 7.22 15.91 -14.29
C GLY A 6 5.96 15.03 -14.21
N ASP A 7 5.59 14.39 -15.31
CA ASP A 7 4.53 13.39 -15.41
C ASP A 7 5.02 11.96 -15.08
N LEU A 8 4.14 10.96 -15.24
CA LEU A 8 4.37 9.58 -14.82
C LEU A 8 4.35 8.62 -16.03
N SER A 9 5.37 7.78 -16.11
CA SER A 9 5.64 6.79 -17.18
C SER A 9 5.44 5.33 -16.72
N GLN A 10 5.48 4.38 -17.66
CA GLN A 10 5.23 2.94 -17.43
C GLN A 10 6.15 2.36 -16.34
N LYS A 11 7.45 2.69 -16.37
CA LYS A 11 8.44 2.21 -15.38
C LYS A 11 8.13 2.72 -13.97
N GLN A 12 7.86 4.02 -13.84
CA GLN A 12 7.45 4.68 -12.60
C GLN A 12 6.20 4.00 -12.02
N ALA A 13 5.12 3.89 -12.81
CA ALA A 13 3.86 3.27 -12.37
C ALA A 13 4.07 1.84 -11.85
N LEU A 14 4.82 1.02 -12.59
CA LEU A 14 5.15 -0.34 -12.22
C LEU A 14 5.94 -0.40 -10.91
N GLN A 15 6.92 0.48 -10.69
CA GLN A 15 7.70 0.49 -9.44
C GLN A 15 6.86 0.99 -8.26
N LEU A 16 6.07 2.05 -8.48
CA LEU A 16 5.09 2.56 -7.51
C LEU A 16 4.12 1.45 -7.09
N ALA A 17 3.68 0.61 -8.04
CA ALA A 17 2.81 -0.53 -7.79
C ALA A 17 3.48 -1.60 -6.90
N LEU A 18 4.71 -2.01 -7.25
CA LEU A 18 5.50 -2.96 -6.46
C LEU A 18 5.76 -2.45 -5.04
N SER A 19 6.12 -1.18 -4.90
CA SER A 19 6.35 -0.56 -3.59
C SER A 19 5.05 -0.47 -2.77
N ALA A 20 3.90 -0.20 -3.41
CA ALA A 20 2.60 -0.19 -2.74
C ALA A 20 2.17 -1.58 -2.24
N ARG A 21 2.44 -2.66 -2.99
CA ARG A 21 2.21 -4.03 -2.52
C ARG A 21 3.14 -4.38 -1.35
N GLU A 22 4.41 -3.94 -1.41
CA GLU A 22 5.38 -4.11 -0.32
C GLU A 22 4.92 -3.38 0.96
N HIS A 23 4.51 -2.12 0.85
CA HIS A 23 4.05 -1.33 2.00
C HIS A 23 2.74 -1.89 2.61
N PHE A 24 1.80 -2.37 1.78
CA PHE A 24 0.57 -3.02 2.23
C PHE A 24 0.88 -4.29 3.04
N TRP A 25 1.57 -5.27 2.45
CA TRP A 25 1.83 -6.56 3.09
C TRP A 25 2.74 -6.44 4.32
N ASN A 26 3.64 -5.45 4.36
CA ASN A 26 4.38 -5.10 5.57
C ASN A 26 3.44 -4.59 6.67
N THR A 27 2.61 -3.58 6.39
CA THR A 27 1.71 -2.94 7.37
C THR A 27 0.72 -3.94 7.95
N MET A 28 0.09 -4.76 7.11
CA MET A 28 -0.84 -5.83 7.54
C MET A 28 -0.18 -6.96 8.36
N SER A 29 1.15 -7.00 8.44
CA SER A 29 1.91 -7.93 9.30
C SER A 29 2.22 -7.33 10.70
N GLY A 30 1.87 -6.06 10.93
CA GLY A 30 2.02 -5.35 12.21
C GLY A 30 3.34 -4.58 12.37
N HIS A 31 4.22 -4.63 11.36
CA HIS A 31 5.59 -4.11 11.41
C HIS A 31 6.19 -3.85 10.02
N ASN A 32 6.99 -2.79 9.89
CA ASN A 32 7.78 -2.49 8.70
C ASN A 32 9.23 -3.04 8.82
N PRO A 33 9.57 -4.18 8.16
CA PRO A 33 10.89 -4.81 8.22
C PRO A 33 12.04 -3.93 7.70
N LYS A 34 11.72 -2.79 7.06
CA LYS A 34 12.69 -1.73 6.75
C LYS A 34 13.38 -1.17 8.01
N VAL A 35 12.72 -1.30 9.17
CA VAL A 35 13.25 -1.04 10.52
C VAL A 35 13.52 -2.37 11.22
N LYS A 36 14.71 -2.50 11.82
CA LYS A 36 15.23 -3.77 12.38
C LYS A 36 15.31 -3.78 13.91
N LYS A 37 14.95 -2.66 14.57
CA LYS A 37 15.12 -2.41 16.02
C LYS A 37 13.87 -1.78 16.68
N ALA A 38 12.69 -1.92 16.05
CA ALA A 38 11.41 -1.44 16.59
C ALA A 38 11.00 -2.24 17.85
N VAL A 39 10.35 -1.57 18.79
CA VAL A 39 9.80 -2.18 20.02
C VAL A 39 8.39 -2.71 19.70
N CYS A 40 8.19 -4.02 19.88
CA CYS A 40 6.95 -4.72 19.52
C CYS A 40 6.23 -5.25 20.79
N PRO A 41 5.05 -4.72 21.16
CA PRO A 41 4.26 -5.23 22.29
C PRO A 41 3.81 -6.67 22.06
N SER A 42 3.85 -7.49 23.11
CA SER A 42 3.48 -8.92 23.07
C SER A 42 1.99 -9.19 23.41
N GLY A 43 1.23 -8.14 23.75
CA GLY A 43 -0.18 -8.20 24.13
C GLY A 43 -1.15 -8.16 22.94
N THR A 44 -2.40 -8.59 23.20
CA THR A 44 -3.55 -8.55 22.28
C THR A 44 -4.81 -8.17 23.05
N PHE A 45 -5.87 -7.80 22.32
CA PHE A 45 -7.18 -7.45 22.89
C PHE A 45 -8.33 -7.79 21.92
N GLU A 46 -9.58 -7.49 22.30
CA GLU A 46 -10.78 -7.80 21.53
C GLU A 46 -11.63 -6.54 21.31
N TYR A 47 -12.04 -6.31 20.06
CA TYR A 47 -12.76 -5.11 19.58
C TYR A 47 -13.48 -5.40 18.26
N GLN A 48 -14.71 -4.90 18.08
CA GLN A 48 -15.55 -5.14 16.88
C GLN A 48 -15.73 -6.64 16.55
N ASN A 49 -15.67 -7.51 17.56
CA ASN A 49 -15.76 -8.99 17.44
C ASN A 49 -14.52 -9.63 16.77
N LEU A 50 -13.37 -8.94 16.75
CA LEU A 50 -12.08 -9.39 16.22
C LEU A 50 -11.01 -9.35 17.32
N GLN A 51 -9.95 -10.16 17.19
CA GLN A 51 -8.77 -10.05 18.03
C GLN A 51 -7.79 -9.07 17.36
N TYR A 52 -7.32 -8.08 18.11
CA TYR A 52 -6.40 -7.03 17.67
C TYR A 52 -4.97 -7.22 18.19
N VAL A 53 -3.99 -6.79 17.39
CA VAL A 53 -2.56 -6.80 17.72
C VAL A 53 -1.99 -5.40 17.59
N TYR A 54 -1.16 -4.99 18.56
CA TYR A 54 -0.47 -3.70 18.54
C TYR A 54 0.65 -3.65 17.49
N MET A 55 0.84 -2.47 16.87
CA MET A 55 1.93 -2.23 15.91
C MET A 55 3.26 -2.00 16.64
N CYS A 56 4.39 -2.38 16.01
CA CYS A 56 5.71 -2.04 16.54
C CYS A 56 5.99 -0.53 16.45
N SER A 57 6.91 -0.02 17.27
CA SER A 57 7.13 1.42 17.55
C SER A 57 7.23 2.38 16.35
N ASP A 58 7.81 1.99 15.20
CA ASP A 58 7.89 2.87 14.01
C ASP A 58 6.55 3.03 13.27
N LEU A 59 5.55 2.22 13.64
CA LEU A 59 4.13 2.31 13.26
C LEU A 59 3.24 2.43 14.54
N GLY A 60 3.83 2.77 15.69
CA GLY A 60 3.23 2.67 17.02
C GLY A 60 2.05 3.61 17.30
N THR A 61 1.86 4.65 16.48
CA THR A 61 0.69 5.54 16.48
C THR A 61 0.17 5.69 15.07
N LYS A 62 -1.09 6.09 14.93
CA LYS A 62 -1.71 6.35 13.61
C LYS A 62 -0.83 7.30 12.78
N ALA A 63 -0.38 8.41 13.37
CA ALA A 63 0.52 9.37 12.73
C ALA A 63 1.84 8.75 12.26
N LYS A 64 2.47 7.88 13.07
CA LYS A 64 3.69 7.15 12.69
C LYS A 64 3.47 6.21 11.49
N ALA A 65 2.34 5.50 11.46
CA ALA A 65 2.00 4.61 10.34
C ALA A 65 1.60 5.39 9.08
N VAL A 66 0.85 6.48 9.22
CA VAL A 66 0.56 7.43 8.12
C VAL A 66 1.86 7.95 7.51
N ASN A 67 2.82 8.35 8.35
CA ASN A 67 4.14 8.82 7.93
C ASN A 67 4.98 7.76 7.16
N TYR A 68 4.80 6.46 7.44
CA TYR A 68 5.44 5.37 6.68
C TYR A 68 4.77 5.13 5.31
N LEU A 69 3.44 5.31 5.22
CA LEU A 69 2.66 5.13 3.99
C LEU A 69 2.65 6.37 3.07
N THR A 70 2.85 7.56 3.65
CA THR A 70 2.83 8.89 3.00
C THR A 70 3.65 8.97 1.71
N PRO A 71 4.89 8.44 1.63
CA PRO A 71 5.69 8.42 0.41
C PRO A 71 5.05 7.71 -0.78
N ILE A 72 4.14 6.76 -0.53
CA ILE A 72 3.53 5.89 -1.55
C ILE A 72 2.05 6.22 -1.79
N PHE A 73 1.32 6.60 -0.74
CA PHE A 73 -0.13 6.75 -0.74
C PHE A 73 -0.51 8.19 -0.34
N THR A 74 -1.55 8.75 -0.98
CA THR A 74 -2.12 10.05 -0.61
C THR A 74 -2.74 9.97 0.77
N LYS A 75 -2.88 11.11 1.45
CA LYS A 75 -3.47 11.13 2.80
C LYS A 75 -4.85 10.44 2.82
N THR A 76 -5.72 10.76 1.85
CA THR A 76 -7.06 10.16 1.69
C THR A 76 -7.00 8.66 1.39
N ALA A 77 -6.01 8.18 0.62
CA ALA A 77 -5.82 6.74 0.39
C ALA A 77 -5.45 5.98 1.67
N ILE A 78 -4.63 6.58 2.54
CA ILE A 78 -4.25 6.01 3.83
C ILE A 78 -5.47 5.96 4.76
N GLU A 79 -6.22 7.05 4.87
CA GLU A 79 -7.44 7.07 5.69
C GLU A 79 -8.46 6.03 5.21
N LYS A 80 -8.64 5.90 3.89
CA LYS A 80 -9.52 4.90 3.29
C LYS A 80 -9.13 3.46 3.67
N GLY A 81 -7.84 3.10 3.58
CA GLY A 81 -7.35 1.77 3.97
C GLY A 81 -7.38 1.55 5.48
N PHE A 82 -7.14 2.58 6.29
CA PHE A 82 -7.30 2.49 7.74
C PHE A 82 -8.76 2.15 8.11
N LYS A 83 -9.75 2.81 7.51
CA LYS A 83 -11.16 2.45 7.68
C LYS A 83 -11.52 1.05 7.13
N ASP A 84 -11.07 0.71 5.92
CA ASP A 84 -11.43 -0.55 5.24
C ASP A 84 -10.89 -1.82 5.92
N TYR A 85 -9.77 -1.69 6.65
CA TYR A 85 -9.12 -2.78 7.40
C TYR A 85 -9.25 -2.61 8.93
N HIS A 86 -10.06 -1.65 9.39
CA HIS A 86 -10.50 -1.45 10.77
C HIS A 86 -9.36 -1.05 11.73
N PHE A 87 -8.34 -0.35 11.24
CA PHE A 87 -7.20 0.19 11.99
C PHE A 87 -7.68 1.11 13.13
N THR A 88 -7.17 0.90 14.34
CA THR A 88 -7.66 1.56 15.59
C THR A 88 -6.53 1.94 16.53
N VAL A 89 -6.89 2.56 17.66
CA VAL A 89 -5.98 2.91 18.76
C VAL A 89 -6.57 2.38 20.07
N SER A 90 -5.71 1.78 20.90
CA SER A 90 -6.04 1.35 22.26
C SER A 90 -4.85 1.64 23.19
N LYS A 91 -5.10 2.27 24.34
CA LYS A 91 -4.06 2.70 25.30
C LYS A 91 -2.96 3.56 24.64
N GLY A 92 -3.33 4.36 23.63
CA GLY A 92 -2.46 5.26 22.84
C GLY A 92 -1.67 4.60 21.71
N LYS A 93 -1.73 3.27 21.59
CA LYS A 93 -1.00 2.47 20.59
C LYS A 93 -1.89 2.06 19.41
N LEU A 94 -1.36 2.15 18.17
CA LEU A 94 -2.05 1.66 16.96
C LEU A 94 -2.20 0.14 17.07
N ALA A 95 -3.35 -0.39 16.65
CA ALA A 95 -3.59 -1.81 16.53
C ALA A 95 -4.42 -2.16 15.28
N VAL A 96 -4.23 -3.40 14.80
CA VAL A 96 -4.89 -3.97 13.60
C VAL A 96 -5.42 -5.37 13.92
N PRO A 97 -6.50 -5.84 13.26
CA PRO A 97 -7.07 -7.15 13.54
C PRO A 97 -6.20 -8.29 12.99
N ILE A 98 -6.19 -9.43 13.68
CA ILE A 98 -5.53 -10.67 13.25
C ILE A 98 -6.15 -11.19 11.94
N GLY A 99 -5.28 -11.57 11.00
CA GLY A 99 -5.61 -12.13 9.69
C GLY A 99 -4.37 -12.54 8.90
N ASP A 100 -4.58 -12.92 7.64
CA ASP A 100 -3.55 -13.35 6.69
C ASP A 100 -4.02 -13.23 5.23
N GLY A 101 -3.07 -13.11 4.30
CA GLY A 101 -3.34 -13.00 2.87
C GLY A 101 -2.10 -13.19 2.00
N ASP A 102 -2.35 -13.52 0.73
CA ASP A 102 -1.37 -13.84 -0.31
C ASP A 102 -2.06 -13.88 -1.68
N ASN A 103 -1.32 -13.59 -2.76
CA ASN A 103 -1.82 -13.61 -4.14
C ASN A 103 -0.85 -14.34 -5.08
N LEU A 104 -1.43 -15.13 -6.01
CA LEU A 104 -0.70 -15.78 -7.12
C LEU A 104 -0.16 -14.78 -8.15
N LEU A 105 -0.67 -13.56 -8.12
CA LEU A 105 -0.26 -12.42 -8.96
C LEU A 105 1.23 -12.12 -8.83
N ASN A 106 1.96 -12.30 -9.92
CA ASN A 106 3.39 -12.00 -10.07
C ASN A 106 3.57 -10.60 -10.68
N TRP A 107 3.50 -9.57 -9.84
CA TRP A 107 3.57 -8.17 -10.27
C TRP A 107 4.98 -7.79 -10.75
N LYS A 108 6.00 -8.51 -10.29
CA LYS A 108 7.40 -8.34 -10.71
C LYS A 108 7.65 -8.73 -12.19
N LYS A 109 6.71 -9.47 -12.79
CA LYS A 109 6.68 -9.84 -14.22
C LYS A 109 5.54 -9.16 -15.00
N SER A 110 4.72 -8.34 -14.34
CA SER A 110 3.65 -7.57 -14.97
C SER A 110 4.17 -6.41 -15.85
N THR A 111 3.29 -5.87 -16.71
CA THR A 111 3.58 -4.75 -17.61
C THR A 111 2.47 -3.71 -17.55
N ALA A 112 2.87 -2.44 -17.60
CA ALA A 112 1.97 -1.29 -17.51
C ALA A 112 1.56 -0.70 -18.89
N LYS A 113 0.36 -0.13 -18.94
CA LYS A 113 -0.30 0.46 -20.11
C LYS A 113 -1.02 1.76 -19.68
N LEU A 114 -0.71 2.90 -20.30
CA LEU A 114 -1.35 4.18 -19.97
C LEU A 114 -2.84 4.19 -20.39
N ILE A 115 -3.72 4.61 -19.47
CA ILE A 115 -5.17 4.72 -19.69
C ILE A 115 -5.64 6.19 -19.74
N SER A 116 -5.07 7.05 -18.91
CA SER A 116 -5.51 8.46 -18.79
C SER A 116 -4.39 9.31 -18.17
N LYS A 117 -4.21 10.54 -18.67
CA LYS A 117 -3.19 11.49 -18.22
C LYS A 117 -3.79 12.89 -18.17
N LYS A 118 -4.23 13.31 -16.99
CA LYS A 118 -5.05 14.52 -16.78
C LYS A 118 -4.55 15.35 -15.58
N GLY A 119 -3.65 16.31 -15.84
CA GLY A 119 -3.12 17.24 -14.84
C GLY A 119 -2.37 16.49 -13.73
N SER A 120 -2.83 16.65 -12.49
CA SER A 120 -2.22 16.03 -11.30
C SER A 120 -2.67 14.57 -11.05
N THR A 121 -3.41 13.94 -11.97
CA THR A 121 -3.93 12.55 -11.88
C THR A 121 -3.61 11.77 -13.16
N ILE A 122 -3.14 10.53 -13.02
CA ILE A 122 -2.76 9.64 -14.13
C ILE A 122 -3.19 8.19 -13.80
N THR A 123 -3.70 7.44 -14.79
CA THR A 123 -4.14 6.05 -14.63
C THR A 123 -3.41 5.12 -15.57
N TYR A 124 -2.99 3.97 -15.04
CA TYR A 124 -2.42 2.85 -15.77
C TYR A 124 -3.21 1.54 -15.54
N GLU A 125 -3.21 0.69 -16.57
CA GLU A 125 -3.68 -0.69 -16.53
C GLU A 125 -2.44 -1.60 -16.47
N PHE A 126 -2.58 -2.74 -15.79
CA PHE A 126 -1.53 -3.71 -15.53
C PHE A 126 -1.99 -5.10 -15.95
N THR A 127 -1.17 -5.78 -16.78
CA THR A 127 -1.35 -7.21 -17.11
C THR A 127 -0.46 -8.01 -16.19
N VAL A 128 -1.04 -8.77 -15.27
CA VAL A 128 -0.32 -9.43 -14.18
C VAL A 128 -0.36 -10.96 -14.36
N PRO A 129 0.74 -11.61 -14.78
CA PRO A 129 0.82 -13.07 -14.88
C PRO A 129 0.75 -13.73 -13.50
N THR A 130 0.45 -15.05 -13.47
CA THR A 130 0.32 -15.82 -12.22
C THR A 130 1.46 -16.81 -12.02
N LEU A 131 1.73 -17.13 -10.75
CA LEU A 131 2.68 -18.17 -10.33
C LEU A 131 2.14 -19.60 -10.45
N ASP A 132 0.85 -19.77 -10.79
CA ASP A 132 0.17 -21.06 -10.93
C ASP A 132 -0.02 -21.49 -12.40
N GLY A 133 0.29 -20.61 -13.37
CA GLY A 133 0.20 -20.87 -14.81
C GLY A 133 -1.15 -20.49 -15.44
N SER A 134 -2.05 -19.88 -14.66
CA SER A 134 -3.29 -19.27 -15.17
C SER A 134 -3.00 -18.01 -16.01
N PRO A 135 -3.88 -17.66 -16.97
CA PRO A 135 -3.70 -16.51 -17.85
C PRO A 135 -3.74 -15.19 -17.05
N SER A 136 -2.97 -14.21 -17.53
CA SER A 136 -2.70 -12.94 -16.84
C SER A 136 -3.97 -12.12 -16.50
N ALA A 137 -4.06 -11.66 -15.25
CA ALA A 137 -5.13 -10.83 -14.74
C ALA A 137 -4.94 -9.35 -15.13
N LYS A 138 -6.03 -8.65 -15.46
CA LYS A 138 -6.03 -7.21 -15.70
C LYS A 138 -6.46 -6.42 -14.43
N ARG A 139 -5.70 -5.38 -14.11
CA ARG A 139 -5.90 -4.48 -12.95
C ARG A 139 -5.70 -3.02 -13.39
N LYS A 140 -6.35 -2.06 -12.74
CA LYS A 140 -6.21 -0.61 -13.02
C LYS A 140 -5.82 0.17 -11.75
N VAL A 141 -4.86 1.08 -11.88
CA VAL A 141 -4.20 1.81 -10.78
C VAL A 141 -4.07 3.29 -11.15
N THR A 142 -4.60 4.17 -10.30
CA THR A 142 -4.55 5.63 -10.46
C THR A 142 -3.61 6.24 -9.44
N PHE A 143 -2.79 7.17 -9.93
CA PHE A 143 -1.77 7.89 -9.20
C PHE A 143 -2.12 9.39 -9.21
N VAL A 144 -1.84 10.07 -8.11
CA VAL A 144 -2.13 11.50 -7.88
C VAL A 144 -0.88 12.15 -7.28
N LYS A 145 -0.43 13.25 -7.85
CA LYS A 145 0.70 14.02 -7.31
C LYS A 145 0.22 14.96 -6.18
N GLU A 146 0.67 14.72 -4.95
CA GLU A 146 0.14 15.39 -3.75
C GLU A 146 1.02 16.57 -3.29
N ASN A 147 2.34 16.36 -3.18
CA ASN A 147 3.33 17.37 -2.76
C ASN A 147 4.68 17.09 -3.45
N LYS A 148 4.79 17.49 -4.73
CA LYS A 148 5.97 17.31 -5.59
C LYS A 148 6.34 15.84 -5.91
N LYS A 149 5.44 14.89 -5.60
CA LYS A 149 5.63 13.44 -5.71
C LYS A 149 4.33 12.67 -6.02
N TRP A 150 4.41 11.75 -6.99
CA TRP A 150 3.31 10.89 -7.43
C TRP A 150 3.06 9.71 -6.45
N LYS A 151 1.81 9.59 -5.99
CA LYS A 151 1.36 8.61 -4.99
C LYS A 151 0.11 7.85 -5.46
N VAL A 152 -0.11 6.63 -5.00
CA VAL A 152 -1.30 5.80 -5.30
C VAL A 152 -2.52 6.36 -4.56
N ASN A 153 -3.64 6.51 -5.26
CA ASN A 153 -4.88 7.08 -4.74
C ASN A 153 -5.75 6.08 -3.92
N GLN A 154 -5.23 4.87 -3.67
CA GLN A 154 -5.96 3.77 -3.04
C GLN A 154 -4.96 2.79 -2.38
N PHE A 155 -5.20 2.43 -1.11
CA PHE A 155 -4.29 1.57 -0.32
C PHE A 155 -4.20 0.12 -0.87
N ASP A 156 -5.34 -0.48 -1.20
CA ASP A 156 -5.46 -1.86 -1.69
C ASP A 156 -5.35 -1.98 -3.23
N ALA A 157 -4.86 -0.92 -3.91
CA ALA A 157 -4.77 -0.84 -5.36
C ALA A 157 -3.90 -1.96 -5.98
N VAL A 158 -2.89 -2.40 -5.24
CA VAL A 158 -1.87 -3.37 -5.67
C VAL A 158 -1.47 -4.22 -4.49
N ILE A 159 -1.71 -5.53 -4.65
CA ILE A 159 -1.51 -6.56 -3.64
C ILE A 159 -1.25 -7.93 -4.28
N GLY A 1 7.28 2.00 -33.26
CA GLY A 1 6.58 3.10 -32.56
C GLY A 1 7.53 4.02 -31.81
N LYS A 2 6.98 5.02 -31.11
CA LYS A 2 7.71 6.04 -30.34
C LYS A 2 7.01 6.32 -28.98
N ASN A 3 7.77 6.88 -28.02
CA ASN A 3 7.32 7.22 -26.66
C ASN A 3 7.95 8.54 -26.18
N THR A 4 7.33 9.16 -25.16
CA THR A 4 7.67 10.50 -24.64
C THR A 4 7.60 10.49 -23.11
N SER A 5 8.54 11.15 -22.45
CA SER A 5 8.67 11.22 -20.98
C SER A 5 7.69 12.24 -20.36
N GLY A 6 6.38 11.99 -20.53
CA GLY A 6 5.27 12.84 -20.06
C GLY A 6 5.01 12.69 -18.56
N ASP A 7 5.98 13.09 -17.74
CA ASP A 7 6.00 13.13 -16.27
C ASP A 7 6.12 11.72 -15.64
N LEU A 8 5.07 10.90 -15.72
CA LEU A 8 5.04 9.51 -15.25
C LEU A 8 4.88 8.53 -16.43
N SER A 9 5.79 7.58 -16.53
CA SER A 9 5.88 6.53 -17.57
C SER A 9 5.67 5.11 -17.00
N GLN A 10 5.62 4.10 -17.88
CA GLN A 10 5.30 2.70 -17.54
C GLN A 10 6.22 2.13 -16.44
N LYS A 11 7.52 2.40 -16.51
CA LYS A 11 8.50 1.92 -15.51
C LYS A 11 8.25 2.53 -14.12
N GLN A 12 8.06 3.84 -14.06
CA GLN A 12 7.71 4.58 -12.84
C GLN A 12 6.43 4.02 -12.22
N ALA A 13 5.35 3.90 -12.99
CA ALA A 13 4.07 3.35 -12.52
C ALA A 13 4.24 1.93 -11.95
N LEU A 14 4.95 1.05 -12.68
CA LEU A 14 5.30 -0.31 -12.26
C LEU A 14 6.05 -0.32 -10.91
N GLN A 15 7.04 0.55 -10.72
CA GLN A 15 7.82 0.58 -9.48
C GLN A 15 7.01 1.16 -8.31
N LEU A 16 6.25 2.23 -8.57
CA LEU A 16 5.29 2.80 -7.62
C LEU A 16 4.30 1.73 -7.13
N ALA A 17 3.84 0.86 -8.03
CA ALA A 17 2.94 -0.25 -7.73
C ALA A 17 3.61 -1.29 -6.82
N LEU A 18 4.83 -1.75 -7.16
CA LEU A 18 5.59 -2.69 -6.33
C LEU A 18 5.93 -2.14 -4.94
N SER A 19 6.28 -0.85 -4.86
CA SER A 19 6.52 -0.18 -3.58
C SER A 19 5.24 -0.07 -2.74
N ALA A 20 4.08 0.18 -3.37
CA ALA A 20 2.79 0.15 -2.69
C ALA A 20 2.42 -1.25 -2.18
N ARG A 21 2.77 -2.31 -2.92
CA ARG A 21 2.68 -3.71 -2.45
C ARG A 21 3.52 -3.91 -1.18
N GLU A 22 4.78 -3.47 -1.23
CA GLU A 22 5.76 -3.61 -0.15
C GLU A 22 5.30 -2.87 1.13
N HIS A 23 4.82 -1.63 0.99
CA HIS A 23 4.34 -0.82 2.12
C HIS A 23 3.04 -1.38 2.74
N PHE A 24 2.08 -1.81 1.91
CA PHE A 24 0.80 -2.38 2.36
C PHE A 24 1.02 -3.65 3.20
N TRP A 25 1.74 -4.64 2.66
CA TRP A 25 1.91 -5.93 3.31
C TRP A 25 2.73 -5.85 4.60
N ASN A 26 3.78 -5.02 4.66
CA ASN A 26 4.52 -4.85 5.91
C ASN A 26 3.73 -4.07 6.99
N THR A 27 2.79 -3.21 6.57
CA THR A 27 1.83 -2.55 7.48
C THR A 27 0.82 -3.57 8.00
N MET A 28 0.29 -4.46 7.16
CA MET A 28 -0.56 -5.60 7.60
C MET A 28 0.17 -6.54 8.57
N SER A 29 1.48 -6.74 8.38
CA SER A 29 2.36 -7.50 9.29
C SER A 29 2.71 -6.78 10.61
N GLY A 30 2.34 -5.50 10.74
CA GLY A 30 2.52 -4.70 11.97
C GLY A 30 3.93 -4.18 12.21
N HIS A 31 4.80 -4.23 11.19
CA HIS A 31 6.24 -3.94 11.27
C HIS A 31 6.89 -3.78 9.88
N ASN A 32 7.64 -2.69 9.68
CA ASN A 32 8.47 -2.46 8.49
C ASN A 32 9.82 -3.20 8.60
N PRO A 33 10.10 -4.21 7.74
CA PRO A 33 11.32 -5.01 7.78
C PRO A 33 12.62 -4.22 7.53
N LYS A 34 12.55 -2.99 7.02
CA LYS A 34 13.71 -2.09 6.92
C LYS A 34 14.21 -1.61 8.30
N VAL A 35 13.36 -1.65 9.32
CA VAL A 35 13.69 -1.34 10.72
C VAL A 35 14.13 -2.63 11.43
N LYS A 36 15.32 -2.60 12.03
CA LYS A 36 15.95 -3.77 12.68
C LYS A 36 15.92 -3.71 14.23
N LYS A 37 15.40 -2.61 14.80
CA LYS A 37 15.46 -2.30 16.24
C LYS A 37 14.12 -1.76 16.81
N ALA A 38 12.99 -2.05 16.14
CA ALA A 38 11.65 -1.69 16.62
C ALA A 38 11.32 -2.45 17.92
N VAL A 39 10.70 -1.76 18.88
CA VAL A 39 10.15 -2.36 20.10
C VAL A 39 8.79 -2.96 19.74
N CYS A 40 8.70 -4.28 19.75
CA CYS A 40 7.48 -5.04 19.43
C CYS A 40 6.77 -5.48 20.72
N PRO A 41 5.48 -5.11 20.92
CA PRO A 41 4.69 -5.51 22.08
C PRO A 41 4.26 -6.98 21.99
N SER A 42 3.67 -7.50 23.07
CA SER A 42 3.21 -8.89 23.19
C SER A 42 1.78 -9.00 23.76
N GLY A 43 1.09 -10.11 23.45
CA GLY A 43 -0.34 -10.30 23.73
C GLY A 43 -1.25 -9.66 22.67
N THR A 44 -2.56 -9.83 22.84
CA THR A 44 -3.63 -9.41 21.91
C THR A 44 -4.89 -8.99 22.67
N PHE A 45 -5.84 -8.40 21.94
CA PHE A 45 -7.19 -8.12 22.43
C PHE A 45 -8.26 -8.47 21.36
N GLU A 46 -9.54 -8.26 21.69
CA GLU A 46 -10.67 -8.60 20.84
C GLU A 46 -11.62 -7.39 20.71
N TYR A 47 -12.01 -7.08 19.47
CA TYR A 47 -12.81 -5.89 19.10
C TYR A 47 -13.49 -6.12 17.74
N GLN A 48 -14.78 -5.76 17.61
CA GLN A 48 -15.59 -5.96 16.39
C GLN A 48 -15.61 -7.43 15.90
N ASN A 49 -15.47 -8.39 16.83
CA ASN A 49 -15.41 -9.84 16.59
C ASN A 49 -14.11 -10.30 15.87
N LEU A 50 -13.04 -9.51 15.92
CA LEU A 50 -11.71 -9.81 15.37
C LEU A 50 -10.66 -9.82 16.50
N GLN A 51 -9.57 -10.57 16.31
CA GLN A 51 -8.40 -10.52 17.19
C GLN A 51 -7.45 -9.43 16.68
N TYR A 52 -7.11 -8.48 17.55
CA TYR A 52 -6.22 -7.35 17.26
C TYR A 52 -4.81 -7.54 17.83
N VAL A 53 -3.81 -7.08 17.08
CA VAL A 53 -2.40 -7.02 17.47
C VAL A 53 -1.94 -5.56 17.48
N TYR A 54 -1.20 -5.17 18.51
CA TYR A 54 -0.53 -3.86 18.58
C TYR A 54 0.72 -3.81 17.67
N MET A 55 0.96 -2.66 17.04
CA MET A 55 2.09 -2.47 16.10
C MET A 55 3.44 -2.34 16.84
N CYS A 56 4.55 -2.67 16.16
CA CYS A 56 5.90 -2.37 16.67
C CYS A 56 6.18 -0.85 16.58
N SER A 57 7.16 -0.35 17.32
CA SER A 57 7.39 1.10 17.53
C SER A 57 7.62 1.97 16.29
N ASP A 58 7.95 1.40 15.13
CA ASP A 58 8.05 2.06 13.83
C ASP A 58 6.68 2.44 13.21
N LEU A 59 5.60 1.80 13.69
CA LEU A 59 4.19 2.05 13.34
C LEU A 59 3.35 2.17 14.64
N GLY A 60 4.01 2.47 15.77
CA GLY A 60 3.47 2.36 17.13
C GLY A 60 2.28 3.26 17.47
N THR A 61 2.12 4.39 16.78
CA THR A 61 0.92 5.25 16.85
C THR A 61 0.40 5.48 15.45
N LYS A 62 -0.86 5.91 15.34
CA LYS A 62 -1.50 6.11 14.03
C LYS A 62 -0.74 7.12 13.16
N ALA A 63 -0.16 8.18 13.77
CA ALA A 63 0.72 9.13 13.11
C ALA A 63 1.92 8.43 12.45
N LYS A 64 2.68 7.60 13.18
CA LYS A 64 3.82 6.85 12.65
C LYS A 64 3.47 6.00 11.41
N ALA A 65 2.28 5.39 11.37
CA ALA A 65 1.82 4.62 10.23
C ALA A 65 1.39 5.51 9.04
N VAL A 66 0.64 6.60 9.28
CA VAL A 66 0.31 7.57 8.22
C VAL A 66 1.59 8.16 7.62
N ASN A 67 2.58 8.48 8.46
CA ASN A 67 3.88 9.02 8.07
C ASN A 67 4.69 8.05 7.19
N TYR A 68 4.64 6.74 7.48
CA TYR A 68 5.30 5.71 6.67
C TYR A 68 4.63 5.52 5.28
N LEU A 69 3.31 5.70 5.21
CA LEU A 69 2.52 5.51 3.98
C LEU A 69 2.46 6.77 3.10
N THR A 70 2.58 7.96 3.70
CA THR A 70 2.55 9.29 3.06
C THR A 70 3.39 9.40 1.77
N PRO A 71 4.64 8.90 1.72
CA PRO A 71 5.46 8.89 0.51
C PRO A 71 4.86 8.17 -0.70
N ILE A 72 3.98 7.20 -0.47
CA ILE A 72 3.42 6.30 -1.51
C ILE A 72 1.93 6.55 -1.77
N PHE A 73 1.17 6.91 -0.74
CA PHE A 73 -0.29 7.00 -0.75
C PHE A 73 -0.74 8.41 -0.36
N THR A 74 -1.80 8.91 -0.99
CA THR A 74 -2.41 10.20 -0.64
C THR A 74 -3.04 10.14 0.75
N LYS A 75 -3.18 11.29 1.41
CA LYS A 75 -3.84 11.41 2.72
C LYS A 75 -5.19 10.66 2.74
N THR A 76 -6.04 10.91 1.75
CA THR A 76 -7.37 10.27 1.60
C THR A 76 -7.27 8.76 1.36
N ALA A 77 -6.28 8.28 0.58
CA ALA A 77 -6.06 6.85 0.36
C ALA A 77 -5.69 6.11 1.66
N ILE A 78 -4.84 6.72 2.50
CA ILE A 78 -4.43 6.16 3.79
C ILE A 78 -5.63 6.06 4.73
N GLU A 79 -6.40 7.15 4.89
CA GLU A 79 -7.57 7.14 5.79
C GLU A 79 -8.64 6.15 5.31
N LYS A 80 -8.87 6.05 3.99
CA LYS A 80 -9.79 5.08 3.40
C LYS A 80 -9.38 3.63 3.71
N GLY A 81 -8.10 3.28 3.56
CA GLY A 81 -7.60 1.94 3.87
C GLY A 81 -7.58 1.64 5.37
N PHE A 82 -7.32 2.64 6.24
CA PHE A 82 -7.43 2.43 7.68
C PHE A 82 -8.87 2.10 8.09
N LYS A 83 -9.87 2.78 7.49
CA LYS A 83 -11.28 2.44 7.70
C LYS A 83 -11.66 1.07 7.09
N ASP A 84 -11.21 0.77 5.87
CA ASP A 84 -11.56 -0.47 5.15
C ASP A 84 -11.00 -1.75 5.77
N TYR A 85 -9.86 -1.65 6.47
CA TYR A 85 -9.18 -2.76 7.16
C TYR A 85 -9.33 -2.68 8.70
N HIS A 86 -10.15 -1.74 9.20
CA HIS A 86 -10.56 -1.61 10.60
C HIS A 86 -9.40 -1.28 11.56
N PHE A 87 -8.36 -0.59 11.05
CA PHE A 87 -7.25 -0.06 11.84
C PHE A 87 -7.76 0.86 12.94
N THR A 88 -7.17 0.77 14.14
CA THR A 88 -7.63 1.51 15.33
C THR A 88 -6.48 1.88 16.27
N VAL A 89 -6.80 2.62 17.31
CA VAL A 89 -5.90 3.12 18.34
C VAL A 89 -6.52 2.91 19.72
N SER A 90 -5.74 2.37 20.64
CA SER A 90 -6.12 2.15 22.04
C SER A 90 -5.03 2.71 22.96
N LYS A 91 -5.37 3.74 23.74
CA LYS A 91 -4.48 4.45 24.67
C LYS A 91 -3.30 5.18 23.97
N GLY A 92 -3.37 5.35 22.63
CA GLY A 92 -2.30 5.91 21.79
C GLY A 92 -1.54 4.86 20.98
N LYS A 93 -1.63 3.57 21.33
CA LYS A 93 -1.01 2.48 20.57
C LYS A 93 -1.89 2.08 19.37
N LEU A 94 -1.30 1.99 18.18
CA LEU A 94 -1.97 1.51 16.96
C LEU A 94 -2.16 -0.01 17.08
N ALA A 95 -3.31 -0.52 16.62
CA ALA A 95 -3.57 -1.95 16.49
C ALA A 95 -4.33 -2.29 15.20
N VAL A 96 -4.07 -3.49 14.69
CA VAL A 96 -4.61 -4.03 13.43
C VAL A 96 -5.14 -5.44 13.65
N PRO A 97 -6.19 -5.88 12.93
CA PRO A 97 -6.73 -7.23 13.06
C PRO A 97 -5.79 -8.25 12.41
N ILE A 98 -5.73 -9.45 13.00
CA ILE A 98 -4.88 -10.56 12.50
C ILE A 98 -5.37 -11.02 11.11
N GLY A 99 -4.41 -11.18 10.20
CA GLY A 99 -4.57 -11.71 8.84
C GLY A 99 -3.33 -12.43 8.33
N ASP A 100 -3.24 -12.64 7.01
CA ASP A 100 -2.11 -13.32 6.34
C ASP A 100 -2.03 -12.97 4.84
N GLY A 101 -3.19 -12.92 4.14
CA GLY A 101 -3.31 -12.48 2.76
C GLY A 101 -3.06 -13.59 1.72
N ASP A 102 -3.68 -13.43 0.54
CA ASP A 102 -3.58 -14.34 -0.61
C ASP A 102 -4.08 -13.67 -1.90
N ASN A 103 -3.54 -14.12 -3.05
CA ASN A 103 -3.89 -13.70 -4.42
C ASN A 103 -3.12 -14.43 -5.53
N LEU A 104 -1.96 -14.99 -5.19
CA LEU A 104 -0.99 -15.69 -6.06
C LEU A 104 -0.47 -14.81 -7.22
N LEU A 105 -0.75 -13.52 -7.19
CA LEU A 105 -0.35 -12.52 -8.18
C LEU A 105 1.16 -12.25 -8.10
N ASN A 106 1.84 -12.35 -9.25
CA ASN A 106 3.26 -12.08 -9.42
C ASN A 106 3.47 -10.70 -10.08
N TRP A 107 3.45 -9.64 -9.28
CA TRP A 107 3.53 -8.26 -9.77
C TRP A 107 4.93 -7.90 -10.28
N LYS A 108 5.97 -8.59 -9.80
CA LYS A 108 7.34 -8.48 -10.31
C LYS A 108 7.50 -8.89 -11.78
N LYS A 109 6.51 -9.61 -12.33
CA LYS A 109 6.42 -10.02 -13.74
C LYS A 109 5.27 -9.33 -14.50
N SER A 110 4.50 -8.47 -13.82
CA SER A 110 3.45 -7.66 -14.45
C SER A 110 3.99 -6.53 -15.34
N THR A 111 3.10 -5.93 -16.15
CA THR A 111 3.41 -4.82 -17.06
C THR A 111 2.32 -3.76 -17.02
N ALA A 112 2.72 -2.49 -17.06
CA ALA A 112 1.84 -1.32 -17.04
C ALA A 112 1.54 -0.80 -18.46
N LYS A 113 0.31 -0.28 -18.67
CA LYS A 113 -0.21 0.23 -19.95
C LYS A 113 -1.11 1.46 -19.68
N LEU A 114 -0.79 2.61 -20.27
CA LEU A 114 -1.42 3.91 -19.97
C LEU A 114 -2.92 3.93 -20.35
N ILE A 115 -3.76 4.52 -19.49
CA ILE A 115 -5.23 4.61 -19.66
C ILE A 115 -5.71 6.06 -19.73
N SER A 116 -5.15 6.96 -18.92
CA SER A 116 -5.46 8.40 -18.98
C SER A 116 -4.32 9.22 -18.36
N LYS A 117 -4.12 10.45 -18.86
CA LYS A 117 -3.06 11.36 -18.43
C LYS A 117 -3.60 12.80 -18.35
N LYS A 118 -3.82 13.25 -17.11
CA LYS A 118 -4.39 14.55 -16.74
C LYS A 118 -3.37 15.39 -15.93
N GLY A 119 -3.66 16.66 -15.66
CA GLY A 119 -2.72 17.65 -15.11
C GLY A 119 -2.07 17.27 -13.77
N SER A 120 -2.78 16.54 -12.91
CA SER A 120 -2.24 16.03 -11.62
C SER A 120 -2.68 14.57 -11.32
N THR A 121 -3.15 13.82 -12.32
CA THR A 121 -3.71 12.46 -12.16
C THR A 121 -3.41 11.63 -13.40
N ILE A 122 -2.90 10.42 -13.23
CA ILE A 122 -2.53 9.50 -14.32
C ILE A 122 -2.97 8.07 -13.96
N THR A 123 -3.56 7.35 -14.91
CA THR A 123 -4.07 5.97 -14.71
C THR A 123 -3.37 5.00 -15.64
N TYR A 124 -3.02 3.84 -15.09
CA TYR A 124 -2.44 2.69 -15.79
C TYR A 124 -3.22 1.40 -15.50
N GLU A 125 -3.27 0.52 -16.51
CA GLU A 125 -3.75 -0.86 -16.42
C GLU A 125 -2.52 -1.76 -16.22
N PHE A 126 -2.68 -2.75 -15.36
CA PHE A 126 -1.65 -3.72 -14.98
C PHE A 126 -2.12 -5.13 -15.33
N THR A 127 -1.33 -5.84 -16.16
CA THR A 127 -1.55 -7.26 -16.47
C THR A 127 -0.69 -8.08 -15.52
N VAL A 128 -1.32 -8.77 -14.57
CA VAL A 128 -0.64 -9.43 -13.45
C VAL A 128 -0.70 -10.97 -13.61
N PRO A 129 0.41 -11.64 -13.98
CA PRO A 129 0.47 -13.09 -14.10
C PRO A 129 0.34 -13.77 -12.73
N THR A 130 0.00 -15.08 -12.73
CA THR A 130 -0.24 -15.87 -11.51
C THR A 130 0.82 -16.93 -11.30
N LEU A 131 1.10 -17.23 -10.03
CA LEU A 131 1.91 -18.37 -9.59
C LEU A 131 1.12 -19.69 -9.59
N ASP A 132 -0.20 -19.61 -9.82
CA ASP A 132 -1.10 -20.75 -10.05
C ASP A 132 -0.96 -21.35 -11.46
N GLY A 133 -0.50 -20.55 -12.44
CA GLY A 133 -0.44 -20.91 -13.86
C GLY A 133 -1.72 -20.57 -14.64
N SER A 134 -2.66 -19.85 -14.02
CA SER A 134 -3.85 -19.29 -14.66
C SER A 134 -3.51 -18.01 -15.48
N PRO A 135 -4.35 -17.65 -16.48
CA PRO A 135 -4.20 -16.42 -17.28
C PRO A 135 -4.10 -15.14 -16.43
N SER A 136 -3.32 -14.18 -16.91
CA SER A 136 -3.00 -12.93 -16.20
C SER A 136 -4.23 -12.06 -15.89
N ALA A 137 -4.34 -11.61 -14.64
CA ALA A 137 -5.43 -10.77 -14.14
C ALA A 137 -5.17 -9.29 -14.45
N LYS A 138 -6.21 -8.58 -14.92
CA LYS A 138 -6.19 -7.12 -15.07
C LYS A 138 -6.54 -6.37 -13.77
N ARG A 139 -5.79 -5.31 -13.50
CA ARG A 139 -5.98 -4.30 -12.45
C ARG A 139 -5.84 -2.90 -13.05
N LYS A 140 -6.44 -1.88 -12.44
CA LYS A 140 -6.26 -0.47 -12.82
C LYS A 140 -5.80 0.37 -11.61
N VAL A 141 -4.78 1.20 -11.79
CA VAL A 141 -4.06 1.93 -10.73
C VAL A 141 -3.88 3.39 -11.13
N THR A 142 -4.37 4.30 -10.28
CA THR A 142 -4.34 5.75 -10.51
C THR A 142 -3.40 6.42 -9.52
N PHE A 143 -2.48 7.20 -10.06
CA PHE A 143 -1.47 7.98 -9.36
C PHE A 143 -1.89 9.46 -9.40
N VAL A 144 -1.81 10.14 -8.25
CA VAL A 144 -2.18 11.55 -8.06
C VAL A 144 -0.98 12.27 -7.46
N LYS A 145 -0.54 13.37 -8.08
CA LYS A 145 0.55 14.18 -7.55
C LYS A 145 0.01 15.15 -6.47
N GLU A 146 0.30 14.87 -5.20
CA GLU A 146 -0.31 15.58 -4.06
C GLU A 146 0.33 16.96 -3.79
N ASN A 147 1.56 17.17 -4.25
CA ASN A 147 2.29 18.45 -4.17
C ASN A 147 3.44 18.49 -5.20
N LYS A 148 4.44 17.62 -5.02
CA LYS A 148 5.66 17.52 -5.85
C LYS A 148 6.07 16.06 -6.14
N LYS A 149 5.22 15.08 -5.77
CA LYS A 149 5.45 13.64 -5.87
C LYS A 149 4.14 12.85 -6.13
N TRP A 150 4.22 11.90 -7.06
CA TRP A 150 3.12 11.01 -7.46
C TRP A 150 2.87 9.90 -6.44
N LYS A 151 1.63 9.80 -5.96
CA LYS A 151 1.17 8.86 -4.94
C LYS A 151 -0.07 8.08 -5.40
N VAL A 152 -0.25 6.84 -4.95
CA VAL A 152 -1.41 6.00 -5.27
C VAL A 152 -2.66 6.51 -4.55
N ASN A 153 -3.76 6.65 -5.29
CA ASN A 153 -5.03 7.19 -4.79
C ASN A 153 -5.88 6.18 -4.00
N GLN A 154 -5.35 4.98 -3.74
CA GLN A 154 -6.05 3.86 -3.10
C GLN A 154 -5.02 2.94 -2.41
N PHE A 155 -5.27 2.57 -1.15
CA PHE A 155 -4.34 1.78 -0.34
C PHE A 155 -4.18 0.34 -0.84
N ASP A 156 -5.29 -0.33 -1.15
CA ASP A 156 -5.35 -1.72 -1.61
C ASP A 156 -5.24 -1.85 -3.15
N ALA A 157 -4.74 -0.80 -3.84
CA ALA A 157 -4.66 -0.76 -5.29
C ALA A 157 -3.75 -1.85 -5.89
N VAL A 158 -2.73 -2.26 -5.12
CA VAL A 158 -1.68 -3.19 -5.53
C VAL A 158 -1.28 -4.04 -4.35
N ILE A 159 -1.62 -5.33 -4.44
CA ILE A 159 -1.45 -6.32 -3.39
C ILE A 159 -1.26 -7.73 -3.94
N GLY A 1 21.92 12.91 -16.97
CA GLY A 1 20.79 12.15 -17.56
C GLY A 1 19.64 13.06 -17.97
N LYS A 2 18.49 12.46 -18.33
CA LYS A 2 17.29 13.16 -18.82
C LYS A 2 16.02 12.31 -18.60
N ASN A 3 14.93 12.92 -18.14
CA ASN A 3 13.64 12.27 -17.85
C ASN A 3 12.49 13.31 -17.75
N THR A 4 11.27 12.91 -18.15
CA THR A 4 10.04 13.72 -18.07
C THR A 4 9.44 13.69 -16.67
N SER A 5 10.21 14.13 -15.68
CA SER A 5 9.91 13.98 -14.24
C SER A 5 8.71 14.81 -13.72
N GLY A 6 8.09 15.64 -14.56
CA GLY A 6 6.86 16.38 -14.24
C GLY A 6 5.58 15.53 -14.28
N ASP A 7 5.64 14.35 -14.91
CA ASP A 7 4.51 13.42 -15.07
C ASP A 7 4.95 11.94 -15.01
N LEU A 8 3.97 11.03 -15.01
CA LEU A 8 4.16 9.61 -14.71
C LEU A 8 4.23 8.74 -15.98
N SER A 9 5.26 7.88 -16.05
CA SER A 9 5.52 6.95 -17.17
C SER A 9 5.45 5.46 -16.73
N GLN A 10 5.41 4.53 -17.68
CA GLN A 10 5.19 3.09 -17.46
C GLN A 10 6.13 2.48 -16.42
N LYS A 11 7.44 2.81 -16.49
CA LYS A 11 8.44 2.34 -15.53
C LYS A 11 8.14 2.81 -14.09
N GLN A 12 7.80 4.09 -13.95
CA GLN A 12 7.46 4.70 -12.67
C GLN A 12 6.19 4.06 -12.09
N ALA A 13 5.11 3.92 -12.88
CA ALA A 13 3.88 3.26 -12.43
C ALA A 13 4.15 1.83 -11.93
N LEU A 14 4.88 1.03 -12.73
CA LEU A 14 5.30 -0.32 -12.38
C LEU A 14 6.04 -0.37 -11.03
N GLN A 15 7.00 0.53 -10.80
CA GLN A 15 7.78 0.51 -9.56
C GLN A 15 6.97 1.01 -8.37
N LEU A 16 6.17 2.06 -8.57
CA LEU A 16 5.20 2.56 -7.58
C LEU A 16 4.25 1.43 -7.13
N ALA A 17 3.79 0.60 -8.08
CA ALA A 17 2.93 -0.53 -7.82
C ALA A 17 3.63 -1.62 -6.96
N LEU A 18 4.84 -2.01 -7.33
CA LEU A 18 5.65 -2.98 -6.55
C LEU A 18 5.97 -2.47 -5.14
N SER A 19 6.29 -1.19 -5.02
CA SER A 19 6.53 -0.56 -3.71
C SER A 19 5.24 -0.50 -2.87
N ALA A 20 4.08 -0.24 -3.50
CA ALA A 20 2.79 -0.27 -2.82
C ALA A 20 2.40 -1.68 -2.36
N ARG A 21 2.77 -2.72 -3.11
CA ARG A 21 2.63 -4.12 -2.71
C ARG A 21 3.30 -4.38 -1.36
N GLU A 22 4.56 -3.95 -1.24
CA GLU A 22 5.34 -4.05 0.00
C GLU A 22 4.71 -3.22 1.12
N HIS A 23 4.43 -1.94 0.88
CA HIS A 23 3.98 -1.04 1.94
C HIS A 23 2.59 -1.42 2.51
N PHE A 24 1.74 -2.09 1.72
CA PHE A 24 0.50 -2.70 2.19
C PHE A 24 0.78 -3.98 2.99
N TRP A 25 1.38 -5.01 2.38
CA TRP A 25 1.55 -6.32 2.99
C TRP A 25 2.38 -6.29 4.29
N ASN A 26 3.39 -5.42 4.37
CA ASN A 26 4.16 -5.22 5.61
C ASN A 26 3.29 -4.62 6.73
N THR A 27 2.52 -3.57 6.43
CA THR A 27 1.66 -2.88 7.41
C THR A 27 0.55 -3.81 7.92
N MET A 28 -0.06 -4.62 7.06
CA MET A 28 -1.00 -5.68 7.43
C MET A 28 -0.38 -6.80 8.29
N SER A 29 0.94 -6.90 8.35
CA SER A 29 1.69 -7.84 9.21
C SER A 29 2.10 -7.21 10.57
N GLY A 30 1.84 -5.90 10.76
CA GLY A 30 2.06 -5.16 12.01
C GLY A 30 3.41 -4.46 12.13
N HIS A 31 4.26 -4.56 11.10
CA HIS A 31 5.66 -4.11 11.15
C HIS A 31 6.28 -3.83 9.76
N ASN A 32 7.12 -2.80 9.67
CA ASN A 32 7.90 -2.43 8.48
C ASN A 32 9.38 -2.92 8.59
N PRO A 33 9.78 -3.94 7.82
CA PRO A 33 11.12 -4.54 7.86
C PRO A 33 12.25 -3.59 7.44
N LYS A 34 11.93 -2.39 6.92
CA LYS A 34 12.88 -1.30 6.70
C LYS A 34 13.55 -0.85 8.02
N VAL A 35 12.90 -1.11 9.15
CA VAL A 35 13.38 -0.84 10.52
C VAL A 35 13.75 -2.16 11.19
N LYS A 36 15.01 -2.26 11.65
CA LYS A 36 15.58 -3.48 12.24
C LYS A 36 15.53 -3.52 13.77
N LYS A 37 15.10 -2.42 14.42
CA LYS A 37 15.18 -2.19 15.87
C LYS A 37 13.86 -1.64 16.48
N ALA A 38 12.73 -1.83 15.79
CA ALA A 38 11.40 -1.44 16.29
C ALA A 38 11.02 -2.27 17.52
N VAL A 39 10.42 -1.63 18.52
CA VAL A 39 9.89 -2.28 19.74
C VAL A 39 8.49 -2.82 19.42
N CYS A 40 8.33 -4.14 19.47
CA CYS A 40 7.09 -4.84 19.14
C CYS A 40 6.39 -5.35 20.41
N PRO A 41 5.19 -4.82 20.77
CA PRO A 41 4.43 -5.29 21.92
C PRO A 41 4.00 -6.75 21.77
N SER A 42 4.08 -7.53 22.86
CA SER A 42 3.66 -8.93 22.90
C SER A 42 2.19 -9.13 23.31
N GLY A 43 1.48 -8.04 23.63
CA GLY A 43 0.08 -8.01 24.06
C GLY A 43 -0.92 -7.91 22.89
N THR A 44 -2.13 -8.40 23.13
CA THR A 44 -3.30 -8.36 22.22
C THR A 44 -4.58 -8.09 23.00
N PHE A 45 -5.65 -7.77 22.28
CA PHE A 45 -6.99 -7.51 22.85
C PHE A 45 -8.11 -7.94 21.89
N GLU A 46 -9.37 -7.77 22.30
CA GLU A 46 -10.56 -8.16 21.54
C GLU A 46 -11.50 -6.96 21.35
N TYR A 47 -11.93 -6.74 20.10
CA TYR A 47 -12.78 -5.64 19.66
C TYR A 47 -13.55 -6.02 18.38
N GLN A 48 -14.85 -5.73 18.32
CA GLN A 48 -15.72 -6.07 17.18
C GLN A 48 -15.72 -7.59 16.85
N ASN A 49 -15.50 -8.43 17.87
CA ASN A 49 -15.39 -9.90 17.79
C ASN A 49 -14.12 -10.41 17.05
N LEU A 50 -13.11 -9.54 16.86
CA LEU A 50 -11.80 -9.87 16.29
C LEU A 50 -10.69 -9.71 17.34
N GLN A 51 -9.58 -10.43 17.17
CA GLN A 51 -8.37 -10.21 17.96
C GLN A 51 -7.53 -9.12 17.28
N TYR A 52 -7.13 -8.10 18.03
CA TYR A 52 -6.30 -6.98 17.59
C TYR A 52 -4.86 -7.10 18.12
N VAL A 53 -3.88 -6.72 17.28
CA VAL A 53 -2.46 -6.66 17.61
C VAL A 53 -1.99 -5.21 17.56
N TYR A 54 -1.21 -4.80 18.56
CA TYR A 54 -0.53 -3.49 18.57
C TYR A 54 0.68 -3.48 17.60
N MET A 55 0.87 -2.36 16.88
CA MET A 55 1.95 -2.21 15.90
C MET A 55 3.32 -2.03 16.57
N CYS A 56 4.41 -2.40 15.89
CA CYS A 56 5.77 -2.09 16.35
C CYS A 56 6.04 -0.57 16.29
N SER A 57 6.96 -0.07 17.13
CA SER A 57 7.17 1.37 17.42
C SER A 57 7.27 2.35 16.24
N ASP A 58 7.84 1.98 15.09
CA ASP A 58 7.91 2.88 13.91
C ASP A 58 6.57 3.05 13.17
N LEU A 59 5.57 2.23 13.53
CA LEU A 59 4.15 2.32 13.17
C LEU A 59 3.28 2.43 14.45
N GLY A 60 3.90 2.72 15.60
CA GLY A 60 3.31 2.59 16.94
C GLY A 60 2.18 3.57 17.26
N THR A 61 2.07 4.67 16.53
CA THR A 61 0.93 5.61 16.55
C THR A 61 0.36 5.71 15.16
N LYS A 62 -0.91 6.12 15.05
CA LYS A 62 -1.55 6.28 13.74
C LYS A 62 -0.75 7.25 12.84
N ALA A 63 -0.30 8.37 13.39
CA ALA A 63 0.56 9.34 12.70
C ALA A 63 1.90 8.73 12.24
N LYS A 64 2.54 7.88 13.04
CA LYS A 64 3.77 7.16 12.63
C LYS A 64 3.54 6.22 11.45
N ALA A 65 2.39 5.54 11.39
CA ALA A 65 2.01 4.70 10.25
C ALA A 65 1.66 5.54 9.00
N VAL A 66 0.92 6.64 9.15
CA VAL A 66 0.67 7.60 8.06
C VAL A 66 1.99 8.10 7.47
N ASN A 67 2.97 8.43 8.31
CA ASN A 67 4.29 8.88 7.91
C ASN A 67 5.10 7.82 7.14
N TYR A 68 4.95 6.52 7.44
CA TYR A 68 5.56 5.43 6.67
C TYR A 68 4.86 5.19 5.31
N LEU A 69 3.54 5.39 5.25
CA LEU A 69 2.72 5.13 4.07
C LEU A 69 2.69 6.29 3.07
N THR A 70 2.82 7.53 3.56
CA THR A 70 2.80 8.80 2.79
C THR A 70 3.64 8.79 1.51
N PRO A 71 4.90 8.30 1.51
CA PRO A 71 5.75 8.20 0.32
C PRO A 71 5.14 7.41 -0.85
N ILE A 72 4.22 6.48 -0.58
CA ILE A 72 3.54 5.64 -1.58
C ILE A 72 2.08 6.05 -1.78
N PHE A 73 1.36 6.41 -0.72
CA PHE A 73 -0.09 6.61 -0.70
C PHE A 73 -0.44 8.06 -0.33
N THR A 74 -1.49 8.62 -0.96
CA THR A 74 -2.02 9.95 -0.58
C THR A 74 -2.62 9.89 0.82
N LYS A 75 -2.71 11.04 1.51
CA LYS A 75 -3.31 11.09 2.85
C LYS A 75 -4.70 10.42 2.88
N THR A 76 -5.55 10.75 1.90
CA THR A 76 -6.90 10.17 1.73
C THR A 76 -6.86 8.66 1.49
N ALA A 77 -5.94 8.16 0.66
CA ALA A 77 -5.80 6.71 0.42
C ALA A 77 -5.45 5.95 1.70
N ILE A 78 -4.67 6.56 2.59
CA ILE A 78 -4.29 5.99 3.89
C ILE A 78 -5.49 5.97 4.82
N GLU A 79 -6.22 7.09 4.95
CA GLU A 79 -7.43 7.14 5.78
C GLU A 79 -8.49 6.13 5.31
N LYS A 80 -8.67 5.99 3.99
CA LYS A 80 -9.60 5.03 3.39
C LYS A 80 -9.24 3.58 3.74
N GLY A 81 -7.97 3.18 3.62
CA GLY A 81 -7.53 1.83 3.96
C GLY A 81 -7.51 1.58 5.47
N PHE A 82 -7.23 2.60 6.29
CA PHE A 82 -7.38 2.48 7.75
C PHE A 82 -8.84 2.17 8.13
N LYS A 83 -9.82 2.84 7.52
CA LYS A 83 -11.24 2.51 7.72
C LYS A 83 -11.60 1.12 7.16
N ASP A 84 -11.17 0.79 5.94
CA ASP A 84 -11.56 -0.45 5.24
C ASP A 84 -11.02 -1.73 5.88
N TYR A 85 -9.89 -1.65 6.59
CA TYR A 85 -9.25 -2.76 7.32
C TYR A 85 -9.35 -2.61 8.85
N HIS A 86 -10.11 -1.61 9.32
CA HIS A 86 -10.53 -1.41 10.71
C HIS A 86 -9.37 -1.02 11.67
N PHE A 87 -8.31 -0.41 11.13
CA PHE A 87 -7.20 0.17 11.88
C PHE A 87 -7.73 1.12 12.96
N THR A 88 -7.19 1.01 14.18
CA THR A 88 -7.68 1.74 15.36
C THR A 88 -6.54 2.14 16.29
N VAL A 89 -6.89 2.89 17.34
CA VAL A 89 -5.98 3.47 18.32
C VAL A 89 -6.55 3.32 19.72
N SER A 90 -5.73 2.81 20.64
CA SER A 90 -6.06 2.61 22.05
C SER A 90 -4.94 3.18 22.93
N LYS A 91 -5.26 4.22 23.71
CA LYS A 91 -4.31 5.00 24.53
C LYS A 91 -3.19 5.70 23.70
N GLY A 92 -3.36 5.83 22.37
CA GLY A 92 -2.37 6.37 21.43
C GLY A 92 -1.60 5.29 20.67
N LYS A 93 -1.69 4.02 21.08
CA LYS A 93 -1.06 2.88 20.40
C LYS A 93 -1.93 2.41 19.22
N LEU A 94 -1.35 2.31 18.03
CA LEU A 94 -2.03 1.80 16.82
C LEU A 94 -2.22 0.28 16.96
N ALA A 95 -3.39 -0.23 16.58
CA ALA A 95 -3.67 -1.66 16.48
C ALA A 95 -4.46 -2.03 15.22
N VAL A 96 -4.26 -3.27 14.76
CA VAL A 96 -4.88 -3.85 13.55
C VAL A 96 -5.41 -5.25 13.86
N PRO A 97 -6.49 -5.72 13.21
CA PRO A 97 -7.04 -7.05 13.45
C PRO A 97 -6.12 -8.14 12.86
N ILE A 98 -6.05 -9.29 13.53
CA ILE A 98 -5.32 -10.48 13.05
C ILE A 98 -6.01 -11.05 11.80
N GLY A 99 -5.20 -11.35 10.78
CA GLY A 99 -5.60 -11.97 9.51
C GLY A 99 -4.42 -12.58 8.75
N ASP A 100 -4.68 -13.01 7.51
CA ASP A 100 -3.71 -13.65 6.61
C ASP A 100 -4.17 -13.52 5.14
N GLY A 101 -3.21 -13.30 4.24
CA GLY A 101 -3.45 -13.15 2.80
C GLY A 101 -2.19 -13.25 1.95
N ASP A 102 -2.37 -13.67 0.71
CA ASP A 102 -1.33 -13.85 -0.33
C ASP A 102 -2.00 -14.08 -1.70
N ASN A 103 -1.47 -13.45 -2.75
CA ASN A 103 -1.98 -13.57 -4.12
C ASN A 103 -1.00 -14.31 -5.04
N LEU A 104 -1.53 -15.19 -5.89
CA LEU A 104 -0.79 -15.89 -6.97
C LEU A 104 -0.32 -14.96 -8.11
N LEU A 105 -0.61 -13.66 -8.03
CA LEU A 105 -0.23 -12.63 -8.98
C LEU A 105 1.28 -12.35 -8.90
N ASN A 106 1.98 -12.46 -10.03
CA ASN A 106 3.40 -12.19 -10.16
C ASN A 106 3.63 -10.78 -10.73
N TRP A 107 3.57 -9.77 -9.87
CA TRP A 107 3.66 -8.35 -10.26
C TRP A 107 5.07 -7.99 -10.76
N LYS A 108 6.10 -8.69 -10.29
CA LYS A 108 7.49 -8.57 -10.75
C LYS A 108 7.69 -8.95 -12.24
N LYS A 109 6.73 -9.66 -12.83
CA LYS A 109 6.69 -10.02 -14.26
C LYS A 109 5.54 -9.32 -15.03
N SER A 110 4.75 -8.49 -14.34
CA SER A 110 3.68 -7.68 -14.96
C SER A 110 4.21 -6.54 -15.84
N THR A 111 3.30 -5.95 -16.63
CA THR A 111 3.56 -4.78 -17.49
C THR A 111 2.47 -3.74 -17.32
N ALA A 112 2.88 -2.46 -17.33
CA ALA A 112 1.99 -1.30 -17.21
C ALA A 112 1.64 -0.68 -18.58
N LYS A 113 0.41 -0.20 -18.71
CA LYS A 113 -0.20 0.43 -19.90
C LYS A 113 -0.95 1.69 -19.49
N LEU A 114 -0.64 2.85 -20.07
CA LEU A 114 -1.34 4.11 -19.78
C LEU A 114 -2.81 4.06 -20.26
N ILE A 115 -3.74 4.47 -19.40
CA ILE A 115 -5.19 4.53 -19.67
C ILE A 115 -5.69 5.98 -19.78
N SER A 116 -5.21 6.88 -18.93
CA SER A 116 -5.66 8.28 -18.88
C SER A 116 -4.64 9.16 -18.17
N LYS A 117 -4.36 10.35 -18.72
CA LYS A 117 -3.38 11.30 -18.18
C LYS A 117 -4.00 12.71 -18.09
N LYS A 118 -4.22 13.17 -16.85
CA LYS A 118 -4.94 14.41 -16.51
C LYS A 118 -4.18 15.24 -15.44
N GLY A 119 -4.67 16.44 -15.13
CA GLY A 119 -4.07 17.36 -14.15
C GLY A 119 -4.01 16.72 -12.76
N SER A 120 -2.80 16.37 -12.34
CA SER A 120 -2.46 15.77 -11.02
C SER A 120 -2.97 14.33 -10.79
N THR A 121 -3.59 13.68 -11.79
CA THR A 121 -4.16 12.32 -11.70
C THR A 121 -3.90 11.54 -12.98
N ILE A 122 -3.38 10.32 -12.87
CA ILE A 122 -3.01 9.45 -14.01
C ILE A 122 -3.38 8.01 -13.70
N THR A 123 -3.96 7.29 -14.67
CA THR A 123 -4.37 5.88 -14.54
C THR A 123 -3.60 4.98 -15.49
N TYR A 124 -3.19 3.83 -14.97
CA TYR A 124 -2.57 2.72 -15.70
C TYR A 124 -3.32 1.40 -15.49
N GLU A 125 -3.28 0.53 -16.49
CA GLU A 125 -3.69 -0.87 -16.43
C GLU A 125 -2.43 -1.73 -16.28
N PHE A 126 -2.55 -2.80 -15.51
CA PHE A 126 -1.52 -3.77 -15.21
C PHE A 126 -1.96 -5.16 -15.70
N THR A 127 -1.15 -5.79 -16.55
CA THR A 127 -1.35 -7.18 -16.98
C THR A 127 -0.44 -8.04 -16.13
N VAL A 128 -1.02 -8.81 -15.21
CA VAL A 128 -0.29 -9.52 -14.16
C VAL A 128 -0.33 -11.05 -14.40
N PRO A 129 0.76 -11.68 -14.87
CA PRO A 129 0.86 -13.13 -15.01
C PRO A 129 0.78 -13.83 -13.65
N THR A 130 0.42 -15.12 -13.64
CA THR A 130 0.22 -15.90 -12.41
C THR A 130 1.32 -16.93 -12.18
N LEU A 131 1.58 -17.21 -10.90
CA LEU A 131 2.45 -18.31 -10.45
C LEU A 131 1.77 -19.69 -10.55
N ASP A 132 0.47 -19.72 -10.83
CA ASP A 132 -0.33 -20.91 -11.12
C ASP A 132 -0.19 -21.39 -12.58
N GLY A 133 0.22 -20.50 -13.50
CA GLY A 133 0.29 -20.75 -14.94
C GLY A 133 -1.02 -20.46 -15.69
N SER A 134 -2.00 -19.86 -15.01
CA SER A 134 -3.23 -19.33 -15.63
C SER A 134 -2.96 -18.01 -16.38
N PRO A 135 -3.81 -17.64 -17.37
CA PRO A 135 -3.70 -16.39 -18.13
C PRO A 135 -3.62 -15.13 -17.27
N SER A 136 -2.89 -14.13 -17.75
CA SER A 136 -2.60 -12.88 -17.03
C SER A 136 -3.85 -12.06 -16.68
N ALA A 137 -3.95 -11.64 -15.41
CA ALA A 137 -5.06 -10.87 -14.87
C ALA A 137 -4.89 -9.36 -15.12
N LYS A 138 -5.97 -8.68 -15.48
CA LYS A 138 -6.03 -7.20 -15.54
C LYS A 138 -6.38 -6.57 -14.18
N ARG A 139 -5.62 -5.53 -13.83
CA ARG A 139 -5.85 -4.60 -12.71
C ARG A 139 -5.74 -3.16 -13.23
N LYS A 140 -6.40 -2.19 -12.59
CA LYS A 140 -6.27 -0.76 -12.92
C LYS A 140 -5.87 0.05 -11.67
N VAL A 141 -4.88 0.93 -11.80
CA VAL A 141 -4.20 1.64 -10.71
C VAL A 141 -4.09 3.12 -11.06
N THR A 142 -4.66 3.99 -10.22
CA THR A 142 -4.64 5.45 -10.38
C THR A 142 -3.70 6.07 -9.36
N PHE A 143 -2.87 6.97 -9.85
CA PHE A 143 -1.87 7.71 -9.10
C PHE A 143 -2.26 9.19 -9.09
N VAL A 144 -2.07 9.85 -7.95
CA VAL A 144 -2.40 11.26 -7.70
C VAL A 144 -1.16 11.93 -7.09
N LYS A 145 -0.74 13.06 -7.66
CA LYS A 145 0.38 13.83 -7.14
C LYS A 145 -0.06 14.69 -5.95
N GLU A 146 0.68 14.60 -4.84
CA GLU A 146 0.44 15.29 -3.58
C GLU A 146 1.79 15.70 -3.01
N ASN A 147 2.04 17.00 -2.88
CA ASN A 147 3.33 17.57 -2.46
C ASN A 147 4.50 17.04 -3.30
N LYS A 148 4.56 17.51 -4.55
CA LYS A 148 5.67 17.39 -5.52
C LYS A 148 6.05 15.94 -5.94
N LYS A 149 5.21 14.94 -5.63
CA LYS A 149 5.46 13.52 -5.86
C LYS A 149 4.19 12.67 -6.05
N TRP A 150 4.24 11.74 -7.01
CA TRP A 150 3.14 10.83 -7.39
C TRP A 150 2.98 9.67 -6.40
N LYS A 151 1.72 9.43 -5.98
CA LYS A 151 1.32 8.45 -4.97
C LYS A 151 0.05 7.69 -5.40
N VAL A 152 -0.14 6.46 -4.94
CA VAL A 152 -1.33 5.63 -5.23
C VAL A 152 -2.55 6.15 -4.46
N ASN A 153 -3.68 6.26 -5.15
CA ASN A 153 -4.94 6.80 -4.60
C ASN A 153 -5.76 5.77 -3.79
N GLN A 154 -5.22 4.57 -3.54
CA GLN A 154 -5.90 3.45 -2.90
C GLN A 154 -4.88 2.52 -2.21
N PHE A 155 -5.11 2.18 -0.93
CA PHE A 155 -4.19 1.41 -0.09
C PHE A 155 -3.94 -0.03 -0.58
N ASP A 156 -5.00 -0.71 -1.05
CA ASP A 156 -4.98 -2.11 -1.50
C ASP A 156 -4.98 -2.24 -3.04
N ALA A 157 -4.55 -1.20 -3.76
CA ALA A 157 -4.59 -1.14 -5.22
C ALA A 157 -3.74 -2.24 -5.91
N VAL A 158 -2.72 -2.73 -5.21
CA VAL A 158 -1.70 -3.65 -5.70
C VAL A 158 -1.30 -4.58 -4.56
N ILE A 159 -1.47 -5.89 -4.81
CA ILE A 159 -1.28 -6.94 -3.82
C ILE A 159 -1.03 -8.32 -4.45
#